data_5Y58
#
_entry.id   5Y58
#
_cell.length_a   116.296
_cell.length_b   115.159
_cell.length_c   115.847
_cell.angle_alpha   77.430
_cell.angle_beta   78.480
_cell.angle_gamma   63.730
#
_symmetry.space_group_name_H-M   'P 1'
#
loop_
_entity.id
_entity.type
_entity.pdbx_description
1 polymer 'ATP-dependent DNA helicase II subunit 1'
2 polymer 'ATP-dependent DNA helicase II subunit 2'
3 polymer TLC1
4 water water
#
loop_
_entity_poly.entity_id
_entity_poly.type
_entity_poly.pdbx_seq_one_letter_code
_entity_poly.pdbx_strand_id
1 'polypeptide(L)'
;IHEGILFCIELSETMFKESSDLEYKSPLLEILESLDELMSQLVITRPGTAIGCYFYYCNREDAKEGIYELFPLRDINATF
MKKLNDLLEDLSSGRISLYDYFMFQQTGSEKQVRLSVLFTFMLDTFLEEIPGQKQLSNKRVFLFTDIDKPQEAQDIDERA
RLRRLTIDLFDNKVNFATFFIGYADKPFDNEFYSDILQLGSHTNENTGLDSEFDGPSTKPIDAKYIKSRILRKKEVKRIM
FQCPLILDEKTNFIVGVKGYTMYTHEKAGVRYKLVYEHEDIRQEAYSKRKFLNPITGEDVTGKTVKVYPYGDLDINLSDS
QDQIVMEAYTQKDAFLKIIGFRSSSKSIHYFNNIDKSSFIVPDEAKYEGSIRTLASLLKILRKKDKIAILWGKLKSNSHP
SLYTLSPSSVKDYNEGFYLYRVPFLDEIRKFPSLLSYDDGSEHKLDYDNMKKVTQSIMGYFNLRDGYNPSDFKNPLLQKH
YKVLHDYLLQIETTFDENETPNTKKDRMMREDDSLRKLYYIRNKILESEKSEDPIIQRLNKYVKIWNMFYKKFNDDNISI
KEEKKPFDKKPKFNI
;
A,C,E
2 'polypeptide(L)'
;SSESTTFIVDVSPSMMKNNNVSKSMAYLEYTLLNKSKKSRKTDWISCYLANCPVSENSQEIPNVFQIQSFLAPVTTTATI
GFIKRLKQYCDQHSHDSSNEGLQSMIQCLLVVSLDIKQQFQARKILKQIVVFTDNLDDLDITDEEIDLLTEELSTRIILI
DCGKDTQEERKKSNWLKLVEAIPNSRIYNMNELLVEITSPATSVVKPVRVFSGELRLGADILSTQTSNPSGSMQDENCLC
IKVEAFPATKAVSGLNRKTAVEVEDSQKKERYVGVKSIIEYEIHNEGNKKNVSEDDQSGSSYIPVTISKDSVTKAYRYGA
DYVVLPSVLVDQTVYESFPGLDLRGFLNREALPRYFLTSESSFITADTRLGCQSDLMAFSALVDVMLENRKIAVARYVSK
KDSEVNMCALCPVLIEHSNINSEKKFVKSLTLCRLPFAEDERVTDFPKLLDRTTTSGVPLKKETDGHQIDELMEQFVDSM
DTDELPEIPLGNYYQPIGEVTTDTTLPLPSLNKDQEENKKDPLRIPTVFVYRQQQVLLEWIHQLMINDSREFEIPELPDS
LKNKISPYTHKKFDSTKLVEVLGIKKVDKLKLDSELKTELEREKIPDLETLLKRGEQHSRGSPNNSNN
;
B,D,F
3 'polyribonucleotide' GGACUUAUAGAUGGCUAAAAUCUGAGUCCA X,Y,Z
#
# COMPACT_ATOMS: atom_id res chain seq x y z
N ILE A 1 30.03 33.65 12.73
CA ILE A 1 28.80 33.52 11.97
C ILE A 1 29.07 32.90 10.60
N HIS A 2 30.19 33.28 9.99
CA HIS A 2 30.50 32.83 8.65
C HIS A 2 31.99 32.59 8.45
N GLU A 3 32.41 31.33 8.54
CA GLU A 3 33.81 30.97 8.41
C GLU A 3 34.13 30.44 7.01
N GLY A 4 35.36 30.69 6.55
CA GLY A 4 35.81 30.22 5.25
C GLY A 4 37.16 29.51 5.32
N ILE A 5 37.25 28.35 4.65
CA ILE A 5 38.49 27.57 4.64
C ILE A 5 39.07 27.48 3.24
N LEU A 6 40.35 27.81 3.10
CA LEU A 6 41.01 27.75 1.80
C LEU A 6 42.01 26.59 1.74
N PHE A 7 41.61 25.50 1.09
CA PHE A 7 42.50 24.35 0.90
C PHE A 7 43.61 24.66 -0.10
N CYS A 8 44.86 24.55 0.34
CA CYS A 8 46.01 24.73 -0.53
C CYS A 8 46.92 23.51 -0.47
N ILE A 9 47.05 22.79 -1.58
CA ILE A 9 47.74 21.52 -1.60
C ILE A 9 48.94 21.52 -2.55
N GLU A 10 50.10 21.20 -2.02
CA GLU A 10 51.33 21.16 -2.81
C GLU A 10 51.57 19.79 -3.43
N LEU A 11 51.79 19.78 -4.74
CA LEU A 11 52.02 18.53 -5.47
C LEU A 11 53.49 18.12 -5.45
N SER A 12 53.72 16.82 -5.25
CA SER A 12 55.06 16.25 -5.31
C SER A 12 54.98 14.77 -5.63
N GLU A 13 56.13 14.14 -5.84
CA GLU A 13 56.17 12.72 -6.20
C GLU A 13 55.57 11.82 -5.12
N THR A 14 55.90 12.10 -3.87
CA THR A 14 55.43 11.27 -2.75
C THR A 14 53.96 11.48 -2.44
N MET A 15 53.40 12.58 -2.94
CA MET A 15 51.97 12.84 -2.75
C MET A 15 51.12 11.96 -3.64
N PHE A 16 51.71 11.48 -4.73
CA PHE A 16 51.01 10.64 -5.69
C PHE A 16 51.16 9.14 -5.41
N LYS A 17 52.22 8.77 -4.71
CA LYS A 17 52.51 7.36 -4.45
C LYS A 17 51.75 6.82 -3.24
N GLU A 18 51.21 5.61 -3.39
CA GLU A 18 50.44 4.96 -2.33
C GLU A 18 51.30 4.67 -1.12
N SER A 19 50.80 5.05 0.06
CA SER A 19 51.56 4.89 1.30
C SER A 19 51.00 3.77 2.18
N SER A 20 51.90 2.97 2.74
CA SER A 20 51.51 1.87 3.61
C SER A 20 50.80 2.36 4.87
N ASP A 21 51.07 3.60 5.26
CA ASP A 21 50.44 4.17 6.44
C ASP A 21 49.00 4.57 6.16
N LEU A 22 48.63 4.53 4.89
CA LEU A 22 47.30 4.97 4.45
C LEU A 22 46.51 3.81 3.87
N GLU A 23 46.80 2.60 4.34
CA GLU A 23 46.22 1.38 3.79
C GLU A 23 46.44 1.32 2.29
N TYR A 24 47.65 1.72 1.89
CA TYR A 24 48.05 1.80 0.48
C TYR A 24 47.07 2.64 -0.33
N LYS A 25 46.99 3.91 0.05
CA LYS A 25 46.18 4.91 -0.64
C LYS A 25 46.98 6.21 -0.71
N SER A 26 46.87 6.92 -1.82
CA SER A 26 47.64 8.13 -2.03
C SER A 26 47.26 9.24 -1.04
N PRO A 27 48.27 9.95 -0.52
CA PRO A 27 48.04 11.11 0.35
C PRO A 27 47.19 12.16 -0.33
N LEU A 28 47.42 12.36 -1.63
CA LEU A 28 46.62 13.27 -2.43
C LEU A 28 45.17 12.79 -2.52
N LEU A 29 45.00 11.48 -2.68
CA LEU A 29 43.68 10.89 -2.74
C LEU A 29 42.99 11.00 -1.38
N GLU A 30 43.76 10.87 -0.31
CA GLU A 30 43.23 10.97 1.05
C GLU A 30 42.71 12.36 1.36
N ILE A 31 43.42 13.38 0.86
CA ILE A 31 43.02 14.76 1.07
C ILE A 31 41.72 15.05 0.33
N LEU A 32 41.62 14.52 -0.90
CA LEU A 32 40.41 14.67 -1.70
C LEU A 32 39.20 14.02 -1.03
N GLU A 33 39.39 12.80 -0.56
CA GLU A 33 38.32 12.08 0.14
C GLU A 33 37.93 12.78 1.43
N SER A 34 38.92 13.35 2.12
CA SER A 34 38.67 14.09 3.35
C SER A 34 37.86 15.35 3.06
N LEU A 35 38.06 15.91 1.87
CA LEU A 35 37.35 17.11 1.47
C LEU A 35 35.91 16.79 1.12
N ASP A 36 35.70 15.62 0.53
CA ASP A 36 34.37 15.16 0.17
C ASP A 36 33.56 14.91 1.44
N GLU A 37 34.20 14.31 2.44
CA GLU A 37 33.55 14.05 3.72
C GLU A 37 33.27 15.34 4.48
N LEU A 38 34.22 16.28 4.41
CA LEU A 38 34.10 17.57 5.06
C LEU A 38 32.82 18.31 4.64
N MET A 39 32.63 18.44 3.33
CA MET A 39 31.47 19.15 2.80
C MET A 39 30.19 18.37 3.05
N SER A 40 30.29 17.04 3.02
CA SER A 40 29.16 16.18 3.34
C SER A 40 28.68 16.36 4.79
N GLN A 41 29.63 16.62 5.67
CA GLN A 41 29.32 16.82 7.08
C GLN A 41 28.84 18.24 7.36
N LEU A 42 29.54 19.22 6.81
CA LEU A 42 29.24 20.62 7.09
C LEU A 42 27.90 21.07 6.49
N VAL A 43 27.48 20.43 5.41
CA VAL A 43 26.20 20.78 4.80
C VAL A 43 25.04 20.44 5.76
N ILE A 44 25.31 19.53 6.68
CA ILE A 44 24.36 19.20 7.74
C ILE A 44 24.63 20.04 8.99
N THR A 45 25.91 20.17 9.32
CA THR A 45 26.35 20.77 10.57
C THR A 45 26.47 22.30 10.52
N ARG A 46 27.09 22.82 9.48
CA ARG A 46 27.29 24.26 9.36
C ARG A 46 27.35 24.69 7.89
N PRO A 47 26.19 24.66 7.21
CA PRO A 47 26.10 24.91 5.76
C PRO A 47 26.58 26.31 5.35
N GLY A 48 26.58 27.24 6.30
CA GLY A 48 27.07 28.59 6.03
C GLY A 48 28.58 28.66 6.13
N THR A 49 29.26 27.76 5.43
CA THR A 49 30.71 27.72 5.43
C THR A 49 31.24 27.77 4.01
N ALA A 50 32.23 28.63 3.78
CA ALA A 50 32.84 28.76 2.46
C ALA A 50 34.06 27.87 2.35
N ILE A 51 34.14 27.09 1.26
CA ILE A 51 35.28 26.22 1.04
C ILE A 51 35.83 26.40 -0.36
N GLY A 52 37.15 26.52 -0.47
CA GLY A 52 37.83 26.59 -1.76
C GLY A 52 39.01 25.64 -1.78
N CYS A 53 39.37 25.15 -2.96
CA CYS A 53 40.44 24.16 -3.08
C CYS A 53 41.37 24.46 -4.25
N TYR A 54 42.67 24.52 -3.98
CA TYR A 54 43.67 24.86 -4.99
C TYR A 54 44.89 23.92 -4.97
N PHE A 55 45.45 23.68 -6.15
CA PHE A 55 46.63 22.81 -6.28
C PHE A 55 47.79 23.50 -6.98
N TYR A 56 49.01 23.08 -6.66
CA TYR A 56 50.23 23.69 -7.20
C TYR A 56 51.44 22.82 -6.87
N TYR A 57 52.44 22.76 -7.77
CA TYR A 57 52.39 23.42 -9.08
C TYR A 57 51.69 22.50 -10.06
N CYS A 58 50.69 23.02 -10.75
CA CYS A 58 49.90 22.21 -11.69
C CYS A 58 50.17 22.58 -13.14
N ASN A 59 50.48 21.58 -13.96
CA ASN A 59 50.88 21.82 -15.34
C ASN A 59 49.72 21.95 -16.31
N ARG A 60 48.50 22.05 -15.78
CA ARG A 60 47.30 22.16 -16.61
C ARG A 60 47.19 23.51 -17.31
N GLU A 61 46.57 23.51 -18.49
CA GLU A 61 46.46 24.71 -19.30
C GLU A 61 45.58 25.77 -18.63
N ASP A 62 44.66 25.34 -17.77
CA ASP A 62 43.75 26.26 -17.11
C ASP A 62 44.26 26.68 -15.74
N ALA A 63 45.56 26.51 -15.52
CA ALA A 63 46.18 26.90 -14.25
C ALA A 63 46.85 28.26 -14.39
N LYS A 64 46.49 29.18 -13.50
CA LYS A 64 47.07 30.52 -13.49
C LYS A 64 48.31 30.58 -12.60
N GLU A 65 49.46 30.81 -13.22
CA GLU A 65 50.74 30.90 -12.53
C GLU A 65 51.08 29.61 -11.79
N GLY A 66 50.56 28.49 -12.26
CA GLY A 66 50.87 27.19 -11.69
C GLY A 66 49.89 26.73 -10.62
N ILE A 67 48.96 27.62 -10.27
CA ILE A 67 47.96 27.30 -9.26
C ILE A 67 46.64 26.91 -9.91
N TYR A 68 46.30 25.62 -9.82
CA TYR A 68 45.04 25.13 -10.38
C TYR A 68 43.89 25.27 -9.39
N GLU A 69 42.71 25.61 -9.91
CA GLU A 69 41.53 25.81 -9.10
C GLU A 69 40.52 24.69 -9.31
N LEU A 70 40.35 23.84 -8.30
CA LEU A 70 39.30 22.83 -8.34
C LEU A 70 37.95 23.54 -8.25
N PHE A 71 37.79 24.35 -7.22
CA PHE A 71 36.66 25.26 -7.12
C PHE A 71 37.01 26.44 -6.21
N PRO A 72 36.49 27.64 -6.52
CA PRO A 72 36.80 28.84 -5.75
C PRO A 72 36.22 28.82 -4.34
N LEU A 73 36.61 29.82 -3.53
CA LEU A 73 36.14 29.92 -2.15
C LEU A 73 34.69 30.39 -2.12
N ARG A 74 33.76 29.44 -2.09
CA ARG A 74 32.34 29.76 -2.07
C ARG A 74 31.64 28.95 -0.98
N ASP A 75 30.49 29.43 -0.52
CA ASP A 75 29.68 28.68 0.43
C ASP A 75 29.38 27.31 -0.15
N ILE A 76 29.36 26.30 0.72
CA ILE A 76 29.19 24.91 0.30
C ILE A 76 27.91 24.71 -0.53
N ASN A 77 28.07 24.06 -1.68
CA ASN A 77 26.96 23.87 -2.61
C ASN A 77 27.07 22.56 -3.37
N ALA A 78 25.93 22.00 -3.77
CA ALA A 78 25.87 20.72 -4.46
C ALA A 78 26.64 20.68 -5.78
N THR A 79 26.84 21.84 -6.41
CA THR A 79 27.52 21.90 -7.69
C THR A 79 29.00 21.59 -7.55
N PHE A 80 29.62 22.15 -6.52
CA PHE A 80 31.03 21.89 -6.25
C PHE A 80 31.20 20.49 -5.67
N MET A 81 30.23 20.06 -4.87
CA MET A 81 30.24 18.72 -4.29
C MET A 81 30.18 17.66 -5.37
N LYS A 82 29.35 17.89 -6.38
CA LYS A 82 29.23 16.99 -7.50
C LYS A 82 30.54 16.92 -8.28
N LYS A 83 31.16 18.09 -8.47
CA LYS A 83 32.41 18.17 -9.21
C LYS A 83 33.48 17.27 -8.61
N LEU A 84 33.59 17.30 -7.29
CA LEU A 84 34.55 16.47 -6.58
C LEU A 84 34.12 15.01 -6.59
N ASN A 85 32.82 14.76 -6.43
CA ASN A 85 32.27 13.42 -6.49
C ASN A 85 32.54 12.78 -7.84
N ASP A 86 32.36 13.55 -8.91
CA ASP A 86 32.61 13.05 -10.26
C ASP A 86 34.07 12.73 -10.49
N LEU A 87 34.95 13.55 -9.91
CA LEU A 87 36.39 13.33 -10.01
C LEU A 87 36.80 12.03 -9.35
N LEU A 88 36.29 11.81 -8.15
CA LEU A 88 36.60 10.60 -7.39
C LEU A 88 36.07 9.36 -8.11
N GLU A 89 34.93 9.50 -8.78
CA GLU A 89 34.34 8.40 -9.52
C GLU A 89 35.10 8.13 -10.82
N ASP A 90 35.59 9.20 -11.45
CA ASP A 90 36.42 9.04 -12.64
C ASP A 90 37.72 8.32 -12.30
N LEU A 91 38.19 8.51 -11.07
CA LEU A 91 39.36 7.80 -10.57
C LEU A 91 39.03 6.34 -10.30
N SER A 92 37.97 6.11 -9.53
CA SER A 92 37.57 4.76 -9.14
C SER A 92 37.32 3.86 -10.35
N SER A 93 36.69 4.41 -11.37
CA SER A 93 36.33 3.63 -12.55
C SER A 93 37.55 3.33 -13.41
N GLY A 94 38.68 3.95 -13.08
CA GLY A 94 39.90 3.76 -13.84
C GLY A 94 39.85 4.54 -15.15
N ARG A 95 38.84 5.39 -15.26
CA ARG A 95 38.69 6.24 -16.44
C ARG A 95 39.89 7.19 -16.55
N ILE A 96 40.33 7.72 -15.42
CA ILE A 96 41.56 8.51 -15.35
C ILE A 96 42.34 8.16 -14.08
N SER A 97 43.56 8.68 -14.00
CA SER A 97 44.36 8.56 -12.79
C SER A 97 44.66 9.96 -12.26
N LEU A 98 45.23 10.04 -11.05
CA LEU A 98 45.56 11.34 -10.48
C LEU A 98 46.61 12.05 -11.32
N TYR A 99 47.54 11.27 -11.87
CA TYR A 99 48.57 11.80 -12.75
C TYR A 99 47.94 12.44 -13.98
N ASP A 100 46.91 11.78 -14.52
CA ASP A 100 46.23 12.27 -15.71
C ASP A 100 45.50 13.58 -15.46
N TYR A 101 44.87 13.71 -14.30
CA TYR A 101 44.06 14.88 -13.99
C TYR A 101 44.91 16.12 -13.78
N PHE A 102 45.94 16.01 -12.94
CA PHE A 102 46.78 17.17 -12.61
C PHE A 102 47.95 17.32 -13.58
N MET A 103 47.98 16.46 -14.60
CA MET A 103 49.03 16.50 -15.62
C MET A 103 50.42 16.40 -15.00
N PHE A 104 50.58 15.44 -14.08
CA PHE A 104 51.85 15.22 -13.40
C PHE A 104 52.62 14.09 -14.09
N GLN A 105 53.93 14.07 -13.89
CA GLN A 105 54.76 13.02 -14.50
C GLN A 105 55.77 12.46 -13.51
N GLN A 106 56.06 11.16 -13.66
CA GLN A 106 57.05 10.50 -12.82
C GLN A 106 58.44 10.63 -13.42
N THR A 107 58.93 11.86 -13.50
CA THR A 107 60.23 12.16 -14.09
C THR A 107 61.30 12.37 -13.02
N GLY A 108 60.87 12.75 -11.83
CA GLY A 108 61.78 13.03 -10.73
C GLY A 108 62.27 14.46 -10.76
N SER A 109 61.68 15.25 -11.65
CA SER A 109 62.04 16.67 -11.77
C SER A 109 60.93 17.48 -12.43
N GLU A 110 59.83 17.66 -11.71
CA GLU A 110 58.73 18.51 -12.18
C GLU A 110 58.89 19.93 -11.68
N LYS A 111 58.15 20.85 -12.29
CA LYS A 111 58.19 22.26 -11.88
C LYS A 111 57.65 22.42 -10.47
N GLN A 112 58.11 23.47 -9.79
CA GLN A 112 57.61 23.79 -8.46
C GLN A 112 57.19 25.25 -8.36
N VAL A 113 56.26 25.53 -7.45
CA VAL A 113 55.64 26.85 -7.34
C VAL A 113 56.57 27.88 -6.71
N ARG A 114 56.45 29.13 -7.15
CA ARG A 114 57.11 30.23 -6.48
C ARG A 114 56.25 30.68 -5.31
N LEU A 115 56.74 30.45 -4.09
CA LEU A 115 55.97 30.70 -2.87
C LEU A 115 55.47 32.13 -2.75
N SER A 116 56.18 33.06 -3.39
CA SER A 116 55.78 34.46 -3.41
C SER A 116 54.40 34.61 -4.05
N VAL A 117 54.20 33.92 -5.17
CA VAL A 117 52.94 33.97 -5.89
C VAL A 117 51.84 33.29 -5.08
N LEU A 118 52.21 32.24 -4.35
CA LEU A 118 51.26 31.46 -3.55
C LEU A 118 50.66 32.27 -2.40
N PHE A 119 51.53 32.87 -1.59
CA PHE A 119 51.08 33.63 -0.42
C PHE A 119 50.33 34.89 -0.81
N THR A 120 50.68 35.46 -1.96
CA THR A 120 49.96 36.61 -2.47
C THR A 120 48.57 36.20 -2.96
N PHE A 121 48.51 35.01 -3.56
CA PHE A 121 47.25 34.45 -4.02
C PHE A 121 46.27 34.28 -2.87
N MET A 122 46.77 33.74 -1.76
CA MET A 122 45.94 33.54 -0.57
C MET A 122 45.36 34.85 -0.07
N LEU A 123 46.17 35.91 -0.10
CA LEU A 123 45.73 37.21 0.37
C LEU A 123 44.67 37.81 -0.55
N ASP A 124 44.89 37.71 -1.86
CA ASP A 124 43.95 38.24 -2.84
C ASP A 124 42.61 37.51 -2.79
N THR A 125 42.68 36.21 -2.52
CA THR A 125 41.49 35.37 -2.49
C THR A 125 40.54 35.77 -1.37
N PHE A 126 41.09 36.07 -0.18
CA PHE A 126 40.27 36.42 0.96
C PHE A 126 39.82 37.88 0.94
N LEU A 127 40.31 38.64 -0.03
CA LEU A 127 39.96 40.04 -0.16
C LEU A 127 38.88 40.28 -1.20
N GLU A 128 38.57 39.24 -1.97
CA GLU A 128 37.54 39.34 -3.01
C GLU A 128 36.15 39.60 -2.41
N GLU A 129 35.37 40.42 -3.10
CA GLU A 129 33.99 40.68 -2.68
C GLU A 129 33.01 40.04 -3.65
N ILE A 130 32.50 38.87 -3.29
CA ILE A 130 31.57 38.14 -4.14
C ILE A 130 30.14 38.48 -3.73
N PRO A 131 29.34 38.99 -4.69
CA PRO A 131 27.97 39.49 -4.54
C PRO A 131 27.00 38.69 -3.67
N GLY A 132 26.78 37.42 -4.02
CA GLY A 132 25.81 36.59 -3.35
C GLY A 132 26.35 35.99 -2.06
N GLN A 133 27.65 36.17 -1.83
CA GLN A 133 28.30 35.59 -0.67
C GLN A 133 28.51 36.60 0.44
N LYS A 134 28.19 36.21 1.66
CA LYS A 134 28.34 37.08 2.82
C LYS A 134 29.81 37.35 3.14
N GLN A 135 30.05 38.29 4.05
CA GLN A 135 31.39 38.61 4.50
C GLN A 135 31.88 37.54 5.48
N LEU A 136 33.16 37.19 5.39
CA LEU A 136 33.73 36.14 6.23
C LEU A 136 34.20 36.67 7.59
N SER A 137 33.76 36.03 8.66
CA SER A 137 34.15 36.42 10.02
C SER A 137 35.43 35.70 10.43
N ASN A 138 35.69 34.56 9.81
CA ASN A 138 36.89 33.78 10.09
C ASN A 138 37.54 33.24 8.82
N LYS A 139 38.79 33.61 8.60
CA LYS A 139 39.51 33.22 7.39
C LYS A 139 40.68 32.30 7.73
N ARG A 140 40.67 31.09 7.16
CA ARG A 140 41.70 30.11 7.45
C ARG A 140 42.27 29.48 6.19
N VAL A 141 43.54 29.08 6.26
CA VAL A 141 44.20 28.41 5.15
C VAL A 141 44.69 27.03 5.58
N PHE A 142 44.13 25.98 5.00
CA PHE A 142 44.61 24.63 5.24
C PHE A 142 45.74 24.31 4.28
N LEU A 143 46.97 24.34 4.79
CA LEU A 143 48.17 24.25 3.96
C LEU A 143 48.76 22.85 3.94
N PHE A 144 48.65 22.17 2.81
CA PHE A 144 49.16 20.82 2.65
C PHE A 144 50.42 20.82 1.76
N THR A 145 51.53 20.32 2.29
CA THR A 145 52.76 20.23 1.50
C THR A 145 53.61 19.03 1.92
N ASP A 146 54.46 18.58 1.00
CA ASP A 146 55.30 17.42 1.23
C ASP A 146 56.77 17.80 1.21
N ILE A 147 57.05 19.03 0.82
CA ILE A 147 58.42 19.51 0.65
C ILE A 147 58.91 20.26 1.88
N ASP A 148 59.88 19.67 2.59
CA ASP A 148 60.48 20.34 3.74
C ASP A 148 61.27 21.55 3.27
N LYS A 149 62.15 21.30 2.30
CA LYS A 149 63.06 22.33 1.80
C LYS A 149 62.79 22.69 0.35
N PRO A 150 61.92 23.69 0.12
CA PRO A 150 61.72 24.16 -1.25
C PRO A 150 62.91 24.98 -1.74
N GLN A 151 62.84 25.45 -2.98
CA GLN A 151 63.95 26.16 -3.59
C GLN A 151 64.25 27.49 -2.93
N GLU A 152 63.23 28.08 -2.31
CA GLU A 152 63.35 29.42 -1.72
C GLU A 152 63.97 29.38 -0.32
N ALA A 153 64.42 28.21 0.09
CA ALA A 153 65.01 28.04 1.41
C ALA A 153 66.44 28.55 1.46
N GLN A 154 67.12 28.55 0.32
CA GLN A 154 68.51 28.98 0.24
C GLN A 154 68.64 30.49 0.26
N ASP A 155 67.72 31.17 -0.40
CA ASP A 155 67.75 32.63 -0.47
C ASP A 155 67.25 33.25 0.83
N ILE A 156 68.14 33.94 1.53
CA ILE A 156 67.82 34.53 2.82
C ILE A 156 66.90 35.74 2.66
N ASP A 157 67.11 36.51 1.59
CA ASP A 157 66.30 37.70 1.35
C ASP A 157 64.91 37.36 0.85
N GLU A 158 64.79 36.21 0.18
CA GLU A 158 63.48 35.71 -0.23
C GLU A 158 62.66 35.35 1.00
N ARG A 159 63.31 34.76 2.00
CA ARG A 159 62.66 34.43 3.26
C ARG A 159 62.12 35.69 3.93
N ALA A 160 62.87 36.78 3.82
CA ALA A 160 62.49 38.05 4.42
C ALA A 160 61.22 38.60 3.78
N ARG A 161 61.17 38.56 2.46
CA ARG A 161 60.01 39.04 1.73
C ARG A 161 58.81 38.13 1.98
N LEU A 162 59.08 36.83 2.14
CA LEU A 162 58.03 35.87 2.47
C LEU A 162 57.47 36.13 3.87
N ARG A 163 58.35 36.54 4.78
CA ARG A 163 57.97 36.79 6.16
C ARG A 163 57.05 37.99 6.30
N ARG A 164 57.12 38.91 5.35
CA ARG A 164 56.23 40.07 5.37
C ARG A 164 54.95 39.76 4.60
N LEU A 165 55.02 38.76 3.73
CA LEU A 165 53.82 38.26 3.06
C LEU A 165 52.95 37.50 4.06
N THR A 166 53.60 36.73 4.93
CA THR A 166 52.91 36.00 5.99
C THR A 166 52.26 36.96 6.98
N ILE A 167 53.02 37.94 7.44
CA ILE A 167 52.52 38.97 8.32
C ILE A 167 51.36 39.72 7.68
N ASP A 168 51.46 39.97 6.38
CA ASP A 168 50.40 40.64 5.65
C ASP A 168 49.09 39.87 5.74
N LEU A 169 49.19 38.55 5.82
CA LEU A 169 48.02 37.69 5.97
C LEU A 169 47.47 37.75 7.39
N PHE A 170 48.38 37.77 8.36
CA PHE A 170 47.99 37.83 9.76
C PHE A 170 47.29 39.16 10.08
N ASP A 171 47.71 40.22 9.40
CA ASP A 171 47.10 41.54 9.57
C ASP A 171 45.69 41.58 9.02
N ASN A 172 45.43 40.73 8.02
CA ASN A 172 44.10 40.62 7.42
C ASN A 172 43.31 39.47 8.04
N LYS A 173 43.68 39.10 9.26
CA LYS A 173 42.97 38.08 10.03
C LYS A 173 42.89 36.73 9.33
N VAL A 174 43.91 36.43 8.53
CA VAL A 174 44.00 35.13 7.86
C VAL A 174 44.97 34.21 8.62
N ASN A 175 44.46 33.06 9.07
CA ASN A 175 45.25 32.16 9.88
C ASN A 175 45.59 30.86 9.15
N PHE A 176 46.72 30.25 9.53
CA PHE A 176 47.17 29.03 8.90
C PHE A 176 46.89 27.79 9.76
N ALA A 177 46.36 26.76 9.12
CA ALA A 177 46.29 25.43 9.72
C ALA A 177 47.18 24.50 8.89
N THR A 178 48.40 24.27 9.35
CA THR A 178 49.39 23.57 8.55
C THR A 178 49.20 22.05 8.58
N PHE A 179 49.46 21.43 7.44
CA PHE A 179 49.46 19.98 7.32
C PHE A 179 50.77 19.51 6.70
N PHE A 180 51.86 19.67 7.43
CA PHE A 180 53.18 19.29 6.93
C PHE A 180 53.38 17.79 7.10
N ILE A 181 53.52 17.09 5.97
CA ILE A 181 53.44 15.63 5.98
C ILE A 181 54.81 14.95 6.01
N GLY A 182 54.97 14.05 6.98
CA GLY A 182 56.16 13.23 7.08
C GLY A 182 55.78 11.76 7.07
N TYR A 183 56.67 10.90 6.59
CA TYR A 183 56.37 9.48 6.51
C TYR A 183 57.25 8.68 7.45
N ALA A 184 57.18 7.35 7.34
CA ALA A 184 58.03 6.48 8.14
C ALA A 184 59.49 6.63 7.72
N ASP A 185 59.72 6.68 6.41
CA ASP A 185 61.07 6.83 5.88
C ASP A 185 61.48 8.30 5.82
N LYS A 186 60.72 9.09 5.07
CA LYS A 186 61.04 10.51 4.92
C LYS A 186 60.35 11.36 5.97
N PRO A 187 61.13 12.02 6.83
CA PRO A 187 60.61 12.94 7.84
C PRO A 187 60.54 14.38 7.33
N PHE A 188 59.74 15.21 8.00
CA PHE A 188 59.56 16.60 7.58
C PHE A 188 60.35 17.56 8.46
N ASP A 189 61.32 18.25 7.87
CA ASP A 189 62.04 19.30 8.56
C ASP A 189 61.28 20.62 8.46
N ASN A 190 60.72 21.06 9.58
CA ASN A 190 59.93 22.28 9.60
C ASN A 190 60.78 23.52 9.81
N GLU A 191 62.09 23.40 9.61
CA GLU A 191 63.01 24.50 9.86
C GLU A 191 62.70 25.71 8.97
N PHE A 192 62.40 25.45 7.70
CA PHE A 192 62.12 26.52 6.76
C PHE A 192 60.79 27.21 7.04
N TYR A 193 59.73 26.41 7.12
CA TYR A 193 58.38 26.95 7.30
C TYR A 193 58.23 27.59 8.68
N SER A 194 59.07 27.19 9.63
CA SER A 194 59.06 27.83 10.94
C SER A 194 59.48 29.29 10.79
N ASP A 195 60.54 29.52 10.03
CA ASP A 195 61.07 30.87 9.83
C ASP A 195 60.05 31.82 9.25
N ILE A 196 59.44 31.43 8.14
CA ILE A 196 58.57 32.34 7.39
C ILE A 196 57.16 32.47 7.97
N LEU A 197 56.77 31.53 8.83
CA LEU A 197 55.44 31.57 9.45
C LEU A 197 55.49 32.12 10.87
N GLN A 198 56.69 32.34 11.39
CA GLN A 198 56.88 32.85 12.75
C GLN A 198 56.54 34.32 12.83
N LEU A 199 56.23 34.79 14.04
CA LEU A 199 56.10 36.22 14.29
C LEU A 199 57.24 36.73 15.17
N GLY A 200 57.44 38.04 15.17
CA GLY A 200 58.50 38.66 15.95
C GLY A 200 58.08 38.93 17.39
N ASP A 210 52.64 40.73 21.66
CA ASP A 210 53.63 40.00 20.88
C ASP A 210 53.85 38.59 21.41
N SER A 211 53.56 38.38 22.69
CA SER A 211 53.90 37.13 23.36
C SER A 211 53.02 35.95 22.96
N GLU A 212 51.72 36.06 23.21
CA GLU A 212 50.77 34.96 22.95
C GLU A 212 50.82 34.46 21.50
N PHE A 213 50.34 35.29 20.59
CA PHE A 213 50.31 34.94 19.17
C PHE A 213 51.69 35.07 18.56
N ASP A 214 52.21 33.97 18.00
CA ASP A 214 53.49 34.01 17.31
C ASP A 214 53.46 33.10 16.07
N GLY A 215 52.28 32.96 15.49
CA GLY A 215 52.10 32.14 14.30
C GLY A 215 51.49 30.80 14.64
N PRO A 216 51.22 30.00 13.59
CA PRO A 216 50.64 28.66 13.74
C PRO A 216 51.69 27.59 14.05
N SER A 217 51.23 26.42 14.47
CA SER A 217 52.12 25.29 14.70
C SER A 217 52.64 24.74 13.38
N THR A 218 53.96 24.56 13.28
CA THR A 218 54.55 24.00 12.07
C THR A 218 55.07 22.59 12.32
N LYS A 219 54.70 22.02 13.47
CA LYS A 219 55.05 20.65 13.79
C LYS A 219 54.42 19.68 12.80
N PRO A 220 55.25 18.88 12.12
CA PRO A 220 54.78 17.96 11.09
C PRO A 220 53.88 16.86 11.64
N ILE A 221 53.17 16.19 10.74
CA ILE A 221 52.28 15.10 11.10
C ILE A 221 52.49 13.90 10.18
N ASP A 222 52.20 12.71 10.66
CA ASP A 222 52.23 11.53 9.81
C ASP A 222 50.97 11.53 8.94
N ALA A 223 51.09 10.99 7.73
CA ALA A 223 49.97 10.95 6.80
C ALA A 223 48.78 10.21 7.37
N LYS A 224 49.05 9.30 8.29
CA LYS A 224 48.02 8.50 8.95
C LYS A 224 47.05 9.37 9.75
N TYR A 225 47.45 10.61 10.03
CA TYR A 225 46.63 11.51 10.84
C TYR A 225 46.01 12.65 10.03
N ILE A 226 46.16 12.61 8.72
CA ILE A 226 45.65 13.69 7.86
C ILE A 226 44.14 13.87 7.95
N LYS A 227 43.40 12.82 7.62
CA LYS A 227 41.95 12.88 7.58
C LYS A 227 41.34 13.31 8.92
N SER A 228 41.85 12.73 10.01
CA SER A 228 41.34 13.04 11.34
C SER A 228 41.65 14.48 11.72
N ARG A 229 42.83 14.95 11.35
CA ARG A 229 43.24 16.33 11.66
C ARG A 229 42.37 17.33 10.92
N ILE A 230 42.06 17.02 9.66
CA ILE A 230 41.21 17.89 8.84
C ILE A 230 39.83 18.03 9.44
N LEU A 231 39.21 16.89 9.73
CA LEU A 231 37.84 16.84 10.22
C LEU A 231 37.71 17.35 11.65
N ARG A 232 38.82 17.42 12.37
CA ARG A 232 38.81 17.98 13.73
C ARG A 232 38.91 19.49 13.69
N LYS A 233 39.83 20.02 12.89
CA LYS A 233 40.03 21.46 12.77
C LYS A 233 38.97 22.09 11.87
N LYS A 234 38.13 21.24 11.30
CA LYS A 234 36.99 21.69 10.50
C LYS A 234 35.96 22.40 11.36
N GLU A 235 35.73 21.84 12.55
CA GLU A 235 34.76 22.39 13.48
C GLU A 235 35.15 23.77 14.04
N VAL A 236 34.15 24.49 14.53
CA VAL A 236 34.36 25.80 15.12
C VAL A 236 33.84 25.83 16.55
N LYS A 237 34.57 26.50 17.43
CA LYS A 237 34.13 26.66 18.82
C LYS A 237 32.85 27.50 18.87
N ARG A 238 31.76 26.87 19.33
CA ARG A 238 30.48 27.55 19.45
C ARG A 238 30.25 27.93 20.91
N ILE A 239 30.51 29.19 21.24
CA ILE A 239 30.47 29.65 22.63
C ILE A 239 29.03 29.65 23.17
N MET A 240 28.78 28.75 24.12
CA MET A 240 27.44 28.56 24.68
C MET A 240 27.06 29.64 25.69
N PHE A 241 28.01 30.00 26.54
CA PHE A 241 27.79 31.01 27.57
C PHE A 241 29.10 31.47 28.17
N GLN A 242 29.10 32.67 28.75
CA GLN A 242 30.20 33.13 29.58
C GLN A 242 29.66 33.89 30.77
N CYS A 243 30.17 33.56 31.95
CA CYS A 243 29.70 34.16 33.19
C CYS A 243 30.80 34.14 34.24
N PRO A 244 30.66 34.95 35.29
CA PRO A 244 31.63 34.89 36.39
C PRO A 244 31.52 33.60 37.20
N LEU A 245 32.66 33.07 37.61
CA LEU A 245 32.72 31.92 38.50
C LEU A 245 33.10 32.38 39.90
N ILE A 246 32.13 32.42 40.80
CA ILE A 246 32.38 32.85 42.16
C ILE A 246 32.95 31.71 43.00
N LEU A 247 34.16 31.90 43.52
CA LEU A 247 34.78 30.90 44.38
C LEU A 247 34.61 31.27 45.85
N ASP A 248 34.75 32.56 46.15
CA ASP A 248 34.55 33.07 47.49
C ASP A 248 34.25 34.56 47.45
N GLU A 249 32.98 34.91 47.56
CA GLU A 249 32.53 36.27 47.31
C GLU A 249 33.08 37.31 48.27
N LYS A 250 33.31 36.91 49.52
CA LYS A 250 33.81 37.84 50.55
C LYS A 250 35.15 38.46 50.18
N THR A 251 36.07 37.65 49.66
CA THR A 251 37.40 38.12 49.33
C THR A 251 37.51 38.50 47.85
N ASN A 252 36.36 38.67 47.20
CA ASN A 252 36.31 38.91 45.76
C ASN A 252 37.05 37.83 44.98
N PHE A 253 36.95 36.60 45.46
CA PHE A 253 37.50 35.44 44.77
C PHE A 253 36.60 35.10 43.58
N ILE A 254 36.48 36.04 42.66
CA ILE A 254 35.58 35.89 41.53
C ILE A 254 36.37 35.84 40.23
N VAL A 255 36.08 34.83 39.41
CA VAL A 255 36.87 34.56 38.22
C VAL A 255 35.97 34.42 37.00
N GLY A 256 36.56 34.46 35.80
CA GLY A 256 35.77 34.35 34.58
C GLY A 256 35.89 33.02 33.87
N VAL A 257 34.78 32.52 33.35
CA VAL A 257 34.79 31.24 32.62
C VAL A 257 33.94 31.30 31.36
N LYS A 258 34.28 30.45 30.39
CA LYS A 258 33.50 30.29 29.16
C LYS A 258 33.04 28.84 29.02
N GLY A 259 31.86 28.65 28.44
CA GLY A 259 31.32 27.31 28.29
C GLY A 259 30.99 26.97 26.85
N TYR A 260 31.34 25.75 26.44
CA TYR A 260 31.11 25.28 25.09
C TYR A 260 30.33 23.97 25.06
N THR A 261 29.38 23.88 24.14
CA THR A 261 28.63 22.64 23.97
C THR A 261 29.45 21.63 23.18
N MET A 262 29.69 20.47 23.78
CA MET A 262 30.49 19.45 23.12
C MET A 262 29.66 18.55 22.23
N TYR A 263 28.39 18.36 22.58
CA TYR A 263 27.53 17.45 21.84
C TYR A 263 26.11 18.00 21.71
N THR A 264 25.78 18.47 20.51
CA THR A 264 24.44 18.96 20.20
C THR A 264 23.48 17.83 19.87
N HIS A 265 22.24 18.17 19.54
CA HIS A 265 21.26 17.18 19.13
C HIS A 265 20.68 17.59 17.79
N GLU A 266 21.37 17.18 16.72
CA GLU A 266 20.97 17.57 15.36
C GLU A 266 19.69 16.86 14.92
N LYS A 267 18.73 17.66 14.46
CA LYS A 267 17.46 17.12 13.96
C LYS A 267 17.27 17.52 12.51
N ALA A 268 16.76 16.59 11.71
CA ALA A 268 16.50 16.87 10.30
C ALA A 268 15.26 17.72 10.10
N GLY A 269 15.32 18.63 9.15
CA GLY A 269 14.16 19.42 8.78
C GLY A 269 13.94 20.67 9.61
N VAL A 270 14.97 21.08 10.35
CA VAL A 270 14.89 22.31 11.14
C VAL A 270 15.39 23.51 10.32
N ARG A 271 16.10 23.22 9.24
CA ARG A 271 16.62 24.27 8.37
C ARG A 271 15.73 24.47 7.16
N TYR A 272 14.87 25.47 7.23
CA TYR A 272 13.92 25.71 6.14
C TYR A 272 13.48 27.17 6.06
N LYS A 273 12.99 27.56 4.89
CA LYS A 273 12.33 28.84 4.70
C LYS A 273 10.96 28.58 4.08
N LEU A 274 10.10 29.60 4.07
CA LEU A 274 8.75 29.44 3.53
C LEU A 274 8.59 30.26 2.26
N VAL A 275 8.10 29.62 1.20
CA VAL A 275 7.90 30.30 -0.07
C VAL A 275 6.41 30.44 -0.41
N TYR A 276 6.03 31.66 -0.80
CA TYR A 276 4.68 31.93 -1.27
C TYR A 276 4.69 32.08 -2.79
N GLU A 277 3.99 31.19 -3.47
CA GLU A 277 3.86 31.28 -4.92
C GLU A 277 2.41 31.42 -5.34
N HIS A 278 2.13 32.46 -6.11
CA HIS A 278 0.79 32.72 -6.64
C HIS A 278 0.92 33.25 -8.05
N GLU A 279 0.63 32.39 -9.03
CA GLU A 279 0.84 32.67 -10.44
C GLU A 279 2.30 33.01 -10.73
N ASP A 280 2.57 34.27 -11.10
CA ASP A 280 3.92 34.66 -11.48
C ASP A 280 4.66 35.35 -10.33
N ILE A 281 4.14 35.18 -9.12
CA ILE A 281 4.79 35.72 -7.92
C ILE A 281 5.44 34.60 -7.11
N ARG A 282 6.75 34.65 -6.95
CA ARG A 282 7.43 33.75 -6.04
C ARG A 282 8.19 34.55 -5.00
N GLN A 283 7.78 34.40 -3.74
CA GLN A 283 8.20 35.31 -2.68
C GLN A 283 8.27 34.60 -1.32
N GLU A 284 9.22 35.01 -0.48
CA GLU A 284 9.37 34.41 0.83
C GLU A 284 8.18 34.71 1.74
N ALA A 285 7.73 33.68 2.45
CA ALA A 285 6.61 33.82 3.39
C ALA A 285 7.07 33.66 4.84
N TYR A 286 6.23 34.10 5.78
CA TYR A 286 6.58 34.07 7.19
C TYR A 286 5.42 33.56 8.04
N SER A 287 5.75 32.87 9.13
CA SER A 287 4.74 32.41 10.08
C SER A 287 4.49 33.46 11.15
N LYS A 288 3.22 33.78 11.35
CA LYS A 288 2.81 34.77 12.35
C LYS A 288 1.85 34.17 13.37
N ARG A 289 2.30 34.07 14.62
CA ARG A 289 1.48 33.57 15.72
C ARG A 289 0.56 34.67 16.22
N LYS A 290 -0.75 34.46 16.11
CA LYS A 290 -1.72 35.50 16.41
C LYS A 290 -2.67 35.10 17.53
N PHE A 291 -2.67 35.88 18.61
CA PHE A 291 -3.51 35.60 19.78
C PHE A 291 -4.87 36.30 19.67
N LEU A 292 -5.94 35.57 20.02
CA LEU A 292 -7.28 36.09 19.90
C LEU A 292 -7.99 36.17 21.25
N ASN A 293 -8.94 37.09 21.36
CA ASN A 293 -9.82 37.19 22.52
C ASN A 293 -10.99 36.24 22.30
N PRO A 294 -11.15 35.25 23.19
CA PRO A 294 -12.19 34.21 23.06
C PRO A 294 -13.60 34.78 23.13
N ILE A 295 -13.72 36.00 23.64
CA ILE A 295 -15.02 36.63 23.84
C ILE A 295 -15.42 37.50 22.65
N THR A 296 -14.44 38.17 22.04
CA THR A 296 -14.73 39.13 20.98
C THR A 296 -14.09 38.77 19.66
N GLY A 297 -13.06 37.92 19.69
CA GLY A 297 -12.36 37.54 18.47
C GLY A 297 -11.33 38.57 18.06
N GLU A 298 -11.09 39.53 18.95
CA GLU A 298 -10.15 40.62 18.69
C GLU A 298 -8.70 40.16 18.72
N ASP A 299 -7.88 40.75 17.85
CA ASP A 299 -6.46 40.47 17.82
C ASP A 299 -5.80 41.13 19.04
N VAL A 300 -5.42 40.32 20.02
CA VAL A 300 -4.81 40.83 21.24
C VAL A 300 -3.31 40.53 21.31
N THR A 301 -2.71 40.29 20.15
CA THR A 301 -1.28 39.98 20.06
C THR A 301 -0.45 41.14 20.58
N GLY A 302 0.50 40.84 21.47
CA GLY A 302 1.32 41.87 22.09
C GLY A 302 0.59 42.62 23.18
N LYS A 303 -0.64 42.22 23.44
CA LYS A 303 -1.46 42.85 24.48
C LYS A 303 -1.85 41.82 25.53
N THR A 304 -1.13 40.70 25.54
CA THR A 304 -1.40 39.62 26.47
C THR A 304 -0.46 39.65 27.67
N VAL A 305 -0.82 38.95 28.75
CA VAL A 305 0.03 38.85 29.93
C VAL A 305 0.06 37.43 30.48
N LYS A 306 1.14 37.08 31.18
CA LYS A 306 1.27 35.78 31.82
C LYS A 306 0.84 35.87 33.28
N VAL A 307 0.00 34.92 33.72
CA VAL A 307 -0.45 34.89 35.11
C VAL A 307 -0.31 33.49 35.72
N TYR A 308 -0.28 33.43 37.05
CA TYR A 308 -0.28 32.16 37.76
C TYR A 308 -1.71 31.72 38.05
N PRO A 309 -2.13 30.61 37.44
CA PRO A 309 -3.45 30.07 37.76
C PRO A 309 -3.47 29.46 39.16
N TYR A 310 -4.48 29.81 39.96
CA TYR A 310 -4.59 29.29 41.31
C TYR A 310 -6.03 28.94 41.63
N GLY A 311 -6.51 27.82 41.09
CA GLY A 311 -7.91 27.45 41.23
C GLY A 311 -8.73 28.36 40.33
N ASP A 312 -9.86 28.84 40.85
CA ASP A 312 -10.69 29.76 40.09
C ASP A 312 -10.23 31.20 40.32
N LEU A 313 -8.92 31.37 40.48
CA LEU A 313 -8.33 32.68 40.67
C LEU A 313 -7.01 32.79 39.91
N ASP A 314 -6.80 33.93 39.26
CA ASP A 314 -5.55 34.20 38.55
C ASP A 314 -4.76 35.28 39.28
N ILE A 315 -3.44 35.09 39.37
CA ILE A 315 -2.60 36.05 40.08
C ILE A 315 -1.49 36.59 39.19
N ASN A 316 -1.51 37.90 38.95
CA ASN A 316 -0.45 38.57 38.19
C ASN A 316 0.37 39.49 39.08
N LEU A 317 1.65 39.18 39.20
CA LEU A 317 2.57 40.01 39.97
C LEU A 317 3.21 41.08 39.10
N SER A 318 3.60 42.18 39.72
CA SER A 318 4.32 43.23 39.00
C SER A 318 5.76 42.81 38.79
N ASP A 319 6.42 43.46 37.83
CA ASP A 319 7.82 43.17 37.53
C ASP A 319 8.70 43.40 38.75
N SER A 320 8.31 44.38 39.56
CA SER A 320 9.00 44.68 40.80
C SER A 320 8.89 43.54 41.81
N GLN A 321 7.74 42.89 41.82
CA GLN A 321 7.52 41.75 42.70
C GLN A 321 8.22 40.50 42.15
N ASP A 322 8.21 40.34 40.83
CA ASP A 322 8.90 39.24 40.19
C ASP A 322 10.39 39.29 40.52
N GLN A 323 10.93 40.50 40.59
CA GLN A 323 12.33 40.72 40.93
C GLN A 323 12.63 40.22 42.34
N ILE A 324 11.78 40.60 43.30
CA ILE A 324 11.96 40.23 44.69
C ILE A 324 11.82 38.71 44.89
N VAL A 325 10.90 38.09 44.16
CA VAL A 325 10.70 36.65 44.25
C VAL A 325 11.96 35.87 43.88
N MET A 326 12.56 36.21 42.73
CA MET A 326 13.75 35.51 42.26
C MET A 326 14.98 35.88 43.07
N GLU A 327 14.96 37.07 43.66
CA GLU A 327 16.10 37.62 44.39
C GLU A 327 16.55 36.72 45.55
N ALA A 328 15.65 35.86 46.01
CA ALA A 328 15.93 35.01 47.16
C ALA A 328 16.89 33.86 46.83
N TYR A 329 16.99 33.53 45.55
CA TYR A 329 17.77 32.34 45.16
C TYR A 329 18.63 32.50 43.91
N THR A 330 18.59 33.68 43.28
CA THR A 330 19.36 33.88 42.06
C THR A 330 19.62 35.35 41.71
N GLN A 331 20.52 35.56 40.76
CA GLN A 331 20.78 36.88 40.21
C GLN A 331 20.08 37.08 38.87
N LYS A 332 20.20 38.28 38.31
CA LYS A 332 19.63 38.57 37.00
C LYS A 332 20.46 37.90 35.90
N ASP A 333 21.76 38.18 35.91
CA ASP A 333 22.64 37.68 34.86
C ASP A 333 23.22 36.31 35.20
N ALA A 334 23.77 35.65 34.19
CA ALA A 334 24.33 34.31 34.34
C ALA A 334 25.48 34.30 35.34
N PHE A 335 25.54 33.24 36.15
CA PHE A 335 26.58 33.12 37.16
C PHE A 335 26.74 31.68 37.62
N LEU A 336 27.87 31.37 38.23
CA LEU A 336 28.14 30.07 38.81
C LEU A 336 28.86 30.24 40.14
N LYS A 337 28.21 29.81 41.22
CA LYS A 337 28.77 29.99 42.56
C LYS A 337 29.15 28.64 43.18
N ILE A 338 30.36 28.55 43.70
CA ILE A 338 30.84 27.31 44.31
C ILE A 338 30.18 27.08 45.67
N ILE A 339 29.46 25.97 45.78
CA ILE A 339 28.81 25.60 47.03
C ILE A 339 29.75 24.79 47.89
N GLY A 340 30.56 23.95 47.25
CA GLY A 340 31.57 23.17 47.93
C GLY A 340 32.28 22.23 46.99
N PHE A 341 33.12 21.37 47.55
CA PHE A 341 33.79 20.34 46.77
C PHE A 341 33.37 18.98 47.29
N ARG A 342 33.63 17.95 46.49
CA ARG A 342 33.14 16.60 46.82
C ARG A 342 33.85 15.53 46.00
N SER A 343 33.94 14.33 46.56
CA SER A 343 34.55 13.20 45.86
C SER A 343 33.76 12.86 44.60
N SER A 344 34.47 12.56 43.53
CA SER A 344 33.83 12.29 42.24
C SER A 344 32.93 11.05 42.30
N SER A 345 33.26 10.12 43.18
CA SER A 345 32.52 8.86 43.27
C SER A 345 31.18 9.03 43.99
N LYS A 346 30.97 10.19 44.60
CA LYS A 346 29.71 10.49 45.26
C LYS A 346 28.87 11.49 44.46
N SER A 347 29.42 11.94 43.34
CA SER A 347 28.85 13.07 42.62
C SER A 347 28.50 12.78 41.16
N ILE A 348 29.30 11.94 40.52
CA ILE A 348 29.09 11.64 39.12
C ILE A 348 28.58 10.22 38.92
N HIS A 349 27.44 10.10 38.26
CA HIS A 349 26.85 8.81 37.96
C HIS A 349 26.41 8.74 36.51
N TYR A 350 26.14 7.55 36.02
CA TYR A 350 25.69 7.37 34.65
C TYR A 350 24.18 7.16 34.60
N PHE A 351 23.53 7.19 35.75
CA PHE A 351 22.12 6.87 35.83
C PHE A 351 21.20 8.06 36.14
N ASN A 352 21.76 9.26 36.19
CA ASN A 352 20.95 10.42 36.53
C ASN A 352 21.26 11.66 35.69
N ASN A 353 21.67 11.45 34.44
CA ASN A 353 21.86 12.57 33.53
C ASN A 353 20.52 13.16 33.16
N ILE A 354 20.46 14.47 33.00
CA ILE A 354 19.22 15.15 32.69
C ILE A 354 19.39 16.13 31.55
N ASP A 355 20.65 16.46 31.25
CA ASP A 355 20.94 17.46 30.24
C ASP A 355 22.23 17.12 29.49
N LYS A 356 22.63 18.02 28.60
CA LYS A 356 23.88 17.87 27.87
C LYS A 356 25.01 18.59 28.62
N SER A 357 26.22 18.06 28.49
CA SER A 357 27.38 18.61 29.18
C SER A 357 28.00 19.80 28.44
N SER A 358 28.60 20.70 29.21
CA SER A 358 29.34 21.82 28.65
C SER A 358 30.82 21.70 29.00
N PHE A 359 31.68 22.25 28.16
CA PHE A 359 33.11 22.26 28.44
C PHE A 359 33.55 23.64 28.91
N ILE A 360 34.12 23.70 30.11
CA ILE A 360 34.38 24.98 30.77
C ILE A 360 35.84 25.40 30.65
N VAL A 361 36.06 26.64 30.20
CA VAL A 361 37.39 27.18 29.94
C VAL A 361 37.54 28.57 30.58
N PRO A 362 38.74 28.88 31.11
CA PRO A 362 38.97 30.21 31.72
C PRO A 362 38.75 31.36 30.74
N ASP A 363 38.20 32.46 31.24
CA ASP A 363 37.93 33.64 30.44
C ASP A 363 38.70 34.86 30.96
N GLU A 364 39.98 34.95 30.61
CA GLU A 364 40.83 36.00 31.16
C GLU A 364 40.64 37.34 30.46
N ALA A 365 39.69 37.41 29.54
CA ALA A 365 39.34 38.66 28.89
C ALA A 365 38.39 39.46 29.76
N LYS A 366 37.73 38.78 30.69
CA LYS A 366 36.78 39.39 31.60
C LYS A 366 37.40 39.57 32.99
N TYR A 367 38.11 38.55 33.44
CA TYR A 367 38.81 38.59 34.71
C TYR A 367 40.24 38.06 34.53
N GLU A 368 41.24 38.91 34.76
CA GLU A 368 42.62 38.47 34.61
C GLU A 368 43.02 37.61 35.82
N GLY A 369 43.81 36.58 35.57
CA GLY A 369 44.17 35.61 36.59
C GLY A 369 43.29 34.38 36.53
N SER A 370 42.35 34.40 35.59
CA SER A 370 41.44 33.28 35.39
C SER A 370 42.17 32.01 35.00
N ILE A 371 43.16 32.15 34.14
CA ILE A 371 43.94 31.02 33.66
C ILE A 371 44.73 30.40 34.81
N ARG A 372 45.36 31.23 35.63
CA ARG A 372 46.13 30.75 36.77
C ARG A 372 45.27 30.03 37.80
N THR A 373 44.06 30.52 38.00
CA THR A 373 43.14 29.94 38.98
C THR A 373 42.69 28.55 38.58
N LEU A 374 42.13 28.45 37.37
CA LEU A 374 41.56 27.19 36.92
C LEU A 374 42.64 26.15 36.64
N ALA A 375 43.81 26.60 36.20
CA ALA A 375 44.94 25.68 35.97
C ALA A 375 45.35 25.01 37.27
N SER A 376 45.33 25.77 38.36
CA SER A 376 45.64 25.21 39.66
C SER A 376 44.48 24.34 40.16
N LEU A 377 43.26 24.84 39.97
CA LEU A 377 42.07 24.10 40.39
C LEU A 377 41.97 22.78 39.62
N LEU A 378 42.33 22.81 38.34
CA LEU A 378 42.38 21.60 37.53
C LEU A 378 43.38 20.62 38.10
N LYS A 379 44.56 21.12 38.46
CA LYS A 379 45.63 20.28 38.98
C LYS A 379 45.24 19.67 40.32
N ILE A 380 44.61 20.48 41.17
CA ILE A 380 44.23 20.04 42.51
C ILE A 380 43.07 19.02 42.47
N LEU A 381 42.01 19.35 41.75
CA LEU A 381 40.84 18.48 41.66
C LEU A 381 41.18 17.14 41.00
N ARG A 382 42.21 17.15 40.15
CA ARG A 382 42.73 15.90 39.59
C ARG A 382 43.45 15.11 40.67
N LYS A 383 44.33 15.79 41.39
CA LYS A 383 45.18 15.16 42.40
C LYS A 383 44.35 14.48 43.49
N LYS A 384 43.24 15.11 43.87
CA LYS A 384 42.39 14.59 44.93
C LYS A 384 41.17 13.84 44.40
N ASP A 385 41.02 13.82 43.08
CA ASP A 385 39.85 13.23 42.43
C ASP A 385 38.56 13.82 43.00
N LYS A 386 38.50 15.14 43.05
CA LYS A 386 37.34 15.85 43.58
C LYS A 386 36.63 16.62 42.47
N ILE A 387 35.39 17.03 42.74
CA ILE A 387 34.66 17.90 41.83
C ILE A 387 34.11 19.09 42.61
N ALA A 388 33.64 20.10 41.88
CA ALA A 388 33.04 21.26 42.52
C ALA A 388 31.52 21.24 42.36
N ILE A 389 30.81 21.53 43.44
CA ILE A 389 29.37 21.72 43.37
C ILE A 389 29.06 23.17 43.08
N LEU A 390 28.34 23.42 42.00
CA LEU A 390 28.05 24.79 41.59
C LEU A 390 26.56 25.12 41.70
N TRP A 391 26.26 26.36 42.07
CA TRP A 391 24.90 26.86 42.01
C TRP A 391 24.85 28.11 41.14
N GLY A 392 23.94 28.12 40.18
CA GLY A 392 23.76 29.26 39.30
C GLY A 392 23.00 28.94 38.02
N LYS A 393 23.18 29.78 37.01
CA LYS A 393 22.51 29.59 35.72
C LYS A 393 23.38 30.08 34.58
N LEU A 394 23.21 29.49 33.41
CA LEU A 394 24.06 29.79 32.27
C LEU A 394 23.47 30.90 31.41
N LYS A 395 22.16 31.10 31.51
CA LYS A 395 21.49 32.15 30.77
C LYS A 395 20.74 33.07 31.70
N SER A 396 20.50 34.30 31.26
CA SER A 396 19.76 35.26 32.05
C SER A 396 18.30 34.83 32.19
N ASN A 397 17.74 34.37 31.08
CA ASN A 397 16.35 33.92 31.04
C ASN A 397 16.21 32.41 31.27
N SER A 398 16.54 31.96 32.47
CA SER A 398 16.43 30.55 32.81
C SER A 398 16.46 30.37 34.32
N HIS A 399 16.01 29.21 34.78
CA HIS A 399 16.04 28.88 36.20
C HIS A 399 17.44 28.42 36.60
N PRO A 400 17.82 28.65 37.86
CA PRO A 400 19.11 28.15 38.35
C PRO A 400 19.04 26.65 38.66
N SER A 401 20.20 26.03 38.85
CA SER A 401 20.25 24.62 39.19
C SER A 401 21.60 24.27 39.79
N LEU A 402 21.68 23.10 40.43
CA LEU A 402 22.96 22.58 40.89
C LEU A 402 23.73 22.00 39.71
N TYR A 403 25.04 22.24 39.69
CA TYR A 403 25.87 21.72 38.61
C TYR A 403 27.06 20.97 39.17
N THR A 404 27.55 20.02 38.38
CA THR A 404 28.77 19.30 38.72
C THR A 404 29.91 19.74 37.81
N LEU A 405 31.03 20.15 38.42
CA LEU A 405 32.18 20.61 37.65
C LEU A 405 33.31 19.61 37.81
N SER A 406 33.57 18.86 36.74
CA SER A 406 34.57 17.80 36.80
C SER A 406 35.77 18.13 35.93
N PRO A 407 36.98 17.87 36.44
CA PRO A 407 38.21 18.11 35.69
C PRO A 407 38.33 17.17 34.49
N SER A 408 38.86 17.68 33.39
CA SER A 408 39.10 16.86 32.21
C SER A 408 40.09 15.75 32.53
N SER A 409 39.93 14.61 31.87
CA SER A 409 40.82 13.48 32.08
C SER A 409 42.19 13.74 31.45
N VAL A 410 43.20 13.01 31.91
CA VAL A 410 44.54 13.12 31.34
C VAL A 410 44.63 12.43 29.99
N LYS A 411 43.72 11.51 29.74
CA LYS A 411 43.66 10.81 28.45
C LYS A 411 43.13 11.74 27.37
N ASP A 412 42.34 12.74 27.77
CA ASP A 412 41.79 13.71 26.84
C ASP A 412 42.81 14.78 26.49
N TYR A 413 42.71 15.33 25.27
CA TYR A 413 43.63 16.36 24.82
C TYR A 413 43.25 17.72 25.40
N ASN A 414 41.96 18.03 25.34
CA ASN A 414 41.46 19.31 25.84
C ASN A 414 41.52 19.39 27.36
N GLU A 415 42.23 20.39 27.87
CA GLU A 415 42.36 20.58 29.31
C GLU A 415 41.38 21.63 29.81
N GLY A 416 40.47 21.21 30.69
CA GLY A 416 39.46 22.10 31.24
C GLY A 416 38.50 21.35 32.14
N PHE A 417 37.25 21.78 32.16
CA PHE A 417 36.25 21.16 33.01
C PHE A 417 34.99 20.79 32.25
N TYR A 418 34.28 19.76 32.73
CA TYR A 418 32.99 19.40 32.17
C TYR A 418 31.90 19.77 33.16
N LEU A 419 30.80 20.29 32.64
CA LEU A 419 29.70 20.76 33.49
C LEU A 419 28.46 19.90 33.28
N TYR A 420 28.01 19.25 34.36
CA TYR A 420 26.82 18.42 34.33
C TYR A 420 25.73 18.99 35.24
N ARG A 421 24.53 19.17 34.70
CA ARG A 421 23.44 19.67 35.53
C ARG A 421 22.91 18.57 36.43
N VAL A 422 22.68 18.92 37.68
CA VAL A 422 22.18 17.98 38.67
C VAL A 422 20.67 18.10 38.76
N PRO A 423 19.95 16.97 38.72
CA PRO A 423 18.48 17.01 38.79
C PRO A 423 17.96 17.47 40.15
N PHE A 424 16.93 18.31 40.15
CA PHE A 424 16.24 18.66 41.38
C PHE A 424 15.47 17.44 41.87
N LEU A 425 15.05 17.46 43.13
CA LEU A 425 14.28 16.36 43.70
C LEU A 425 12.98 16.07 42.93
N ASP A 426 12.40 17.12 42.34
CA ASP A 426 11.17 16.97 41.58
C ASP A 426 11.45 16.54 40.14
N GLU A 427 12.73 16.53 39.76
CA GLU A 427 13.12 16.09 38.44
C GLU A 427 13.47 14.59 38.47
N ILE A 428 13.51 14.02 39.66
CA ILE A 428 13.77 12.60 39.83
C ILE A 428 12.45 11.86 39.91
N ARG A 429 12.08 11.18 38.82
CA ARG A 429 10.80 10.51 38.73
C ARG A 429 10.76 9.20 39.51
N LYS A 430 9.56 8.77 39.87
CA LYS A 430 9.35 7.57 40.67
C LYS A 430 9.45 6.30 39.83
N PHE A 431 9.99 5.24 40.43
CA PHE A 431 10.04 3.94 39.76
C PHE A 431 8.66 3.31 39.75
N PRO A 432 8.22 2.83 38.59
CA PRO A 432 6.88 2.24 38.41
C PRO A 432 6.68 0.99 39.24
N SER A 433 5.45 0.77 39.71
CA SER A 433 5.14 -0.45 40.44
C SER A 433 4.96 -1.61 39.47
N LEU A 434 5.39 -2.79 39.87
CA LEU A 434 5.35 -3.97 39.00
C LEU A 434 4.21 -4.90 39.37
N LEU A 435 3.76 -5.71 38.42
CA LEU A 435 2.72 -6.69 38.67
C LEU A 435 3.28 -7.89 39.44
N SER A 436 4.53 -8.23 39.14
CA SER A 436 5.25 -9.26 39.88
C SER A 436 6.63 -8.77 40.29
N TYR A 437 7.13 -9.27 41.41
CA TYR A 437 8.48 -8.91 41.86
C TYR A 437 9.34 -10.16 42.01
N ASP A 438 8.79 -11.31 41.66
CA ASP A 438 9.53 -12.57 41.70
C ASP A 438 10.47 -12.67 40.50
N ASP A 439 11.75 -12.38 40.73
CA ASP A 439 12.74 -12.42 39.67
C ASP A 439 13.51 -13.73 39.67
N GLY A 440 13.02 -14.70 40.44
CA GLY A 440 13.64 -16.01 40.50
C GLY A 440 14.93 -16.05 41.31
N SER A 441 15.09 -15.07 42.20
CA SER A 441 16.27 -15.00 43.05
C SER A 441 16.20 -16.02 44.18
N GLU A 442 14.99 -16.49 44.47
CA GLU A 442 14.76 -17.48 45.50
C GLU A 442 15.49 -18.78 45.18
N HIS A 443 15.32 -19.26 43.96
CA HIS A 443 16.01 -20.45 43.49
C HIS A 443 17.46 -20.11 43.17
N LYS A 444 18.32 -20.22 44.17
CA LYS A 444 19.72 -19.80 44.07
C LYS A 444 20.46 -20.41 42.88
N LEU A 445 20.47 -21.73 42.80
CA LEU A 445 21.25 -22.44 41.79
C LEU A 445 20.81 -22.08 40.36
N ASP A 446 19.51 -22.15 40.10
CA ASP A 446 18.99 -21.86 38.77
C ASP A 446 19.26 -20.42 38.37
N TYR A 447 19.14 -19.50 39.32
CA TYR A 447 19.36 -18.09 39.05
C TYR A 447 20.86 -17.81 38.84
N ASP A 448 21.70 -18.42 39.66
CA ASP A 448 23.14 -18.23 39.57
C ASP A 448 23.69 -18.80 38.24
N ASN A 449 23.06 -19.85 37.74
CA ASN A 449 23.42 -20.40 36.44
C ASN A 449 23.10 -19.44 35.30
N MET A 450 21.96 -18.75 35.42
CA MET A 450 21.52 -17.81 34.40
C MET A 450 22.46 -16.62 34.31
N LYS A 451 22.96 -16.18 35.47
CA LYS A 451 23.91 -15.08 35.50
C LYS A 451 25.23 -15.48 34.87
N LYS A 452 25.62 -16.74 35.09
CA LYS A 452 26.90 -17.24 34.62
C LYS A 452 26.93 -17.35 33.10
N VAL A 453 25.84 -17.88 32.53
CA VAL A 453 25.77 -18.03 31.08
C VAL A 453 25.59 -16.67 30.41
N THR A 454 24.92 -15.74 31.09
CA THR A 454 24.77 -14.38 30.58
C THR A 454 26.14 -13.71 30.52
N GLN A 455 26.91 -13.93 31.58
CA GLN A 455 28.24 -13.35 31.73
C GLN A 455 29.18 -13.81 30.61
N SER A 456 29.01 -15.05 30.18
CA SER A 456 29.84 -15.63 29.12
C SER A 456 29.42 -15.09 27.76
N ILE A 457 28.12 -15.01 27.53
CA ILE A 457 27.59 -14.43 26.31
C ILE A 457 28.01 -12.97 26.19
N MET A 458 27.95 -12.27 27.32
CA MET A 458 28.33 -10.87 27.41
C MET A 458 29.80 -10.67 27.05
N GLY A 459 30.61 -11.70 27.25
CA GLY A 459 32.04 -11.62 27.01
C GLY A 459 32.40 -11.56 25.53
N TYR A 460 31.54 -12.15 24.70
CA TYR A 460 31.78 -12.20 23.26
C TYR A 460 31.50 -10.88 22.55
N PHE A 461 30.98 -9.91 23.29
CA PHE A 461 30.59 -8.63 22.70
C PHE A 461 31.09 -7.44 23.51
N ASN A 462 32.39 -7.42 23.78
CA ASN A 462 32.98 -6.26 24.42
C ASN A 462 33.43 -5.24 23.38
N LEU A 463 33.21 -3.96 23.68
CA LEU A 463 33.65 -2.89 22.81
C LEU A 463 35.08 -2.48 23.19
N ARG A 464 36.06 -3.05 22.50
CA ARG A 464 37.46 -2.83 22.84
C ARG A 464 37.94 -1.43 22.52
N ASP A 465 37.27 -0.76 21.58
CA ASP A 465 37.63 0.61 21.22
C ASP A 465 36.62 1.60 21.81
N GLY A 466 35.79 1.13 22.72
CA GLY A 466 34.78 1.96 23.36
C GLY A 466 33.71 2.41 22.39
N TYR A 467 33.07 3.54 22.71
CA TYR A 467 32.07 4.13 21.83
C TYR A 467 32.60 5.39 21.15
N ASN A 468 32.57 5.39 19.82
CA ASN A 468 32.97 6.57 19.06
C ASN A 468 31.81 7.10 18.23
N PRO A 469 31.39 8.35 18.50
CA PRO A 469 30.30 9.00 17.74
C PRO A 469 30.54 8.95 16.23
N SER A 470 31.81 9.03 15.83
CA SER A 470 32.19 9.04 14.42
C SER A 470 31.68 7.81 13.67
N ASP A 471 31.57 6.69 14.38
CA ASP A 471 31.21 5.43 13.74
C ASP A 471 29.71 5.34 13.48
N PHE A 472 28.94 6.25 14.08
CA PHE A 472 27.49 6.21 13.96
C PHE A 472 26.92 7.52 13.42
N LYS A 473 26.62 7.53 12.13
CA LYS A 473 25.92 8.65 11.50
C LYS A 473 24.42 8.54 11.74
N ASN A 474 23.80 9.64 12.14
CA ASN A 474 22.35 9.71 12.32
C ASN A 474 21.63 9.36 11.02
N PRO A 475 20.93 8.21 10.99
CA PRO A 475 20.24 7.76 9.79
C PRO A 475 19.14 8.74 9.33
N LEU A 476 18.46 9.38 10.28
CA LEU A 476 17.43 10.36 9.92
C LEU A 476 18.03 11.52 9.14
N LEU A 477 19.16 12.03 9.64
CA LEU A 477 19.86 13.12 8.99
C LEU A 477 20.37 12.73 7.59
N GLN A 478 20.94 11.54 7.50
CA GLN A 478 21.53 11.05 6.25
C GLN A 478 20.46 10.86 5.18
N LYS A 479 19.30 10.35 5.58
CA LYS A 479 18.21 10.13 4.64
C LYS A 479 17.69 11.45 4.11
N HIS A 480 17.51 12.40 5.02
CA HIS A 480 16.94 13.69 4.69
C HIS A 480 17.79 14.44 3.67
N TYR A 481 19.08 14.59 3.97
CA TYR A 481 19.96 15.39 3.11
C TYR A 481 20.33 14.66 1.83
N LYS A 482 20.20 13.34 1.80
CA LYS A 482 20.46 12.59 0.58
C LYS A 482 19.33 12.82 -0.43
N VAL A 483 18.10 12.90 0.05
CA VAL A 483 16.96 13.17 -0.82
C VAL A 483 17.06 14.57 -1.42
N LEU A 484 17.37 15.54 -0.58
CA LEU A 484 17.59 16.91 -1.05
C LEU A 484 18.71 16.94 -2.09
N HIS A 485 19.82 16.29 -1.75
CA HIS A 485 20.98 16.22 -2.64
C HIS A 485 20.65 15.66 -4.01
N ASP A 486 19.97 14.52 -4.04
CA ASP A 486 19.66 13.84 -5.28
C ASP A 486 18.70 14.63 -6.17
N TYR A 487 17.79 15.35 -5.54
CA TYR A 487 16.79 16.13 -6.27
C TYR A 487 17.41 17.34 -6.94
N LEU A 488 18.31 18.02 -6.23
CA LEU A 488 19.01 19.17 -6.77
C LEU A 488 19.84 18.80 -7.99
N LEU A 489 20.45 17.62 -7.96
CA LEU A 489 21.36 17.20 -9.02
C LEU A 489 20.70 16.22 -9.99
N GLN A 490 19.38 16.07 -9.86
CA GLN A 490 18.58 15.21 -10.74
C GLN A 490 19.11 13.79 -10.80
N ILE A 491 19.53 13.28 -9.64
CA ILE A 491 19.95 11.90 -9.49
C ILE A 491 18.75 11.01 -9.17
N GLU A 492 18.43 10.10 -10.08
CA GLU A 492 17.28 9.23 -9.90
C GLU A 492 17.52 8.20 -8.79
N THR A 493 16.50 7.98 -7.98
CA THR A 493 16.60 7.08 -6.83
C THR A 493 16.85 5.64 -7.26
N THR A 494 17.58 4.90 -6.43
CA THR A 494 17.93 3.52 -6.71
C THR A 494 17.00 2.53 -6.01
N PHE A 495 16.06 3.06 -5.23
CA PHE A 495 15.13 2.19 -4.50
C PHE A 495 14.19 1.47 -5.44
N ASP A 496 14.04 0.17 -5.23
CA ASP A 496 13.12 -0.66 -6.00
C ASP A 496 12.09 -1.31 -5.08
N GLU A 497 10.82 -1.21 -5.45
CA GLU A 497 9.75 -1.81 -4.66
C GLU A 497 9.86 -3.33 -4.69
N ASN A 498 10.34 -3.86 -5.81
CA ASN A 498 10.54 -5.29 -5.97
C ASN A 498 11.84 -5.77 -5.32
N GLU A 499 12.00 -5.44 -4.04
CA GLU A 499 13.22 -5.73 -3.31
C GLU A 499 13.35 -7.19 -2.90
N THR A 500 14.49 -7.77 -3.23
CA THR A 500 14.88 -9.06 -2.68
C THR A 500 15.17 -8.83 -1.20
N PRO A 501 14.82 -9.80 -0.34
CA PRO A 501 15.22 -9.71 1.07
C PRO A 501 16.72 -9.44 1.26
N ASN A 502 17.54 -9.93 0.33
CA ASN A 502 18.97 -9.63 0.35
C ASN A 502 19.27 -8.19 -0.09
N THR A 503 18.52 -7.71 -1.08
CA THR A 503 18.63 -6.32 -1.53
C THR A 503 18.21 -5.37 -0.42
N LYS A 504 17.08 -5.66 0.21
CA LYS A 504 16.56 -4.86 1.31
C LYS A 504 17.55 -4.83 2.47
N LYS A 505 18.17 -5.98 2.72
CA LYS A 505 19.12 -6.13 3.82
C LYS A 505 20.32 -5.21 3.66
N ASP A 506 20.90 -5.21 2.46
CA ASP A 506 22.06 -4.39 2.17
C ASP A 506 21.72 -2.89 2.18
N ARG A 507 20.53 -2.55 1.80
CA ARG A 507 20.10 -1.18 1.81
C ARG A 507 20.05 -0.72 3.22
N MET A 508 19.42 -1.50 4.06
CA MET A 508 19.29 -1.13 5.47
C MET A 508 20.63 -0.83 6.12
N MET A 509 21.64 -1.66 5.85
CA MET A 509 22.95 -1.49 6.44
C MET A 509 23.68 -0.30 5.82
N ARG A 510 23.29 0.05 4.60
CA ARG A 510 23.88 1.19 3.93
C ARG A 510 23.32 2.49 4.51
N GLU A 511 22.04 2.48 4.85
CA GLU A 511 21.36 3.66 5.35
C GLU A 511 21.60 3.89 6.83
N ASP A 512 21.94 2.84 7.57
CA ASP A 512 22.12 2.94 9.01
C ASP A 512 23.38 2.23 9.50
N ASP A 513 24.32 3.00 10.02
CA ASP A 513 25.58 2.45 10.54
C ASP A 513 25.34 1.47 11.69
N SER A 514 24.31 1.72 12.48
CA SER A 514 23.99 0.87 13.64
C SER A 514 23.43 -0.49 13.25
N LEU A 515 22.58 -0.52 12.23
CA LEU A 515 22.00 -1.79 11.76
C LEU A 515 23.09 -2.71 11.22
N ARG A 516 24.11 -2.11 10.63
CA ARG A 516 25.23 -2.86 10.09
C ARG A 516 25.96 -3.62 11.21
N LYS A 517 26.12 -2.97 12.35
CA LYS A 517 26.74 -3.59 13.52
C LYS A 517 25.89 -4.73 14.06
N LEU A 518 24.60 -4.47 14.18
CA LEU A 518 23.65 -5.48 14.63
C LEU A 518 23.70 -6.73 13.76
N TYR A 519 23.93 -6.52 12.47
CA TYR A 519 23.98 -7.62 11.50
C TYR A 519 25.18 -8.52 11.78
N TYR A 520 26.30 -7.90 12.14
CA TYR A 520 27.53 -8.63 12.46
C TYR A 520 27.35 -9.52 13.70
N ILE A 521 26.68 -8.98 14.71
CA ILE A 521 26.45 -9.68 15.97
C ILE A 521 25.70 -11.00 15.77
N ARG A 522 24.61 -10.93 15.01
CA ARG A 522 23.83 -12.13 14.72
C ARG A 522 24.65 -13.11 13.91
N ASN A 523 25.40 -12.57 12.94
CA ASN A 523 26.19 -13.41 12.05
C ASN A 523 27.27 -14.18 12.79
N LYS A 524 27.85 -13.55 13.81
CA LYS A 524 28.86 -14.20 14.64
C LYS A 524 28.24 -15.34 15.44
N ILE A 525 26.98 -15.16 15.84
CA ILE A 525 26.24 -16.20 16.54
C ILE A 525 25.85 -17.32 15.57
N LEU A 526 25.56 -16.95 14.33
CA LEU A 526 25.13 -17.90 13.32
C LEU A 526 26.29 -18.69 12.72
N GLU A 527 27.48 -18.09 12.70
CA GLU A 527 28.66 -18.80 12.20
C GLU A 527 29.32 -19.56 13.33
N SER A 528 28.70 -19.52 14.51
CA SER A 528 29.19 -20.25 15.67
C SER A 528 28.54 -21.62 15.79
N GLU A 529 27.39 -21.79 15.13
CA GLU A 529 26.70 -23.08 15.13
C GLU A 529 27.14 -23.90 13.92
N LYS A 530 27.42 -23.23 12.81
CA LYS A 530 27.91 -23.89 11.61
C LYS A 530 29.31 -24.47 11.83
N SER A 531 30.14 -23.69 12.50
CA SER A 531 31.52 -24.09 12.78
C SER A 531 31.58 -25.39 13.58
N GLU A 532 32.53 -26.25 13.24
CA GLU A 532 32.67 -27.53 13.92
C GLU A 532 33.86 -27.51 14.88
N ASP A 533 34.54 -26.37 14.94
CA ASP A 533 35.59 -26.14 15.92
C ASP A 533 34.94 -25.89 17.29
N PRO A 534 35.17 -26.80 18.25
CA PRO A 534 34.51 -26.77 19.56
C PRO A 534 34.75 -25.48 20.34
N ILE A 535 35.85 -24.78 20.04
CA ILE A 535 36.13 -23.50 20.68
C ILE A 535 35.19 -22.42 20.16
N ILE A 536 35.12 -22.28 18.84
CA ILE A 536 34.23 -21.32 18.20
C ILE A 536 32.77 -21.68 18.46
N GLN A 537 32.52 -22.99 18.59
CA GLN A 537 31.18 -23.53 18.79
C GLN A 537 30.51 -23.04 20.07
N ARG A 538 31.32 -22.55 21.00
CA ARG A 538 30.85 -22.16 22.33
C ARG A 538 29.74 -21.11 22.35
N LEU A 539 29.95 -20.02 21.61
CA LEU A 539 29.03 -18.88 21.64
C LEU A 539 27.57 -19.26 21.42
N ASN A 540 27.31 -19.98 20.33
CA ASN A 540 25.94 -20.37 20.00
C ASN A 540 25.35 -21.32 21.04
N LYS A 541 26.19 -22.19 21.58
CA LYS A 541 25.72 -23.14 22.60
C LYS A 541 25.40 -22.42 23.90
N TYR A 542 26.10 -21.32 24.15
CA TYR A 542 25.78 -20.46 25.30
C TYR A 542 24.37 -19.89 25.14
N VAL A 543 24.08 -19.40 23.93
CA VAL A 543 22.79 -18.78 23.63
C VAL A 543 21.65 -19.78 23.74
N LYS A 544 21.88 -21.01 23.29
CA LYS A 544 20.90 -22.07 23.40
C LYS A 544 20.62 -22.41 24.86
N ILE A 545 21.68 -22.45 25.67
CA ILE A 545 21.54 -22.74 27.09
C ILE A 545 20.76 -21.64 27.79
N TRP A 546 21.01 -20.40 27.39
CA TRP A 546 20.29 -19.25 27.92
C TRP A 546 18.79 -19.36 27.64
N ASN A 547 18.45 -19.68 26.40
CA ASN A 547 17.05 -19.88 26.01
C ASN A 547 16.41 -21.04 26.75
N MET A 548 17.21 -22.08 27.01
CA MET A 548 16.76 -23.23 27.78
C MET A 548 16.28 -22.82 29.16
N PHE A 549 17.03 -21.90 29.79
CA PHE A 549 16.68 -21.39 31.10
C PHE A 549 15.45 -20.47 31.03
N TYR A 550 15.33 -19.74 29.93
CA TYR A 550 14.19 -18.86 29.72
C TYR A 550 12.92 -19.68 29.65
N LYS A 551 12.94 -20.74 28.85
CA LYS A 551 11.77 -21.60 28.66
C LYS A 551 11.49 -22.48 29.88
N LYS A 552 12.54 -22.90 30.57
CA LYS A 552 12.36 -23.75 31.75
C LYS A 552 11.68 -22.98 32.88
N PHE A 553 11.96 -21.69 32.98
CA PHE A 553 11.41 -20.88 34.06
C PHE A 553 9.91 -20.67 33.88
N ASN A 554 9.48 -20.46 32.64
CA ASN A 554 8.06 -20.24 32.35
C ASN A 554 7.24 -21.51 32.45
N ASP A 555 7.88 -22.65 32.17
CA ASP A 555 7.21 -23.94 32.28
C ASP A 555 7.05 -24.35 33.75
N ASP A 556 7.90 -23.79 34.60
CA ASP A 556 7.84 -24.06 36.03
C ASP A 556 7.09 -22.95 36.76
N ASN A 557 7.63 -21.73 36.69
CA ASN A 557 7.03 -20.59 37.36
C ASN A 557 6.57 -19.53 36.37
N SER B 1 -9.37 7.14 45.24
CA SER B 1 -10.37 7.51 44.24
C SER B 1 -11.19 8.70 44.70
N SER B 2 -11.77 8.59 45.90
CA SER B 2 -12.63 9.64 46.44
C SER B 2 -12.60 9.63 47.97
N GLU B 3 -12.59 10.82 48.57
CA GLU B 3 -12.54 10.91 50.03
C GLU B 3 -13.23 12.16 50.59
N SER B 4 -13.64 12.06 51.84
CA SER B 4 -14.24 13.19 52.55
C SER B 4 -13.45 13.50 53.82
N THR B 5 -13.33 14.78 54.13
CA THR B 5 -12.58 15.21 55.31
C THR B 5 -13.39 16.22 56.11
N THR B 6 -13.59 15.93 57.39
CA THR B 6 -14.33 16.82 58.28
C THR B 6 -13.41 17.40 59.37
N PHE B 7 -13.35 18.73 59.43
CA PHE B 7 -12.49 19.41 60.39
C PHE B 7 -13.27 19.89 61.62
N ILE B 8 -12.72 19.62 62.80
CA ILE B 8 -13.32 20.08 64.05
C ILE B 8 -12.28 20.83 64.88
N VAL B 9 -12.59 22.07 65.24
CA VAL B 9 -11.67 22.90 66.00
C VAL B 9 -12.22 23.26 67.38
N ASP B 10 -11.48 22.91 68.42
CA ASP B 10 -11.87 23.22 69.79
C ASP B 10 -11.69 24.71 70.09
N VAL B 11 -12.75 25.33 70.57
CA VAL B 11 -12.69 26.75 70.94
C VAL B 11 -12.91 26.91 72.44
N SER B 12 -12.00 26.33 73.22
CA SER B 12 -11.99 26.53 74.67
C SER B 12 -11.16 27.78 74.95
N PRO B 13 -11.28 28.33 76.18
CA PRO B 13 -10.45 29.50 76.51
C PRO B 13 -8.96 29.21 76.40
N SER B 14 -8.57 27.94 76.59
CA SER B 14 -7.18 27.54 76.49
C SER B 14 -6.68 27.64 75.04
N MET B 15 -7.53 27.26 74.09
CA MET B 15 -7.16 27.26 72.68
C MET B 15 -6.99 28.68 72.14
N MET B 16 -7.74 29.62 72.69
CA MET B 16 -7.74 31.00 72.21
C MET B 16 -6.51 31.77 72.67
N LYS B 17 -6.28 31.80 73.98
CA LYS B 17 -5.20 32.61 74.56
C LYS B 17 -3.82 32.01 74.31
N ASN B 18 -3.74 30.69 74.17
CA ASN B 18 -2.48 30.04 73.86
C ASN B 18 -2.19 30.04 72.36
N ASN B 19 -3.04 30.74 71.60
CA ASN B 19 -2.87 30.89 70.16
C ASN B 19 -2.84 29.56 69.43
N ASN B 20 -3.76 28.67 69.76
CA ASN B 20 -3.81 27.34 69.15
C ASN B 20 -4.86 27.26 68.05
N VAL B 21 -5.78 28.22 68.03
CA VAL B 21 -6.78 28.28 66.98
C VAL B 21 -6.19 28.97 65.76
N SER B 22 -5.35 29.97 65.99
CA SER B 22 -4.67 30.67 64.91
C SER B 22 -3.66 29.77 64.21
N LYS B 23 -3.09 28.83 64.97
CA LYS B 23 -2.16 27.84 64.41
C LYS B 23 -2.89 26.85 63.52
N SER B 24 -4.00 26.33 64.02
CA SER B 24 -4.81 25.37 63.27
C SER B 24 -5.44 26.03 62.04
N MET B 25 -5.69 27.33 62.15
CA MET B 25 -6.21 28.10 61.03
C MET B 25 -5.18 28.17 59.92
N ALA B 26 -3.91 28.29 60.31
CA ALA B 26 -2.80 28.35 59.36
C ALA B 26 -2.69 27.03 58.60
N TYR B 27 -2.96 25.93 59.30
CA TYR B 27 -2.93 24.62 58.68
C TYR B 27 -4.11 24.46 57.72
N LEU B 28 -5.29 24.84 58.20
CA LEU B 28 -6.50 24.81 57.38
C LEU B 28 -6.35 25.67 56.13
N GLU B 29 -5.70 26.82 56.29
CA GLU B 29 -5.48 27.74 55.20
C GLU B 29 -4.57 27.13 54.14
N TYR B 30 -3.45 26.56 54.58
CA TYR B 30 -2.51 25.93 53.67
C TYR B 30 -3.12 24.71 52.99
N THR B 31 -3.80 23.88 53.76
CA THR B 31 -4.40 22.65 53.27
C THR B 31 -5.45 22.91 52.20
N LEU B 32 -6.37 23.82 52.49
CA LEU B 32 -7.49 24.09 51.60
C LEU B 32 -7.07 24.86 50.34
N LEU B 33 -6.12 25.78 50.47
CA LEU B 33 -5.66 26.56 49.33
C LEU B 33 -4.96 25.67 48.30
N ASN B 34 -4.17 24.71 48.78
CA ASN B 34 -3.51 23.78 47.88
C ASN B 34 -4.50 22.83 47.24
N LYS B 35 -5.55 22.47 47.98
CA LYS B 35 -6.64 21.66 47.44
C LYS B 35 -7.40 22.43 46.36
N SER B 36 -7.44 23.76 46.52
CA SER B 36 -8.17 24.61 45.59
C SER B 36 -7.55 24.60 44.20
N LYS B 37 -6.24 24.36 44.14
CA LYS B 37 -5.53 24.35 42.86
C LYS B 37 -5.96 23.17 41.99
N LYS B 38 -6.24 22.04 42.64
CA LYS B 38 -6.66 20.84 41.91
C LYS B 38 -8.15 20.88 41.58
N SER B 39 -8.93 21.48 42.48
CA SER B 39 -10.38 21.58 42.34
C SER B 39 -11.00 20.21 42.08
N ARG B 40 -10.55 19.20 42.82
CA ARG B 40 -11.04 17.84 42.67
C ARG B 40 -12.55 17.73 42.92
N LYS B 41 -13.22 16.97 42.05
CA LYS B 41 -14.66 16.78 42.15
C LYS B 41 -15.02 15.77 43.24
N THR B 42 -14.04 14.99 43.68
CA THR B 42 -14.30 13.92 44.64
C THR B 42 -13.61 14.14 45.98
N ASP B 43 -13.04 15.32 46.18
CA ASP B 43 -12.39 15.67 47.44
C ASP B 43 -13.26 16.62 48.26
N TRP B 44 -13.90 16.10 49.30
CA TRP B 44 -14.84 16.86 50.10
C TRP B 44 -14.19 17.49 51.33
N ILE B 45 -14.69 18.67 51.72
CA ILE B 45 -14.30 19.30 52.98
C ILE B 45 -15.54 19.76 53.74
N SER B 46 -15.45 19.76 55.07
CA SER B 46 -16.52 20.24 55.93
C SER B 46 -15.95 20.58 57.29
N CYS B 47 -16.50 21.61 57.93
CA CYS B 47 -15.93 22.06 59.20
C CYS B 47 -17.00 22.34 60.27
N TYR B 48 -16.69 21.95 61.50
CA TYR B 48 -17.55 22.20 62.65
C TYR B 48 -16.74 22.83 63.78
N LEU B 49 -17.43 23.42 64.75
CA LEU B 49 -16.77 23.98 65.92
C LEU B 49 -17.22 23.29 67.20
N ALA B 50 -16.27 23.11 68.12
CA ALA B 50 -16.55 22.45 69.40
C ALA B 50 -16.36 23.42 70.55
N ASN B 51 -17.14 23.23 71.61
CA ASN B 51 -17.13 24.11 72.77
C ASN B 51 -17.37 25.55 72.37
N CYS B 52 -18.31 25.73 71.44
CA CYS B 52 -18.57 27.04 70.85
C CYS B 52 -19.90 27.61 71.33
N PRO B 53 -19.92 28.90 71.69
CA PRO B 53 -21.15 29.57 72.13
C PRO B 53 -22.25 29.56 71.06
N VAL B 54 -21.85 29.51 69.80
CA VAL B 54 -22.81 29.46 68.69
C VAL B 54 -23.37 28.05 68.55
N SER B 55 -24.68 27.95 68.34
CA SER B 55 -25.34 26.65 68.22
C SER B 55 -26.16 26.55 66.94
N GLU B 56 -25.51 26.19 65.84
CA GLU B 56 -26.18 26.03 64.56
C GLU B 56 -25.75 24.75 63.84
N ASN B 57 -26.62 23.75 63.88
CA ASN B 57 -26.38 22.50 63.16
C ASN B 57 -27.70 21.78 62.89
N SER B 58 -27.62 20.67 62.14
CA SER B 58 -28.82 19.94 61.72
C SER B 58 -29.60 19.33 62.88
N GLN B 59 -28.88 18.70 63.80
CA GLN B 59 -29.52 17.99 64.90
C GLN B 59 -29.88 18.92 66.07
N GLU B 60 -29.59 20.21 65.89
CA GLU B 60 -29.93 21.24 66.88
C GLU B 60 -29.34 20.94 68.25
N ILE B 61 -28.09 20.48 68.27
CA ILE B 61 -27.37 20.18 69.49
C ILE B 61 -26.56 21.40 69.94
N PRO B 62 -26.69 21.79 71.21
CA PRO B 62 -25.97 22.97 71.72
C PRO B 62 -24.45 22.84 71.64
N ASN B 63 -23.76 23.98 71.68
CA ASN B 63 -22.30 24.06 71.66
C ASN B 63 -21.66 23.41 70.43
N VAL B 64 -22.42 23.36 69.34
CA VAL B 64 -21.91 22.82 68.07
C VAL B 64 -22.27 23.78 66.94
N PHE B 65 -21.30 24.07 66.07
CA PHE B 65 -21.50 25.05 65.01
C PHE B 65 -20.89 24.62 63.68
N GLN B 66 -21.73 24.28 62.72
CA GLN B 66 -21.28 23.93 61.38
C GLN B 66 -20.90 25.20 60.61
N ILE B 67 -19.65 25.62 60.77
CA ILE B 67 -19.19 26.89 60.19
C ILE B 67 -19.03 26.80 58.68
N GLN B 68 -18.83 25.59 58.16
CA GLN B 68 -18.70 25.36 56.72
C GLN B 68 -19.32 24.03 56.31
N SER B 69 -20.29 24.09 55.41
CA SER B 69 -21.00 22.89 54.95
C SER B 69 -20.08 22.00 54.12
N PHE B 70 -20.59 20.82 53.77
CA PHE B 70 -19.87 19.91 52.88
C PHE B 70 -19.65 20.54 51.51
N LEU B 71 -18.39 20.65 51.10
CA LEU B 71 -18.06 21.34 49.86
C LEU B 71 -17.20 20.49 48.93
N ALA B 72 -17.68 20.35 47.70
CA ALA B 72 -16.92 19.72 46.62
C ALA B 72 -17.47 20.19 45.29
N PRO B 73 -16.60 20.71 44.41
CA PRO B 73 -15.15 20.82 44.56
C PRO B 73 -14.72 21.98 45.47
N VAL B 74 -13.50 21.89 45.97
CA VAL B 74 -12.94 22.96 46.78
C VAL B 74 -12.32 24.02 45.88
N THR B 75 -12.90 25.21 45.90
CA THR B 75 -12.42 26.31 45.06
C THR B 75 -11.66 27.33 45.89
N THR B 76 -10.87 28.15 45.22
CA THR B 76 -10.08 29.18 45.88
C THR B 76 -10.99 30.20 46.57
N THR B 77 -11.97 30.71 45.82
CA THR B 77 -12.90 31.72 46.35
C THR B 77 -13.65 31.22 47.58
N ALA B 78 -14.05 29.95 47.56
CA ALA B 78 -14.77 29.36 48.68
C ALA B 78 -13.86 29.24 49.90
N THR B 79 -12.58 28.99 49.64
CA THR B 79 -11.58 28.90 50.71
C THR B 79 -11.35 30.28 51.33
N ILE B 80 -11.34 31.32 50.50
CA ILE B 80 -11.22 32.68 50.99
C ILE B 80 -12.37 32.98 51.95
N GLY B 81 -13.56 32.52 51.58
CA GLY B 81 -14.75 32.73 52.39
C GLY B 81 -14.70 32.02 53.74
N PHE B 82 -14.36 30.74 53.71
CA PHE B 82 -14.31 29.92 54.93
C PHE B 82 -13.32 30.48 55.95
N ILE B 83 -12.11 30.81 55.49
CA ILE B 83 -11.08 31.34 56.37
C ILE B 83 -11.51 32.68 56.97
N LYS B 84 -12.23 33.49 56.19
CA LYS B 84 -12.68 34.79 56.66
C LYS B 84 -13.85 34.67 57.63
N ARG B 85 -14.66 33.63 57.47
CA ARG B 85 -15.71 33.33 58.44
C ARG B 85 -15.07 32.99 59.77
N LEU B 86 -14.01 32.20 59.71
CA LEU B 86 -13.30 31.76 60.89
C LEU B 86 -12.50 32.90 61.51
N LYS B 87 -11.90 33.73 60.66
CA LYS B 87 -11.10 34.86 61.10
C LYS B 87 -11.95 35.91 61.81
N GLN B 88 -13.19 36.07 61.37
CA GLN B 88 -14.12 36.98 62.03
C GLN B 88 -14.56 36.41 63.37
N TYR B 89 -14.81 35.10 63.39
CA TYR B 89 -15.19 34.41 64.63
C TYR B 89 -14.04 34.42 65.63
N CYS B 90 -12.81 34.36 65.12
CA CYS B 90 -11.63 34.29 65.96
C CYS B 90 -11.34 35.65 66.59
N ASP B 91 -11.63 36.72 65.86
CA ASP B 91 -11.32 38.07 66.33
C ASP B 91 -12.39 38.58 67.29
N GLN B 92 -13.63 38.16 67.08
CA GLN B 92 -14.71 38.55 67.98
C GLN B 92 -14.49 38.00 69.38
N HIS B 93 -14.25 36.69 69.47
CA HIS B 93 -14.14 36.01 70.74
C HIS B 93 -12.71 35.99 71.27
N SER B 94 -11.92 36.97 70.88
CA SER B 94 -10.51 37.04 71.29
C SER B 94 -10.32 37.25 72.79
N HIS B 95 -10.70 38.44 73.30
CA HIS B 95 -10.53 38.79 74.72
C HIS B 95 -11.82 38.65 75.51
N ASP B 96 -12.87 39.33 75.03
CA ASP B 96 -14.08 39.54 75.81
C ASP B 96 -14.87 38.26 76.05
N SER B 97 -14.63 37.25 75.22
CA SER B 97 -15.31 35.98 75.37
C SER B 97 -14.86 35.22 76.62
N MET B 105 -18.32 18.61 73.53
CA MET B 105 -17.48 18.04 72.47
C MET B 105 -17.95 16.64 72.06
N ILE B 106 -18.42 15.87 73.02
CA ILE B 106 -18.80 14.48 72.79
C ILE B 106 -19.90 14.36 71.74
N GLN B 107 -20.89 15.25 71.81
CA GLN B 107 -22.01 15.21 70.89
C GLN B 107 -21.65 15.80 69.53
N CYS B 108 -20.56 16.57 69.49
CA CYS B 108 -20.10 17.16 68.23
C CYS B 108 -19.60 16.09 67.28
N LEU B 109 -18.92 15.09 67.82
CA LEU B 109 -18.44 13.96 67.04
C LEU B 109 -19.61 13.11 66.54
N LEU B 110 -20.72 13.20 67.26
CA LEU B 110 -21.93 12.43 66.92
C LEU B 110 -22.72 13.11 65.81
N VAL B 111 -22.72 14.44 65.81
CA VAL B 111 -23.42 15.20 64.79
C VAL B 111 -22.75 15.00 63.43
N VAL B 112 -21.42 15.04 63.43
CA VAL B 112 -20.64 14.84 62.21
C VAL B 112 -20.95 13.51 61.53
N SER B 113 -21.01 12.44 62.34
CA SER B 113 -21.27 11.11 61.82
C SER B 113 -22.62 11.02 61.12
N LEU B 114 -23.62 11.68 61.70
CA LEU B 114 -24.96 11.69 61.12
C LEU B 114 -25.01 12.48 59.82
N ASP B 115 -24.27 13.58 59.77
CA ASP B 115 -24.24 14.43 58.59
C ASP B 115 -23.48 13.78 57.44
N ILE B 116 -22.62 12.82 57.78
CA ILE B 116 -21.87 12.09 56.77
C ILE B 116 -22.72 10.99 56.15
N LYS B 117 -23.50 10.30 57.00
CA LYS B 117 -24.38 9.24 56.52
C LYS B 117 -25.48 9.78 55.61
N GLN B 118 -25.86 11.04 55.80
CA GLN B 118 -26.91 11.65 55.00
C GLN B 118 -26.34 12.27 53.73
N GLN B 119 -25.06 12.63 53.77
CA GLN B 119 -24.40 13.27 52.64
C GLN B 119 -23.96 12.25 51.60
N PHE B 120 -23.28 11.19 52.05
CA PHE B 120 -22.66 10.23 51.14
C PHE B 120 -23.37 8.88 51.14
N GLN B 121 -24.21 8.65 52.14
CA GLN B 121 -24.96 7.40 52.30
C GLN B 121 -24.05 6.19 52.41
N ALA B 122 -23.94 5.40 51.35
CA ALA B 122 -23.16 4.16 51.39
C ALA B 122 -22.16 4.08 50.25
N ARG B 123 -21.86 5.22 49.62
CA ARG B 123 -20.93 5.24 48.49
C ARG B 123 -19.49 5.01 48.92
N LYS B 124 -18.68 4.49 48.00
CA LYS B 124 -17.30 4.14 48.29
C LYS B 124 -16.44 5.39 48.47
N ILE B 125 -16.42 5.92 49.70
CA ILE B 125 -15.68 7.15 49.99
C ILE B 125 -14.93 7.03 51.33
N LEU B 126 -13.63 7.29 51.29
CA LEU B 126 -12.81 7.24 52.50
C LEU B 126 -13.07 8.44 53.41
N LYS B 127 -13.89 8.21 54.44
CA LYS B 127 -14.28 9.27 55.37
C LYS B 127 -13.27 9.42 56.51
N GLN B 128 -12.99 10.65 56.91
CA GLN B 128 -12.07 10.92 58.01
C GLN B 128 -12.49 12.14 58.81
N ILE B 129 -12.11 12.16 60.08
CA ILE B 129 -12.38 13.29 60.96
C ILE B 129 -11.08 13.82 61.58
N VAL B 130 -10.85 15.13 61.43
CA VAL B 130 -9.62 15.74 61.94
C VAL B 130 -9.94 16.70 63.08
N VAL B 131 -9.33 16.46 64.24
CA VAL B 131 -9.67 17.20 65.46
C VAL B 131 -8.49 17.99 66.04
N PHE B 132 -8.70 19.29 66.23
CA PHE B 132 -7.69 20.15 66.83
C PHE B 132 -8.07 20.51 68.27
N THR B 133 -7.27 20.05 69.23
CA THR B 133 -7.56 20.34 70.63
C THR B 133 -6.35 20.15 71.54
N ASP B 134 -6.40 20.78 72.71
CA ASP B 134 -5.38 20.59 73.73
C ASP B 134 -5.96 19.87 74.94
N ASN B 135 -5.09 19.54 75.90
CA ASN B 135 -5.48 18.80 77.10
C ASN B 135 -6.18 17.49 76.75
N LEU B 136 -5.40 16.51 76.31
CA LEU B 136 -5.93 15.20 75.94
C LEU B 136 -6.44 14.45 77.16
N ASP B 137 -5.78 14.67 78.30
CA ASP B 137 -6.15 14.03 79.55
C ASP B 137 -7.47 14.60 80.08
N ASP B 138 -7.59 15.92 80.07
CA ASP B 138 -8.77 16.59 80.59
C ASP B 138 -9.97 16.48 79.64
N LEU B 139 -10.59 15.30 79.64
CA LEU B 139 -11.82 15.06 78.90
C LEU B 139 -12.42 13.75 79.40
N ASP B 140 -13.73 13.72 79.58
CA ASP B 140 -14.38 12.54 80.13
C ASP B 140 -15.33 11.88 79.13
N ILE B 141 -14.94 10.70 78.66
CA ILE B 141 -15.75 9.91 77.75
C ILE B 141 -15.92 8.50 78.30
N THR B 142 -17.09 8.25 78.90
CA THR B 142 -17.38 6.98 79.56
C THR B 142 -17.29 5.82 78.58
N ASP B 143 -17.02 4.62 79.11
CA ASP B 143 -16.96 3.41 78.30
C ASP B 143 -18.29 3.15 77.58
N GLU B 144 -19.38 3.61 78.18
CA GLU B 144 -20.69 3.50 77.57
C GLU B 144 -20.80 4.39 76.35
N GLU B 145 -19.98 5.44 76.31
CA GLU B 145 -19.94 6.34 75.17
C GLU B 145 -18.97 5.83 74.10
N ILE B 146 -17.91 5.17 74.54
CA ILE B 146 -16.94 4.59 73.62
C ILE B 146 -17.51 3.33 72.97
N ASP B 147 -18.28 2.59 73.74
CA ASP B 147 -19.02 1.44 73.21
C ASP B 147 -20.03 1.91 72.16
N LEU B 148 -20.56 3.10 72.39
CA LEU B 148 -21.54 3.70 71.48
C LEU B 148 -20.88 4.29 70.25
N LEU B 149 -19.67 4.82 70.41
CA LEU B 149 -18.97 5.52 69.34
C LEU B 149 -18.38 4.59 68.29
N THR B 150 -17.88 3.43 68.72
CA THR B 150 -17.23 2.51 67.81
C THR B 150 -18.22 1.85 66.86
N GLU B 151 -19.40 1.52 67.37
CA GLU B 151 -20.43 0.84 66.58
C GLU B 151 -21.00 1.70 65.46
N GLU B 152 -21.34 2.94 65.79
CA GLU B 152 -22.00 3.85 64.85
C GLU B 152 -21.04 4.40 63.80
N LEU B 153 -19.76 4.54 64.18
CA LEU B 153 -18.78 5.19 63.31
C LEU B 153 -18.11 4.22 62.34
N SER B 154 -18.11 4.60 61.07
CA SER B 154 -17.33 3.93 60.04
C SER B 154 -16.34 4.93 59.44
N THR B 155 -15.73 5.72 60.32
CA THR B 155 -14.90 6.85 59.91
C THR B 155 -13.66 6.98 60.79
N ARG B 156 -12.49 6.98 60.17
CA ARG B 156 -11.23 7.07 60.91
C ARG B 156 -11.04 8.44 61.55
N ILE B 157 -10.08 8.54 62.46
CA ILE B 157 -9.89 9.76 63.24
C ILE B 157 -8.43 10.23 63.28
N ILE B 158 -8.22 11.50 62.96
CA ILE B 158 -6.89 12.12 63.07
C ILE B 158 -6.90 13.16 64.17
N LEU B 159 -6.18 12.89 65.26
CA LEU B 159 -6.16 13.78 66.41
C LEU B 159 -4.87 14.60 66.47
N ILE B 160 -4.99 15.87 66.85
CA ILE B 160 -3.82 16.75 66.95
C ILE B 160 -3.73 17.41 68.32
N ASP B 161 -2.61 17.17 68.99
CA ASP B 161 -2.35 17.74 70.31
C ASP B 161 -1.79 19.15 70.17
N CYS B 162 -2.40 20.10 70.87
CA CYS B 162 -1.97 21.49 70.79
C CYS B 162 -1.29 21.94 72.07
N GLY B 163 -1.24 21.06 73.07
CA GLY B 163 -0.63 21.38 74.35
C GLY B 163 0.52 20.46 74.69
N SER B 173 -4.42 8.85 77.71
CA SER B 173 -5.03 7.54 77.99
C SER B 173 -6.53 7.58 77.74
N ASN B 174 -7.16 8.71 78.04
CA ASN B 174 -8.59 8.87 77.82
C ASN B 174 -8.94 9.02 76.34
N TRP B 175 -8.24 9.93 75.68
CA TRP B 175 -8.44 10.15 74.24
C TRP B 175 -8.00 8.94 73.44
N LEU B 176 -6.98 8.25 73.94
CA LEU B 176 -6.42 7.07 73.27
C LEU B 176 -7.45 5.99 73.02
N LYS B 177 -8.39 5.84 73.94
CA LYS B 177 -9.42 4.80 73.84
C LYS B 177 -10.22 4.90 72.55
N LEU B 178 -10.47 6.12 72.09
CA LEU B 178 -11.19 6.34 70.84
C LEU B 178 -10.31 5.98 69.65
N VAL B 179 -9.08 6.46 69.67
CA VAL B 179 -8.13 6.25 68.59
C VAL B 179 -7.79 4.77 68.41
N GLU B 180 -7.56 4.08 69.52
CA GLU B 180 -7.21 2.67 69.50
C GLU B 180 -8.36 1.81 68.97
N ALA B 181 -9.59 2.25 69.23
CA ALA B 181 -10.77 1.50 68.83
C ALA B 181 -11.04 1.64 67.32
N ILE B 182 -11.13 2.89 66.87
CA ILE B 182 -11.43 3.16 65.46
C ILE B 182 -10.26 2.76 64.55
N PRO B 183 -10.55 1.91 63.56
CA PRO B 183 -9.56 1.41 62.60
C PRO B 183 -8.79 2.52 61.88
N ASN B 184 -7.47 2.36 61.78
CA ASN B 184 -6.60 3.31 61.10
C ASN B 184 -6.75 4.75 61.59
N SER B 185 -6.62 4.93 62.90
CA SER B 185 -6.65 6.26 63.49
C SER B 185 -5.27 6.63 64.03
N ARG B 186 -4.91 7.90 63.91
CA ARG B 186 -3.57 8.34 64.31
C ARG B 186 -3.59 9.60 65.15
N ILE B 187 -2.45 9.91 65.77
CA ILE B 187 -2.31 11.09 66.62
C ILE B 187 -1.03 11.87 66.27
N TYR B 188 -1.17 13.17 66.05
CA TYR B 188 -0.03 14.02 65.71
C TYR B 188 0.06 15.23 66.63
N ASN B 189 1.20 15.90 66.61
CA ASN B 189 1.37 17.15 67.34
C ASN B 189 0.97 18.33 66.47
N MET B 190 0.88 19.51 67.07
CA MET B 190 0.51 20.72 66.32
C MET B 190 1.72 21.25 65.56
N ASN B 191 2.83 21.41 66.26
CA ASN B 191 4.07 21.86 65.64
C ASN B 191 4.63 20.82 64.69
N GLU B 192 4.09 19.60 64.80
CA GLU B 192 4.43 18.53 63.88
C GLU B 192 3.82 18.81 62.50
N LEU B 193 2.64 19.43 62.51
CA LEU B 193 1.97 19.83 61.28
C LEU B 193 2.50 21.17 60.79
N LEU B 194 2.76 22.07 61.73
CA LEU B 194 3.24 23.41 61.41
C LEU B 194 4.62 23.40 60.75
N VAL B 195 5.35 22.31 60.94
CA VAL B 195 6.68 22.19 60.34
C VAL B 195 6.59 21.43 59.01
N GLU B 196 5.54 20.62 58.87
CA GLU B 196 5.33 19.85 57.65
C GLU B 196 4.87 20.74 56.50
N ILE B 197 3.98 21.68 56.81
CA ILE B 197 3.45 22.60 55.81
C ILE B 197 4.42 23.72 55.49
N THR B 198 5.51 23.77 56.24
CA THR B 198 6.57 24.76 56.04
C THR B 198 7.67 24.19 55.17
N SER B 199 8.00 22.92 55.39
CA SER B 199 9.06 22.24 54.66
C SER B 199 8.65 21.88 53.24
N PRO B 200 9.60 21.94 52.30
CA PRO B 200 9.34 21.59 50.89
C PRO B 200 8.88 20.15 50.71
N ALA B 201 7.97 19.92 49.77
CA ALA B 201 7.48 18.58 49.49
C ALA B 201 7.57 18.25 48.01
N THR B 202 8.21 17.14 47.69
CA THR B 202 8.35 16.69 46.31
C THR B 202 7.00 16.20 45.77
N SER B 203 6.65 16.65 44.57
CA SER B 203 5.41 16.22 43.93
C SER B 203 5.48 14.77 43.49
N VAL B 204 4.43 14.02 43.76
CA VAL B 204 4.36 12.62 43.38
C VAL B 204 3.70 12.47 42.00
N VAL B 205 4.51 12.18 40.99
CA VAL B 205 4.01 11.96 39.65
C VAL B 205 3.88 10.47 39.34
N LYS B 206 2.67 10.02 39.01
CA LYS B 206 2.42 8.60 38.73
C LYS B 206 3.11 8.18 37.44
N PRO B 207 3.98 7.16 37.53
CA PRO B 207 4.76 6.67 36.39
C PRO B 207 3.88 6.17 35.25
N VAL B 208 4.22 6.57 34.02
CA VAL B 208 3.46 6.21 32.84
C VAL B 208 4.38 5.71 31.73
N ARG B 209 4.06 4.53 31.21
CA ARG B 209 4.86 3.86 30.20
C ARG B 209 5.07 4.72 28.95
N VAL B 210 6.32 4.84 28.53
CA VAL B 210 6.69 5.69 27.40
C VAL B 210 7.15 4.81 26.24
N PHE B 211 7.33 3.52 26.50
CA PHE B 211 7.73 2.57 25.47
C PHE B 211 7.44 1.14 25.87
N SER B 212 7.07 0.32 24.88
CA SER B 212 6.83 -1.10 25.09
C SER B 212 7.34 -1.90 23.90
N GLY B 213 8.33 -2.77 24.15
CA GLY B 213 8.89 -3.57 23.08
C GLY B 213 9.85 -4.65 23.54
N GLU B 214 10.88 -4.89 22.73
CA GLU B 214 11.79 -5.98 22.97
C GLU B 214 13.23 -5.50 23.19
N LEU B 215 13.89 -6.08 24.18
CA LEU B 215 15.33 -5.92 24.36
C LEU B 215 16.02 -7.10 23.68
N ARG B 216 16.79 -6.83 22.63
CA ARG B 216 17.30 -7.91 21.77
C ARG B 216 18.81 -7.96 21.62
N LEU B 217 19.34 -9.18 21.57
CA LEU B 217 20.74 -9.42 21.25
C LEU B 217 20.83 -10.55 20.20
N GLY B 218 21.29 -10.21 19.00
CA GLY B 218 21.40 -11.19 17.94
C GLY B 218 20.11 -11.42 17.18
N ALA B 219 19.27 -10.40 17.11
CA ALA B 219 18.02 -10.48 16.38
C ALA B 219 18.26 -10.23 14.89
N ASP B 220 17.37 -10.78 14.06
CA ASP B 220 17.46 -10.61 12.62
C ASP B 220 16.99 -9.22 12.22
N ILE B 221 17.83 -8.50 11.47
CA ILE B 221 17.49 -7.17 10.99
C ILE B 221 16.23 -7.17 10.10
N LEU B 222 16.08 -8.20 9.29
CA LEU B 222 14.91 -8.31 8.42
C LEU B 222 13.63 -8.59 9.20
N SER B 223 13.77 -9.23 10.36
CA SER B 223 12.61 -9.59 11.17
C SER B 223 12.16 -8.45 12.08
N THR B 224 13.10 -7.66 12.57
CA THR B 224 12.80 -6.63 13.55
C THR B 224 12.46 -5.30 12.90
N GLN B 225 13.13 -4.99 11.79
CA GLN B 225 12.93 -3.71 11.13
C GLN B 225 11.78 -3.75 10.12
N THR B 226 10.64 -4.31 10.57
CA THR B 226 9.39 -4.27 9.82
C THR B 226 8.25 -3.96 10.79
N SER B 227 7.07 -3.64 10.25
CA SER B 227 5.91 -3.37 11.09
C SER B 227 5.22 -4.67 11.48
N ASN B 228 5.71 -5.78 10.90
CA ASN B 228 5.24 -7.10 11.29
C ASN B 228 5.69 -7.45 12.70
N PRO B 229 4.84 -8.15 13.46
CA PRO B 229 5.23 -8.63 14.79
C PRO B 229 6.00 -9.94 14.59
N SER B 230 7.14 -9.86 13.91
CA SER B 230 7.95 -11.05 13.62
C SER B 230 8.65 -11.40 14.93
N GLY B 231 8.10 -12.40 15.61
CA GLY B 231 8.58 -12.79 16.93
C GLY B 231 10.01 -13.27 16.97
N SER B 232 10.89 -12.42 17.50
CA SER B 232 12.26 -12.82 17.78
C SER B 232 12.29 -13.60 19.09
N MET B 233 11.12 -13.70 19.73
CA MET B 233 10.95 -14.49 20.93
C MET B 233 11.13 -15.98 20.63
N GLN B 234 10.75 -16.38 19.42
CA GLN B 234 10.85 -17.78 19.01
C GLN B 234 12.17 -18.04 18.27
N ASP B 235 13.07 -17.06 18.30
CA ASP B 235 14.37 -17.22 17.67
C ASP B 235 15.40 -17.68 18.71
N GLU B 236 15.90 -18.90 18.54
CA GLU B 236 16.79 -19.53 19.51
C GLU B 236 18.24 -19.08 19.33
N ASN B 237 18.46 -18.15 18.40
CA ASN B 237 19.77 -17.55 18.22
C ASN B 237 19.78 -16.13 18.77
N CYS B 238 18.74 -15.78 19.50
CA CYS B 238 18.55 -14.42 19.97
C CYS B 238 18.22 -14.35 21.46
N LEU B 239 18.79 -13.36 22.14
CA LEU B 239 18.37 -13.01 23.50
C LEU B 239 17.24 -12.00 23.41
N CYS B 240 16.02 -12.42 23.74
CA CYS B 240 14.88 -11.53 23.59
C CYS B 240 14.09 -11.41 24.89
N ILE B 241 14.15 -10.21 25.47
CA ILE B 241 13.44 -9.92 26.70
C ILE B 241 12.39 -8.82 26.46
N LYS B 242 11.15 -9.07 26.84
CA LYS B 242 10.11 -8.04 26.73
C LYS B 242 10.31 -7.00 27.83
N VAL B 243 10.47 -5.74 27.43
CA VAL B 243 10.75 -4.68 28.39
C VAL B 243 9.84 -3.48 28.21
N GLU B 244 9.77 -2.64 29.24
CA GLU B 244 9.04 -1.39 29.21
C GLU B 244 9.98 -0.23 29.52
N ALA B 245 9.58 0.99 29.16
CA ALA B 245 10.38 2.17 29.47
C ALA B 245 9.56 3.22 30.20
N PHE B 246 10.16 3.79 31.25
CA PHE B 246 9.54 4.84 32.04
C PHE B 246 10.54 5.99 32.10
N PRO B 247 10.08 7.20 32.43
CA PRO B 247 10.99 8.34 32.55
C PRO B 247 11.66 8.23 33.92
N ALA B 248 12.99 8.38 33.92
CA ALA B 248 13.75 8.37 35.17
C ALA B 248 14.00 9.79 35.67
N THR B 249 14.53 10.63 34.79
CA THR B 249 14.68 12.04 35.09
C THR B 249 13.95 12.87 34.04
N LYS B 250 13.26 13.91 34.48
CA LYS B 250 12.58 14.81 33.56
C LYS B 250 12.65 16.25 34.08
N ALA B 251 13.02 17.15 33.19
CA ALA B 251 13.24 18.55 33.57
C ALA B 251 11.94 19.25 33.93
N VAL B 252 11.99 20.09 34.95
CA VAL B 252 10.86 20.92 35.31
C VAL B 252 11.20 22.41 35.17
N SER B 253 10.20 23.22 34.85
CA SER B 253 10.43 24.63 34.59
C SER B 253 9.58 25.53 35.48
N GLY B 254 9.07 24.97 36.58
CA GLY B 254 8.30 25.74 37.54
C GLY B 254 6.80 25.59 37.37
N LEU B 255 6.04 26.46 38.02
CA LEU B 255 4.59 26.45 37.91
C LEU B 255 4.16 26.83 36.51
N ASN B 256 3.24 26.06 35.94
CA ASN B 256 2.68 26.40 34.65
C ASN B 256 1.97 27.73 34.72
N ARG B 257 2.24 28.59 33.74
CA ARG B 257 1.62 29.91 33.70
C ARG B 257 0.58 30.00 32.58
N LYS B 258 -0.34 30.93 32.73
CA LYS B 258 -1.47 31.04 31.82
C LYS B 258 -1.40 32.34 31.03
N THR B 259 -1.45 32.23 29.71
CA THR B 259 -1.52 33.42 28.87
C THR B 259 -2.95 33.98 28.91
N ALA B 260 -3.08 35.26 29.22
CA ALA B 260 -4.40 35.84 29.40
C ALA B 260 -4.43 37.33 29.10
N VAL B 261 -5.64 37.86 28.91
CA VAL B 261 -5.87 39.31 28.82
C VAL B 261 -6.79 39.71 29.95
N GLU B 262 -6.68 40.95 30.39
CA GLU B 262 -7.48 41.41 31.51
C GLU B 262 -8.85 41.91 31.06
N VAL B 263 -9.88 41.57 31.84
CA VAL B 263 -11.24 42.01 31.56
C VAL B 263 -11.85 42.70 32.78
N GLU B 264 -12.91 43.46 32.55
CA GLU B 264 -13.60 44.16 33.63
C GLU B 264 -14.83 43.38 34.10
N ASP B 265 -15.22 43.61 35.35
CA ASP B 265 -16.39 42.96 35.92
C ASP B 265 -16.97 43.80 37.06
N SER B 266 -18.10 43.34 37.60
CA SER B 266 -18.80 44.07 38.66
C SER B 266 -17.94 44.19 39.92
N GLN B 267 -17.19 43.13 40.20
CA GLN B 267 -16.29 43.13 41.35
C GLN B 267 -14.85 43.11 40.84
N LYS B 268 -14.32 44.27 40.51
CA LYS B 268 -13.04 44.36 39.85
C LYS B 268 -11.88 43.95 40.75
N LYS B 269 -11.69 42.64 40.88
CA LYS B 269 -10.41 42.10 41.27
C LYS B 269 -9.67 41.88 39.96
N GLU B 270 -8.41 41.46 40.00
CA GLU B 270 -7.70 41.21 38.75
C GLU B 270 -8.34 40.01 38.04
N ARG B 271 -9.27 40.31 37.14
CA ARG B 271 -10.02 39.28 36.41
C ARG B 271 -9.45 39.06 35.01
N TYR B 272 -9.06 37.83 34.72
CA TYR B 272 -8.46 37.49 33.43
C TYR B 272 -9.22 36.38 32.73
N VAL B 273 -9.12 36.36 31.40
CA VAL B 273 -9.62 35.24 30.60
C VAL B 273 -8.48 34.69 29.76
N GLY B 274 -8.47 33.36 29.59
CA GLY B 274 -7.44 32.72 28.79
C GLY B 274 -7.56 33.12 27.33
N VAL B 275 -6.46 33.08 26.60
CA VAL B 275 -6.50 33.37 25.17
C VAL B 275 -5.97 32.21 24.35
N LYS B 276 -6.47 32.10 23.13
CA LYS B 276 -5.99 31.08 22.20
C LYS B 276 -5.19 31.73 21.10
N SER B 277 -4.46 30.92 20.34
CA SER B 277 -3.66 31.47 19.26
C SER B 277 -3.75 30.64 17.98
N ILE B 278 -3.69 31.33 16.84
CA ILE B 278 -3.70 30.69 15.54
C ILE B 278 -2.41 31.02 14.80
N ILE B 279 -2.13 30.30 13.73
CA ILE B 279 -0.96 30.58 12.90
C ILE B 279 -1.39 31.19 11.59
N GLU B 280 -0.94 32.41 11.32
CA GLU B 280 -1.24 33.08 10.06
C GLU B 280 0.03 33.20 9.23
N TYR B 281 -0.12 33.39 7.91
CA TYR B 281 1.02 33.47 7.03
C TYR B 281 0.98 34.76 6.22
N GLU B 282 2.13 35.42 6.13
CA GLU B 282 2.21 36.73 5.49
C GLU B 282 3.44 36.85 4.59
N ILE B 283 3.35 37.74 3.61
CA ILE B 283 4.49 38.09 2.78
C ILE B 283 4.82 39.56 2.97
N HIS B 284 6.05 39.95 2.67
CA HIS B 284 6.49 41.32 2.86
C HIS B 284 6.74 42.03 1.55
N ASN B 285 5.95 43.07 1.28
CA ASN B 285 6.18 43.93 0.14
C ASN B 285 6.91 45.19 0.55
N GLU B 286 8.23 45.21 0.34
CA GLU B 286 9.06 46.32 0.79
C GLU B 286 8.80 47.59 -0.02
N GLY B 287 8.88 48.73 0.66
CA GLY B 287 8.66 50.01 0.02
C GLY B 287 9.84 50.96 0.21
N GLY B 299 16.73 51.44 5.37
CA GLY B 299 16.13 51.10 4.09
C GLY B 299 14.63 50.90 4.17
N SER B 300 13.93 51.93 4.63
CA SER B 300 12.46 51.93 4.74
C SER B 300 11.94 50.74 5.54
N SER B 301 10.73 50.28 5.20
CA SER B 301 10.09 49.16 5.86
C SER B 301 9.20 48.39 4.89
N TYR B 302 8.66 47.27 5.33
CA TYR B 302 7.85 46.41 4.47
C TYR B 302 6.36 46.49 4.76
N ILE B 303 5.56 46.07 3.79
CA ILE B 303 4.09 46.05 3.95
C ILE B 303 3.60 44.61 4.04
N PRO B 304 3.29 44.16 5.27
CA PRO B 304 2.84 42.79 5.52
C PRO B 304 1.41 42.53 5.03
N VAL B 305 1.24 41.50 4.20
CA VAL B 305 -0.07 41.12 3.70
C VAL B 305 -0.37 39.66 4.01
N THR B 306 -1.47 39.41 4.71
CA THR B 306 -1.87 38.05 5.08
C THR B 306 -2.27 37.23 3.87
N ILE B 307 -1.65 36.07 3.72
CA ILE B 307 -1.95 35.18 2.61
C ILE B 307 -2.30 33.77 3.12
N SER B 308 -2.90 32.97 2.26
CA SER B 308 -3.38 31.64 2.65
C SER B 308 -2.24 30.62 2.74
N LYS B 309 -2.41 29.62 3.59
CA LYS B 309 -1.42 28.57 3.79
C LYS B 309 -1.32 27.69 2.54
N ASP B 310 -2.39 27.67 1.74
CA ASP B 310 -2.44 26.89 0.52
C ASP B 310 -1.38 27.33 -0.49
N SER B 311 -1.01 28.61 -0.42
CA SER B 311 -0.02 29.15 -1.33
C SER B 311 1.36 29.19 -0.70
N VAL B 312 1.51 28.50 0.43
CA VAL B 312 2.78 28.45 1.15
C VAL B 312 3.36 27.04 1.18
N THR B 313 4.64 26.92 0.85
CA THR B 313 5.31 25.64 0.88
C THR B 313 6.65 25.76 1.64
N LYS B 314 7.05 24.67 2.29
CA LYS B 314 8.31 24.62 3.01
C LYS B 314 9.46 24.37 2.04
N ALA B 315 10.52 25.18 2.14
CA ALA B 315 11.72 24.99 1.34
C ALA B 315 12.88 24.56 2.23
N TYR B 316 13.31 23.32 2.08
CA TYR B 316 14.41 22.80 2.89
C TYR B 316 15.75 23.29 2.35
N ARG B 317 16.70 23.49 3.25
CA ARG B 317 18.01 24.02 2.89
C ARG B 317 19.01 22.92 2.56
N TYR B 318 19.74 23.10 1.47
CA TYR B 318 20.89 22.26 1.19
C TYR B 318 22.06 23.14 0.76
N GLY B 319 22.87 23.52 1.75
CA GLY B 319 24.00 24.39 1.51
C GLY B 319 23.55 25.79 1.15
N ALA B 320 23.82 26.20 -0.09
CA ALA B 320 23.49 27.54 -0.54
C ALA B 320 22.17 27.57 -1.31
N ASP B 321 21.55 26.40 -1.47
CA ASP B 321 20.28 26.31 -2.19
C ASP B 321 19.13 25.92 -1.28
N TYR B 322 17.92 26.31 -1.68
CA TYR B 322 16.70 25.92 -0.97
C TYR B 322 15.80 25.11 -1.90
N VAL B 323 15.20 24.07 -1.35
CA VAL B 323 14.50 23.08 -2.16
C VAL B 323 13.07 22.78 -1.71
N VAL B 324 12.10 22.99 -2.60
CA VAL B 324 10.76 22.48 -2.37
C VAL B 324 10.63 21.14 -3.09
N LEU B 325 10.42 20.08 -2.31
CA LEU B 325 10.32 18.74 -2.85
C LEU B 325 8.88 18.45 -3.27
N PRO B 326 8.71 17.69 -4.36
CA PRO B 326 7.41 17.10 -4.69
C PRO B 326 6.91 16.22 -3.54
N SER B 327 5.61 16.11 -3.39
CA SER B 327 5.00 15.44 -2.23
C SER B 327 5.55 14.03 -1.97
N VAL B 328 5.75 13.26 -3.04
CA VAL B 328 6.21 11.87 -2.89
C VAL B 328 7.63 11.79 -2.34
N LEU B 329 8.44 12.80 -2.62
CA LEU B 329 9.82 12.84 -2.16
C LEU B 329 9.93 13.39 -0.75
N VAL B 330 8.92 14.15 -0.34
CA VAL B 330 8.85 14.65 1.03
C VAL B 330 8.60 13.51 2.01
N ASP B 331 8.06 12.40 1.50
CA ASP B 331 7.82 11.21 2.31
C ASP B 331 9.13 10.43 2.40
N GLN B 332 9.93 10.47 1.33
CA GLN B 332 11.18 9.74 1.27
C GLN B 332 12.20 10.27 2.28
N THR B 333 12.06 11.55 2.64
CA THR B 333 12.99 12.16 3.58
C THR B 333 12.89 11.53 4.96
N VAL B 334 11.72 11.00 5.30
CA VAL B 334 11.50 10.39 6.60
C VAL B 334 12.04 8.96 6.65
N TYR B 335 13.02 8.74 7.53
CA TYR B 335 13.65 7.43 7.67
C TYR B 335 12.74 6.48 8.43
N GLU B 336 12.32 5.41 7.76
CA GLU B 336 11.39 4.46 8.37
C GLU B 336 12.09 3.65 9.45
N SER B 337 11.78 3.97 10.70
CA SER B 337 12.36 3.29 11.85
C SER B 337 11.29 2.50 12.60
N PHE B 338 11.72 1.47 13.32
CA PHE B 338 10.78 0.56 13.97
C PHE B 338 11.12 0.36 15.45
N PRO B 339 10.09 0.32 16.31
CA PRO B 339 10.27 0.28 17.76
C PRO B 339 11.09 -0.91 18.22
N GLY B 340 12.20 -0.64 18.92
CA GLY B 340 13.02 -1.70 19.47
C GLY B 340 14.20 -1.20 20.27
N LEU B 341 14.82 -2.12 21.01
CA LEU B 341 16.04 -1.83 21.77
C LEU B 341 17.06 -2.93 21.50
N ASP B 342 18.06 -2.63 20.66
CA ASP B 342 18.97 -3.65 20.19
C ASP B 342 20.38 -3.45 20.74
N LEU B 343 20.87 -4.45 21.47
CA LEU B 343 22.19 -4.39 22.10
C LEU B 343 23.32 -4.42 21.08
N ARG B 344 24.21 -3.45 21.17
CA ARG B 344 25.37 -3.36 20.29
C ARG B 344 26.61 -3.97 20.92
N GLY B 345 26.73 -3.83 22.23
CA GLY B 345 27.86 -4.39 22.95
C GLY B 345 27.94 -3.96 24.39
N PHE B 346 29.07 -4.27 25.02
CA PHE B 346 29.30 -3.92 26.42
C PHE B 346 30.69 -3.31 26.61
N LEU B 347 30.82 -2.46 27.62
CA LEU B 347 32.13 -1.97 28.04
C LEU B 347 32.11 -1.66 29.53
N ASN B 348 33.28 -1.38 30.10
CA ASN B 348 33.36 -0.97 31.49
C ASN B 348 32.87 0.47 31.65
N ARG B 349 32.33 0.78 32.83
CA ARG B 349 31.85 2.13 33.15
C ARG B 349 32.89 3.21 32.82
N GLU B 350 34.11 3.00 33.31
CA GLU B 350 35.19 3.97 33.15
C GLU B 350 35.64 4.11 31.70
N ALA B 351 35.20 3.18 30.85
CA ALA B 351 35.58 3.21 29.43
C ALA B 351 34.69 4.17 28.66
N LEU B 352 33.54 4.49 29.25
CA LEU B 352 32.59 5.40 28.62
C LEU B 352 32.72 6.80 29.22
N PRO B 353 33.19 7.76 28.41
CA PRO B 353 33.27 9.17 28.86
C PRO B 353 31.90 9.68 29.34
N ARG B 354 31.88 10.26 30.52
CA ARG B 354 30.64 10.70 31.16
C ARG B 354 29.92 11.78 30.35
N TYR B 355 30.69 12.63 29.69
CA TYR B 355 30.10 13.73 28.93
C TYR B 355 29.41 13.27 27.64
N PHE B 356 29.42 11.97 27.37
CA PHE B 356 28.74 11.43 26.21
C PHE B 356 27.23 11.42 26.40
N LEU B 357 26.80 11.49 27.66
CA LEU B 357 25.38 11.43 27.99
C LEU B 357 24.70 12.77 27.71
N THR B 358 23.75 12.79 26.77
CA THR B 358 23.24 14.04 26.22
C THR B 358 21.77 14.33 26.53
N SER B 359 21.07 13.35 27.08
CA SER B 359 19.63 13.49 27.26
C SER B 359 19.14 13.17 28.66
N GLU B 360 17.82 13.28 28.84
CA GLU B 360 17.19 12.85 30.08
C GLU B 360 17.24 11.32 30.15
N SER B 361 17.16 10.77 31.36
CA SER B 361 17.27 9.33 31.54
C SER B 361 15.90 8.66 31.66
N SER B 362 15.86 7.37 31.34
CA SER B 362 14.63 6.59 31.42
C SER B 362 14.90 5.21 32.02
N PHE B 363 13.93 4.68 32.76
CA PHE B 363 14.03 3.32 33.27
C PHE B 363 13.73 2.31 32.16
N ILE B 364 14.46 1.20 32.16
CA ILE B 364 14.07 0.04 31.37
C ILE B 364 13.76 -1.08 32.35
N THR B 365 12.51 -1.51 32.37
CA THR B 365 12.10 -2.59 33.26
C THR B 365 11.52 -3.75 32.44
N ALA B 366 11.55 -4.93 33.02
CA ALA B 366 10.97 -6.10 32.37
C ALA B 366 9.45 -5.98 32.27
N ASP B 367 8.89 -6.58 31.23
CA ASP B 367 7.46 -6.53 30.99
C ASP B 367 6.79 -7.80 31.47
N THR B 368 6.31 -7.80 32.70
CA THR B 368 5.54 -8.92 33.23
C THR B 368 4.07 -8.76 32.91
N ARG B 369 3.71 -7.59 32.38
CA ARG B 369 2.35 -7.30 31.96
C ARG B 369 2.03 -8.02 30.65
N LEU B 370 2.76 -7.66 29.61
CA LEU B 370 2.51 -8.19 28.27
C LEU B 370 3.33 -9.45 28.03
N GLY B 371 4.43 -9.59 28.75
CA GLY B 371 5.28 -10.76 28.63
C GLY B 371 5.08 -11.71 29.79
N CYS B 372 5.87 -12.78 29.83
CA CYS B 372 5.76 -13.77 30.89
C CYS B 372 6.76 -13.48 32.01
N GLN B 373 6.74 -14.32 33.04
CA GLN B 373 7.58 -14.12 34.22
C GLN B 373 9.04 -14.51 33.98
N SER B 374 9.34 -15.04 32.79
CA SER B 374 10.71 -15.36 32.43
C SER B 374 11.48 -14.09 32.08
N ASP B 375 10.75 -13.07 31.64
CA ASP B 375 11.37 -11.80 31.29
C ASP B 375 11.97 -11.12 32.51
N LEU B 376 11.21 -11.10 33.60
CA LEU B 376 11.66 -10.46 34.84
C LEU B 376 12.89 -11.16 35.40
N MET B 377 12.93 -12.48 35.24
CA MET B 377 14.04 -13.27 35.73
C MET B 377 15.28 -13.04 34.88
N ALA B 378 15.13 -13.17 33.57
CA ALA B 378 16.25 -13.02 32.64
C ALA B 378 16.79 -11.59 32.64
N PHE B 379 15.89 -10.63 32.79
CA PHE B 379 16.28 -9.22 32.79
C PHE B 379 17.10 -8.88 34.04
N SER B 380 16.64 -9.39 35.19
CA SER B 380 17.33 -9.16 36.45
C SER B 380 18.70 -9.84 36.46
N ALA B 381 18.80 -10.98 35.78
CA ALA B 381 20.06 -11.69 35.69
C ALA B 381 21.08 -10.88 34.89
N LEU B 382 20.59 -10.22 33.85
CA LEU B 382 21.44 -9.37 33.02
C LEU B 382 21.98 -8.17 33.81
N VAL B 383 21.08 -7.46 34.48
CA VAL B 383 21.45 -6.30 35.29
C VAL B 383 22.43 -6.69 36.39
N ASP B 384 22.16 -7.79 37.08
CA ASP B 384 23.04 -8.30 38.12
C ASP B 384 24.46 -8.49 37.62
N VAL B 385 24.61 -9.12 36.46
CA VAL B 385 25.92 -9.35 35.88
C VAL B 385 26.59 -8.01 35.55
N MET B 386 25.82 -7.08 34.98
CA MET B 386 26.34 -5.77 34.63
C MET B 386 26.78 -4.99 35.87
N LEU B 387 26.09 -5.20 36.98
CA LEU B 387 26.46 -4.56 38.24
C LEU B 387 27.75 -5.13 38.82
N GLU B 388 27.85 -6.46 38.83
CA GLU B 388 28.99 -7.15 39.42
C GLU B 388 30.28 -6.88 38.63
N ASN B 389 30.14 -6.73 37.32
CA ASN B 389 31.30 -6.50 36.47
C ASN B 389 31.46 -5.03 36.12
N ARG B 390 30.58 -4.19 36.68
CA ARG B 390 30.58 -2.75 36.44
C ARG B 390 30.57 -2.43 34.95
N LYS B 391 29.56 -2.96 34.25
CA LYS B 391 29.47 -2.81 32.81
C LYS B 391 28.35 -1.86 32.40
N ILE B 392 28.55 -1.19 31.28
CA ILE B 392 27.53 -0.36 30.66
C ILE B 392 27.26 -0.92 29.27
N ALA B 393 25.99 -1.01 28.88
CA ALA B 393 25.65 -1.52 27.56
C ALA B 393 25.40 -0.38 26.57
N VAL B 394 25.96 -0.52 25.37
CA VAL B 394 25.64 0.38 24.27
C VAL B 394 24.55 -0.26 23.42
N ALA B 395 23.49 0.49 23.14
CA ALA B 395 22.34 -0.07 22.43
C ALA B 395 21.75 0.88 21.39
N ARG B 396 20.90 0.33 20.53
CA ARG B 396 20.17 1.10 19.53
C ARG B 396 18.71 1.18 19.94
N TYR B 397 18.20 2.39 20.09
CA TYR B 397 16.86 2.58 20.63
C TYR B 397 15.92 3.34 19.69
N VAL B 398 14.72 2.79 19.53
CA VAL B 398 13.65 3.43 18.77
C VAL B 398 12.34 3.23 19.53
N SER B 399 11.69 4.31 19.91
CA SER B 399 10.51 4.24 20.77
C SER B 399 9.22 3.95 20.00
N LYS B 400 9.01 4.68 18.90
CA LYS B 400 7.82 4.49 18.08
C LYS B 400 8.19 4.29 16.61
N LYS B 401 7.20 4.02 15.77
CA LYS B 401 7.43 3.96 14.33
C LYS B 401 7.79 5.35 13.80
N ASP B 402 8.78 5.39 12.92
CA ASP B 402 9.25 6.63 12.31
C ASP B 402 9.72 7.65 13.35
N SER B 403 10.05 7.15 14.55
CA SER B 403 10.63 8.01 15.58
C SER B 403 12.15 8.09 15.39
N GLU B 404 12.79 9.01 16.12
CA GLU B 404 14.24 9.16 16.08
C GLU B 404 14.95 7.88 16.45
N VAL B 405 16.05 7.60 15.76
CA VAL B 405 16.92 6.50 16.09
C VAL B 405 17.98 7.02 17.05
N ASN B 406 18.18 6.34 18.16
CA ASN B 406 19.15 6.78 19.15
C ASN B 406 20.17 5.73 19.51
N MET B 407 21.43 6.15 19.62
CA MET B 407 22.45 5.37 20.29
C MET B 407 22.37 5.71 21.76
N CYS B 408 22.35 4.69 22.62
CA CYS B 408 22.13 4.96 24.02
C CYS B 408 23.00 4.10 24.93
N ALA B 409 23.22 4.59 26.13
CA ALA B 409 23.94 3.85 27.16
C ALA B 409 22.94 3.24 28.13
N LEU B 410 23.12 1.97 28.46
CA LEU B 410 22.26 1.27 29.39
C LEU B 410 23.00 0.97 30.68
N CYS B 411 22.79 1.82 31.68
CA CYS B 411 23.48 1.69 32.96
C CYS B 411 22.64 0.92 33.97
N PRO B 412 23.23 -0.10 34.61
CA PRO B 412 22.48 -0.89 35.61
C PRO B 412 22.26 -0.11 36.91
N VAL B 413 21.06 -0.26 37.47
CA VAL B 413 20.74 0.40 38.75
C VAL B 413 20.01 -0.54 39.70
N LEU B 414 20.11 -0.22 40.99
CA LEU B 414 19.33 -0.89 42.01
C LEU B 414 18.25 0.05 42.53
N ILE B 415 17.09 -0.50 42.88
CA ILE B 415 16.04 0.30 43.51
C ILE B 415 15.43 -0.45 44.68
N GLU B 416 15.72 0.02 45.89
CA GLU B 416 15.27 -0.66 47.09
C GLU B 416 13.77 -0.51 47.31
N HIS B 417 13.13 -1.61 47.70
CA HIS B 417 11.70 -1.61 47.97
C HIS B 417 11.43 -2.08 49.39
N SER B 418 10.45 -1.46 50.04
CA SER B 418 10.05 -1.88 51.38
C SER B 418 9.35 -3.25 51.31
N ASN B 419 9.93 -4.24 51.99
CA ASN B 419 9.54 -5.63 51.81
C ASN B 419 8.74 -6.21 52.96
N ILE B 420 7.97 -7.23 52.61
CA ILE B 420 7.15 -7.94 53.59
C ILE B 420 8.06 -8.61 54.64
N ASN B 421 9.20 -9.11 54.17
CA ASN B 421 10.19 -9.74 55.04
C ASN B 421 11.18 -8.71 55.62
N SER B 422 11.86 -9.07 56.71
CA SER B 422 12.85 -8.17 57.34
C SER B 422 14.07 -7.95 56.44
N GLU B 423 14.19 -8.76 55.40
CA GLU B 423 15.30 -8.60 54.47
C GLU B 423 15.03 -7.49 53.46
N LYS B 424 16.10 -6.82 53.05
CA LYS B 424 16.07 -5.76 52.03
C LYS B 424 15.68 -6.33 50.65
N LYS B 425 14.97 -5.52 49.87
CA LYS B 425 14.58 -5.92 48.53
C LYS B 425 15.09 -4.96 47.46
N PHE B 426 16.03 -5.42 46.63
CA PHE B 426 16.55 -4.61 45.52
C PHE B 426 15.95 -5.07 44.19
N VAL B 427 15.24 -4.17 43.52
CA VAL B 427 14.72 -4.46 42.18
C VAL B 427 15.72 -4.05 41.11
N LYS B 428 16.10 -5.00 40.27
CA LYS B 428 17.10 -4.74 39.25
C LYS B 428 16.47 -3.98 38.07
N SER B 429 17.17 -2.98 37.57
CA SER B 429 16.68 -2.19 36.44
C SER B 429 17.81 -1.52 35.66
N LEU B 430 17.47 -1.01 34.47
CA LEU B 430 18.44 -0.32 33.62
C LEU B 430 18.07 1.14 33.41
N THR B 431 19.07 2.00 33.22
CA THR B 431 18.83 3.40 32.90
C THR B 431 19.24 3.66 31.45
N LEU B 432 18.33 4.27 30.69
CA LEU B 432 18.60 4.58 29.29
C LEU B 432 18.89 6.05 29.10
N CYS B 433 19.96 6.36 28.39
CA CYS B 433 20.36 7.74 28.14
C CYS B 433 21.07 7.86 26.79
N ARG B 434 20.75 8.90 26.03
CA ARG B 434 21.18 9.01 24.64
C ARG B 434 22.66 9.32 24.48
N LEU B 435 23.29 8.63 23.54
CA LEU B 435 24.67 8.89 23.14
C LEU B 435 24.68 9.70 21.85
N PRO B 436 25.78 10.42 21.56
CA PRO B 436 25.80 11.31 20.40
C PRO B 436 26.15 10.62 19.08
N PHE B 437 25.54 11.09 17.99
CA PHE B 437 25.90 10.64 16.66
C PHE B 437 27.12 11.39 16.17
N ALA B 438 27.62 10.99 15.01
CA ALA B 438 28.77 11.65 14.40
C ALA B 438 28.53 13.14 14.22
N GLU B 439 27.36 13.49 13.71
CA GLU B 439 27.02 14.87 13.39
C GLU B 439 26.82 15.73 14.65
N ASP B 440 26.89 15.11 15.82
CA ASP B 440 26.60 15.81 17.06
C ASP B 440 27.83 16.43 17.73
N GLU B 441 28.99 15.83 17.53
CA GLU B 441 30.19 16.32 18.22
C GLU B 441 30.73 17.64 17.65
N ARG B 442 30.95 18.60 18.55
CA ARG B 442 31.43 19.92 18.17
C ARG B 442 32.86 20.13 18.65
N VAL B 443 33.54 19.03 18.96
CA VAL B 443 34.84 19.09 19.60
C VAL B 443 35.92 19.70 18.71
N THR B 444 36.74 20.56 19.32
CA THR B 444 37.90 21.14 18.64
C THR B 444 39.09 21.16 19.59
N ASP B 445 40.26 21.45 19.05
CA ASP B 445 41.44 21.63 19.88
C ASP B 445 41.37 22.91 20.72
N PHE B 446 41.48 22.76 22.03
CA PHE B 446 41.52 23.90 22.94
C PHE B 446 42.95 24.14 23.40
N PRO B 447 43.27 25.40 23.76
CA PRO B 447 44.63 25.71 24.25
C PRO B 447 44.94 25.01 25.57
N LYS B 448 46.19 24.56 25.72
CA LYS B 448 46.63 23.93 26.96
C LYS B 448 46.44 24.87 28.15
N LEU B 449 46.19 24.27 29.31
CA LEU B 449 45.93 25.04 30.53
C LEU B 449 47.02 24.80 31.57
N LEU B 450 47.54 23.58 31.62
CA LEU B 450 48.60 23.24 32.56
C LEU B 450 49.96 23.72 32.04
N ASP B 451 50.57 22.94 31.16
CA ASP B 451 51.81 23.35 30.51
C ASP B 451 51.51 24.25 29.32
N ARG B 452 51.25 25.51 29.59
CA ARG B 452 50.84 26.46 28.56
C ARG B 452 51.96 26.75 27.56
N THR B 453 51.58 26.95 26.31
CA THR B 453 52.54 27.30 25.27
C THR B 453 52.04 28.46 24.41
N THR B 454 52.88 28.95 23.52
CA THR B 454 52.45 29.93 22.53
C THR B 454 51.64 29.22 21.45
N THR B 455 51.08 29.99 20.53
CA THR B 455 50.29 29.40 19.44
C THR B 455 51.15 28.50 18.56
N SER B 456 52.39 28.92 18.35
CA SER B 456 53.35 28.11 17.59
C SER B 456 53.66 26.83 18.35
N GLY B 457 53.58 26.89 19.66
CA GLY B 457 53.76 25.73 20.50
C GLY B 457 55.00 25.73 21.37
N VAL B 458 55.68 26.87 21.45
CA VAL B 458 56.86 26.95 22.30
C VAL B 458 56.40 27.11 23.75
N PRO B 459 57.02 26.35 24.67
CA PRO B 459 56.65 26.33 26.09
C PRO B 459 56.71 27.71 26.74
N LEU B 460 55.56 28.17 27.23
CA LEU B 460 55.48 29.45 27.92
C LEU B 460 56.19 29.35 29.27
N LYS B 461 56.82 30.45 29.69
CA LYS B 461 57.57 30.50 30.94
C LYS B 461 56.69 30.16 32.14
N LYS B 462 57.16 29.21 32.95
CA LYS B 462 56.40 28.75 34.11
C LYS B 462 56.17 29.87 35.11
N GLU B 463 54.92 29.98 35.57
CA GLU B 463 54.50 31.05 36.47
C GLU B 463 55.30 31.10 37.76
N THR B 464 55.76 32.29 38.11
CA THR B 464 56.37 32.50 39.43
C THR B 464 55.28 32.47 40.48
N ASP B 465 55.68 32.25 41.74
CA ASP B 465 54.75 32.05 42.84
C ASP B 465 53.85 30.85 42.57
N GLY B 466 54.35 29.89 41.79
CA GLY B 466 53.58 28.75 41.37
C GLY B 466 53.30 27.74 42.46
N HIS B 467 54.29 27.49 43.31
CA HIS B 467 54.15 26.51 44.38
C HIS B 467 53.24 27.00 45.49
N GLN B 468 53.22 28.30 45.74
CA GLN B 468 52.40 28.87 46.78
C GLN B 468 50.93 28.86 46.37
N ILE B 469 50.70 28.96 45.07
CA ILE B 469 49.34 28.96 44.54
C ILE B 469 48.69 27.58 44.72
N ASP B 470 49.38 26.54 44.26
CA ASP B 470 48.88 25.18 44.37
C ASP B 470 48.73 24.75 45.83
N GLU B 471 49.51 25.36 46.71
CA GLU B 471 49.45 25.03 48.13
C GLU B 471 48.22 25.65 48.79
N LEU B 472 47.94 26.90 48.47
CA LEU B 472 46.79 27.61 49.03
C LEU B 472 45.48 27.13 48.41
N MET B 473 45.53 26.77 47.13
CA MET B 473 44.36 26.26 46.43
C MET B 473 43.91 24.93 47.04
N GLU B 474 44.88 24.15 47.46
CA GLU B 474 44.61 22.84 48.06
C GLU B 474 43.88 22.99 49.40
N GLN B 475 44.25 24.03 50.14
CA GLN B 475 43.58 24.34 51.41
C GLN B 475 42.18 24.91 51.16
N PHE B 476 42.03 25.63 50.05
CA PHE B 476 40.74 26.19 49.66
C PHE B 476 39.75 25.07 49.33
N VAL B 477 40.23 24.03 48.66
CA VAL B 477 39.41 22.88 48.30
C VAL B 477 39.02 22.09 49.56
N ASP B 478 39.95 21.97 50.50
CA ASP B 478 39.68 21.27 51.75
C ASP B 478 38.72 22.05 52.65
N SER B 479 38.75 23.38 52.53
CA SER B 479 37.93 24.25 53.36
C SER B 479 36.44 24.04 53.13
N MET B 480 36.09 23.61 51.92
CA MET B 480 34.70 23.41 51.55
C MET B 480 34.40 21.94 51.25
N ASP B 481 35.17 21.03 51.85
CA ASP B 481 34.94 19.60 51.69
C ASP B 481 33.59 19.18 52.26
N THR B 482 32.74 18.64 51.39
CA THR B 482 31.39 18.26 51.79
C THR B 482 31.25 16.76 51.98
N ASP B 483 32.37 16.04 51.97
CA ASP B 483 32.37 14.59 52.10
C ASP B 483 31.70 14.12 53.39
N GLU B 484 31.70 14.98 54.40
CA GLU B 484 31.04 14.69 55.67
C GLU B 484 29.53 14.56 55.45
N LEU B 485 29.02 15.23 54.43
CA LEU B 485 27.61 15.14 54.05
C LEU B 485 27.37 13.88 53.24
N PRO B 486 26.55 12.97 53.76
CA PRO B 486 26.36 11.63 53.20
C PRO B 486 25.63 11.57 51.85
N GLU B 487 26.16 10.77 50.94
CA GLU B 487 25.47 10.45 49.69
C GLU B 487 24.26 9.60 50.03
N ILE B 488 23.20 9.71 49.22
CA ILE B 488 22.02 8.90 49.39
C ILE B 488 22.42 7.41 49.33
N PRO B 489 21.87 6.60 50.26
CA PRO B 489 22.23 5.18 50.35
C PRO B 489 22.04 4.41 49.04
N LEU B 490 22.79 3.33 48.88
CA LEU B 490 22.74 2.52 47.66
C LEU B 490 21.32 2.06 47.35
N GLY B 491 20.89 2.32 46.12
CA GLY B 491 19.57 1.92 45.67
C GLY B 491 18.45 2.81 46.18
N ASN B 492 18.78 4.04 46.55
CA ASN B 492 17.77 4.97 47.08
C ASN B 492 17.73 6.31 46.36
N TYR B 493 18.56 6.49 45.34
CA TYR B 493 18.49 7.71 44.54
C TYR B 493 17.12 7.77 43.87
N TYR B 494 16.72 6.67 43.26
CA TYR B 494 15.36 6.52 42.77
C TYR B 494 14.51 5.82 43.83
N GLN B 495 13.22 6.09 43.79
CA GLN B 495 12.30 5.63 44.83
C GLN B 495 11.04 5.02 44.21
N PRO B 496 10.61 3.86 44.73
CA PRO B 496 9.39 3.21 44.24
C PRO B 496 8.18 4.10 44.46
N ILE B 497 7.23 4.04 43.52
CA ILE B 497 6.00 4.84 43.60
C ILE B 497 5.14 4.42 44.78
N GLY B 498 5.30 3.17 45.22
CA GLY B 498 4.50 2.64 46.31
C GLY B 498 4.82 3.21 47.67
N GLU B 499 6.07 3.65 47.87
CA GLU B 499 6.52 4.11 49.18
C GLU B 499 6.16 5.57 49.45
N VAL B 500 5.50 6.22 48.50
CA VAL B 500 5.11 7.60 48.67
C VAL B 500 3.60 7.80 48.51
N THR B 501 2.89 6.71 48.21
CA THR B 501 1.44 6.74 48.11
C THR B 501 0.81 6.53 49.48
N THR B 502 -0.12 7.39 49.84
CA THR B 502 -0.79 7.30 51.13
C THR B 502 -2.31 7.26 50.99
N ASP B 503 -2.98 7.01 52.11
CA ASP B 503 -4.43 6.87 52.12
C ASP B 503 -5.15 8.20 51.84
N THR B 504 -4.73 9.26 52.51
CA THR B 504 -5.40 10.55 52.38
C THR B 504 -4.50 11.61 51.75
N THR B 505 -5.12 12.66 51.23
CA THR B 505 -4.39 13.74 50.57
C THR B 505 -4.13 14.89 51.53
N LEU B 506 -4.14 14.62 52.83
CA LEU B 506 -3.87 15.63 53.83
C LEU B 506 -2.38 15.68 54.17
N PRO B 507 -1.81 16.90 54.23
CA PRO B 507 -0.41 17.09 54.58
C PRO B 507 -0.08 16.60 55.99
N LEU B 508 0.40 15.37 56.07
CA LEU B 508 0.80 14.76 57.35
C LEU B 508 2.30 14.48 57.34
N PRO B 509 2.93 14.42 58.53
CA PRO B 509 4.34 13.99 58.60
C PRO B 509 4.57 12.65 57.90
N SER B 510 5.74 12.51 57.26
CA SER B 510 6.07 11.36 56.42
C SER B 510 5.97 10.01 57.14
N LEU B 511 6.25 10.01 58.44
CA LEU B 511 6.22 8.80 59.26
C LEU B 511 7.31 7.78 58.85
N ASN B 512 7.88 7.95 57.65
CA ASN B 512 8.97 7.11 57.18
C ASN B 512 10.28 7.51 57.86
N LYS B 513 10.93 6.57 58.54
CA LYS B 513 12.14 6.89 59.31
C LYS B 513 13.38 7.04 58.43
N ASP B 514 13.39 6.38 57.27
CA ASP B 514 14.54 6.42 56.39
C ASP B 514 14.47 7.60 55.41
N GLN B 515 13.25 8.05 55.11
CA GLN B 515 13.05 9.11 54.13
C GLN B 515 13.52 10.46 54.66
N GLU B 516 13.36 10.67 55.96
CA GLU B 516 13.75 11.93 56.59
C GLU B 516 15.23 11.95 56.95
N GLU B 517 15.83 13.14 56.86
CA GLU B 517 17.25 13.33 57.11
C GLU B 517 18.11 12.45 56.21
N ASN B 518 17.52 12.02 55.10
CA ASN B 518 18.25 11.56 53.93
C ASN B 518 18.48 12.77 53.05
N LYS B 519 17.99 13.91 53.55
CA LYS B 519 17.97 15.16 52.82
C LYS B 519 19.24 15.97 53.06
N LYS B 520 20.30 15.29 53.51
CA LYS B 520 21.58 15.94 53.73
C LYS B 520 22.52 15.69 52.58
N ASP B 521 22.03 14.97 51.57
CA ASP B 521 22.77 14.81 50.33
C ASP B 521 22.77 16.15 49.61
N PRO B 522 23.95 16.79 49.49
CA PRO B 522 24.04 18.13 48.90
C PRO B 522 23.77 18.17 47.40
N LEU B 523 23.59 17.00 46.79
CA LEU B 523 23.35 16.92 45.35
C LEU B 523 21.93 16.46 45.04
N ARG B 524 21.07 16.53 46.05
CA ARG B 524 19.66 16.21 45.91
C ARG B 524 18.86 17.22 46.72
N ILE B 525 18.66 18.41 46.16
CA ILE B 525 17.98 19.49 46.86
C ILE B 525 16.61 19.80 46.25
N PRO B 526 15.68 20.34 47.07
CA PRO B 526 14.34 20.69 46.58
C PRO B 526 14.37 21.67 45.41
N THR B 527 13.33 21.66 44.59
CA THR B 527 13.25 22.56 43.46
C THR B 527 12.94 23.99 43.93
N VAL B 528 14.01 24.74 44.20
CA VAL B 528 13.92 26.02 44.89
C VAL B 528 12.94 27.02 44.28
N PHE B 529 13.02 27.20 42.96
CA PHE B 529 12.19 28.22 42.31
C PHE B 529 10.72 27.86 42.31
N VAL B 530 10.40 26.58 42.42
CA VAL B 530 9.01 26.14 42.49
C VAL B 530 8.43 26.39 43.88
N TYR B 531 9.20 26.02 44.90
CA TYR B 531 8.82 26.27 46.28
C TYR B 531 8.58 27.75 46.51
N ARG B 532 9.52 28.56 46.04
CA ARG B 532 9.44 30.01 46.15
C ARG B 532 8.15 30.55 45.52
N GLN B 533 7.77 29.99 44.38
CA GLN B 533 6.55 30.38 43.71
C GLN B 533 5.33 30.07 44.58
N GLN B 534 5.26 28.84 45.07
CA GLN B 534 4.17 28.40 45.92
C GLN B 534 4.10 29.20 47.22
N GLN B 535 5.27 29.43 47.82
CA GLN B 535 5.37 30.20 49.05
C GLN B 535 4.83 31.62 48.89
N VAL B 536 5.19 32.28 47.80
CA VAL B 536 4.78 33.65 47.54
C VAL B 536 3.29 33.72 47.21
N LEU B 537 2.81 32.80 46.37
CA LEU B 537 1.41 32.79 45.98
C LEU B 537 0.51 32.53 47.19
N LEU B 538 1.00 31.79 48.17
CA LEU B 538 0.24 31.54 49.38
C LEU B 538 0.11 32.81 50.21
N GLU B 539 1.21 33.55 50.34
CA GLU B 539 1.21 34.79 51.09
C GLU B 539 0.47 35.90 50.34
N TRP B 540 0.46 35.80 49.02
CA TRP B 540 -0.29 36.74 48.18
C TRP B 540 -1.78 36.62 48.50
N ILE B 541 -2.23 35.39 48.66
CA ILE B 541 -3.63 35.09 48.97
C ILE B 541 -3.96 35.47 50.41
N HIS B 542 -3.03 35.18 51.32
CA HIS B 542 -3.24 35.44 52.74
C HIS B 542 -3.34 36.93 53.05
N GLN B 543 -2.49 37.72 52.41
CA GLN B 543 -2.42 39.16 52.70
C GLN B 543 -3.43 39.99 51.91
N LEU B 544 -3.54 39.74 50.61
CA LEU B 544 -4.34 40.59 49.74
C LEU B 544 -5.79 40.14 49.60
N MET B 545 -6.05 38.84 49.76
CA MET B 545 -7.38 38.31 49.55
C MET B 545 -8.13 38.04 50.85
N ILE B 546 -7.40 37.69 51.90
CA ILE B 546 -8.02 37.32 53.16
C ILE B 546 -7.91 38.44 54.21
N ASN B 547 -6.72 39.01 54.34
CA ASN B 547 -6.50 40.10 55.29
C ASN B 547 -6.86 41.47 54.71
N ASP B 548 -7.22 41.49 53.43
CA ASP B 548 -7.65 42.69 52.73
C ASP B 548 -6.62 43.82 52.78
N SER B 549 -5.35 43.47 52.99
CA SER B 549 -4.28 44.45 52.94
C SER B 549 -4.11 44.96 51.51
N ARG B 550 -3.55 46.15 51.37
CA ARG B 550 -3.33 46.72 50.05
C ARG B 550 -1.85 46.81 49.72
N GLU B 551 -1.02 46.20 50.56
CA GLU B 551 0.42 46.15 50.32
C GLU B 551 0.94 44.73 50.55
N PHE B 552 1.59 44.19 49.53
CA PHE B 552 2.11 42.82 49.58
C PHE B 552 3.48 42.77 50.28
N GLU B 553 3.55 42.03 51.37
CA GLU B 553 4.81 41.79 52.05
C GLU B 553 5.37 40.42 51.71
N ILE B 554 6.25 40.39 50.73
CA ILE B 554 6.85 39.13 50.27
C ILE B 554 7.81 38.57 51.32
N PRO B 555 7.55 37.34 51.78
CA PRO B 555 8.33 36.74 52.87
C PRO B 555 9.74 36.32 52.45
N GLU B 556 10.56 36.01 53.44
CA GLU B 556 11.92 35.53 53.21
C GLU B 556 11.93 34.06 52.83
N LEU B 557 12.93 33.66 52.04
CA LEU B 557 13.15 32.26 51.75
C LEU B 557 13.68 31.57 53.02
N PRO B 558 13.08 30.43 53.40
CA PRO B 558 13.46 29.71 54.61
C PRO B 558 14.94 29.37 54.67
N ASP B 559 15.55 29.53 55.85
CA ASP B 559 16.98 29.26 56.02
C ASP B 559 17.32 27.82 55.67
N SER B 560 16.36 26.92 55.86
CA SER B 560 16.51 25.51 55.53
C SER B 560 16.82 25.32 54.04
N LEU B 561 16.20 26.14 53.20
CA LEU B 561 16.38 26.02 51.76
C LEU B 561 17.54 26.88 51.26
N LYS B 562 17.79 28.00 51.95
CA LYS B 562 18.90 28.88 51.63
C LYS B 562 20.24 28.18 51.79
N ASN B 563 20.35 27.37 52.83
CA ASN B 563 21.60 26.68 53.12
C ASN B 563 22.00 25.70 52.03
N LYS B 564 21.02 25.13 51.34
CA LYS B 564 21.27 24.14 50.30
C LYS B 564 21.85 24.74 49.03
N ILE B 565 21.77 26.06 48.91
CA ILE B 565 22.36 26.77 47.77
C ILE B 565 23.38 27.82 48.22
N SER B 566 23.92 27.64 49.42
CA SER B 566 24.95 28.54 49.96
C SER B 566 26.26 27.77 50.19
N PRO B 567 27.40 28.46 50.12
CA PRO B 567 28.72 27.85 50.30
C PRO B 567 28.84 27.10 51.61
N TYR B 568 29.23 25.83 51.53
CA TYR B 568 29.45 25.02 52.72
C TYR B 568 30.85 25.24 53.27
N THR B 569 30.95 25.41 54.59
CA THR B 569 32.24 25.59 55.23
C THR B 569 32.60 24.38 56.09
N HIS B 570 33.68 23.69 55.71
CA HIS B 570 34.18 22.57 56.48
C HIS B 570 35.22 23.06 57.48
N LYS B 571 36.18 23.83 56.97
CA LYS B 571 37.16 24.52 57.80
C LYS B 571 37.25 25.98 57.39
N LYS B 572 37.30 26.86 58.38
CA LYS B 572 37.44 28.28 58.11
C LYS B 572 38.76 28.57 57.41
N PHE B 573 38.69 29.40 56.37
CA PHE B 573 39.86 29.69 55.55
C PHE B 573 39.78 31.08 54.93
N ASP B 574 40.85 31.85 55.07
CA ASP B 574 40.91 33.18 54.46
C ASP B 574 41.64 33.12 53.12
N SER B 575 40.91 33.40 52.05
CA SER B 575 41.43 33.28 50.70
C SER B 575 42.05 34.59 50.23
N THR B 576 42.18 35.54 51.14
CA THR B 576 42.73 36.86 50.84
C THR B 576 44.14 36.76 50.26
N LYS B 577 44.94 35.85 50.81
CA LYS B 577 46.30 35.63 50.32
C LYS B 577 46.27 34.96 48.95
N LEU B 578 45.38 33.99 48.79
CA LEU B 578 45.23 33.26 47.53
C LEU B 578 44.84 34.19 46.39
N VAL B 579 43.90 35.09 46.66
CA VAL B 579 43.42 36.02 45.64
C VAL B 579 44.53 36.97 45.20
N GLU B 580 45.37 37.38 46.16
CA GLU B 580 46.47 38.31 45.88
C GLU B 580 47.53 37.70 44.97
N VAL B 581 47.87 36.44 45.23
CA VAL B 581 48.91 35.76 44.47
C VAL B 581 48.42 35.37 43.08
N LEU B 582 47.14 35.01 42.99
CA LEU B 582 46.53 34.68 41.72
C LEU B 582 46.45 35.89 40.80
N GLY B 583 46.39 37.08 41.41
CA GLY B 583 46.35 38.32 40.65
C GLY B 583 44.99 38.58 40.03
N ILE B 584 43.94 38.26 40.77
CA ILE B 584 42.58 38.39 40.26
C ILE B 584 42.11 39.85 40.21
N LYS B 585 41.85 40.33 39.01
CA LYS B 585 41.33 41.68 38.80
C LYS B 585 40.29 41.69 37.69
N LYS B 586 39.13 42.27 37.96
CA LYS B 586 38.10 42.41 36.95
C LYS B 586 38.53 43.44 35.91
N VAL B 587 38.25 43.15 34.65
CA VAL B 587 38.66 44.04 33.56
C VAL B 587 37.69 45.20 33.35
N LYS B 613 15.46 38.20 0.77
CA LYS B 613 16.30 38.13 -0.41
C LYS B 613 16.21 36.75 -1.06
N ARG B 614 15.33 35.92 -0.54
CA ARG B 614 15.19 34.54 -1.00
C ARG B 614 14.00 34.28 -1.92
N GLY B 615 14.23 34.37 -3.23
CA GLY B 615 13.20 34.12 -4.22
C GLY B 615 13.75 33.45 -5.47
N GLU B 616 15.07 33.43 -5.57
CA GLU B 616 15.76 32.79 -6.68
C GLU B 616 16.73 31.74 -6.16
N GLN B 617 16.90 31.71 -4.84
CA GLN B 617 17.74 30.71 -4.19
C GLN B 617 17.05 29.37 -4.27
N HIS B 618 15.79 29.40 -4.69
CA HIS B 618 15.06 28.20 -5.06
C HIS B 618 15.66 27.61 -6.33
N SER B 619 15.91 26.30 -6.32
CA SER B 619 16.64 25.66 -7.41
C SER B 619 15.98 24.39 -7.96
N ARG B 620 16.45 24.00 -9.15
CA ARG B 620 15.96 22.89 -10.00
C ARG B 620 14.95 23.42 -11.02
N ILE D 1 7.38 -0.16 -46.43
CA ILE D 1 7.37 0.83 -45.34
C ILE D 1 5.94 1.14 -44.91
N HIS D 2 5.03 1.20 -45.88
CA HIS D 2 3.65 1.58 -45.60
C HIS D 2 2.65 0.83 -46.47
N GLU D 3 2.12 -0.27 -45.95
CA GLU D 3 1.18 -1.09 -46.70
C GLU D 3 -0.27 -0.79 -46.33
N GLY D 4 -1.15 -0.79 -47.33
CA GLY D 4 -2.57 -0.59 -47.12
C GLY D 4 -3.41 -1.77 -47.59
N ILE D 5 -4.49 -2.05 -46.86
CA ILE D 5 -5.39 -3.13 -47.24
C ILE D 5 -6.83 -2.63 -47.37
N LEU D 6 -7.44 -2.89 -48.51
CA LEU D 6 -8.82 -2.49 -48.74
C LEU D 6 -9.76 -3.68 -48.64
N PHE D 7 -10.59 -3.72 -47.61
CA PHE D 7 -11.58 -4.78 -47.44
C PHE D 7 -12.81 -4.52 -48.31
N CYS D 8 -13.16 -5.50 -49.13
CA CYS D 8 -14.35 -5.40 -49.99
C CYS D 8 -15.20 -6.66 -49.86
N ILE D 9 -16.37 -6.50 -49.25
CA ILE D 9 -17.20 -7.64 -48.88
C ILE D 9 -18.53 -7.62 -49.61
N GLU D 10 -18.82 -8.69 -50.36
CA GLU D 10 -20.05 -8.80 -51.13
C GLU D 10 -21.17 -9.43 -50.30
N LEU D 11 -22.30 -8.73 -50.21
CA LEU D 11 -23.45 -9.22 -49.45
C LEU D 11 -24.30 -10.21 -50.25
N SER D 12 -24.77 -11.23 -49.57
CA SER D 12 -25.67 -12.21 -50.16
C SER D 12 -26.44 -12.92 -49.06
N GLU D 13 -27.44 -13.71 -49.44
CA GLU D 13 -28.25 -14.43 -48.46
C GLU D 13 -27.40 -15.37 -47.59
N THR D 14 -26.49 -16.09 -48.23
CA THR D 14 -25.69 -17.10 -47.55
C THR D 14 -24.61 -16.50 -46.65
N MET D 15 -24.30 -15.23 -46.86
CA MET D 15 -23.31 -14.55 -46.03
C MET D 15 -23.90 -14.17 -44.67
N PHE D 16 -25.22 -14.06 -44.61
CA PHE D 16 -25.91 -13.68 -43.38
C PHE D 16 -26.33 -14.87 -42.53
N LYS D 17 -26.51 -16.03 -43.16
CA LYS D 17 -27.01 -17.22 -42.47
C LYS D 17 -25.91 -17.98 -41.74
N GLU D 18 -26.21 -18.42 -40.53
CA GLU D 18 -25.23 -19.09 -39.68
C GLU D 18 -24.79 -20.42 -40.28
N SER D 19 -23.48 -20.62 -40.34
CA SER D 19 -22.91 -21.79 -40.98
C SER D 19 -22.35 -22.79 -39.95
N SER D 20 -22.66 -24.07 -40.15
CA SER D 20 -22.21 -25.13 -39.26
C SER D 20 -20.70 -25.28 -39.26
N ASP D 21 -20.06 -24.83 -40.34
CA ASP D 21 -18.60 -24.91 -40.45
C ASP D 21 -17.93 -23.81 -39.64
N LEU D 22 -18.73 -22.87 -39.16
CA LEU D 22 -18.24 -21.72 -38.41
C LEU D 22 -18.73 -21.74 -36.97
N GLU D 23 -18.98 -22.94 -36.45
CA GLU D 23 -19.58 -23.12 -35.13
C GLU D 23 -20.89 -22.34 -35.04
N TYR D 24 -21.66 -22.40 -36.11
CA TYR D 24 -22.94 -21.72 -36.24
C TYR D 24 -22.79 -20.22 -36.00
N LYS D 25 -21.94 -19.60 -36.79
CA LYS D 25 -21.69 -18.17 -36.77
C LYS D 25 -21.67 -17.66 -38.21
N SER D 26 -22.23 -16.48 -38.44
CA SER D 26 -22.33 -15.93 -39.79
C SER D 26 -20.95 -15.66 -40.40
N PRO D 27 -20.79 -15.96 -41.70
CA PRO D 27 -19.57 -15.64 -42.43
C PRO D 27 -19.31 -14.14 -42.42
N LEU D 28 -20.38 -13.36 -42.57
CA LEU D 28 -20.28 -11.90 -42.46
C LEU D 28 -19.78 -11.50 -41.08
N LEU D 29 -20.29 -12.17 -40.05
CA LEU D 29 -19.85 -11.91 -38.69
C LEU D 29 -18.40 -12.33 -38.51
N GLU D 30 -18.03 -13.44 -39.14
CA GLU D 30 -16.68 -13.97 -39.05
C GLU D 30 -15.66 -13.00 -39.65
N ILE D 31 -16.03 -12.37 -40.76
CA ILE D 31 -15.16 -11.39 -41.41
C ILE D 31 -14.99 -10.16 -40.52
N LEU D 32 -16.09 -9.71 -39.93
CA LEU D 32 -16.07 -8.56 -39.03
C LEU D 32 -15.18 -8.80 -37.83
N GLU D 33 -15.34 -9.96 -37.20
CA GLU D 33 -14.52 -10.32 -36.04
C GLU D 33 -13.06 -10.48 -36.42
N SER D 34 -12.82 -10.98 -37.62
CA SER D 34 -11.47 -11.14 -38.14
C SER D 34 -10.82 -9.77 -38.34
N LEU D 35 -11.64 -8.80 -38.70
CA LEU D 35 -11.16 -7.44 -38.92
C LEU D 35 -10.82 -6.76 -37.60
N ASP D 36 -11.60 -7.04 -36.55
CA ASP D 36 -11.34 -6.49 -35.23
C ASP D 36 -10.02 -7.02 -34.72
N GLU D 37 -9.81 -8.33 -34.87
CA GLU D 37 -8.57 -8.97 -34.47
C GLU D 37 -7.38 -8.44 -35.26
N LEU D 38 -7.56 -8.30 -36.58
CA LEU D 38 -6.49 -7.83 -37.45
C LEU D 38 -5.90 -6.51 -36.96
N MET D 39 -6.78 -5.55 -36.68
CA MET D 39 -6.35 -4.23 -36.24
C MET D 39 -5.82 -4.27 -34.81
N SER D 40 -6.37 -5.16 -33.98
CA SER D 40 -5.86 -5.37 -32.64
C SER D 40 -4.41 -5.83 -32.65
N GLN D 41 -4.06 -6.65 -33.65
CA GLN D 41 -2.73 -7.21 -33.77
C GLN D 41 -1.77 -6.24 -34.44
N LEU D 42 -2.21 -5.61 -35.52
CA LEU D 42 -1.34 -4.73 -36.29
C LEU D 42 -0.97 -3.46 -35.54
N VAL D 43 -1.83 -3.02 -34.63
CA VAL D 43 -1.53 -1.81 -33.85
C VAL D 43 -0.35 -2.08 -32.91
N ILE D 44 -0.13 -3.36 -32.61
CA ILE D 44 1.02 -3.80 -31.85
C ILE D 44 2.20 -4.10 -32.77
N THR D 45 1.89 -4.80 -33.86
CA THR D 45 2.90 -5.37 -34.74
C THR D 45 3.36 -4.43 -35.85
N ARG D 46 2.42 -3.74 -36.49
CA ARG D 46 2.76 -2.83 -37.58
C ARG D 46 1.75 -1.69 -37.71
N PRO D 47 1.77 -0.76 -36.75
CA PRO D 47 0.78 0.31 -36.67
C PRO D 47 0.70 1.20 -37.91
N GLY D 48 1.79 1.28 -38.67
CA GLY D 48 1.81 2.05 -39.90
C GLY D 48 1.16 1.32 -41.06
N THR D 49 -0.08 0.90 -40.87
CA THR D 49 -0.81 0.17 -41.89
C THR D 49 -2.17 0.83 -42.11
N ALA D 50 -2.53 1.04 -43.37
CA ALA D 50 -3.83 1.58 -43.70
C ALA D 50 -4.84 0.47 -43.91
N ILE D 51 -6.03 0.63 -43.34
CA ILE D 51 -7.11 -0.35 -43.50
C ILE D 51 -8.42 0.37 -43.78
N GLY D 52 -9.13 -0.10 -44.80
CA GLY D 52 -10.45 0.41 -45.13
C GLY D 52 -11.43 -0.75 -45.31
N CYS D 53 -12.72 -0.51 -45.13
CA CYS D 53 -13.70 -1.58 -45.19
C CYS D 53 -14.99 -1.17 -45.88
N TYR D 54 -15.36 -1.88 -46.95
CA TYR D 54 -16.53 -1.53 -47.74
C TYR D 54 -17.46 -2.71 -47.99
N PHE D 55 -18.77 -2.44 -48.02
CA PHE D 55 -19.78 -3.46 -48.28
C PHE D 55 -20.64 -3.12 -49.49
N TYR D 56 -21.22 -4.15 -50.11
CA TYR D 56 -22.02 -4.00 -51.33
C TYR D 56 -22.69 -5.33 -51.67
N TYR D 57 -23.92 -5.30 -52.21
CA TYR D 57 -24.68 -4.07 -52.41
C TYR D 57 -25.42 -3.73 -51.12
N CYS D 58 -25.30 -2.49 -50.67
CA CYS D 58 -25.92 -2.09 -49.40
C CYS D 58 -27.05 -1.08 -49.61
N ASN D 59 -28.20 -1.38 -49.02
CA ASN D 59 -29.41 -0.59 -49.27
C ASN D 59 -29.54 0.65 -48.38
N ARG D 60 -28.51 0.94 -47.60
CA ARG D 60 -28.53 2.09 -46.69
C ARG D 60 -28.51 3.41 -47.46
N GLU D 61 -29.08 4.45 -46.85
CA GLU D 61 -29.19 5.76 -47.48
C GLU D 61 -27.83 6.43 -47.64
N ASP D 62 -26.88 6.06 -46.78
CA ASP D 62 -25.55 6.68 -46.81
C ASP D 62 -24.57 5.87 -47.66
N ALA D 63 -25.09 5.04 -48.55
CA ALA D 63 -24.26 4.25 -49.44
C ALA D 63 -24.21 4.89 -50.83
N LYS D 64 -22.99 5.09 -51.34
CA LYS D 64 -22.80 5.68 -52.67
C LYS D 64 -22.71 4.60 -53.75
N GLU D 65 -23.72 4.59 -54.62
CA GLU D 65 -23.82 3.62 -55.72
C GLU D 65 -23.87 2.19 -55.20
N GLY D 66 -24.40 2.00 -53.99
CA GLY D 66 -24.57 0.68 -53.42
C GLY D 66 -23.43 0.23 -52.53
N ILE D 67 -22.33 0.97 -52.58
CA ILE D 67 -21.14 0.62 -51.79
C ILE D 67 -21.13 1.38 -50.46
N TYR D 68 -21.30 0.64 -49.36
CA TYR D 68 -21.32 1.23 -48.03
C TYR D 68 -19.92 1.26 -47.41
N GLU D 69 -19.62 2.35 -46.72
CA GLU D 69 -18.31 2.54 -46.12
C GLU D 69 -18.36 2.42 -44.59
N LEU D 70 -17.76 1.35 -44.05
CA LEU D 70 -17.64 1.21 -42.60
C LEU D 70 -16.62 2.25 -42.12
N PHE D 71 -15.47 2.25 -42.75
CA PHE D 71 -14.49 3.32 -42.58
C PHE D 71 -13.55 3.37 -43.77
N PRO D 72 -13.10 4.57 -44.16
CA PRO D 72 -12.21 4.74 -45.31
C PRO D 72 -10.81 4.20 -45.08
N LEU D 73 -10.02 4.13 -46.15
CA LEU D 73 -8.66 3.60 -46.07
C LEU D 73 -7.74 4.56 -45.35
N ARG D 74 -7.61 4.39 -44.04
CA ARG D 74 -6.74 5.24 -43.22
C ARG D 74 -5.83 4.38 -42.36
N ASP D 75 -4.73 4.98 -41.89
CA ASP D 75 -3.85 4.31 -40.95
C ASP D 75 -4.61 3.95 -39.68
N ILE D 76 -4.40 2.72 -39.21
CA ILE D 76 -5.12 2.16 -38.07
C ILE D 76 -5.21 3.12 -36.87
N ASN D 77 -6.43 3.28 -36.36
CA ASN D 77 -6.69 4.21 -35.27
C ASN D 77 -7.80 3.73 -34.36
N ALA D 78 -7.79 4.22 -33.12
CA ALA D 78 -8.76 3.81 -32.11
C ALA D 78 -10.19 4.24 -32.43
N THR D 79 -10.32 5.28 -33.25
CA THR D 79 -11.63 5.78 -33.62
C THR D 79 -12.37 4.76 -34.47
N PHE D 80 -11.69 4.23 -35.47
CA PHE D 80 -12.28 3.22 -36.35
C PHE D 80 -12.40 1.89 -35.62
N MET D 81 -11.44 1.61 -34.74
CA MET D 81 -11.48 0.39 -33.95
C MET D 81 -12.68 0.39 -32.99
N LYS D 82 -13.00 1.55 -32.43
CA LYS D 82 -14.14 1.67 -31.54
C LYS D 82 -15.44 1.53 -32.33
N LYS D 83 -15.45 2.08 -33.54
CA LYS D 83 -16.63 1.99 -34.40
C LYS D 83 -17.00 0.55 -34.68
N LEU D 84 -16.00 -0.27 -34.98
CA LEU D 84 -16.23 -1.68 -35.23
C LEU D 84 -16.56 -2.41 -33.93
N ASN D 85 -15.88 -2.03 -32.85
CA ASN D 85 -16.15 -2.59 -31.53
C ASN D 85 -17.59 -2.32 -31.11
N ASP D 86 -18.04 -1.08 -31.31
CA ASP D 86 -19.40 -0.71 -30.97
C ASP D 86 -20.42 -1.51 -31.77
N LEU D 87 -20.08 -1.78 -33.04
CA LEU D 87 -20.96 -2.55 -33.91
C LEU D 87 -21.13 -3.98 -33.41
N LEU D 88 -20.02 -4.64 -33.14
CA LEU D 88 -20.05 -6.01 -32.65
C LEU D 88 -20.75 -6.12 -31.30
N GLU D 89 -20.66 -5.06 -30.50
CA GLU D 89 -21.34 -5.04 -29.21
C GLU D 89 -22.84 -4.79 -29.38
N ASP D 90 -23.20 -3.91 -30.31
CA ASP D 90 -24.61 -3.67 -30.62
C ASP D 90 -25.27 -4.96 -31.09
N LEU D 91 -24.51 -5.77 -31.83
CA LEU D 91 -24.98 -7.07 -32.27
C LEU D 91 -25.14 -8.03 -31.09
N SER D 92 -24.10 -8.12 -30.27
CA SER D 92 -24.07 -9.05 -29.15
C SER D 92 -25.19 -8.80 -28.14
N SER D 93 -25.47 -7.53 -27.89
CA SER D 93 -26.52 -7.17 -26.93
C SER D 93 -27.91 -7.44 -27.49
N GLY D 94 -27.98 -7.73 -28.79
CA GLY D 94 -29.25 -7.96 -29.44
C GLY D 94 -29.94 -6.66 -29.78
N ARG D 95 -29.24 -5.55 -29.58
CA ARG D 95 -29.78 -4.23 -29.89
C ARG D 95 -30.11 -4.13 -31.38
N ILE D 96 -29.27 -4.75 -32.21
CA ILE D 96 -29.53 -4.88 -33.64
C ILE D 96 -29.03 -6.21 -34.17
N SER D 97 -29.50 -6.57 -35.37
CA SER D 97 -28.97 -7.72 -36.09
C SER D 97 -28.17 -7.21 -37.29
N LEU D 98 -27.48 -8.11 -37.98
CA LEU D 98 -26.72 -7.73 -39.16
C LEU D 98 -27.66 -7.26 -40.27
N TYR D 99 -28.84 -7.86 -40.32
CA TYR D 99 -29.85 -7.48 -41.29
C TYR D 99 -30.30 -6.04 -41.07
N ASP D 100 -30.45 -5.66 -39.80
CA ASP D 100 -30.85 -4.31 -39.44
C ASP D 100 -29.78 -3.30 -39.87
N TYR D 101 -28.52 -3.65 -39.64
CA TYR D 101 -27.43 -2.71 -39.88
C TYR D 101 -27.22 -2.44 -41.36
N PHE D 102 -27.15 -3.49 -42.17
CA PHE D 102 -26.88 -3.33 -43.60
C PHE D 102 -28.17 -3.18 -44.40
N MET D 103 -29.29 -3.11 -43.69
CA MET D 103 -30.60 -2.96 -44.32
C MET D 103 -30.86 -4.07 -45.34
N PHE D 104 -30.56 -5.30 -44.95
CA PHE D 104 -30.75 -6.47 -45.79
C PHE D 104 -32.09 -7.12 -45.51
N GLN D 105 -32.60 -7.90 -46.48
CA GLN D 105 -33.88 -8.56 -46.31
C GLN D 105 -33.85 -10.01 -46.82
N GLN D 106 -34.54 -10.88 -46.11
CA GLN D 106 -34.66 -12.28 -46.52
C GLN D 106 -35.79 -12.44 -47.54
N THR D 107 -35.61 -11.83 -48.71
CA THR D 107 -36.62 -11.89 -49.76
C THR D 107 -36.26 -12.93 -50.82
N GLY D 108 -34.97 -13.21 -50.95
CA GLY D 108 -34.48 -14.15 -51.94
C GLY D 108 -34.19 -13.46 -53.25
N SER D 109 -34.32 -12.14 -53.26
CA SER D 109 -34.08 -11.34 -54.45
C SER D 109 -33.76 -9.88 -54.10
N GLU D 110 -32.56 -9.66 -53.57
CA GLU D 110 -32.10 -8.32 -53.25
C GLU D 110 -31.25 -7.77 -54.40
N LYS D 111 -31.01 -6.47 -54.37
CA LYS D 111 -30.19 -5.82 -55.39
C LYS D 111 -28.75 -6.32 -55.35
N GLN D 112 -28.08 -6.26 -56.49
CA GLN D 112 -26.67 -6.64 -56.57
C GLN D 112 -25.86 -5.56 -57.27
N VAL D 113 -24.58 -5.49 -56.95
CA VAL D 113 -23.72 -4.41 -57.41
C VAL D 113 -23.34 -4.55 -58.88
N ARG D 114 -23.17 -3.42 -59.55
CA ARG D 114 -22.57 -3.41 -60.88
C ARG D 114 -21.05 -3.44 -60.71
N LEU D 115 -20.43 -4.55 -61.11
CA LEU D 115 -19.00 -4.77 -60.88
C LEU D 115 -18.13 -3.67 -61.49
N SER D 116 -18.62 -3.02 -62.54
CA SER D 116 -17.93 -1.90 -63.16
C SER D 116 -17.68 -0.79 -62.15
N VAL D 117 -18.71 -0.46 -61.38
CA VAL D 117 -18.62 0.56 -60.36
C VAL D 117 -17.68 0.13 -59.24
N LEU D 118 -17.68 -1.17 -58.95
CA LEU D 118 -16.85 -1.72 -57.88
C LEU D 118 -15.36 -1.59 -58.16
N PHE D 119 -14.94 -2.08 -59.33
CA PHE D 119 -13.52 -2.09 -59.68
C PHE D 119 -12.98 -0.68 -59.91
N THR D 120 -13.83 0.21 -60.40
CA THR D 120 -13.46 1.61 -60.57
C THR D 120 -13.25 2.24 -59.19
N PHE D 121 -14.14 1.90 -58.26
CA PHE D 121 -14.07 2.41 -56.90
C PHE D 121 -12.74 2.05 -56.23
N MET D 122 -12.31 0.81 -56.41
CA MET D 122 -11.05 0.35 -55.85
C MET D 122 -9.90 1.18 -56.38
N LEU D 123 -9.95 1.47 -57.67
CA LEU D 123 -8.88 2.22 -58.33
C LEU D 123 -8.83 3.67 -57.84
N ASP D 124 -10.01 4.30 -57.73
CA ASP D 124 -10.09 5.68 -57.25
C ASP D 124 -9.63 5.78 -55.80
N THR D 125 -9.99 4.77 -55.00
CA THR D 125 -9.68 4.76 -53.59
C THR D 125 -8.18 4.79 -53.33
N PHE D 126 -7.43 4.02 -54.12
CA PHE D 126 -5.99 3.94 -53.93
C PHE D 126 -5.24 5.12 -54.57
N LEU D 127 -5.97 5.96 -55.30
CA LEU D 127 -5.35 7.11 -55.97
C LEU D 127 -5.56 8.41 -55.19
N GLU D 128 -6.37 8.35 -54.14
CA GLU D 128 -6.61 9.53 -53.30
C GLU D 128 -5.35 9.97 -52.55
N GLU D 129 -5.16 11.28 -52.45
CA GLU D 129 -4.06 11.83 -51.69
C GLU D 129 -4.58 12.45 -50.40
N ILE D 130 -4.41 11.73 -49.29
CA ILE D 130 -4.88 12.21 -47.99
C ILE D 130 -3.71 12.86 -47.25
N PRO D 131 -3.88 14.14 -46.87
CA PRO D 131 -2.89 15.03 -46.25
C PRO D 131 -2.03 14.39 -45.14
N GLY D 132 -2.66 13.99 -44.05
CA GLY D 132 -1.94 13.46 -42.91
C GLY D 132 -1.44 12.04 -43.10
N GLN D 133 -1.84 11.43 -44.21
CA GLN D 133 -1.49 10.03 -44.48
C GLN D 133 -0.37 9.93 -45.50
N LYS D 134 0.64 9.12 -45.16
CA LYS D 134 1.79 8.90 -46.03
C LYS D 134 1.40 8.19 -47.33
N GLN D 135 2.36 8.08 -48.23
CA GLN D 135 2.14 7.38 -49.49
C GLN D 135 2.26 5.87 -49.27
N LEU D 136 1.37 5.11 -49.90
CA LEU D 136 1.36 3.66 -49.74
C LEU D 136 2.37 2.96 -50.65
N SER D 137 3.18 2.08 -50.06
CA SER D 137 4.18 1.35 -50.82
C SER D 137 3.62 0.02 -51.32
N ASN D 138 2.53 -0.42 -50.69
CA ASN D 138 1.88 -1.67 -51.08
C ASN D 138 0.37 -1.57 -50.98
N LYS D 139 -0.31 -1.78 -52.10
CA LYS D 139 -1.76 -1.66 -52.16
C LYS D 139 -2.40 -3.02 -52.47
N ARG D 140 -3.30 -3.46 -51.58
CA ARG D 140 -3.95 -4.75 -51.75
C ARG D 140 -5.44 -4.66 -51.52
N VAL D 141 -6.19 -5.51 -52.22
CA VAL D 141 -7.63 -5.61 -52.02
C VAL D 141 -8.00 -7.00 -51.50
N PHE D 142 -8.62 -7.04 -50.33
CA PHE D 142 -9.14 -8.30 -49.80
C PHE D 142 -10.59 -8.48 -50.27
N LEU D 143 -10.77 -9.32 -51.29
CA LEU D 143 -12.07 -9.46 -51.94
C LEU D 143 -12.87 -10.62 -51.39
N PHE D 144 -13.96 -10.31 -50.70
CA PHE D 144 -14.85 -11.33 -50.14
C PHE D 144 -16.16 -11.39 -50.90
N THR D 145 -16.47 -12.54 -51.49
CA THR D 145 -17.75 -12.70 -52.18
C THR D 145 -18.27 -14.12 -52.08
N ASP D 146 -19.59 -14.26 -52.22
CA ASP D 146 -20.27 -15.53 -52.08
C ASP D 146 -20.85 -15.98 -53.43
N ILE D 147 -20.91 -15.03 -54.36
CA ILE D 147 -21.53 -15.26 -55.65
C ILE D 147 -20.52 -15.76 -56.70
N ASP D 148 -20.68 -17.00 -57.14
CA ASP D 148 -19.84 -17.55 -58.19
C ASP D 148 -20.18 -16.87 -59.52
N LYS D 149 -21.47 -16.84 -59.83
CA LYS D 149 -21.95 -16.30 -61.10
C LYS D 149 -22.81 -15.06 -60.90
N PRO D 150 -22.20 -13.88 -60.95
CA PRO D 150 -22.98 -12.64 -60.89
C PRO D 150 -23.64 -12.35 -62.23
N GLN D 151 -24.42 -11.27 -62.30
CA GLN D 151 -25.20 -10.94 -63.47
C GLN D 151 -24.34 -10.63 -64.70
N GLU D 152 -23.12 -10.16 -64.46
CA GLU D 152 -22.26 -9.73 -65.54
C GLU D 152 -21.48 -10.89 -66.15
N ALA D 153 -21.85 -12.12 -65.78
CA ALA D 153 -21.17 -13.30 -66.29
C ALA D 153 -21.66 -13.67 -67.69
N GLN D 154 -22.91 -13.30 -68.00
CA GLN D 154 -23.51 -13.64 -69.29
C GLN D 154 -23.02 -12.74 -70.42
N ASP D 155 -22.82 -11.46 -70.11
CA ASP D 155 -22.36 -10.51 -71.12
C ASP D 155 -20.85 -10.67 -71.35
N ILE D 156 -20.50 -11.04 -72.59
CA ILE D 156 -19.10 -11.28 -72.93
C ILE D 156 -18.32 -9.96 -73.06
N ASP D 157 -18.98 -8.92 -73.57
CA ASP D 157 -18.34 -7.62 -73.72
C ASP D 157 -18.15 -6.91 -72.37
N GLU D 158 -19.04 -7.19 -71.42
CA GLU D 158 -18.90 -6.65 -70.08
C GLU D 158 -17.67 -7.24 -69.42
N ARG D 159 -17.43 -8.53 -69.67
CA ARG D 159 -16.23 -9.21 -69.18
C ARG D 159 -14.97 -8.54 -69.72
N ALA D 160 -15.03 -8.14 -70.98
CA ALA D 160 -13.90 -7.50 -71.65
C ALA D 160 -13.56 -6.16 -71.00
N ARG D 161 -14.59 -5.37 -70.72
CA ARG D 161 -14.40 -4.07 -70.07
C ARG D 161 -13.92 -4.26 -68.64
N LEU D 162 -14.40 -5.31 -67.99
CA LEU D 162 -13.95 -5.64 -66.64
C LEU D 162 -12.48 -6.04 -66.62
N ARG D 163 -12.06 -6.75 -67.67
CA ARG D 163 -10.70 -7.24 -67.77
C ARG D 163 -9.68 -6.12 -67.93
N ARG D 164 -10.11 -4.99 -68.47
CA ARG D 164 -9.23 -3.84 -68.60
C ARG D 164 -9.31 -2.96 -67.36
N LEU D 165 -10.38 -3.12 -66.60
CA LEU D 165 -10.49 -2.47 -65.30
C LEU D 165 -9.57 -3.16 -64.31
N THR D 166 -9.47 -4.48 -64.41
CA THR D 166 -8.58 -5.27 -63.58
C THR D 166 -7.12 -4.96 -63.90
N ILE D 167 -6.80 -4.95 -65.18
CA ILE D 167 -5.47 -4.59 -65.65
C ILE D 167 -5.10 -3.18 -65.19
N ASP D 168 -6.07 -2.28 -65.23
CA ASP D 168 -5.87 -0.90 -64.79
C ASP D 168 -5.40 -0.85 -63.33
N LEU D 169 -5.89 -1.80 -62.53
CA LEU D 169 -5.49 -1.91 -61.14
C LEU D 169 -4.07 -2.47 -61.02
N PHE D 170 -3.77 -3.46 -61.84
CA PHE D 170 -2.47 -4.10 -61.84
C PHE D 170 -1.39 -3.12 -62.27
N ASP D 171 -1.75 -2.18 -63.14
CA ASP D 171 -0.82 -1.16 -63.62
C ASP D 171 -0.54 -0.13 -62.53
N ASN D 172 -1.48 0.05 -61.61
CA ASN D 172 -1.31 0.95 -60.48
C ASN D 172 -0.84 0.21 -59.24
N LYS D 173 -0.24 -0.96 -59.46
CA LYS D 173 0.37 -1.74 -58.39
C LYS D 173 -0.63 -2.16 -57.30
N VAL D 174 -1.90 -2.29 -57.69
CA VAL D 174 -2.93 -2.78 -56.80
C VAL D 174 -3.18 -4.27 -57.01
N ASN D 175 -2.99 -5.06 -55.96
CA ASN D 175 -3.09 -6.51 -56.08
C ASN D 175 -4.30 -7.07 -55.34
N PHE D 176 -4.79 -8.22 -55.80
CA PHE D 176 -5.95 -8.85 -55.20
C PHE D 176 -5.59 -10.02 -54.31
N ALA D 177 -6.19 -10.05 -53.12
CA ALA D 177 -6.20 -11.24 -52.29
C ALA D 177 -7.65 -11.72 -52.20
N THR D 178 -7.99 -12.75 -52.98
CA THR D 178 -9.37 -13.17 -53.11
C THR D 178 -9.80 -14.10 -51.98
N PHE D 179 -11.01 -13.88 -51.49
CA PHE D 179 -11.64 -14.78 -50.54
C PHE D 179 -12.96 -15.27 -51.09
N PHE D 180 -12.88 -16.13 -52.10
CA PHE D 180 -14.07 -16.71 -52.73
C PHE D 180 -14.56 -17.87 -51.89
N ILE D 181 -15.77 -17.74 -51.35
CA ILE D 181 -16.24 -18.66 -50.32
C ILE D 181 -17.14 -19.77 -50.86
N GLY D 182 -16.77 -21.01 -50.55
CA GLY D 182 -17.60 -22.16 -50.87
C GLY D 182 -17.94 -22.92 -49.61
N TYR D 183 -19.13 -23.53 -49.57
CA TYR D 183 -19.57 -24.25 -48.39
C TYR D 183 -19.55 -25.75 -48.63
N ALA D 184 -20.13 -26.51 -47.69
CA ALA D 184 -20.26 -27.95 -47.85
C ALA D 184 -21.27 -28.25 -48.96
N ASP D 185 -22.43 -27.61 -48.88
CA ASP D 185 -23.47 -27.79 -49.88
C ASP D 185 -23.19 -27.01 -51.15
N LYS D 186 -23.05 -25.69 -51.01
CA LYS D 186 -22.82 -24.83 -52.16
C LYS D 186 -21.33 -24.59 -52.40
N PRO D 187 -20.81 -25.08 -53.54
CA PRO D 187 -19.42 -24.86 -53.93
C PRO D 187 -19.25 -23.60 -54.77
N PHE D 188 -18.02 -23.10 -54.87
CA PHE D 188 -17.76 -21.87 -55.61
C PHE D 188 -17.12 -22.14 -56.96
N ASP D 189 -17.83 -21.81 -58.03
CA ASP D 189 -17.28 -21.89 -59.38
C ASP D 189 -16.50 -20.63 -59.71
N ASN D 190 -15.18 -20.76 -59.75
CA ASN D 190 -14.32 -19.61 -60.01
C ASN D 190 -14.14 -19.34 -61.50
N GLU D 191 -15.01 -19.91 -62.31
CA GLU D 191 -14.89 -19.78 -63.77
C GLU D 191 -14.97 -18.31 -64.20
N PHE D 192 -15.90 -17.56 -63.61
CA PHE D 192 -16.09 -16.16 -63.99
C PHE D 192 -14.94 -15.27 -63.53
N TYR D 193 -14.62 -15.36 -62.24
CA TYR D 193 -13.60 -14.50 -61.66
C TYR D 193 -12.21 -14.86 -62.15
N SER D 194 -12.05 -16.06 -62.71
CA SER D 194 -10.79 -16.44 -63.33
C SER D 194 -10.57 -15.61 -64.58
N ASP D 195 -11.63 -15.46 -65.37
CA ASP D 195 -11.56 -14.72 -66.63
C ASP D 195 -11.15 -13.27 -66.44
N ILE D 196 -11.82 -12.56 -65.54
CA ILE D 196 -11.65 -11.13 -65.41
C ILE D 196 -10.45 -10.73 -64.56
N LEU D 197 -9.89 -11.67 -63.80
CA LEU D 197 -8.73 -11.39 -62.97
C LEU D 197 -7.45 -11.94 -63.60
N GLN D 198 -7.60 -12.63 -64.72
CA GLN D 198 -6.46 -13.22 -65.43
C GLN D 198 -5.68 -12.17 -66.22
N LEU D 199 -4.39 -12.43 -66.43
CA LEU D 199 -3.58 -11.62 -67.32
C LEU D 199 -3.25 -12.37 -68.61
N GLY D 200 -2.88 -11.63 -69.65
CA GLY D 200 -2.56 -12.22 -70.95
C GLY D 200 -1.13 -12.67 -71.06
N ASP D 210 5.62 -11.53 -68.98
CA ASP D 210 4.25 -12.00 -69.08
C ASP D 210 4.03 -13.32 -68.36
N SER D 211 5.09 -14.11 -68.24
CA SER D 211 4.97 -15.48 -67.75
C SER D 211 4.61 -15.58 -66.27
N GLU D 212 5.51 -15.11 -65.40
CA GLU D 212 5.36 -15.27 -63.96
C GLU D 212 4.03 -14.72 -63.43
N PHE D 213 3.88 -13.40 -63.49
CA PHE D 213 2.67 -12.75 -62.99
C PHE D 213 1.52 -12.93 -63.98
N ASP D 214 0.44 -13.55 -63.54
CA ASP D 214 -0.76 -13.69 -64.35
C ASP D 214 -2.02 -13.49 -63.53
N GLY D 215 -1.90 -12.69 -62.48
CA GLY D 215 -3.03 -12.39 -61.61
C GLY D 215 -2.99 -13.19 -60.33
N PRO D 216 -3.96 -12.93 -59.44
CA PRO D 216 -4.06 -13.64 -58.17
C PRO D 216 -4.69 -15.02 -58.31
N SER D 217 -4.61 -15.82 -57.25
CA SER D 217 -5.30 -17.10 -57.21
C SER D 217 -6.80 -16.88 -57.00
N THR D 218 -7.62 -17.54 -57.79
CA THR D 218 -9.06 -17.44 -57.65
C THR D 218 -9.63 -18.74 -57.08
N LYS D 219 -8.74 -19.61 -56.61
CA LYS D 219 -9.16 -20.86 -55.99
C LYS D 219 -10.00 -20.58 -54.75
N PRO D 220 -11.21 -21.13 -54.70
CA PRO D 220 -12.13 -20.87 -53.59
C PRO D 220 -11.63 -21.47 -52.28
N ILE D 221 -12.19 -20.99 -51.16
CA ILE D 221 -11.86 -21.50 -49.84
C ILE D 221 -13.13 -21.83 -49.08
N ASP D 222 -13.03 -22.73 -48.12
CA ASP D 222 -14.14 -22.99 -47.22
C ASP D 222 -14.18 -21.91 -46.16
N ALA D 223 -15.38 -21.56 -45.71
CA ALA D 223 -15.56 -20.48 -44.73
C ALA D 223 -14.78 -20.76 -43.44
N LYS D 224 -14.51 -22.04 -43.19
CA LYS D 224 -13.78 -22.48 -42.02
C LYS D 224 -12.34 -21.95 -42.01
N TYR D 225 -11.88 -21.48 -43.17
CA TYR D 225 -10.50 -21.03 -43.31
C TYR D 225 -10.39 -19.51 -43.48
N ILE D 226 -11.51 -18.81 -43.40
CA ILE D 226 -11.52 -17.36 -43.62
C ILE D 226 -10.62 -16.61 -42.63
N LYS D 227 -10.90 -16.76 -41.34
CA LYS D 227 -10.19 -16.02 -40.32
C LYS D 227 -8.69 -16.28 -40.38
N SER D 228 -8.32 -17.54 -40.52
CA SER D 228 -6.92 -17.93 -40.58
C SER D 228 -6.23 -17.36 -41.83
N ARG D 229 -6.94 -17.37 -42.96
CA ARG D 229 -6.40 -16.86 -44.21
C ARG D 229 -6.19 -15.35 -44.14
N ILE D 230 -7.14 -14.65 -43.53
CA ILE D 230 -7.07 -13.21 -43.36
C ILE D 230 -5.85 -12.82 -42.55
N LEU D 231 -5.74 -13.39 -41.36
CA LEU D 231 -4.65 -13.08 -40.45
C LEU D 231 -3.29 -13.55 -40.96
N ARG D 232 -3.27 -14.51 -41.87
CA ARG D 232 -2.02 -14.96 -42.46
C ARG D 232 -1.54 -14.01 -43.55
N LYS D 233 -2.44 -13.61 -44.44
CA LYS D 233 -2.08 -12.72 -45.54
C LYS D 233 -1.97 -11.28 -45.07
N LYS D 234 -2.38 -11.04 -43.83
CA LYS D 234 -2.27 -9.73 -43.20
C LYS D 234 -0.80 -9.33 -43.02
N GLU D 235 0.03 -10.30 -42.67
CA GLU D 235 1.45 -10.05 -42.43
C GLU D 235 2.20 -9.66 -43.70
N VAL D 236 3.39 -9.09 -43.51
CA VAL D 236 4.24 -8.68 -44.62
C VAL D 236 5.63 -9.30 -44.49
N LYS D 237 6.20 -9.71 -45.62
CA LYS D 237 7.56 -10.23 -45.62
C LYS D 237 8.55 -9.14 -45.24
N ARG D 238 9.24 -9.34 -44.12
CA ARG D 238 10.22 -8.37 -43.66
C ARG D 238 11.63 -8.86 -43.97
N ILE D 239 12.15 -8.44 -45.11
CA ILE D 239 13.45 -8.91 -45.58
C ILE D 239 14.56 -8.56 -44.58
N MET D 240 15.18 -9.59 -44.02
CA MET D 240 16.17 -9.43 -42.99
C MET D 240 17.57 -9.18 -43.57
N PHE D 241 17.87 -9.87 -44.67
CA PHE D 241 19.16 -9.75 -45.33
C PHE D 241 19.13 -10.45 -46.68
N GLN D 242 20.00 -10.01 -47.58
CA GLN D 242 20.24 -10.74 -48.82
C GLN D 242 21.72 -10.73 -49.14
N CYS D 243 22.26 -11.91 -49.44
CA CYS D 243 23.68 -12.08 -49.66
C CYS D 243 23.95 -13.23 -50.62
N PRO D 244 25.15 -13.24 -51.24
CA PRO D 244 25.50 -14.38 -52.10
C PRO D 244 25.73 -15.65 -51.30
N LEU D 245 25.23 -16.77 -51.81
CA LEU D 245 25.50 -18.07 -51.23
C LEU D 245 26.57 -18.79 -52.04
N ILE D 246 27.75 -18.93 -51.45
CA ILE D 246 28.86 -19.58 -52.12
C ILE D 246 28.81 -21.09 -51.90
N LEU D 247 28.68 -21.84 -53.00
CA LEU D 247 28.66 -23.30 -52.92
C LEU D 247 30.02 -23.88 -53.29
N ASP D 248 30.67 -23.26 -54.28
CA ASP D 248 32.02 -23.64 -54.68
C ASP D 248 32.67 -22.51 -55.47
N GLU D 249 33.56 -21.78 -54.80
CA GLU D 249 34.11 -20.53 -55.34
C GLU D 249 34.95 -20.71 -56.61
N LYS D 250 35.67 -21.83 -56.70
CA LYS D 250 36.55 -22.07 -57.84
C LYS D 250 35.81 -22.09 -59.17
N THR D 251 34.66 -22.75 -59.21
CA THR D 251 33.89 -22.88 -60.44
C THR D 251 32.79 -21.82 -60.54
N ASN D 252 32.94 -20.76 -59.75
CA ASN D 252 31.91 -19.72 -59.66
C ASN D 252 30.53 -20.29 -59.36
N PHE D 253 30.50 -21.28 -58.48
CA PHE D 253 29.25 -21.88 -58.01
C PHE D 253 28.65 -20.97 -56.94
N ILE D 254 28.39 -19.73 -57.32
CA ILE D 254 27.89 -18.73 -56.38
C ILE D 254 26.47 -18.33 -56.74
N VAL D 255 25.58 -18.40 -55.74
CA VAL D 255 24.15 -18.22 -55.98
C VAL D 255 23.59 -17.14 -55.04
N GLY D 256 22.36 -16.69 -55.30
CA GLY D 256 21.75 -15.64 -54.49
C GLY D 256 20.63 -16.11 -53.55
N VAL D 257 20.66 -15.63 -52.31
CA VAL D 257 19.62 -15.99 -51.34
C VAL D 257 19.08 -14.76 -50.58
N LYS D 258 17.85 -14.89 -50.11
CA LYS D 258 17.22 -13.88 -49.26
C LYS D 258 16.80 -14.50 -47.93
N GLY D 259 16.88 -13.73 -46.86
CA GLY D 259 16.53 -14.25 -45.54
C GLY D 259 15.46 -13.44 -44.85
N TYR D 260 14.53 -14.13 -44.20
CA TYR D 260 13.42 -13.47 -43.51
C TYR D 260 13.31 -13.92 -42.06
N THR D 261 13.05 -12.98 -41.17
CA THR D 261 12.83 -13.31 -39.77
C THR D 261 11.44 -13.89 -39.59
N MET D 262 11.37 -15.10 -39.06
CA MET D 262 10.08 -15.76 -38.84
C MET D 262 9.49 -15.41 -37.49
N TYR D 263 10.35 -15.20 -36.49
CA TYR D 263 9.89 -14.93 -35.14
C TYR D 263 10.70 -13.85 -34.44
N THR D 264 10.08 -12.68 -34.32
CA THR D 264 10.70 -11.53 -33.64
C THR D 264 10.52 -11.63 -32.12
N HIS D 265 10.93 -10.58 -31.42
CA HIS D 265 10.77 -10.52 -29.97
C HIS D 265 10.20 -9.15 -29.59
N GLU D 266 8.89 -9.00 -29.75
CA GLU D 266 8.22 -7.73 -29.49
C GLU D 266 8.26 -7.31 -28.02
N LYS D 267 8.75 -6.11 -27.77
CA LYS D 267 8.79 -5.57 -26.42
C LYS D 267 7.87 -4.37 -26.29
N ALA D 268 7.19 -4.27 -25.15
CA ALA D 268 6.28 -3.15 -24.90
C ALA D 268 7.02 -1.87 -24.54
N GLY D 269 6.57 -0.76 -25.09
CA GLY D 269 7.11 0.55 -24.74
C GLY D 269 8.26 1.01 -25.62
N VAL D 270 8.51 0.30 -26.72
CA VAL D 270 9.61 0.67 -27.62
C VAL D 270 9.16 1.71 -28.64
N ARG D 271 7.85 1.82 -28.83
CA ARG D 271 7.30 2.77 -29.79
C ARG D 271 6.86 4.05 -29.09
N TYR D 272 7.73 5.06 -29.08
CA TYR D 272 7.42 6.32 -28.41
C TYR D 272 8.12 7.50 -29.05
N LYS D 273 7.58 8.70 -28.77
CA LYS D 273 8.24 9.95 -29.13
C LYS D 273 8.33 10.83 -27.89
N LEU D 274 9.19 11.84 -27.93
CA LEU D 274 9.39 12.70 -26.78
C LEU D 274 8.78 14.07 -27.01
N VAL D 275 7.96 14.52 -26.07
CA VAL D 275 7.30 15.82 -26.18
C VAL D 275 7.81 16.82 -25.14
N TYR D 276 8.22 17.98 -25.63
CA TYR D 276 8.63 19.08 -24.77
C TYR D 276 7.49 20.09 -24.67
N GLU D 277 6.99 20.31 -23.44
CA GLU D 277 5.98 21.32 -23.23
C GLU D 277 6.41 22.33 -22.18
N HIS D 278 6.29 23.60 -22.53
CA HIS D 278 6.64 24.70 -21.64
C HIS D 278 5.68 25.85 -21.86
N GLU D 279 4.73 25.99 -20.93
CA GLU D 279 3.62 26.93 -21.05
C GLU D 279 2.77 26.65 -22.28
N ASP D 280 2.87 27.52 -23.29
CA ASP D 280 2.03 27.40 -24.48
C ASP D 280 2.79 26.78 -25.65
N ILE D 281 3.95 26.21 -25.36
CA ILE D 281 4.74 25.52 -26.37
C ILE D 281 4.61 24.01 -26.21
N ARG D 282 4.16 23.33 -27.27
CA ARG D 282 4.16 21.87 -27.27
C ARG D 282 4.86 21.37 -28.52
N GLN D 283 6.00 20.70 -28.32
CA GLN D 283 6.94 20.44 -29.40
C GLN D 283 7.70 19.14 -29.17
N GLU D 284 8.08 18.48 -30.26
CA GLU D 284 8.79 17.21 -30.16
C GLU D 284 10.21 17.39 -29.62
N ALA D 285 10.63 16.48 -28.75
CA ALA D 285 11.97 16.51 -28.17
C ALA D 285 12.81 15.32 -28.65
N TYR D 286 14.13 15.41 -28.44
CA TYR D 286 15.06 14.38 -28.90
C TYR D 286 16.14 14.11 -27.86
N SER D 287 16.54 12.85 -27.74
CA SER D 287 17.61 12.47 -26.85
C SER D 287 18.96 12.65 -27.52
N LYS D 288 19.86 13.38 -26.85
CA LYS D 288 21.21 13.58 -27.37
C LYS D 288 22.27 13.05 -26.41
N ARG D 289 22.96 12.00 -26.84
CA ARG D 289 24.04 11.38 -26.07
C ARG D 289 25.32 12.20 -26.21
N LYS D 290 25.77 12.78 -25.10
CA LYS D 290 26.89 13.72 -25.12
C LYS D 290 28.09 13.22 -24.31
N PHE D 291 29.24 13.09 -24.97
CA PHE D 291 30.46 12.59 -24.33
C PHE D 291 31.30 13.74 -23.76
N LEU D 292 31.89 13.51 -22.59
CA LEU D 292 32.66 14.56 -21.91
C LEU D 292 34.09 14.11 -21.58
N ASN D 293 35.02 15.05 -21.70
CA ASN D 293 36.39 14.82 -21.28
C ASN D 293 36.47 14.88 -19.76
N PRO D 294 36.86 13.76 -19.12
CA PRO D 294 36.90 13.66 -17.66
C PRO D 294 37.88 14.64 -17.02
N ILE D 295 38.81 15.15 -17.82
CA ILE D 295 39.83 16.07 -17.33
C ILE D 295 39.39 17.53 -17.45
N THR D 296 38.72 17.86 -18.55
CA THR D 296 38.40 19.25 -18.85
C THR D 296 36.90 19.53 -18.89
N GLY D 297 36.09 18.49 -19.06
CA GLY D 297 34.66 18.67 -19.13
C GLY D 297 34.19 19.09 -20.52
N GLU D 298 35.14 19.12 -21.45
CA GLU D 298 34.85 19.53 -22.83
C GLU D 298 33.97 18.53 -23.55
N ASP D 299 33.05 19.04 -24.35
CA ASP D 299 32.22 18.19 -25.20
C ASP D 299 33.11 17.57 -26.28
N VAL D 300 33.34 16.26 -26.20
CA VAL D 300 34.19 15.57 -27.16
C VAL D 300 33.39 14.63 -28.06
N THR D 301 32.10 14.93 -28.20
CA THR D 301 31.21 14.12 -29.04
C THR D 301 31.62 14.21 -30.50
N GLY D 302 31.76 13.06 -31.14
CA GLY D 302 32.21 13.00 -32.52
C GLY D 302 33.71 13.16 -32.64
N LYS D 303 34.37 13.28 -31.50
CA LYS D 303 35.82 13.42 -31.46
C LYS D 303 36.41 12.30 -30.61
N THR D 304 35.61 11.26 -30.39
CA THR D 304 36.06 10.09 -29.64
C THR D 304 36.54 8.97 -30.56
N VAL D 305 37.29 8.04 -30.00
CA VAL D 305 37.74 6.87 -30.74
C VAL D 305 37.57 5.61 -29.89
N LYS D 306 37.61 4.45 -30.54
CA LYS D 306 37.54 3.17 -29.84
C LYS D 306 38.92 2.53 -29.79
N VAL D 307 39.32 2.05 -28.61
CA VAL D 307 40.61 1.39 -28.45
C VAL D 307 40.48 0.04 -27.77
N TYR D 308 41.49 -0.80 -27.94
CA TYR D 308 41.58 -2.06 -27.22
C TYR D 308 42.38 -1.85 -25.94
N PRO D 309 41.72 -1.97 -24.77
CA PRO D 309 42.47 -1.91 -23.51
C PRO D 309 43.33 -3.14 -23.31
N TYR D 310 44.57 -2.95 -22.88
CA TYR D 310 45.50 -4.05 -22.68
C TYR D 310 46.38 -3.79 -21.48
N GLY D 311 45.80 -3.93 -20.29
CA GLY D 311 46.49 -3.59 -19.06
C GLY D 311 46.50 -2.09 -18.90
N ASP D 312 47.67 -1.53 -18.57
CA ASP D 312 47.80 -0.08 -18.43
C ASP D 312 48.21 0.53 -19.77
N LEU D 313 47.81 -0.12 -20.86
CA LEU D 313 48.13 0.35 -22.19
C LEU D 313 46.89 0.31 -23.09
N ASP D 314 46.74 1.32 -23.94
CA ASP D 314 45.64 1.35 -24.90
C ASP D 314 46.18 1.22 -26.33
N ILE D 315 45.56 0.34 -27.12
CA ILE D 315 46.01 0.12 -28.48
C ILE D 315 44.93 0.53 -29.48
N ASN D 316 45.25 1.48 -30.34
CA ASN D 316 44.35 1.90 -31.39
C ASN D 316 44.92 1.61 -32.79
N LEU D 317 44.23 0.76 -33.53
CA LEU D 317 44.67 0.39 -34.87
C LEU D 317 44.03 1.30 -35.90
N SER D 318 44.75 1.53 -37.01
CA SER D 318 44.19 2.26 -38.13
C SER D 318 43.11 1.42 -38.80
N ASP D 319 42.28 2.05 -39.62
CA ASP D 319 41.24 1.34 -40.34
C ASP D 319 41.85 0.35 -41.32
N SER D 320 43.02 0.70 -41.85
CA SER D 320 43.75 -0.17 -42.76
C SER D 320 44.14 -1.48 -42.07
N GLN D 321 44.64 -1.36 -40.85
CA GLN D 321 45.04 -2.53 -40.07
C GLN D 321 43.82 -3.32 -39.63
N ASP D 322 42.72 -2.63 -39.35
CA ASP D 322 41.46 -3.30 -39.01
C ASP D 322 41.00 -4.16 -40.17
N GLN D 323 41.20 -3.66 -41.38
CA GLN D 323 40.84 -4.38 -42.60
C GLN D 323 41.65 -5.67 -42.73
N ILE D 324 42.96 -5.56 -42.51
CA ILE D 324 43.86 -6.71 -42.62
C ILE D 324 43.54 -7.76 -41.55
N VAL D 325 43.18 -7.30 -40.35
CA VAL D 325 42.83 -8.20 -39.25
C VAL D 325 41.64 -9.09 -39.59
N MET D 326 40.53 -8.49 -40.02
CA MET D 326 39.33 -9.24 -40.34
C MET D 326 39.47 -10.03 -41.63
N GLU D 327 40.38 -9.59 -42.49
CA GLU D 327 40.60 -10.20 -43.81
C GLU D 327 40.93 -11.69 -43.71
N ALA D 328 41.48 -12.11 -42.57
CA ALA D 328 41.90 -13.49 -42.39
C ALA D 328 40.73 -14.46 -42.25
N TYR D 329 39.55 -13.95 -41.90
CA TYR D 329 38.43 -14.83 -41.62
C TYR D 329 37.08 -14.37 -42.16
N THR D 330 37.04 -13.24 -42.85
CA THR D 330 35.78 -12.73 -43.37
C THR D 330 35.94 -11.70 -44.48
N GLN D 331 34.84 -11.42 -45.16
CA GLN D 331 34.76 -10.35 -46.15
C GLN D 331 34.13 -9.08 -45.54
N LYS D 332 34.02 -8.03 -46.35
CA LYS D 332 33.39 -6.79 -45.91
C LYS D 332 31.88 -6.93 -45.90
N ASP D 333 31.33 -7.34 -47.03
CA ASP D 333 29.88 -7.46 -47.19
C ASP D 333 29.37 -8.83 -46.73
N ALA D 334 28.07 -8.91 -46.49
CA ALA D 334 27.44 -10.15 -46.02
C ALA D 334 27.59 -11.28 -47.02
N PHE D 335 27.77 -12.49 -46.51
CA PHE D 335 27.95 -13.67 -47.36
C PHE D 335 27.71 -14.94 -46.56
N LEU D 336 27.55 -16.05 -47.27
CA LEU D 336 27.36 -17.36 -46.64
C LEU D 336 28.07 -18.44 -47.46
N LYS D 337 29.16 -18.96 -46.92
CA LYS D 337 29.97 -19.94 -47.63
C LYS D 337 29.68 -21.35 -47.12
N ILE D 338 29.54 -22.30 -48.04
CA ILE D 338 29.28 -23.69 -47.67
C ILE D 338 30.57 -24.40 -47.27
N ILE D 339 30.64 -24.80 -46.00
CA ILE D 339 31.81 -25.52 -45.49
C ILE D 339 31.69 -27.01 -45.80
N GLY D 340 30.48 -27.53 -45.69
CA GLY D 340 30.22 -28.91 -46.00
C GLY D 340 28.78 -29.29 -45.70
N PHE D 341 28.49 -30.59 -45.78
CA PHE D 341 27.16 -31.09 -45.46
C PHE D 341 27.25 -32.11 -44.34
N ARG D 342 26.13 -32.36 -43.67
CA ARG D 342 26.12 -33.19 -42.48
C ARG D 342 24.74 -33.73 -42.16
N SER D 343 24.69 -34.91 -41.54
CA SER D 343 23.43 -35.48 -41.09
C SER D 343 22.74 -34.54 -40.11
N SER D 344 21.43 -34.41 -40.24
CA SER D 344 20.66 -33.49 -39.39
C SER D 344 20.70 -33.92 -37.93
N SER D 345 20.84 -35.22 -37.68
CA SER D 345 20.82 -35.76 -36.32
C SER D 345 22.10 -35.44 -35.56
N LYS D 346 23.10 -34.93 -36.26
CA LYS D 346 24.36 -34.54 -35.63
C LYS D 346 24.50 -33.03 -35.58
N SER D 347 23.56 -32.34 -36.21
CA SER D 347 23.68 -30.90 -36.43
C SER D 347 22.61 -30.06 -35.77
N ILE D 348 21.42 -30.65 -35.57
CA ILE D 348 20.31 -29.88 -35.03
C ILE D 348 19.83 -30.44 -33.69
N HIS D 349 19.86 -29.59 -32.68
CA HIS D 349 19.44 -29.98 -31.34
C HIS D 349 18.53 -28.92 -30.70
N TYR D 350 17.86 -29.30 -29.62
CA TYR D 350 16.98 -28.38 -28.93
C TYR D 350 17.62 -27.82 -27.66
N PHE D 351 18.92 -28.04 -27.50
CA PHE D 351 19.60 -27.63 -26.28
C PHE D 351 20.75 -26.64 -26.48
N ASN D 352 20.95 -26.16 -27.71
CA ASN D 352 22.07 -25.28 -27.97
C ASN D 352 21.73 -24.10 -28.88
N ASN D 353 20.47 -23.69 -28.89
CA ASN D 353 20.07 -22.50 -29.62
C ASN D 353 20.73 -21.27 -28.99
N ILE D 354 21.03 -20.27 -29.80
CA ILE D 354 21.70 -19.07 -29.30
C ILE D 354 21.11 -17.81 -29.92
N ASP D 355 20.36 -18.00 -31.02
CA ASP D 355 19.78 -16.87 -31.72
C ASP D 355 18.39 -17.23 -32.26
N LYS D 356 17.84 -16.34 -33.09
CA LYS D 356 16.57 -16.59 -33.74
C LYS D 356 16.80 -17.12 -35.16
N SER D 357 15.84 -17.87 -35.67
CA SER D 357 15.98 -18.49 -36.98
C SER D 357 15.53 -17.58 -38.11
N SER D 358 16.14 -17.77 -39.28
CA SER D 358 15.77 -17.05 -40.48
C SER D 358 15.26 -18.02 -41.52
N PHE D 359 14.37 -17.55 -42.39
CA PHE D 359 13.85 -18.36 -43.48
C PHE D 359 14.52 -17.95 -44.78
N ILE D 360 15.23 -18.89 -45.40
CA ILE D 360 16.05 -18.58 -46.57
C ILE D 360 15.34 -18.94 -47.87
N VAL D 361 15.35 -18.01 -48.81
CA VAL D 361 14.67 -18.14 -50.08
C VAL D 361 15.61 -17.72 -51.21
N PRO D 362 15.52 -18.38 -52.38
CA PRO D 362 16.38 -18.01 -53.51
C PRO D 362 16.19 -16.56 -53.94
N ASP D 363 17.26 -15.95 -54.46
CA ASP D 363 17.23 -14.57 -54.92
C ASP D 363 17.68 -14.48 -56.37
N GLU D 364 16.77 -14.78 -57.29
CA GLU D 364 17.12 -14.84 -58.71
C GLU D 364 17.11 -13.46 -59.37
N ALA D 365 17.05 -12.41 -58.54
CA ALA D 365 17.17 -11.05 -59.04
C ALA D 365 18.63 -10.61 -59.03
N LYS D 366 19.44 -11.31 -58.23
CA LYS D 366 20.86 -11.02 -58.11
C LYS D 366 21.68 -12.05 -58.89
N TYR D 367 21.31 -13.31 -58.77
CA TYR D 367 21.94 -14.39 -59.52
C TYR D 367 20.87 -15.28 -60.16
N GLU D 368 20.85 -15.34 -61.49
CA GLU D 368 19.88 -16.18 -62.16
C GLU D 368 20.31 -17.64 -62.07
N GLY D 369 19.34 -18.53 -61.88
CA GLY D 369 19.60 -19.93 -61.63
C GLY D 369 19.56 -20.24 -60.15
N SER D 370 19.26 -19.21 -59.35
CA SER D 370 19.16 -19.38 -57.91
C SER D 370 18.00 -20.27 -57.50
N ILE D 371 16.91 -20.19 -58.25
CA ILE D 371 15.72 -20.98 -57.97
C ILE D 371 15.96 -22.46 -58.30
N ARG D 372 16.60 -22.71 -59.43
CA ARG D 372 16.92 -24.08 -59.82
C ARG D 372 17.87 -24.75 -58.84
N THR D 373 18.84 -24.00 -58.34
CA THR D 373 19.83 -24.55 -57.42
C THR D 373 19.21 -24.96 -56.09
N LEU D 374 18.50 -24.03 -55.47
CA LEU D 374 17.97 -24.26 -54.13
C LEU D 374 16.78 -25.22 -54.15
N ALA D 375 16.10 -25.33 -55.28
CA ALA D 375 15.02 -26.29 -55.41
C ALA D 375 15.57 -27.70 -55.47
N SER D 376 16.70 -27.86 -56.17
CA SER D 376 17.38 -29.14 -56.23
C SER D 376 18.07 -29.45 -54.91
N LEU D 377 18.63 -28.41 -54.29
CA LEU D 377 19.30 -28.57 -53.00
C LEU D 377 18.30 -28.94 -51.91
N LEU D 378 17.13 -28.32 -51.96
CA LEU D 378 16.05 -28.64 -51.02
C LEU D 378 15.60 -30.08 -51.18
N LYS D 379 15.48 -30.52 -52.43
CA LYS D 379 15.04 -31.88 -52.73
C LYS D 379 16.07 -32.92 -52.28
N ILE D 380 17.35 -32.62 -52.49
CA ILE D 380 18.41 -33.54 -52.14
C ILE D 380 18.60 -33.66 -50.62
N LEU D 381 18.73 -32.51 -49.96
CA LEU D 381 18.91 -32.47 -48.51
C LEU D 381 17.74 -33.11 -47.78
N ARG D 382 16.57 -33.07 -48.41
CA ARG D 382 15.40 -33.77 -47.88
C ARG D 382 15.55 -35.28 -48.07
N LYS D 383 15.99 -35.67 -49.26
CA LYS D 383 16.11 -37.07 -49.63
C LYS D 383 17.12 -37.81 -48.76
N LYS D 384 18.18 -37.11 -48.37
CA LYS D 384 19.24 -37.70 -47.56
C LYS D 384 19.16 -37.29 -46.09
N ASP D 385 18.22 -36.42 -45.77
CA ASP D 385 18.08 -35.87 -44.42
C ASP D 385 19.38 -35.22 -43.95
N LYS D 386 19.96 -34.38 -44.79
CA LYS D 386 21.20 -33.69 -44.47
C LYS D 386 20.96 -32.20 -44.31
N ILE D 387 21.99 -31.50 -43.84
CA ILE D 387 21.95 -30.05 -43.77
C ILE D 387 23.26 -29.49 -44.31
N ALA D 388 23.32 -28.17 -44.46
CA ALA D 388 24.54 -27.52 -44.93
C ALA D 388 25.18 -26.72 -43.82
N ILE D 389 26.48 -26.92 -43.61
CA ILE D 389 27.25 -26.11 -42.67
C ILE D 389 27.67 -24.83 -43.38
N LEU D 390 27.36 -23.68 -42.79
CA LEU D 390 27.65 -22.40 -43.43
C LEU D 390 28.57 -21.53 -42.61
N TRP D 391 29.53 -20.88 -43.28
CA TRP D 391 30.36 -19.87 -42.66
C TRP D 391 30.14 -18.54 -43.35
N GLY D 392 29.89 -17.49 -42.56
CA GLY D 392 29.67 -16.16 -43.08
C GLY D 392 28.91 -15.27 -42.12
N LYS D 393 28.45 -14.13 -42.60
CA LYS D 393 27.70 -13.21 -41.77
C LYS D 393 26.51 -12.64 -42.54
N LEU D 394 25.51 -12.15 -41.81
CA LEU D 394 24.27 -11.67 -42.41
C LEU D 394 24.27 -10.16 -42.59
N LYS D 395 25.13 -9.47 -41.85
CA LYS D 395 25.24 -8.02 -41.98
C LYS D 395 26.71 -7.63 -42.19
N SER D 396 26.91 -6.45 -42.76
CA SER D 396 28.26 -5.95 -43.00
C SER D 396 28.94 -5.61 -41.67
N ASN D 397 28.18 -5.01 -40.77
CA ASN D 397 28.69 -4.64 -39.45
C ASN D 397 28.37 -5.69 -38.39
N SER D 398 28.97 -6.87 -38.54
CA SER D 398 28.79 -7.95 -37.58
C SER D 398 29.88 -9.01 -37.72
N HIS D 399 30.05 -9.82 -36.68
CA HIS D 399 31.01 -10.90 -36.72
C HIS D 399 30.45 -12.11 -37.47
N PRO D 400 31.32 -12.87 -38.14
CA PRO D 400 30.88 -14.09 -38.82
C PRO D 400 30.65 -15.22 -37.83
N SER D 401 29.98 -16.28 -38.27
CA SER D 401 29.71 -17.42 -37.40
C SER D 401 29.34 -18.64 -38.24
N LEU D 402 29.40 -19.81 -37.62
CA LEU D 402 28.89 -21.02 -38.25
C LEU D 402 27.37 -21.00 -38.23
N TYR D 403 26.76 -21.47 -39.30
CA TYR D 403 25.31 -21.54 -39.37
C TYR D 403 24.86 -22.91 -39.82
N THR D 404 23.65 -23.29 -39.42
CA THR D 404 23.02 -24.51 -39.90
C THR D 404 21.89 -24.19 -40.88
N LEU D 405 21.93 -24.81 -42.05
CA LEU D 405 20.91 -24.57 -43.06
C LEU D 405 20.10 -25.84 -43.24
N SER D 406 18.85 -25.82 -42.75
CA SER D 406 18.00 -27.01 -42.77
C SER D 406 16.85 -26.83 -43.74
N PRO D 407 16.57 -27.86 -44.55
CA PRO D 407 15.44 -27.85 -45.48
C PRO D 407 14.10 -27.76 -44.75
N SER D 408 13.14 -27.04 -45.34
CA SER D 408 11.82 -26.93 -44.74
C SER D 408 11.13 -28.28 -44.77
N SER D 409 10.32 -28.55 -43.75
CA SER D 409 9.60 -29.81 -43.66
C SER D 409 8.51 -29.91 -44.73
N VAL D 410 8.12 -31.14 -45.07
CA VAL D 410 7.05 -31.36 -46.03
C VAL D 410 5.69 -31.00 -45.42
N LYS D 411 5.62 -31.08 -44.09
CA LYS D 411 4.40 -30.73 -43.36
C LYS D 411 4.15 -29.23 -43.43
N ASP D 412 5.22 -28.46 -43.60
CA ASP D 412 5.11 -27.01 -43.70
C ASP D 412 4.73 -26.60 -45.12
N TYR D 413 4.06 -25.45 -45.23
CA TYR D 413 3.62 -24.94 -46.53
C TYR D 413 4.75 -24.21 -47.24
N ASN D 414 5.45 -23.34 -46.52
CA ASN D 414 6.56 -22.60 -47.09
C ASN D 414 7.75 -23.51 -47.41
N GLU D 415 8.13 -23.55 -48.69
CA GLU D 415 9.26 -24.35 -49.12
C GLU D 415 10.54 -23.51 -49.15
N GLY D 416 11.56 -23.96 -48.40
CA GLY D 416 12.80 -23.23 -48.33
C GLY D 416 13.73 -23.79 -47.27
N PHE D 417 14.52 -22.92 -46.66
CA PHE D 417 15.50 -23.35 -45.67
C PHE D 417 15.41 -22.55 -44.38
N TYR D 418 15.77 -23.19 -43.27
CA TYR D 418 15.84 -22.52 -41.98
C TYR D 418 17.29 -22.34 -41.58
N LEU D 419 17.66 -21.12 -41.20
CA LEU D 419 19.03 -20.82 -40.79
C LEU D 419 19.12 -20.72 -39.28
N TYR D 420 20.03 -21.51 -38.70
CA TYR D 420 20.28 -21.48 -37.26
C TYR D 420 21.75 -21.16 -36.98
N ARG D 421 22.02 -20.19 -36.12
CA ARG D 421 23.40 -19.86 -35.81
C ARG D 421 23.99 -20.89 -34.86
N VAL D 422 25.24 -21.27 -35.11
CA VAL D 422 25.92 -22.25 -34.29
C VAL D 422 26.82 -21.55 -33.29
N PRO D 423 26.69 -21.89 -32.00
CA PRO D 423 27.50 -21.28 -30.94
C PRO D 423 28.99 -21.59 -31.10
N PHE D 424 29.83 -20.59 -30.89
CA PHE D 424 31.28 -20.80 -30.83
C PHE D 424 31.60 -21.53 -29.53
N LEU D 425 32.82 -22.03 -29.42
CA LEU D 425 33.24 -22.75 -28.22
C LEU D 425 33.21 -21.87 -26.97
N ASP D 426 33.39 -20.57 -27.15
CA ASP D 426 33.33 -19.62 -26.05
C ASP D 426 31.90 -19.17 -25.78
N GLU D 427 30.99 -19.57 -26.67
CA GLU D 427 29.58 -19.25 -26.50
C GLU D 427 28.87 -20.39 -25.80
N ILE D 428 29.64 -21.40 -25.41
CA ILE D 428 29.09 -22.54 -24.70
C ILE D 428 29.56 -22.51 -23.25
N ARG D 429 28.67 -22.06 -22.36
CA ARG D 429 29.00 -21.89 -20.96
C ARG D 429 29.17 -23.21 -20.22
N LYS D 430 29.92 -23.17 -19.12
CA LYS D 430 30.16 -24.36 -18.32
C LYS D 430 28.94 -24.72 -17.48
N PHE D 431 28.81 -26.00 -17.14
CA PHE D 431 27.78 -26.45 -16.23
C PHE D 431 28.25 -26.21 -14.79
N PRO D 432 27.38 -25.61 -13.97
CA PRO D 432 27.73 -25.25 -12.59
C PRO D 432 28.03 -26.47 -11.72
N SER D 433 28.93 -26.31 -10.75
CA SER D 433 29.21 -27.37 -9.81
C SER D 433 28.08 -27.46 -8.79
N LEU D 434 27.77 -28.67 -8.35
CA LEU D 434 26.68 -28.88 -7.41
C LEU D 434 27.20 -29.16 -6.02
N LEU D 435 26.41 -28.82 -5.01
CA LEU D 435 26.77 -29.10 -3.63
C LEU D 435 26.67 -30.61 -3.35
N SER D 436 25.65 -31.23 -3.93
CA SER D 436 25.47 -32.67 -3.85
C SER D 436 25.24 -33.25 -5.25
N TYR D 437 25.64 -34.50 -5.43
CA TYR D 437 25.47 -35.17 -6.72
C TYR D 437 24.70 -36.47 -6.54
N ASP D 438 24.25 -36.73 -5.32
CA ASP D 438 23.45 -37.91 -5.03
C ASP D 438 21.99 -37.68 -5.43
N ASP D 439 21.62 -38.18 -6.60
CA ASP D 439 20.25 -38.03 -7.10
C ASP D 439 19.42 -39.26 -6.79
N GLY D 440 19.93 -40.11 -5.91
CA GLY D 440 19.20 -41.29 -5.47
C GLY D 440 19.10 -42.37 -6.53
N SER D 441 20.08 -42.41 -7.43
CA SER D 441 20.12 -43.45 -8.47
C SER D 441 20.72 -44.73 -7.91
N GLU D 442 21.38 -44.62 -6.76
CA GLU D 442 21.93 -45.77 -6.07
C GLU D 442 20.85 -46.75 -5.68
N HIS D 443 19.80 -46.24 -5.03
CA HIS D 443 18.64 -47.04 -4.68
C HIS D 443 17.79 -47.29 -5.92
N LYS D 444 18.08 -48.38 -6.62
CA LYS D 444 17.44 -48.69 -7.90
C LYS D 444 15.91 -48.74 -7.84
N LEU D 445 15.38 -49.53 -6.93
CA LEU D 445 13.94 -49.76 -6.85
C LEU D 445 13.14 -48.49 -6.55
N ASP D 446 13.57 -47.74 -5.54
CA ASP D 446 12.89 -46.51 -5.17
C ASP D 446 12.96 -45.46 -6.27
N TYR D 447 14.12 -45.36 -6.92
CA TYR D 447 14.32 -44.39 -7.99
C TYR D 447 13.52 -44.78 -9.23
N ASP D 448 13.52 -46.06 -9.56
CA ASP D 448 12.79 -46.56 -10.72
C ASP D 448 11.29 -46.35 -10.54
N ASN D 449 10.82 -46.44 -9.29
CA ASN D 449 9.42 -46.18 -8.99
C ASN D 449 9.06 -44.71 -9.22
N MET D 450 9.98 -43.81 -8.91
CA MET D 450 9.75 -42.39 -9.08
C MET D 450 9.60 -42.02 -10.56
N LYS D 451 10.42 -42.65 -11.40
CA LYS D 451 10.35 -42.41 -12.83
C LYS D 451 9.02 -42.93 -13.39
N LYS D 452 8.58 -44.07 -12.88
CA LYS D 452 7.37 -44.70 -13.39
C LYS D 452 6.13 -43.87 -13.09
N VAL D 453 6.05 -43.32 -11.89
CA VAL D 453 4.89 -42.52 -11.50
C VAL D 453 4.92 -41.15 -12.18
N THR D 454 6.13 -40.64 -12.44
CA THR D 454 6.29 -39.40 -13.18
C THR D 454 5.80 -39.59 -14.60
N GLN D 455 6.20 -40.72 -15.20
CA GLN D 455 5.82 -41.09 -16.55
C GLN D 455 4.29 -41.14 -16.70
N SER D 456 3.61 -41.62 -15.68
CA SER D 456 2.16 -41.71 -15.68
C SER D 456 1.51 -40.32 -15.53
N ILE D 457 2.02 -39.54 -14.59
CA ILE D 457 1.55 -38.17 -14.40
C ILE D 457 1.77 -37.35 -15.66
N MET D 458 2.93 -37.54 -16.27
CA MET D 458 3.29 -36.84 -17.50
C MET D 458 2.32 -37.15 -18.64
N GLY D 459 1.74 -38.35 -18.60
CA GLY D 459 0.84 -38.81 -19.64
C GLY D 459 -0.46 -38.03 -19.72
N TYR D 460 -0.86 -37.44 -18.59
CA TYR D 460 -2.13 -36.72 -18.51
C TYR D 460 -2.07 -35.31 -19.06
N PHE D 461 -0.89 -34.89 -19.52
CA PHE D 461 -0.70 -33.52 -19.99
C PHE D 461 0.10 -33.44 -21.29
N ASN D 462 -0.27 -34.31 -22.22
CA ASN D 462 0.31 -34.25 -23.56
C ASN D 462 -0.35 -33.14 -24.38
N LEU D 463 0.45 -32.45 -25.17
CA LEU D 463 -0.07 -31.41 -26.05
C LEU D 463 -0.37 -32.01 -27.42
N ARG D 464 -1.59 -32.48 -27.62
CA ARG D 464 -1.96 -33.18 -28.85
C ARG D 464 -1.90 -32.29 -30.08
N ASP D 465 -2.09 -30.98 -29.88
CA ASP D 465 -2.05 -30.03 -30.98
C ASP D 465 -0.74 -29.25 -30.99
N GLY D 466 0.26 -29.76 -30.29
CA GLY D 466 1.57 -29.15 -30.24
C GLY D 466 1.56 -27.77 -29.61
N TYR D 467 2.56 -26.97 -29.92
CA TYR D 467 2.61 -25.59 -29.44
C TYR D 467 2.30 -24.59 -30.56
N ASN D 468 1.26 -23.80 -30.36
CA ASN D 468 0.90 -22.76 -31.32
C ASN D 468 1.04 -21.38 -30.69
N PRO D 469 1.94 -20.55 -31.24
CA PRO D 469 2.14 -19.17 -30.80
C PRO D 469 0.84 -18.38 -30.71
N SER D 470 -0.09 -18.66 -31.63
CA SER D 470 -1.38 -17.96 -31.69
C SER D 470 -2.13 -18.02 -30.36
N ASP D 471 -1.98 -19.13 -29.65
CA ASP D 471 -2.74 -19.36 -28.43
C ASP D 471 -2.19 -18.60 -27.24
N PHE D 472 -1.00 -18.04 -27.36
CA PHE D 472 -0.36 -17.35 -26.25
C PHE D 472 -0.02 -15.91 -26.58
N LYS D 473 -0.91 -14.99 -26.21
CA LYS D 473 -0.66 -13.57 -26.37
C LYS D 473 0.21 -13.03 -25.24
N ASN D 474 1.22 -12.23 -25.59
CA ASN D 474 2.12 -11.63 -24.62
C ASN D 474 1.39 -10.69 -23.65
N PRO D 475 1.28 -11.10 -22.37
CA PRO D 475 0.56 -10.31 -21.37
C PRO D 475 1.17 -8.93 -21.15
N LEU D 476 2.48 -8.79 -21.34
CA LEU D 476 3.11 -7.49 -21.20
C LEU D 476 2.68 -6.54 -22.32
N LEU D 477 2.61 -7.07 -23.54
CA LEU D 477 2.14 -6.28 -24.68
C LEU D 477 0.68 -5.91 -24.54
N GLN D 478 -0.14 -6.88 -24.14
CA GLN D 478 -1.58 -6.70 -24.05
C GLN D 478 -1.95 -5.68 -22.98
N LYS D 479 -1.27 -5.72 -21.88
CA LYS D 479 -1.56 -4.82 -20.83
C LYS D 479 -1.19 -3.41 -21.22
N HIS D 480 -0.06 -3.23 -21.84
CA HIS D 480 0.43 -1.93 -22.25
C HIS D 480 -0.52 -1.21 -23.20
N TYR D 481 -0.85 -1.87 -24.30
CA TYR D 481 -1.67 -1.26 -25.35
C TYR D 481 -3.13 -1.08 -24.94
N LYS D 482 -3.59 -1.93 -24.04
CA LYS D 482 -4.96 -1.81 -23.54
C LYS D 482 -5.10 -0.52 -22.73
N VAL D 483 -4.10 -0.20 -21.93
CA VAL D 483 -4.09 1.02 -21.14
C VAL D 483 -4.06 2.25 -22.05
N LEU D 484 -3.23 2.21 -23.09
CA LEU D 484 -3.21 3.26 -24.09
C LEU D 484 -4.55 3.38 -24.79
N HIS D 485 -5.13 2.24 -25.12
CA HIS D 485 -6.41 2.18 -25.81
C HIS D 485 -7.54 2.81 -25.01
N ASP D 486 -7.66 2.40 -23.75
CA ASP D 486 -8.73 2.86 -22.90
C ASP D 486 -8.64 4.36 -22.62
N TYR D 487 -7.41 4.86 -22.47
CA TYR D 487 -7.20 6.27 -22.18
C TYR D 487 -7.64 7.14 -23.34
N LEU D 488 -7.23 6.76 -24.56
CA LEU D 488 -7.62 7.49 -25.77
C LEU D 488 -9.14 7.58 -25.93
N LEU D 489 -9.83 6.52 -25.56
CA LEU D 489 -11.28 6.45 -25.77
C LEU D 489 -12.05 6.71 -24.47
N GLN D 490 -11.33 7.16 -23.44
CA GLN D 490 -11.92 7.50 -22.15
C GLN D 490 -12.74 6.35 -21.57
N ILE D 491 -12.17 5.15 -21.65
CA ILE D 491 -12.81 3.96 -21.08
C ILE D 491 -12.29 3.73 -19.67
N GLU D 492 -13.18 3.92 -18.68
CA GLU D 492 -12.81 3.80 -17.28
C GLU D 492 -12.46 2.36 -16.92
N THR D 493 -11.36 2.20 -16.19
CA THR D 493 -10.86 0.87 -15.83
C THR D 493 -11.86 0.09 -15.00
N THR D 494 -11.81 -1.24 -15.13
CA THR D 494 -12.72 -2.12 -14.39
C THR D 494 -12.03 -2.74 -13.18
N PHE D 495 -10.75 -2.43 -12.99
CA PHE D 495 -9.99 -2.98 -11.87
C PHE D 495 -10.48 -2.44 -10.53
N ASP D 496 -10.80 -3.35 -9.62
CA ASP D 496 -11.24 -2.99 -8.27
C ASP D 496 -10.24 -3.47 -7.22
N GLU D 497 -9.88 -2.60 -6.29
CA GLU D 497 -8.94 -2.96 -5.23
C GLU D 497 -9.55 -3.95 -4.28
N ASN D 498 -10.87 -3.89 -4.12
CA ASN D 498 -11.60 -4.79 -3.25
C ASN D 498 -11.92 -6.11 -3.96
N GLU D 499 -10.90 -6.69 -4.58
CA GLU D 499 -11.05 -7.91 -5.37
C GLU D 499 -11.33 -9.14 -4.53
N THR D 500 -12.39 -9.85 -4.88
CA THR D 500 -12.60 -11.20 -4.41
C THR D 500 -11.49 -12.05 -5.00
N PRO D 501 -10.96 -13.02 -4.24
CA PRO D 501 -10.02 -13.97 -4.83
C PRO D 501 -10.54 -14.61 -6.11
N ASN D 502 -11.87 -14.80 -6.19
CA ASN D 502 -12.50 -15.27 -7.42
C ASN D 502 -12.46 -14.22 -8.53
N THR D 503 -12.68 -12.97 -8.16
CA THR D 503 -12.61 -11.85 -9.10
C THR D 503 -11.18 -11.67 -9.61
N LYS D 504 -10.22 -11.71 -8.69
CA LYS D 504 -8.80 -11.60 -9.02
C LYS D 504 -8.36 -12.76 -9.91
N LYS D 505 -8.90 -13.94 -9.62
CA LYS D 505 -8.57 -15.16 -10.36
C LYS D 505 -8.97 -15.01 -11.82
N ASP D 506 -10.22 -14.60 -12.05
CA ASP D 506 -10.74 -14.43 -13.40
C ASP D 506 -10.00 -13.33 -14.15
N ARG D 507 -9.58 -12.31 -13.44
CA ARG D 507 -8.87 -11.19 -13.99
C ARG D 507 -7.55 -11.63 -14.51
N MET D 508 -6.88 -12.46 -13.76
CA MET D 508 -5.58 -13.01 -14.11
C MET D 508 -5.62 -13.81 -15.40
N MET D 509 -6.58 -14.71 -15.52
CA MET D 509 -6.69 -15.56 -16.70
C MET D 509 -7.09 -14.74 -17.93
N ARG D 510 -7.77 -13.63 -17.69
CA ARG D 510 -8.19 -12.74 -18.77
C ARG D 510 -7.00 -11.95 -19.32
N GLU D 511 -6.03 -11.68 -18.45
CA GLU D 511 -4.89 -10.85 -18.81
C GLU D 511 -3.71 -11.67 -19.32
N ASP D 512 -3.73 -12.97 -19.06
CA ASP D 512 -2.65 -13.85 -19.51
C ASP D 512 -3.20 -15.20 -19.95
N ASP D 513 -3.00 -15.52 -21.23
CA ASP D 513 -3.47 -16.78 -21.80
C ASP D 513 -2.86 -17.99 -21.10
N SER D 514 -1.60 -17.84 -20.70
CA SER D 514 -0.85 -18.92 -20.06
C SER D 514 -1.37 -19.25 -18.67
N LEU D 515 -1.74 -18.22 -17.91
CA LEU D 515 -2.27 -18.43 -16.56
C LEU D 515 -3.61 -19.18 -16.62
N ARG D 516 -4.34 -18.98 -17.71
CA ARG D 516 -5.61 -19.66 -17.91
C ARG D 516 -5.39 -21.16 -18.11
N LYS D 517 -4.34 -21.52 -18.85
CA LYS D 517 -4.00 -22.92 -19.08
C LYS D 517 -3.57 -23.59 -17.79
N LEU D 518 -2.74 -22.90 -17.03
CA LEU D 518 -2.25 -23.42 -15.74
C LEU D 518 -3.40 -23.71 -14.80
N TYR D 519 -4.47 -22.93 -14.91
CA TYR D 519 -5.65 -23.09 -14.08
C TYR D 519 -6.36 -24.40 -14.38
N TYR D 520 -6.44 -24.74 -15.66
CA TYR D 520 -7.07 -25.98 -16.10
C TYR D 520 -6.32 -27.20 -15.59
N ILE D 521 -5.00 -27.17 -15.68
CA ILE D 521 -4.16 -28.27 -15.23
C ILE D 521 -4.42 -28.63 -13.77
N ARG D 522 -4.43 -27.62 -12.91
CA ARG D 522 -4.68 -27.85 -11.49
C ARG D 522 -6.09 -28.38 -11.28
N ASN D 523 -7.04 -27.82 -12.02
CA ASN D 523 -8.43 -28.21 -11.89
C ASN D 523 -8.65 -29.67 -12.26
N LYS D 524 -7.96 -30.13 -13.30
CA LYS D 524 -8.05 -31.53 -13.71
C LYS D 524 -7.52 -32.46 -12.62
N ILE D 525 -6.54 -31.97 -11.86
CA ILE D 525 -6.00 -32.71 -10.73
C ILE D 525 -6.97 -32.66 -9.55
N LEU D 526 -7.69 -31.55 -9.42
CA LEU D 526 -8.62 -31.35 -8.31
C LEU D 526 -9.97 -32.04 -8.54
N GLU D 527 -10.37 -32.19 -9.80
CA GLU D 527 -11.61 -32.89 -10.11
C GLU D 527 -11.34 -34.39 -10.22
N SER D 528 -10.07 -34.75 -10.03
CA SER D 528 -9.65 -36.14 -10.07
C SER D 528 -9.78 -36.81 -8.71
N GLU D 529 -9.76 -35.99 -7.65
CA GLU D 529 -9.88 -36.50 -6.29
C GLU D 529 -11.34 -36.52 -5.84
N LYS D 530 -12.13 -35.57 -6.34
CA LYS D 530 -13.55 -35.52 -6.05
C LYS D 530 -14.29 -36.67 -6.72
N SER D 531 -13.92 -36.96 -7.96
CA SER D 531 -14.56 -38.01 -8.74
C SER D 531 -14.41 -39.36 -8.05
N GLU D 532 -15.47 -40.16 -8.10
CA GLU D 532 -15.49 -41.48 -7.47
C GLU D 532 -15.30 -42.57 -8.50
N ASP D 533 -15.17 -42.18 -9.77
CA ASP D 533 -14.81 -43.11 -10.83
C ASP D 533 -13.34 -43.45 -10.72
N PRO D 534 -13.03 -44.72 -10.40
CA PRO D 534 -11.64 -45.16 -10.17
C PRO D 534 -10.71 -44.90 -11.35
N ILE D 535 -11.28 -44.79 -12.56
CA ILE D 535 -10.49 -44.50 -13.75
C ILE D 535 -10.06 -43.04 -13.78
N ILE D 536 -10.99 -42.12 -13.49
CA ILE D 536 -10.67 -40.70 -13.44
C ILE D 536 -9.89 -40.40 -12.15
N GLN D 537 -10.13 -41.23 -11.13
CA GLN D 537 -9.50 -41.09 -9.82
C GLN D 537 -7.96 -41.22 -9.88
N ARG D 538 -7.47 -41.83 -10.95
CA ARG D 538 -6.05 -42.18 -11.09
C ARG D 538 -5.09 -40.99 -10.96
N LEU D 539 -5.34 -39.93 -11.73
CA LEU D 539 -4.41 -38.80 -11.82
C LEU D 539 -3.99 -38.23 -10.46
N ASN D 540 -4.96 -37.91 -9.62
CA ASN D 540 -4.68 -37.32 -8.32
C ASN D 540 -3.97 -38.28 -7.39
N LYS D 541 -4.26 -39.58 -7.53
CA LYS D 541 -3.60 -40.58 -6.71
C LYS D 541 -2.15 -40.76 -7.14
N TYR D 542 -1.89 -40.55 -8.44
CA TYR D 542 -0.52 -40.54 -8.94
C TYR D 542 0.28 -39.43 -8.27
N VAL D 543 -0.33 -38.25 -8.21
CA VAL D 543 0.32 -37.07 -7.64
C VAL D 543 0.61 -37.25 -6.15
N LYS D 544 -0.31 -37.89 -5.44
CA LYS D 544 -0.12 -38.18 -4.02
C LYS D 544 1.04 -39.16 -3.82
N ILE D 545 1.11 -40.16 -4.69
CA ILE D 545 2.17 -41.16 -4.63
C ILE D 545 3.52 -40.52 -4.94
N TRP D 546 3.53 -39.62 -5.90
CA TRP D 546 4.74 -38.86 -6.24
C TRP D 546 5.23 -38.04 -5.06
N ASN D 547 4.29 -37.44 -4.33
CA ASN D 547 4.62 -36.65 -3.15
C ASN D 547 5.07 -37.53 -2.00
N MET D 548 4.57 -38.76 -1.97
CA MET D 548 4.96 -39.75 -0.96
C MET D 548 6.44 -40.08 -1.11
N PHE D 549 6.89 -40.20 -2.35
CA PHE D 549 8.29 -40.48 -2.64
C PHE D 549 9.18 -39.28 -2.35
N TYR D 550 8.66 -38.08 -2.60
CA TYR D 550 9.38 -36.85 -2.31
C TYR D 550 9.67 -36.74 -0.83
N LYS D 551 8.65 -36.98 -0.01
CA LYS D 551 8.78 -36.85 1.43
C LYS D 551 9.53 -38.03 2.07
N LYS D 552 9.41 -39.21 1.47
CA LYS D 552 10.10 -40.38 1.99
C LYS D 552 11.61 -40.26 1.82
N PHE D 553 12.03 -39.66 0.70
CA PHE D 553 13.45 -39.52 0.39
C PHE D 553 14.14 -38.57 1.37
N ASN D 554 13.48 -37.47 1.68
CA ASN D 554 14.04 -36.48 2.59
C ASN D 554 14.07 -36.97 4.03
N ASP D 555 13.11 -37.82 4.39
CA ASP D 555 13.05 -38.40 5.72
C ASP D 555 14.15 -39.46 5.88
N ASP D 556 14.57 -40.05 4.76
CA ASP D 556 15.62 -41.05 4.78
C ASP D 556 16.98 -40.42 4.47
N ASN D 557 17.11 -39.82 3.28
CA ASN D 557 18.35 -39.21 2.87
C ASN D 557 18.19 -37.71 2.62
N SER E 1 42.96 -18.49 -5.04
CA SER E 1 42.82 -17.18 -4.40
C SER E 1 44.04 -16.30 -4.67
N SER E 2 45.21 -16.83 -4.39
CA SER E 2 46.45 -16.08 -4.54
C SER E 2 47.64 -17.01 -4.76
N GLU E 3 48.54 -16.61 -5.65
CA GLU E 3 49.69 -17.45 -5.99
C GLU E 3 50.92 -16.65 -6.38
N SER E 4 52.08 -17.31 -6.30
CA SER E 4 53.35 -16.73 -6.71
C SER E 4 54.05 -17.65 -7.71
N THR E 5 54.71 -17.06 -8.70
CA THR E 5 55.40 -17.83 -9.72
C THR E 5 56.81 -17.30 -9.94
N THR E 6 57.80 -18.17 -9.80
CA THR E 6 59.19 -17.79 -9.99
C THR E 6 59.81 -18.50 -11.20
N PHE E 7 60.30 -17.70 -12.14
CA PHE E 7 60.87 -18.25 -13.38
C PHE E 7 62.39 -18.32 -13.32
N ILE E 8 62.94 -19.48 -13.69
CA ILE E 8 64.38 -19.66 -13.76
C ILE E 8 64.78 -20.17 -15.14
N VAL E 9 65.68 -19.44 -15.80
CA VAL E 9 66.12 -19.81 -17.15
C VAL E 9 67.61 -20.13 -17.19
N ASP E 10 67.94 -21.32 -17.68
CA ASP E 10 69.32 -21.76 -17.81
C ASP E 10 70.01 -21.06 -18.98
N VAL E 11 71.15 -20.44 -18.69
CA VAL E 11 71.93 -19.78 -19.75
C VAL E 11 73.27 -20.50 -19.92
N SER E 12 73.21 -21.76 -20.32
CA SER E 12 74.39 -22.53 -20.67
C SER E 12 74.68 -22.28 -22.14
N PRO E 13 75.89 -22.64 -22.62
CA PRO E 13 76.16 -22.47 -24.05
C PRO E 13 75.21 -23.30 -24.93
N SER E 14 74.67 -24.38 -24.38
CA SER E 14 73.73 -25.23 -25.11
C SER E 14 72.39 -24.54 -25.32
N MET E 15 71.94 -23.79 -24.32
CA MET E 15 70.65 -23.11 -24.39
C MET E 15 70.67 -21.94 -25.37
N MET E 16 71.84 -21.31 -25.51
CA MET E 16 71.97 -20.14 -26.37
C MET E 16 71.98 -20.49 -27.85
N LYS E 17 72.91 -21.36 -28.25
CA LYS E 17 73.10 -21.69 -29.66
C LYS E 17 71.98 -22.55 -30.22
N ASN E 18 71.36 -23.36 -29.37
CA ASN E 18 70.23 -24.20 -29.79
C ASN E 18 68.92 -23.43 -29.79
N ASN E 19 69.01 -22.13 -29.51
CA ASN E 19 67.85 -21.24 -29.49
C ASN E 19 66.76 -21.70 -28.53
N ASN E 20 67.17 -22.04 -27.31
CA ASN E 20 66.21 -22.50 -26.30
C ASN E 20 65.84 -21.40 -25.32
N VAL E 21 66.64 -20.34 -25.29
CA VAL E 21 66.34 -19.20 -24.44
C VAL E 21 65.37 -18.26 -25.14
N SER E 22 65.51 -18.16 -26.47
CA SER E 22 64.61 -17.34 -27.28
C SER E 22 63.22 -17.98 -27.32
N LYS E 23 63.17 -19.30 -27.24
CA LYS E 23 61.90 -20.03 -27.15
C LYS E 23 61.22 -19.77 -25.81
N SER E 24 61.99 -19.93 -24.73
CA SER E 24 61.48 -19.72 -23.39
C SER E 24 61.07 -18.27 -23.18
N MET E 25 61.73 -17.36 -23.90
CA MET E 25 61.38 -15.95 -23.84
C MET E 25 60.01 -15.71 -24.46
N ALA E 26 59.73 -16.42 -25.55
CA ALA E 26 58.44 -16.32 -26.23
C ALA E 26 57.31 -16.77 -25.31
N TYR E 27 57.57 -17.80 -24.52
CA TYR E 27 56.59 -18.29 -23.56
C TYR E 27 56.41 -17.26 -22.44
N LEU E 28 57.52 -16.75 -21.92
CA LEU E 28 57.50 -15.72 -20.89
C LEU E 28 56.75 -14.47 -21.37
N GLU E 29 56.98 -14.12 -22.64
CA GLU E 29 56.34 -12.97 -23.24
C GLU E 29 54.83 -13.16 -23.30
N TYR E 30 54.41 -14.30 -23.83
CA TYR E 30 52.99 -14.62 -23.95
C TYR E 30 52.32 -14.71 -22.59
N THR E 31 52.95 -15.42 -21.67
CA THR E 31 52.40 -15.63 -20.33
C THR E 31 52.20 -14.31 -19.57
N LEU E 32 53.23 -13.48 -19.58
CA LEU E 32 53.20 -12.24 -18.82
C LEU E 32 52.29 -11.17 -19.44
N LEU E 33 52.26 -11.12 -20.77
CA LEU E 33 51.42 -10.13 -21.45
C LEU E 33 49.94 -10.41 -21.24
N ASN E 34 49.59 -11.69 -21.15
CA ASN E 34 48.21 -12.08 -20.88
C ASN E 34 47.84 -11.85 -19.42
N LYS E 35 48.81 -12.02 -18.53
CA LYS E 35 48.61 -11.72 -17.12
C LYS E 35 48.47 -10.21 -16.91
N SER E 36 49.09 -9.45 -17.81
CA SER E 36 49.04 -7.99 -17.75
C SER E 36 47.64 -7.46 -18.01
N LYS E 37 46.84 -8.23 -18.74
CA LYS E 37 45.47 -7.82 -19.07
C LYS E 37 44.57 -7.87 -17.84
N LYS E 38 44.83 -8.81 -16.95
CA LYS E 38 44.05 -8.94 -15.73
C LYS E 38 44.53 -7.97 -14.65
N SER E 39 45.84 -7.78 -14.60
CA SER E 39 46.49 -6.94 -13.59
C SER E 39 46.08 -7.36 -12.19
N ARG E 40 46.13 -8.67 -11.95
CA ARG E 40 45.75 -9.24 -10.67
C ARG E 40 46.64 -8.76 -9.52
N LYS E 41 46.00 -8.43 -8.40
CA LYS E 41 46.70 -7.92 -7.23
C LYS E 41 47.38 -9.04 -6.45
N THR E 42 46.95 -10.27 -6.70
CA THR E 42 47.46 -11.41 -5.94
C THR E 42 48.24 -12.39 -6.81
N ASP E 43 48.55 -11.98 -8.03
CA ASP E 43 49.34 -12.82 -8.94
C ASP E 43 50.78 -12.30 -9.05
N TRP E 44 51.70 -13.00 -8.41
CA TRP E 44 53.10 -12.57 -8.35
C TRP E 44 53.95 -13.21 -9.44
N ILE E 45 54.95 -12.46 -9.91
CA ILE E 45 55.96 -12.99 -10.80
C ILE E 45 57.36 -12.60 -10.32
N SER E 46 58.34 -13.43 -10.63
CA SER E 46 59.73 -13.14 -10.31
C SER E 46 60.63 -14.01 -11.18
N CYS E 47 61.78 -13.48 -11.57
CA CYS E 47 62.66 -14.20 -12.48
C CYS E 47 64.12 -14.15 -12.07
N TYR E 48 64.80 -15.28 -12.21
CA TYR E 48 66.23 -15.39 -11.93
C TYR E 48 66.93 -16.05 -13.11
N LEU E 49 68.26 -16.00 -13.13
CA LEU E 49 69.03 -16.66 -14.18
C LEU E 49 70.03 -17.65 -13.60
N ALA E 50 70.18 -18.79 -14.26
CA ALA E 50 71.09 -19.84 -13.81
C ALA E 50 72.26 -19.99 -14.78
N ASN E 51 73.41 -20.40 -14.25
CA ASN E 51 74.64 -20.54 -15.03
C ASN E 51 74.99 -19.26 -15.76
N CYS E 52 74.75 -18.12 -15.09
CA CYS E 52 74.93 -16.81 -15.69
C CYS E 52 76.17 -16.11 -15.17
N PRO E 53 76.94 -15.48 -16.07
CA PRO E 53 78.15 -14.74 -15.69
C PRO E 53 77.86 -13.59 -14.72
N VAL E 54 76.66 -13.05 -14.78
CA VAL E 54 76.25 -11.97 -13.89
C VAL E 54 75.91 -12.52 -12.50
N SER E 55 76.41 -11.86 -11.46
CA SER E 55 76.16 -12.30 -10.09
C SER E 55 75.52 -11.19 -9.25
N GLU E 56 74.20 -11.11 -9.30
CA GLU E 56 73.46 -10.11 -8.51
C GLU E 56 72.23 -10.69 -7.85
N ASN E 57 72.33 -10.95 -6.55
CA ASN E 57 71.20 -11.43 -5.77
C ASN E 57 71.38 -11.12 -4.28
N SER E 58 70.37 -11.45 -3.49
CA SER E 58 70.37 -11.10 -2.06
C SER E 58 71.45 -11.82 -1.26
N GLN E 59 71.57 -13.13 -1.48
CA GLN E 59 72.51 -13.94 -0.70
C GLN E 59 73.92 -13.87 -1.26
N GLU E 60 74.11 -13.07 -2.31
CA GLU E 60 75.43 -12.83 -2.90
C GLU E 60 76.10 -14.13 -3.35
N ILE E 61 75.31 -15.02 -3.94
CA ILE E 61 75.81 -16.29 -4.46
C ILE E 61 76.18 -16.12 -5.94
N PRO E 62 77.40 -16.58 -6.31
CA PRO E 62 77.86 -16.46 -7.69
C PRO E 62 76.98 -17.21 -8.69
N ASN E 63 77.08 -16.82 -9.96
CA ASN E 63 76.36 -17.46 -11.06
C ASN E 63 74.83 -17.42 -10.91
N VAL E 64 74.34 -16.46 -10.14
CA VAL E 64 72.90 -16.27 -9.95
C VAL E 64 72.53 -14.80 -10.17
N PHE E 65 71.47 -14.56 -10.92
CA PHE E 65 71.10 -13.18 -11.29
C PHE E 65 69.59 -12.95 -11.27
N GLN E 66 69.13 -12.21 -10.27
CA GLN E 66 67.72 -11.83 -10.18
C GLN E 66 67.41 -10.73 -11.18
N ILE E 67 67.06 -11.13 -12.40
CA ILE E 67 66.85 -10.20 -13.50
C ILE E 67 65.54 -9.41 -13.34
N GLN E 68 64.60 -9.97 -12.60
CA GLN E 68 63.33 -9.29 -12.33
C GLN E 68 62.83 -9.62 -10.92
N SER E 69 62.63 -8.57 -10.12
CA SER E 69 62.19 -8.73 -8.74
C SER E 69 60.76 -9.26 -8.66
N PHE E 70 60.32 -9.55 -7.44
CA PHE E 70 58.93 -9.94 -7.20
C PHE E 70 57.99 -8.80 -7.59
N LEU E 71 57.08 -9.08 -8.51
CA LEU E 71 56.20 -8.05 -9.03
C LEU E 71 54.73 -8.41 -8.93
N ALA E 72 53.96 -7.55 -8.27
CA ALA E 72 52.52 -7.67 -8.21
C ALA E 72 51.92 -6.29 -7.93
N PRO E 73 50.97 -5.84 -8.77
CA PRO E 73 50.43 -6.57 -9.92
C PRO E 73 51.35 -6.59 -11.14
N VAL E 74 51.07 -7.50 -12.07
CA VAL E 74 51.80 -7.56 -13.32
C VAL E 74 51.17 -6.61 -14.33
N THR E 75 51.91 -5.58 -14.70
CA THR E 75 51.41 -4.60 -15.66
C THR E 75 52.02 -4.80 -17.03
N THR E 76 51.36 -4.26 -18.06
CA THR E 76 51.83 -4.35 -19.43
C THR E 76 53.19 -3.66 -19.57
N THR E 77 53.27 -2.43 -19.05
CA THR E 77 54.50 -1.65 -19.13
C THR E 77 55.68 -2.35 -18.47
N ALA E 78 55.43 -2.99 -17.32
CA ALA E 78 56.48 -3.71 -16.60
C ALA E 78 56.92 -4.94 -17.38
N THR E 79 55.99 -5.55 -18.10
CA THR E 79 56.30 -6.71 -18.92
C THR E 79 57.19 -6.31 -20.09
N ILE E 80 56.90 -5.15 -20.68
CA ILE E 80 57.74 -4.60 -21.75
C ILE E 80 59.18 -4.45 -21.29
N GLY E 81 59.33 -3.98 -20.05
CA GLY E 81 60.65 -3.79 -19.46
C GLY E 81 61.39 -5.08 -19.23
N PHE E 82 60.74 -6.05 -18.60
CA PHE E 82 61.35 -7.33 -18.28
C PHE E 82 61.85 -8.05 -19.53
N ILE E 83 61.01 -8.09 -20.56
CA ILE E 83 61.35 -8.75 -21.81
C ILE E 83 62.55 -8.06 -22.48
N LYS E 84 62.60 -6.73 -22.37
CA LYS E 84 63.68 -5.97 -22.99
C LYS E 84 64.98 -6.08 -22.20
N ARG E 85 64.87 -6.26 -20.88
CA ARG E 85 66.04 -6.55 -20.06
C ARG E 85 66.65 -7.87 -20.49
N LEU E 86 65.77 -8.84 -20.75
CA LEU E 86 66.18 -10.17 -21.16
C LEU E 86 66.68 -10.18 -22.60
N LYS E 87 66.03 -9.39 -23.45
CA LYS E 87 66.39 -9.32 -24.86
C LYS E 87 67.76 -8.69 -25.05
N GLN E 88 68.12 -7.75 -24.18
CA GLN E 88 69.44 -7.14 -24.21
C GLN E 88 70.50 -8.10 -23.70
N TYR E 89 70.17 -8.84 -22.64
CA TYR E 89 71.07 -9.85 -22.11
C TYR E 89 71.26 -10.98 -23.12
N CYS E 90 70.20 -11.26 -23.88
CA CYS E 90 70.22 -12.35 -24.85
C CYS E 90 71.08 -12.01 -26.06
N ASP E 91 71.15 -10.72 -26.39
CA ASP E 91 71.88 -10.29 -27.59
C ASP E 91 73.36 -10.05 -27.30
N GLN E 92 73.68 -9.65 -26.08
CA GLN E 92 75.06 -9.42 -25.69
C GLN E 92 75.87 -10.71 -25.64
N HIS E 93 75.26 -11.76 -25.10
CA HIS E 93 75.93 -13.03 -24.90
C HIS E 93 75.61 -14.04 -26.01
N SER E 94 75.28 -13.53 -27.19
CA SER E 94 74.90 -14.39 -28.31
C SER E 94 76.09 -15.16 -28.86
N MET E 105 73.80 -23.97 -10.57
CA MET E 105 72.35 -24.11 -10.64
C MET E 105 71.73 -24.54 -9.32
N ILE E 106 72.45 -25.39 -8.59
CA ILE E 106 71.94 -25.95 -7.35
C ILE E 106 71.63 -24.88 -6.31
N GLN E 107 72.51 -23.89 -6.21
CA GLN E 107 72.35 -22.82 -5.23
C GLN E 107 71.31 -21.79 -5.69
N CYS E 108 71.01 -21.80 -6.98
CA CYS E 108 70.02 -20.87 -7.53
C CYS E 108 68.62 -21.23 -7.04
N LEU E 109 68.34 -22.53 -6.93
CA LEU E 109 67.07 -22.99 -6.40
C LEU E 109 66.97 -22.69 -4.90
N LEU E 110 68.12 -22.54 -4.26
CA LEU E 110 68.19 -22.27 -2.83
C LEU E 110 67.97 -20.79 -2.53
N VAL E 111 68.49 -19.93 -3.41
CA VAL E 111 68.31 -18.49 -3.26
C VAL E 111 66.84 -18.12 -3.41
N VAL E 112 66.19 -18.72 -4.40
CA VAL E 112 64.78 -18.49 -4.67
C VAL E 112 63.91 -18.78 -3.45
N SER E 113 64.18 -19.92 -2.80
CA SER E 113 63.41 -20.34 -1.64
C SER E 113 63.52 -19.35 -0.49
N LEU E 114 64.72 -18.79 -0.30
CA LEU E 114 64.94 -17.81 0.76
C LEU E 114 64.24 -16.49 0.45
N ASP E 115 64.19 -16.13 -0.84
CA ASP E 115 63.57 -14.87 -1.24
C ASP E 115 62.05 -14.95 -1.21
N ILE E 116 61.52 -16.16 -1.16
CA ILE E 116 60.08 -16.36 -1.07
C ILE E 116 59.62 -16.32 0.38
N LYS E 117 60.41 -16.90 1.28
CA LYS E 117 60.10 -16.88 2.70
C LYS E 117 60.17 -15.47 3.29
N GLN E 118 60.95 -14.61 2.65
CA GLN E 118 61.08 -13.23 3.11
C GLN E 118 60.03 -12.33 2.45
N GLN E 119 59.52 -12.76 1.30
CA GLN E 119 58.55 -11.98 0.56
C GLN E 119 57.12 -12.24 1.04
N PHE E 120 56.79 -13.49 1.28
CA PHE E 120 55.43 -13.88 1.61
C PHE E 120 55.30 -14.43 3.02
N GLN E 121 56.42 -14.75 3.64
CA GLN E 121 56.47 -15.29 5.00
C GLN E 121 55.65 -16.57 5.14
N ALA E 122 54.46 -16.47 5.73
CA ALA E 122 53.64 -17.66 5.98
C ALA E 122 52.22 -17.50 5.47
N ARG E 123 52.01 -16.51 4.62
CA ARG E 123 50.67 -16.24 4.09
C ARG E 123 50.20 -17.35 3.15
N LYS E 124 48.89 -17.50 3.06
CA LYS E 124 48.27 -18.55 2.25
C LYS E 124 48.44 -18.27 0.77
N ILE E 125 49.58 -18.66 0.21
CA ILE E 125 49.90 -18.40 -1.19
C ILE E 125 50.53 -19.62 -1.87
N LEU E 126 49.95 -20.02 -2.99
CA LEU E 126 50.45 -21.17 -3.76
C LEU E 126 51.74 -20.83 -4.51
N LYS E 127 52.87 -21.20 -3.91
CA LYS E 127 54.18 -20.91 -4.48
C LYS E 127 54.59 -21.97 -5.49
N GLN E 128 55.23 -21.54 -6.58
CA GLN E 128 55.71 -22.47 -7.60
C GLN E 128 56.98 -21.98 -8.28
N ILE E 129 57.81 -22.93 -8.74
CA ILE E 129 59.06 -22.61 -9.41
C ILE E 129 59.12 -23.26 -10.79
N VAL E 130 59.26 -22.43 -11.83
CA VAL E 130 59.26 -22.91 -13.20
C VAL E 130 60.66 -22.84 -13.80
N VAL E 131 61.17 -23.99 -14.25
CA VAL E 131 62.56 -24.09 -14.70
C VAL E 131 62.71 -24.47 -16.18
N PHE E 132 63.45 -23.66 -16.93
CA PHE E 132 63.75 -23.94 -18.32
C PHE E 132 65.20 -24.38 -18.48
N THR E 133 65.42 -25.61 -18.92
CA THR E 133 66.78 -26.13 -19.11
C THR E 133 66.81 -27.39 -19.99
N ASP E 134 67.97 -27.66 -20.57
CA ASP E 134 68.18 -28.89 -21.34
C ASP E 134 69.15 -29.82 -20.62
N ASN E 135 69.33 -31.01 -21.17
CA ASN E 135 70.18 -32.04 -20.57
C ASN E 135 69.79 -32.34 -19.13
N LEU E 136 68.69 -33.06 -18.97
CA LEU E 136 68.19 -33.43 -17.64
C LEU E 136 69.11 -34.42 -16.96
N ASP E 137 69.75 -35.28 -17.76
CA ASP E 137 70.68 -36.27 -17.23
C ASP E 137 71.97 -35.61 -16.75
N ASP E 138 72.50 -34.70 -17.56
CA ASP E 138 73.75 -34.02 -17.23
C ASP E 138 73.57 -32.96 -16.15
N LEU E 139 73.46 -33.43 -14.91
CA LEU E 139 73.42 -32.56 -13.73
C LEU E 139 73.63 -33.43 -12.51
N ASP E 140 74.42 -32.94 -11.56
CA ASP E 140 74.75 -33.73 -10.38
C ASP E 140 74.21 -33.12 -9.09
N ILE E 141 73.20 -33.75 -8.52
CA ILE E 141 72.60 -33.32 -7.26
C ILE E 141 72.62 -34.49 -6.26
N THR E 142 73.59 -34.45 -5.35
CA THR E 142 73.78 -35.52 -4.36
C THR E 142 72.53 -35.72 -3.51
N ASP E 143 72.38 -36.94 -2.99
CA ASP E 143 71.25 -37.27 -2.10
C ASP E 143 71.26 -36.37 -0.87
N GLU E 144 72.44 -35.93 -0.46
CA GLU E 144 72.57 -35.02 0.67
C GLU E 144 71.99 -33.65 0.32
N GLU E 145 71.97 -33.33 -0.97
CA GLU E 145 71.39 -32.08 -1.44
C GLU E 145 69.88 -32.21 -1.63
N ILE E 146 69.44 -33.42 -2.01
CA ILE E 146 68.02 -33.69 -2.18
C ILE E 146 67.33 -33.84 -0.82
N ASP E 147 68.04 -34.45 0.13
CA ASP E 147 67.58 -34.52 1.50
C ASP E 147 67.43 -33.11 2.07
N LEU E 148 68.33 -32.23 1.64
CA LEU E 148 68.34 -30.84 2.07
C LEU E 148 67.24 -30.03 1.38
N LEU E 149 66.98 -30.35 0.11
CA LEU E 149 66.05 -29.58 -0.70
C LEU E 149 64.57 -29.84 -0.36
N THR E 150 64.26 -31.08 0.02
CA THR E 150 62.88 -31.45 0.32
C THR E 150 62.40 -30.82 1.63
N GLU E 151 63.27 -30.78 2.63
CA GLU E 151 62.93 -30.27 3.95
C GLU E 151 62.65 -28.76 3.95
N GLU E 152 63.54 -28.00 3.30
CA GLU E 152 63.45 -26.55 3.32
C GLU E 152 62.35 -26.00 2.41
N LEU E 153 62.06 -26.72 1.34
CA LEU E 153 61.13 -26.25 0.31
C LEU E 153 59.67 -26.60 0.61
N SER E 154 58.82 -25.58 0.59
CA SER E 154 57.38 -25.76 0.63
C SER E 154 56.78 -25.23 -0.68
N THR E 155 57.48 -25.53 -1.78
CA THR E 155 57.14 -24.94 -3.07
C THR E 155 57.25 -25.98 -4.20
N ARG E 156 56.18 -26.14 -4.96
CA ARG E 156 56.16 -27.13 -6.05
C ARG E 156 57.06 -26.71 -7.20
N ILE E 157 57.33 -27.64 -8.11
CA ILE E 157 58.29 -27.42 -9.18
C ILE E 157 57.77 -27.83 -10.56
N ILE E 158 57.86 -26.91 -11.52
CA ILE E 158 57.51 -27.21 -12.90
C ILE E 158 58.77 -27.19 -13.76
N LEU E 159 59.14 -28.35 -14.28
CA LEU E 159 60.36 -28.47 -15.09
C LEU E 159 60.04 -28.59 -16.58
N ILE E 160 60.84 -27.93 -17.41
CA ILE E 160 60.65 -27.97 -18.85
C ILE E 160 61.89 -28.44 -19.58
N ASP E 161 61.76 -29.51 -20.35
CA ASP E 161 62.85 -30.06 -21.13
C ASP E 161 63.00 -29.33 -22.46
N CYS E 162 64.21 -28.83 -22.73
CA CYS E 162 64.47 -28.08 -23.95
C CYS E 162 65.28 -28.89 -24.97
N GLY E 163 65.72 -30.07 -24.54
CA GLY E 163 66.50 -30.93 -25.41
C GLY E 163 65.84 -32.27 -25.68
N SER E 173 66.49 -39.30 -14.79
CA SER E 173 66.53 -40.01 -13.52
C SER E 173 67.10 -39.13 -12.41
N ASN E 174 68.06 -38.28 -12.76
CA ASN E 174 68.66 -37.38 -11.79
C ASN E 174 67.73 -36.23 -11.41
N TRP E 175 67.19 -35.56 -12.42
CA TRP E 175 66.25 -34.47 -12.21
C TRP E 175 64.95 -34.97 -11.59
N LEU E 176 64.58 -36.20 -11.92
CA LEU E 176 63.34 -36.81 -11.46
C LEU E 176 63.26 -36.87 -9.93
N LYS E 177 64.40 -37.08 -9.29
CA LYS E 177 64.45 -37.22 -7.84
C LYS E 177 63.88 -36.00 -7.11
N LEU E 178 64.11 -34.81 -7.68
CA LEU E 178 63.58 -33.58 -7.12
C LEU E 178 62.07 -33.50 -7.34
N VAL E 179 61.65 -33.80 -8.56
CA VAL E 179 60.24 -33.73 -8.95
C VAL E 179 59.39 -34.73 -8.17
N GLU E 180 59.89 -35.95 -8.03
CA GLU E 180 59.18 -37.00 -7.32
C GLU E 180 59.04 -36.70 -5.83
N ALA E 181 60.03 -36.02 -5.27
CA ALA E 181 60.04 -35.71 -3.85
C ALA E 181 59.08 -34.57 -3.52
N ILE E 182 59.20 -33.47 -4.24
CA ILE E 182 58.37 -32.29 -4.01
C ILE E 182 56.92 -32.53 -4.44
N PRO E 183 55.98 -32.32 -3.52
CA PRO E 183 54.53 -32.52 -3.75
C PRO E 183 54.00 -31.75 -4.96
N ASN E 184 53.20 -32.43 -5.78
CA ASN E 184 52.57 -31.84 -6.96
C ASN E 184 53.56 -31.15 -7.90
N SER E 185 54.62 -31.86 -8.27
CA SER E 185 55.59 -31.35 -9.24
C SER E 185 55.41 -32.07 -10.58
N ARG E 186 55.64 -31.35 -11.67
CA ARG E 186 55.42 -31.92 -13.00
C ARG E 186 56.55 -31.60 -13.96
N ILE E 187 56.57 -32.31 -15.09
CA ILE E 187 57.60 -32.14 -16.11
C ILE E 187 57.00 -32.05 -17.51
N TYR E 188 57.35 -30.99 -18.24
CA TYR E 188 56.83 -30.79 -19.60
C TYR E 188 57.94 -30.58 -20.61
N ASN E 189 57.58 -30.67 -21.89
CA ASN E 189 58.52 -30.39 -22.97
C ASN E 189 58.47 -28.91 -23.36
N MET E 190 59.42 -28.47 -24.16
CA MET E 190 59.47 -27.07 -24.59
C MET E 190 58.48 -26.80 -25.70
N ASN E 191 58.48 -27.67 -26.72
CA ASN E 191 57.54 -27.56 -27.82
C ASN E 191 56.13 -27.90 -27.37
N GLU E 192 56.04 -28.52 -26.19
CA GLU E 192 54.76 -28.83 -25.58
C GLU E 192 54.10 -27.54 -25.10
N LEU E 193 54.92 -26.60 -24.64
CA LEU E 193 54.44 -25.28 -24.24
C LEU E 193 54.26 -24.37 -25.45
N LEU E 194 55.21 -24.46 -26.38
CA LEU E 194 55.19 -23.62 -27.59
C LEU E 194 53.99 -23.90 -28.48
N VAL E 195 53.35 -25.05 -28.28
CA VAL E 195 52.18 -25.40 -29.06
C VAL E 195 50.90 -25.06 -28.29
N GLU E 196 51.02 -25.00 -26.96
CA GLU E 196 49.89 -24.66 -26.10
C GLU E 196 49.56 -23.17 -26.20
N ILE E 197 50.60 -22.34 -26.27
CA ILE E 197 50.44 -20.90 -26.35
C ILE E 197 50.18 -20.46 -27.79
N THR E 198 50.12 -21.42 -28.70
CA THR E 198 49.81 -21.15 -30.10
C THR E 198 48.36 -21.50 -30.39
N SER E 199 47.91 -22.61 -29.82
CA SER E 199 46.55 -23.09 -30.03
C SER E 199 45.52 -22.25 -29.26
N PRO E 200 44.32 -22.10 -29.84
CA PRO E 200 43.24 -21.33 -29.19
C PRO E 200 42.78 -21.97 -27.89
N ALA E 201 42.39 -21.14 -26.93
CA ALA E 201 41.90 -21.62 -25.65
C ALA E 201 40.57 -20.98 -25.28
N THR E 202 39.61 -21.82 -24.88
CA THR E 202 38.31 -21.33 -24.46
C THR E 202 38.40 -20.66 -23.08
N SER E 203 37.85 -19.47 -22.96
CA SER E 203 37.81 -18.77 -21.68
C SER E 203 36.90 -19.50 -20.72
N VAL E 204 37.35 -19.62 -19.47
CA VAL E 204 36.59 -20.31 -18.44
C VAL E 204 35.78 -19.32 -17.62
N VAL E 205 34.48 -19.26 -17.89
CA VAL E 205 33.60 -18.37 -17.13
C VAL E 205 32.92 -19.11 -15.98
N LYS E 206 33.15 -18.66 -14.76
CA LYS E 206 32.53 -19.24 -13.58
C LYS E 206 31.02 -19.04 -13.62
N PRO E 207 30.27 -20.14 -13.68
CA PRO E 207 28.80 -20.11 -13.76
C PRO E 207 28.17 -19.34 -12.60
N VAL E 208 27.23 -18.47 -12.92
CA VAL E 208 26.52 -17.69 -11.91
C VAL E 208 25.02 -17.84 -12.08
N ARG E 209 24.31 -18.09 -10.99
CA ARG E 209 22.87 -18.26 -11.00
C ARG E 209 22.18 -17.05 -11.55
N VAL E 210 21.20 -17.26 -12.38
CA VAL E 210 20.48 -16.17 -13.02
C VAL E 210 19.01 -16.24 -12.64
N PHE E 211 18.63 -17.28 -11.91
CA PHE E 211 17.27 -17.43 -11.41
C PHE E 211 17.22 -18.44 -10.26
N SER E 212 16.30 -18.20 -9.33
CA SER E 212 16.07 -19.11 -8.21
C SER E 212 14.59 -19.15 -7.85
N GLY E 213 14.00 -20.35 -7.90
CA GLY E 213 12.58 -20.48 -7.64
C GLY E 213 12.05 -21.89 -7.74
N GLU E 214 10.80 -22.01 -8.18
CA GLU E 214 10.12 -23.29 -8.17
C GLU E 214 9.76 -23.79 -9.56
N LEU E 215 9.96 -25.09 -9.78
CA LEU E 215 9.44 -25.77 -10.96
C LEU E 215 8.14 -26.45 -10.57
N ARG E 216 7.02 -25.98 -11.12
CA ARG E 216 5.71 -26.39 -10.62
C ARG E 216 4.82 -27.06 -11.66
N LEU E 217 4.06 -28.05 -11.20
CA LEU E 217 2.99 -28.66 -11.99
C LEU E 217 1.73 -28.74 -11.13
N GLY E 218 0.68 -28.03 -11.54
CA GLY E 218 -0.58 -28.05 -10.82
C GLY E 218 -0.62 -27.10 -9.64
N ALA E 219 0.15 -26.02 -9.74
CA ALA E 219 0.19 -25.03 -8.68
C ALA E 219 -1.03 -24.11 -8.73
N ASP E 220 -1.37 -23.51 -7.60
CA ASP E 220 -2.48 -22.58 -7.51
C ASP E 220 -2.07 -21.22 -8.07
N ILE E 221 -2.84 -20.73 -9.04
CA ILE E 221 -2.57 -19.44 -9.66
C ILE E 221 -2.58 -18.31 -8.61
N LEU E 222 -3.57 -18.35 -7.73
CA LEU E 222 -3.68 -17.33 -6.68
C LEU E 222 -2.54 -17.39 -5.68
N SER E 223 -1.90 -18.55 -5.56
CA SER E 223 -0.83 -18.73 -4.58
C SER E 223 0.56 -18.40 -5.12
N THR E 224 0.75 -18.57 -6.42
CA THR E 224 2.06 -18.35 -7.02
C THR E 224 2.22 -16.95 -7.57
N GLN E 225 1.14 -16.40 -8.13
CA GLN E 225 1.19 -15.08 -8.72
C GLN E 225 0.95 -13.98 -7.69
N THR E 226 1.60 -14.13 -6.54
CA THR E 226 1.66 -13.08 -5.52
C THR E 226 3.11 -12.97 -5.04
N SER E 227 3.42 -11.88 -4.35
CA SER E 227 4.77 -11.70 -3.84
C SER E 227 4.92 -12.45 -2.51
N ASN E 228 3.81 -13.01 -2.03
CA ASN E 228 3.84 -13.88 -0.87
C ASN E 228 4.59 -15.17 -1.18
N PRO E 229 5.33 -15.69 -0.20
CA PRO E 229 6.02 -16.98 -0.38
C PRO E 229 5.07 -18.16 -0.17
N SER E 230 3.87 -18.08 -0.73
CA SER E 230 2.87 -19.15 -0.57
C SER E 230 3.58 -20.41 -1.05
N GLY E 231 3.78 -21.34 -0.13
CA GLY E 231 4.54 -22.54 -0.40
C GLY E 231 3.65 -23.56 -1.10
N SER E 232 3.92 -23.75 -2.40
CA SER E 232 3.27 -24.83 -3.14
C SER E 232 4.01 -26.14 -2.84
N MET E 233 5.05 -26.04 -2.02
CA MET E 233 5.79 -27.19 -1.53
C MET E 233 4.92 -28.06 -0.63
N GLN E 234 4.03 -27.41 0.12
CA GLN E 234 3.13 -28.11 1.02
C GLN E 234 1.80 -28.43 0.35
N ASP E 235 1.74 -28.27 -0.96
CA ASP E 235 0.54 -28.56 -1.73
C ASP E 235 0.62 -29.97 -2.33
N GLU E 236 -0.17 -30.88 -1.78
CA GLU E 236 -0.12 -32.28 -2.17
C GLU E 236 -0.86 -32.53 -3.49
N ASN E 237 -1.33 -31.46 -4.11
CA ASN E 237 -1.92 -31.53 -5.43
C ASN E 237 -0.98 -30.91 -6.46
N CYS E 238 0.27 -30.73 -6.07
CA CYS E 238 1.24 -30.02 -6.89
C CYS E 238 2.62 -30.67 -6.88
N LEU E 239 3.18 -30.85 -8.07
CA LEU E 239 4.59 -31.23 -8.20
C LEU E 239 5.45 -29.99 -8.07
N CYS E 240 6.19 -29.89 -6.98
CA CYS E 240 6.97 -28.68 -6.72
C CYS E 240 8.42 -29.00 -6.41
N ILE E 241 9.29 -28.72 -7.37
CA ILE E 241 10.72 -28.92 -7.21
C ILE E 241 11.46 -27.57 -7.18
N LYS E 242 12.35 -27.39 -6.22
CA LYS E 242 13.16 -26.17 -6.16
C LYS E 242 14.30 -26.26 -7.15
N VAL E 243 14.40 -25.28 -8.04
CA VAL E 243 15.40 -25.30 -9.10
C VAL E 243 16.14 -23.98 -9.24
N GLU E 244 17.32 -24.04 -9.84
CA GLU E 244 18.10 -22.84 -10.17
C GLU E 244 18.25 -22.76 -11.68
N ALA E 245 18.71 -21.61 -12.16
CA ALA E 245 18.97 -21.44 -13.58
C ALA E 245 20.33 -20.83 -13.82
N PHE E 246 21.04 -21.38 -14.81
CA PHE E 246 22.36 -20.89 -15.19
C PHE E 246 22.40 -20.74 -16.71
N PRO E 247 23.19 -19.79 -17.21
CA PRO E 247 23.28 -19.64 -18.66
C PRO E 247 23.92 -20.86 -19.30
N ALA E 248 23.40 -21.29 -20.45
CA ALA E 248 23.98 -22.40 -21.17
C ALA E 248 24.71 -21.91 -22.42
N THR E 249 24.01 -21.14 -23.24
CA THR E 249 24.62 -20.47 -24.38
C THR E 249 24.47 -18.97 -24.21
N LYS E 250 25.54 -18.23 -24.47
CA LYS E 250 25.50 -16.78 -24.43
C LYS E 250 26.39 -16.21 -25.52
N ALA E 251 25.83 -15.28 -26.29
CA ALA E 251 26.55 -14.69 -27.41
C ALA E 251 27.75 -13.87 -26.95
N VAL E 252 28.84 -13.96 -27.70
CA VAL E 252 30.01 -13.13 -27.46
C VAL E 252 30.23 -12.19 -28.65
N SER E 253 30.78 -11.01 -28.38
CA SER E 253 30.98 -10.02 -29.43
C SER E 253 32.45 -9.59 -29.54
N GLY E 254 33.35 -10.41 -29.01
CA GLY E 254 34.77 -10.15 -29.11
C GLY E 254 35.35 -9.46 -27.89
N LEU E 255 36.55 -8.92 -28.05
CA LEU E 255 37.19 -8.18 -26.97
C LEU E 255 36.42 -6.91 -26.67
N ASN E 256 36.28 -6.59 -25.39
CA ASN E 256 35.63 -5.36 -24.99
C ASN E 256 36.49 -4.17 -25.37
N ARG E 257 35.90 -3.16 -25.99
CA ARG E 257 36.59 -1.98 -26.43
C ARG E 257 36.32 -0.79 -25.55
N LYS E 258 37.23 0.16 -25.49
CA LYS E 258 37.12 1.30 -24.60
C LYS E 258 37.00 2.60 -25.37
N THR E 259 35.94 3.36 -25.07
CA THR E 259 35.74 4.67 -25.69
C THR E 259 36.68 5.68 -25.04
N ALA E 260 37.43 6.41 -25.86
CA ALA E 260 38.45 7.31 -25.32
C ALA E 260 38.79 8.47 -26.25
N VAL E 261 39.46 9.47 -25.70
CA VAL E 261 40.04 10.55 -26.49
C VAL E 261 41.54 10.56 -26.26
N GLU E 262 42.29 10.99 -27.27
CA GLU E 262 43.74 11.01 -27.17
C GLU E 262 44.20 12.23 -26.37
N VAL E 263 45.31 12.06 -25.65
CA VAL E 263 45.92 13.16 -24.91
C VAL E 263 47.44 13.16 -25.11
N GLU E 264 48.07 14.30 -24.87
CA GLU E 264 49.51 14.40 -25.00
C GLU E 264 50.22 14.16 -23.68
N ASP E 265 51.52 13.87 -23.74
CA ASP E 265 52.32 13.65 -22.55
C ASP E 265 53.81 13.79 -22.86
N SER E 266 54.64 13.65 -21.84
CA SER E 266 56.09 13.78 -21.99
C SER E 266 56.66 12.61 -22.80
N GLN E 267 55.94 11.49 -22.82
CA GLN E 267 56.39 10.31 -23.55
C GLN E 267 55.27 9.86 -24.48
N LYS E 268 55.14 10.56 -25.60
CA LYS E 268 53.98 10.39 -26.48
C LYS E 268 53.96 9.05 -27.20
N LYS E 269 53.65 8.00 -26.45
CA LYS E 269 53.10 6.79 -27.03
C LYS E 269 51.62 7.12 -27.20
N GLU E 270 50.87 6.29 -27.89
CA GLU E 270 49.45 6.58 -28.06
C GLU E 270 48.76 6.57 -26.70
N ARG E 271 48.62 7.76 -26.11
CA ARG E 271 48.07 7.91 -24.77
C ARG E 271 46.63 8.40 -24.81
N TYR E 272 45.73 7.62 -24.20
CA TYR E 272 44.31 7.95 -24.20
C TYR E 272 43.75 8.01 -22.79
N VAL E 273 42.61 8.66 -22.64
CA VAL E 273 41.88 8.65 -21.38
C VAL E 273 40.43 8.26 -21.64
N GLY E 274 39.88 7.41 -20.77
CA GLY E 274 38.50 6.97 -20.92
C GLY E 274 37.53 8.13 -20.80
N VAL E 275 36.43 8.06 -21.53
CA VAL E 275 35.42 9.12 -21.49
C VAL E 275 34.08 8.63 -20.98
N LYS E 276 33.29 9.56 -20.45
CA LYS E 276 31.95 9.25 -19.95
C LYS E 276 30.93 10.03 -20.75
N SER E 277 29.69 9.55 -20.75
CA SER E 277 28.64 10.25 -21.48
C SER E 277 27.41 10.53 -20.62
N ILE E 278 26.75 11.64 -20.90
CA ILE E 278 25.47 11.97 -20.28
C ILE E 278 24.39 12.02 -21.36
N ILE E 279 23.14 12.18 -20.94
CA ILE E 279 22.03 12.30 -21.88
C ILE E 279 21.42 13.69 -21.76
N GLU E 280 21.40 14.42 -22.86
CA GLU E 280 20.77 15.73 -22.90
C GLU E 280 19.49 15.69 -23.73
N TYR E 281 18.68 16.73 -23.63
CA TYR E 281 17.42 16.79 -24.36
C TYR E 281 17.29 18.12 -25.07
N GLU E 282 16.94 18.07 -26.36
CA GLU E 282 16.88 19.27 -27.18
C GLU E 282 15.60 19.32 -28.02
N ILE E 283 15.22 20.53 -28.41
CA ILE E 283 14.11 20.73 -29.34
C ILE E 283 14.63 21.42 -30.59
N HIS E 284 13.96 21.19 -31.70
CA HIS E 284 14.40 21.76 -32.98
C HIS E 284 13.50 22.91 -33.42
N ASN E 285 14.07 24.10 -33.54
CA ASN E 285 13.37 25.24 -34.10
C ASN E 285 13.80 25.47 -35.55
N GLU E 286 12.99 24.99 -36.48
CA GLU E 286 13.32 25.05 -37.90
C GLU E 286 13.28 26.48 -38.42
N GLY E 287 14.20 26.78 -39.34
CA GLY E 287 14.26 28.10 -39.95
C GLY E 287 14.14 28.03 -41.46
N GLY E 299 14.87 22.01 -47.59
CA GLY E 299 14.06 22.86 -46.75
C GLY E 299 14.80 23.37 -45.53
N SER E 300 15.89 24.09 -45.77
CA SER E 300 16.72 24.67 -44.71
C SER E 300 17.16 23.65 -43.67
N SER E 301 17.36 24.12 -42.43
CA SER E 301 17.79 23.27 -41.33
C SER E 301 17.21 23.79 -40.02
N TYR E 302 17.40 23.04 -38.94
CA TYR E 302 16.81 23.42 -37.66
C TYR E 302 17.83 24.00 -36.68
N ILE E 303 17.33 24.70 -35.66
CA ILE E 303 18.18 25.27 -34.63
C ILE E 303 17.99 24.52 -33.31
N PRO E 304 18.96 23.66 -32.96
CA PRO E 304 18.89 22.85 -31.74
C PRO E 304 19.10 23.66 -30.47
N VAL E 305 18.16 23.54 -29.53
CA VAL E 305 18.28 24.21 -28.23
C VAL E 305 18.13 23.22 -27.09
N THR E 306 19.13 23.16 -26.22
CA THR E 306 19.11 22.25 -25.08
C THR E 306 18.05 22.65 -24.07
N ILE E 307 17.18 21.70 -23.73
CA ILE E 307 16.15 21.94 -22.72
C ILE E 307 16.23 20.90 -21.60
N SER E 308 15.59 21.21 -20.47
CA SER E 308 15.67 20.35 -19.29
C SER E 308 14.76 19.13 -19.42
N LYS E 309 15.16 18.04 -18.76
CA LYS E 309 14.38 16.79 -18.80
C LYS E 309 13.03 16.95 -18.11
N ASP E 310 12.96 17.90 -17.20
CA ASP E 310 11.73 18.16 -16.44
C ASP E 310 10.58 18.60 -17.34
N SER E 311 10.91 19.10 -18.53
CA SER E 311 9.89 19.55 -19.47
C SER E 311 9.67 18.55 -20.59
N VAL E 312 10.30 17.38 -20.47
CA VAL E 312 10.17 16.33 -21.47
C VAL E 312 9.38 15.14 -20.93
N THR E 313 8.43 14.67 -21.72
CA THR E 313 7.64 13.50 -21.36
C THR E 313 7.61 12.49 -22.49
N LYS E 314 7.52 11.22 -22.15
CA LYS E 314 7.43 10.16 -23.14
C LYS E 314 5.99 10.03 -23.62
N ALA E 315 5.79 10.05 -24.94
CA ALA E 315 4.48 9.83 -25.51
C ALA E 315 4.45 8.50 -26.26
N TYR E 316 3.69 7.54 -25.72
CA TYR E 316 3.62 6.23 -26.32
C TYR E 316 2.71 6.22 -27.55
N ARG E 317 3.01 5.34 -28.49
CA ARG E 317 2.28 5.29 -29.75
C ARG E 317 1.15 4.25 -29.72
N TYR E 318 -0.03 4.69 -30.15
CA TYR E 318 -1.13 3.77 -30.41
C TYR E 318 -1.72 4.08 -31.77
N GLY E 319 -1.28 3.33 -32.78
CA GLY E 319 -1.71 3.57 -34.15
C GLY E 319 -1.27 4.92 -34.65
N ALA E 320 -2.23 5.77 -35.00
CA ALA E 320 -1.94 7.08 -35.57
C ALA E 320 -1.89 8.18 -34.51
N ASP E 321 -2.05 7.81 -33.25
CA ASP E 321 -2.02 8.78 -32.16
C ASP E 321 -0.89 8.51 -31.18
N TYR E 322 -0.37 9.58 -30.58
CA TYR E 322 0.64 9.49 -29.55
C TYR E 322 0.08 9.93 -28.20
N VAL E 323 0.39 9.15 -27.16
CA VAL E 323 -0.27 9.33 -25.87
C VAL E 323 0.69 9.57 -24.71
N VAL E 324 0.51 10.69 -24.01
CA VAL E 324 1.17 10.89 -22.73
C VAL E 324 0.21 10.51 -21.61
N LEU E 325 0.58 9.48 -20.85
CA LEU E 325 -0.27 8.98 -19.79
C LEU E 325 0.01 9.71 -18.48
N PRO E 326 -1.05 9.92 -17.67
CA PRO E 326 -0.86 10.36 -16.29
C PRO E 326 -0.03 9.33 -15.52
N SER E 327 0.71 9.78 -14.50
CA SER E 327 1.66 8.94 -13.79
C SER E 327 1.06 7.63 -13.29
N VAL E 328 -0.14 7.70 -12.72
CA VAL E 328 -0.78 6.53 -12.13
C VAL E 328 -1.10 5.45 -13.17
N LEU E 329 -1.34 5.86 -14.41
CA LEU E 329 -1.67 4.93 -15.48
C LEU E 329 -0.41 4.37 -16.12
N VAL E 330 0.68 5.14 -16.05
CA VAL E 330 1.98 4.70 -16.52
C VAL E 330 2.41 3.45 -15.75
N ASP E 331 1.99 3.37 -14.50
CA ASP E 331 2.25 2.20 -13.67
C ASP E 331 1.34 1.02 -14.05
N GLN E 332 0.14 1.33 -14.55
CA GLN E 332 -0.81 0.30 -14.93
C GLN E 332 -0.33 -0.48 -16.16
N THR E 333 0.47 0.18 -17.00
CA THR E 333 0.97 -0.43 -18.23
C THR E 333 1.86 -1.63 -17.95
N VAL E 334 2.54 -1.62 -16.80
CA VAL E 334 3.43 -2.72 -16.46
C VAL E 334 2.67 -3.90 -15.87
N TYR E 335 2.78 -5.05 -16.54
CA TYR E 335 2.13 -6.28 -16.11
C TYR E 335 2.88 -6.88 -14.91
N GLU E 336 2.16 -7.04 -13.81
CA GLU E 336 2.77 -7.55 -12.59
C GLU E 336 3.04 -9.05 -12.70
N SER E 337 4.29 -9.40 -12.94
CA SER E 337 4.69 -10.80 -13.07
C SER E 337 5.51 -11.25 -11.86
N PHE E 338 5.47 -12.56 -11.58
CA PHE E 338 6.11 -13.11 -10.40
C PHE E 338 7.01 -14.28 -10.78
N PRO E 339 8.17 -14.40 -10.11
CA PRO E 339 9.18 -15.39 -10.48
C PRO E 339 8.68 -16.82 -10.34
N GLY E 340 8.87 -17.62 -11.38
CA GLY E 340 8.45 -19.02 -11.35
C GLY E 340 8.65 -19.73 -12.67
N LEU E 341 8.54 -21.06 -12.63
CA LEU E 341 8.63 -21.90 -13.81
C LEU E 341 7.48 -22.91 -13.80
N ASP E 342 6.39 -22.58 -14.49
CA ASP E 342 5.18 -23.37 -14.41
C ASP E 342 5.00 -24.23 -15.66
N LEU E 343 4.82 -25.53 -15.45
CA LEU E 343 4.68 -26.48 -16.55
C LEU E 343 3.29 -26.42 -17.20
N ARG E 344 3.29 -26.33 -18.52
CA ARG E 344 2.05 -26.25 -19.30
C ARG E 344 1.70 -27.61 -19.93
N GLY E 345 2.73 -28.36 -20.30
CA GLY E 345 2.53 -29.67 -20.88
C GLY E 345 3.78 -30.28 -21.48
N PHE E 346 3.61 -31.41 -22.16
CA PHE E 346 4.70 -32.14 -22.77
C PHE E 346 4.37 -32.52 -24.21
N LEU E 347 5.40 -32.70 -25.03
CA LEU E 347 5.21 -33.22 -26.38
C LEU E 347 6.49 -33.92 -26.84
N ASN E 348 6.41 -34.62 -27.96
CA ASN E 348 7.57 -35.29 -28.52
C ASN E 348 8.48 -34.26 -29.20
N ARG E 349 9.80 -34.52 -29.18
CA ARG E 349 10.78 -33.64 -29.81
C ARG E 349 10.36 -33.24 -31.23
N GLU E 350 9.91 -34.23 -32.00
CA GLU E 350 9.57 -34.04 -33.41
C GLU E 350 8.27 -33.28 -33.60
N ALA E 351 7.57 -32.98 -32.50
CA ALA E 351 6.31 -32.27 -32.57
C ALA E 351 6.51 -30.77 -32.38
N LEU E 352 7.68 -30.41 -31.88
CA LEU E 352 8.04 -29.00 -31.70
C LEU E 352 8.96 -28.57 -32.82
N PRO E 353 8.47 -27.69 -33.71
CA PRO E 353 9.29 -27.12 -34.77
C PRO E 353 10.56 -26.45 -34.23
N ARG E 354 11.70 -26.82 -34.78
CA ARG E 354 13.00 -26.37 -34.27
C ARG E 354 13.14 -24.84 -34.34
N TYR E 355 12.55 -24.24 -35.36
CA TYR E 355 12.67 -22.79 -35.54
C TYR E 355 11.85 -21.97 -34.55
N PHE E 356 11.11 -22.63 -33.68
CA PHE E 356 10.35 -21.95 -32.62
C PHE E 356 11.28 -21.38 -31.56
N LEU E 357 12.49 -21.93 -31.47
CA LEU E 357 13.46 -21.53 -30.46
C LEU E 357 14.07 -20.19 -30.81
N THR E 358 13.86 -19.19 -29.95
CA THR E 358 14.15 -17.80 -30.32
C THR E 358 15.30 -17.13 -29.56
N SER E 359 15.72 -17.71 -28.44
CA SER E 359 16.70 -17.03 -27.59
C SER E 359 17.90 -17.88 -27.19
N GLU E 360 18.71 -17.33 -26.29
CA GLU E 360 19.83 -18.05 -25.72
C GLU E 360 19.33 -19.10 -24.74
N SER E 361 20.09 -20.17 -24.55
CA SER E 361 19.65 -21.29 -23.72
C SER E 361 20.19 -21.20 -22.30
N SER E 362 19.46 -21.79 -21.36
CA SER E 362 19.84 -21.77 -19.96
C SER E 362 19.68 -23.14 -19.32
N PHE E 363 20.57 -23.48 -18.38
CA PHE E 363 20.43 -24.71 -17.61
C PHE E 363 19.35 -24.55 -16.55
N ILE E 364 18.59 -25.62 -16.31
CA ILE E 364 17.72 -25.67 -15.15
C ILE E 364 18.20 -26.82 -14.29
N THR E 365 18.76 -26.49 -13.13
CA THR E 365 19.27 -27.52 -12.22
C THR E 365 18.52 -27.48 -10.90
N ALA E 366 18.44 -28.63 -10.24
CA ALA E 366 17.78 -28.73 -8.95
C ALA E 366 18.53 -27.94 -7.88
N ASP E 367 17.79 -27.38 -6.94
CA ASP E 367 18.35 -26.54 -5.90
C ASP E 367 18.57 -27.35 -4.61
N THR E 368 19.78 -27.86 -4.43
CA THR E 368 20.15 -28.53 -3.20
C THR E 368 20.66 -27.53 -2.18
N ARG E 369 20.92 -26.31 -2.64
CA ARG E 369 21.36 -25.22 -1.78
C ARG E 369 20.24 -24.74 -0.89
N LEU E 370 19.20 -24.19 -1.50
CA LEU E 370 18.08 -23.61 -0.76
C LEU E 370 17.02 -24.68 -0.46
N GLY E 371 16.95 -25.70 -1.30
CA GLY E 371 16.03 -26.78 -1.11
C GLY E 371 16.70 -28.02 -0.53
N CYS E 372 15.93 -29.08 -0.36
CA CYS E 372 16.46 -30.32 0.21
C CYS E 372 16.94 -31.28 -0.88
N GLN E 373 17.41 -32.45 -0.47
CA GLN E 373 17.96 -33.44 -1.39
C GLN E 373 16.89 -34.23 -2.14
N SER E 374 15.63 -33.94 -1.84
CA SER E 374 14.52 -34.59 -2.55
C SER E 374 14.31 -33.94 -3.91
N ASP E 375 14.72 -32.69 -4.04
CA ASP E 375 14.59 -31.97 -5.29
C ASP E 375 15.49 -32.58 -6.35
N LEU E 376 16.76 -32.79 -6.00
CA LEU E 376 17.74 -33.33 -6.94
C LEU E 376 17.34 -34.72 -7.42
N MET E 377 16.72 -35.49 -6.53
CA MET E 377 16.22 -36.82 -6.87
C MET E 377 15.03 -36.72 -7.81
N ALA E 378 14.01 -35.98 -7.40
CA ALA E 378 12.77 -35.84 -8.15
C ALA E 378 13.01 -35.17 -9.51
N PHE E 379 13.92 -34.21 -9.54
CA PHE E 379 14.22 -33.49 -10.78
C PHE E 379 14.93 -34.41 -11.77
N SER E 380 15.87 -35.21 -11.28
CA SER E 380 16.60 -36.15 -12.12
C SER E 380 15.67 -37.23 -12.67
N ALA E 381 14.67 -37.59 -11.87
CA ALA E 381 13.69 -38.59 -12.29
C ALA E 381 12.86 -38.04 -13.45
N LEU E 382 12.56 -36.75 -13.39
CA LEU E 382 11.79 -36.09 -14.44
C LEU E 382 12.57 -36.01 -15.74
N VAL E 383 13.83 -35.62 -15.66
CA VAL E 383 14.69 -35.49 -16.83
C VAL E 383 14.90 -36.86 -17.49
N ASP E 384 15.17 -37.87 -16.66
CA ASP E 384 15.36 -39.24 -17.14
C ASP E 384 14.18 -39.71 -17.97
N VAL E 385 12.97 -39.54 -17.43
CA VAL E 385 11.74 -39.93 -18.13
C VAL E 385 11.62 -39.22 -19.48
N MET E 386 11.91 -37.92 -19.49
CA MET E 386 11.83 -37.14 -20.71
C MET E 386 12.90 -37.54 -21.72
N LEU E 387 14.03 -38.04 -21.21
CA LEU E 387 15.09 -38.56 -22.08
C LEU E 387 14.70 -39.87 -22.74
N GLU E 388 14.10 -40.77 -21.95
CA GLU E 388 13.73 -42.10 -22.43
C GLU E 388 12.55 -42.04 -23.41
N ASN E 389 11.62 -41.13 -23.15
CA ASN E 389 10.45 -40.99 -24.00
C ASN E 389 10.61 -39.90 -25.05
N ARG E 390 11.81 -39.33 -25.11
CA ARG E 390 12.15 -38.26 -26.06
C ARG E 390 11.12 -37.15 -26.05
N LYS E 391 10.90 -36.56 -24.88
CA LYS E 391 9.90 -35.52 -24.71
C LYS E 391 10.53 -34.15 -24.57
N ILE E 392 9.72 -33.11 -24.79
CA ILE E 392 10.10 -31.74 -24.51
C ILE E 392 8.98 -31.05 -23.75
N ALA E 393 9.32 -30.39 -22.65
CA ALA E 393 8.31 -29.70 -21.86
C ALA E 393 8.09 -28.27 -22.34
N VAL E 394 6.83 -27.86 -22.39
CA VAL E 394 6.48 -26.47 -22.66
C VAL E 394 6.08 -25.81 -21.34
N ALA E 395 6.74 -24.71 -20.99
CA ALA E 395 6.52 -24.10 -19.68
C ALA E 395 6.35 -22.58 -19.75
N ARG E 396 5.92 -22.01 -18.64
CA ARG E 396 5.79 -20.57 -18.47
C ARG E 396 6.90 -20.11 -17.55
N TYR E 397 7.69 -19.13 -17.99
CA TYR E 397 8.88 -18.75 -17.23
C TYR E 397 8.98 -17.27 -16.93
N VAL E 398 9.20 -16.96 -15.65
CA VAL E 398 9.43 -15.58 -15.21
C VAL E 398 10.60 -15.57 -14.22
N SER E 399 11.63 -14.79 -14.52
CA SER E 399 12.85 -14.81 -13.73
C SER E 399 12.80 -13.90 -12.50
N LYS E 400 12.28 -12.69 -12.68
CA LYS E 400 12.19 -11.73 -11.59
C LYS E 400 10.78 -11.14 -11.48
N LYS E 401 10.53 -10.38 -10.40
CA LYS E 401 9.29 -9.62 -10.31
C LYS E 401 9.22 -8.58 -11.42
N ASP E 402 8.04 -8.44 -12.01
CA ASP E 402 7.81 -7.49 -13.09
C ASP E 402 8.77 -7.69 -14.26
N SER E 403 9.28 -8.92 -14.39
CA SER E 403 10.08 -9.28 -15.55
C SER E 403 9.19 -9.80 -16.67
N GLU E 404 9.76 -9.94 -17.86
CA GLU E 404 9.03 -10.50 -19.00
C GLU E 404 8.50 -11.89 -18.70
N VAL E 405 7.33 -12.18 -19.23
CA VAL E 405 6.79 -13.53 -19.19
C VAL E 405 7.20 -14.24 -20.47
N ASN E 406 7.70 -15.47 -20.33
CA ASN E 406 8.12 -16.23 -21.50
C ASN E 406 7.46 -17.61 -21.57
N MET E 407 7.01 -17.97 -22.76
CA MET E 407 6.75 -19.36 -23.07
C MET E 407 8.10 -19.94 -23.44
N CYS E 408 8.40 -21.15 -22.99
CA CYS E 408 9.70 -21.73 -23.29
C CYS E 408 9.65 -23.23 -23.44
N ALA E 409 10.66 -23.77 -24.12
CA ALA E 409 10.81 -25.21 -24.27
C ALA E 409 11.87 -25.72 -23.29
N LEU E 410 11.54 -26.80 -22.58
CA LEU E 410 12.47 -27.42 -21.65
C LEU E 410 12.99 -28.73 -22.22
N CYS E 411 14.21 -28.69 -22.75
CA CYS E 411 14.80 -29.87 -23.36
C CYS E 411 15.72 -30.60 -22.40
N PRO E 412 15.53 -31.92 -22.25
CA PRO E 412 16.36 -32.73 -21.35
C PRO E 412 17.77 -32.92 -21.89
N VAL E 413 18.76 -32.78 -21.02
CA VAL E 413 20.16 -32.97 -21.41
C VAL E 413 20.94 -33.79 -20.39
N LEU E 414 21.98 -34.48 -20.88
CA LEU E 414 22.92 -35.17 -20.02
C LEU E 414 24.24 -34.41 -19.95
N ILE E 415 24.88 -34.44 -18.79
CA ILE E 415 26.22 -33.86 -18.65
C ILE E 415 27.12 -34.85 -17.93
N GLU E 416 28.18 -35.28 -18.61
CA GLU E 416 29.12 -36.22 -18.02
C GLU E 416 30.11 -35.53 -17.08
N HIS E 417 30.28 -36.10 -15.90
CA HIS E 417 31.25 -35.60 -14.93
C HIS E 417 32.33 -36.65 -14.68
N SER E 418 33.52 -36.21 -14.32
CA SER E 418 34.62 -37.12 -14.01
C SER E 418 34.49 -37.64 -12.59
N ASN E 419 34.17 -38.91 -12.46
CA ASN E 419 33.87 -39.49 -11.15
C ASN E 419 35.09 -40.13 -10.49
N ILE E 420 35.02 -40.29 -9.16
CA ILE E 420 36.07 -40.95 -8.41
C ILE E 420 36.05 -42.44 -8.70
N ASN E 421 34.87 -42.95 -9.02
CA ASN E 421 34.70 -44.35 -9.41
C ASN E 421 34.91 -44.48 -10.92
N SER E 422 35.28 -45.68 -11.36
CA SER E 422 35.60 -45.93 -12.77
C SER E 422 34.37 -45.81 -13.67
N GLU E 423 33.19 -45.79 -13.08
CA GLU E 423 31.95 -45.67 -13.85
C GLU E 423 31.72 -44.23 -14.28
N LYS E 424 31.11 -44.05 -15.46
CA LYS E 424 30.73 -42.73 -15.93
C LYS E 424 29.63 -42.13 -15.06
N LYS E 425 29.60 -40.81 -15.00
CA LYS E 425 28.59 -40.10 -14.23
C LYS E 425 27.81 -39.11 -15.09
N PHE E 426 26.54 -39.39 -15.33
CA PHE E 426 25.69 -38.48 -16.08
C PHE E 426 24.76 -37.70 -15.16
N VAL E 427 25.00 -36.39 -15.06
CA VAL E 427 24.11 -35.51 -14.31
C VAL E 427 22.93 -35.08 -15.17
N LYS E 428 21.72 -35.31 -14.66
CA LYS E 428 20.51 -34.96 -15.39
C LYS E 428 20.21 -33.48 -15.25
N SER E 429 19.83 -32.84 -16.35
CA SER E 429 19.50 -31.41 -16.33
C SER E 429 18.53 -31.03 -17.43
N LEU E 430 18.10 -29.76 -17.44
CA LEU E 430 17.19 -29.24 -18.44
C LEU E 430 17.72 -27.97 -19.11
N THR E 431 17.42 -27.81 -20.39
CA THR E 431 17.77 -26.60 -21.11
C THR E 431 16.52 -25.78 -21.35
N LEU E 432 16.60 -24.48 -21.07
CA LEU E 432 15.46 -23.58 -21.27
C LEU E 432 15.72 -22.63 -22.44
N CYS E 433 14.77 -22.60 -23.38
CA CYS E 433 14.86 -21.69 -24.52
C CYS E 433 13.48 -21.13 -24.84
N ARG E 434 13.43 -19.83 -25.13
CA ARG E 434 12.17 -19.10 -25.29
C ARG E 434 11.37 -19.49 -26.53
N LEU E 435 10.06 -19.65 -26.34
CA LEU E 435 9.13 -19.86 -27.44
C LEU E 435 8.41 -18.55 -27.78
N PRO E 436 7.94 -18.40 -29.03
CA PRO E 436 7.35 -17.13 -29.45
C PRO E 436 5.90 -16.95 -28.99
N PHE E 437 5.51 -15.70 -28.79
CA PHE E 437 4.11 -15.38 -28.53
C PHE E 437 3.39 -15.22 -29.86
N ALA E 438 2.09 -14.95 -29.79
CA ALA E 438 1.30 -14.69 -30.99
C ALA E 438 1.85 -13.51 -31.77
N GLU E 439 2.19 -12.46 -31.06
CA GLU E 439 2.64 -11.21 -31.66
C GLU E 439 4.02 -11.32 -32.31
N ASP E 440 4.67 -12.47 -32.13
CA ASP E 440 6.04 -12.63 -32.59
C ASP E 440 6.15 -13.21 -34.00
N GLU E 441 5.15 -13.97 -34.44
CA GLU E 441 5.25 -14.64 -35.73
C GLU E 441 5.01 -13.71 -36.92
N ARG E 442 5.96 -13.74 -37.86
CA ARG E 442 5.91 -12.91 -39.06
C ARG E 442 5.65 -13.75 -40.30
N VAL E 443 5.17 -14.97 -40.10
CA VAL E 443 5.02 -15.92 -41.18
C VAL E 443 4.03 -15.44 -42.23
N THR E 444 4.38 -15.66 -43.49
CA THR E 444 3.50 -15.40 -44.62
C THR E 444 3.66 -16.50 -45.66
N ASP E 445 2.75 -16.54 -46.61
CA ASP E 445 2.88 -17.49 -47.71
C ASP E 445 4.05 -17.12 -48.63
N PHE E 446 4.89 -18.10 -48.91
CA PHE E 446 5.99 -17.93 -49.86
C PHE E 446 5.70 -18.75 -51.12
N PRO E 447 6.31 -18.35 -52.24
CA PRO E 447 6.09 -19.10 -53.49
C PRO E 447 6.70 -20.50 -53.45
N LYS E 448 6.04 -21.44 -54.12
CA LYS E 448 6.52 -22.83 -54.18
C LYS E 448 7.88 -22.90 -54.87
N LEU E 449 8.73 -23.80 -54.36
CA LEU E 449 10.09 -23.93 -54.87
C LEU E 449 10.25 -25.22 -55.68
N LEU E 450 9.55 -26.27 -55.25
CA LEU E 450 9.65 -27.57 -55.91
C LEU E 450 8.77 -27.63 -57.16
N ASP E 451 7.46 -27.82 -56.96
CA ASP E 451 6.51 -27.78 -58.06
C ASP E 451 6.03 -26.35 -58.29
N ARG E 452 6.86 -25.57 -59.00
CA ARG E 452 6.60 -24.15 -59.18
C ARG E 452 5.37 -23.89 -60.04
N THR E 453 4.65 -22.82 -59.72
CA THR E 453 3.49 -22.41 -60.50
C THR E 453 3.53 -20.92 -60.79
N THR E 454 2.54 -20.43 -61.53
CA THR E 454 2.39 -19.00 -61.72
C THR E 454 1.69 -18.41 -60.49
N THR E 455 1.54 -17.09 -60.48
CA THR E 455 0.89 -16.42 -59.35
C THR E 455 -0.57 -16.88 -59.21
N SER E 456 -1.24 -17.06 -60.35
CA SER E 456 -2.62 -17.55 -60.34
C SER E 456 -2.67 -18.98 -59.84
N GLY E 457 -1.58 -19.72 -60.07
CA GLY E 457 -1.46 -21.07 -59.54
C GLY E 457 -1.40 -22.17 -60.58
N VAL E 458 -1.24 -21.80 -61.85
CA VAL E 458 -1.14 -22.81 -62.89
C VAL E 458 0.29 -23.36 -62.90
N PRO E 459 0.42 -24.70 -62.97
CA PRO E 459 1.71 -25.38 -62.88
C PRO E 459 2.70 -24.94 -63.95
N LEU E 460 3.83 -24.40 -63.50
CA LEU E 460 4.88 -23.95 -64.40
C LEU E 460 5.55 -25.16 -65.05
N LYS E 461 5.97 -25.01 -66.30
CA LYS E 461 6.57 -26.11 -67.05
C LYS E 461 7.82 -26.65 -66.37
N LYS E 462 7.87 -27.97 -66.22
CA LYS E 462 8.98 -28.63 -65.53
C LYS E 462 10.31 -28.41 -66.25
N GLU E 463 11.32 -28.03 -65.48
CA GLU E 463 12.63 -27.68 -66.02
C GLU E 463 13.26 -28.82 -66.83
N THR E 464 13.71 -28.49 -68.04
CA THR E 464 14.50 -29.43 -68.83
C THR E 464 15.87 -29.56 -68.18
N ASP E 465 16.59 -30.62 -68.52
CA ASP E 465 17.86 -30.97 -67.87
C ASP E 465 17.66 -31.16 -66.37
N GLY E 466 16.44 -31.51 -65.97
CA GLY E 466 16.09 -31.63 -64.56
C GLY E 466 16.71 -32.81 -63.85
N HIS E 467 16.75 -33.95 -64.53
CA HIS E 467 17.29 -35.18 -63.93
C HIS E 467 18.80 -35.10 -63.76
N GLN E 468 19.49 -34.46 -64.70
CA GLN E 468 20.93 -34.33 -64.63
C GLN E 468 21.34 -33.40 -63.48
N ILE E 469 20.47 -32.43 -63.19
CA ILE E 469 20.73 -31.48 -62.12
C ILE E 469 20.68 -32.15 -60.75
N ASP E 470 19.59 -32.88 -60.50
CA ASP E 470 19.43 -33.58 -59.24
C ASP E 470 20.48 -34.67 -59.06
N GLU E 471 21.01 -35.17 -60.16
CA GLU E 471 22.05 -36.20 -60.13
C GLU E 471 23.39 -35.60 -59.72
N LEU E 472 23.75 -34.47 -60.34
CA LEU E 472 25.02 -33.82 -60.05
C LEU E 472 24.99 -33.10 -58.71
N MET E 473 23.82 -32.63 -58.31
CA MET E 473 23.64 -32.00 -57.00
C MET E 473 23.90 -33.00 -55.89
N GLU E 474 23.53 -34.25 -56.15
CA GLU E 474 23.66 -35.33 -55.18
C GLU E 474 25.13 -35.68 -54.96
N GLN E 475 25.91 -35.67 -56.03
CA GLN E 475 27.35 -35.92 -55.93
C GLN E 475 28.06 -34.74 -55.24
N PHE E 476 27.51 -33.54 -55.44
CA PHE E 476 28.05 -32.35 -54.81
C PHE E 476 27.90 -32.42 -53.30
N VAL E 477 26.74 -32.90 -52.84
CA VAL E 477 26.46 -33.04 -51.42
C VAL E 477 27.36 -34.11 -50.80
N ASP E 478 27.56 -35.21 -51.52
CA ASP E 478 28.44 -36.27 -51.05
C ASP E 478 29.90 -35.85 -51.03
N SER E 479 30.28 -34.95 -51.94
CA SER E 479 31.66 -34.48 -52.06
C SER E 479 32.11 -33.73 -50.81
N MET E 480 31.16 -33.17 -50.08
CA MET E 480 31.49 -32.41 -48.88
C MET E 480 30.85 -33.02 -47.63
N ASP E 481 30.58 -34.32 -47.68
CA ASP E 481 30.06 -35.03 -46.51
C ASP E 481 31.05 -35.02 -45.36
N THR E 482 30.62 -34.47 -44.23
CA THR E 482 31.49 -34.34 -43.06
C THR E 482 31.11 -35.33 -41.97
N ASP E 483 30.36 -36.37 -42.33
CA ASP E 483 29.92 -37.37 -41.36
C ASP E 483 31.10 -38.14 -40.76
N GLU E 484 32.21 -38.20 -41.50
CA GLU E 484 33.43 -38.82 -41.01
C GLU E 484 33.99 -38.07 -39.82
N LEU E 485 33.67 -36.77 -39.75
CA LEU E 485 34.07 -35.94 -38.62
C LEU E 485 33.08 -36.13 -37.47
N PRO E 486 33.59 -36.63 -36.34
CA PRO E 486 32.75 -37.09 -35.22
C PRO E 486 32.01 -35.99 -34.46
N GLU E 487 30.74 -36.24 -34.17
CA GLU E 487 29.98 -35.41 -33.26
C GLU E 487 30.57 -35.58 -31.87
N ILE E 488 30.50 -34.54 -31.05
CA ILE E 488 30.96 -34.63 -29.67
C ILE E 488 30.17 -35.75 -28.97
N PRO E 489 30.87 -36.58 -28.18
CA PRO E 489 30.24 -37.70 -27.49
C PRO E 489 29.01 -37.29 -26.68
N LEU E 490 28.12 -38.24 -26.42
CA LEU E 490 26.90 -37.97 -25.67
C LEU E 490 27.20 -37.42 -24.29
N GLY E 491 26.57 -36.30 -23.95
CA GLY E 491 26.76 -35.67 -22.66
C GLY E 491 28.05 -34.89 -22.55
N ASN E 492 28.59 -34.47 -23.69
CA ASN E 492 29.86 -33.75 -23.71
C ASN E 492 29.84 -32.45 -24.51
N TYR E 493 28.65 -32.06 -24.97
CA TYR E 493 28.51 -30.75 -25.60
C TYR E 493 28.75 -29.69 -24.53
N TYR E 494 28.06 -29.83 -23.41
CA TYR E 494 28.30 -29.00 -22.24
C TYR E 494 29.29 -29.71 -21.32
N GLN E 495 30.03 -28.92 -20.53
CA GLN E 495 31.11 -29.44 -19.71
C GLN E 495 31.08 -28.85 -18.30
N PRO E 496 31.29 -29.71 -17.29
CA PRO E 496 31.34 -29.26 -15.89
C PRO E 496 32.44 -28.25 -15.65
N ILE E 497 32.16 -27.26 -14.79
CA ILE E 497 33.13 -26.24 -14.45
C ILE E 497 34.34 -26.82 -13.71
N GLY E 498 34.13 -27.95 -13.04
CA GLY E 498 35.18 -28.56 -12.24
C GLY E 498 36.28 -29.25 -13.03
N GLU E 499 36.01 -29.55 -14.30
CA GLU E 499 36.96 -30.28 -15.13
C GLU E 499 37.90 -29.35 -15.89
N VAL E 500 37.70 -28.05 -15.73
CA VAL E 500 38.55 -27.07 -16.41
C VAL E 500 39.27 -26.15 -15.42
N THR E 501 38.94 -26.28 -14.15
CA THR E 501 39.62 -25.51 -13.11
C THR E 501 40.93 -26.20 -12.74
N THR E 502 42.00 -25.41 -12.66
CA THR E 502 43.31 -25.95 -12.32
C THR E 502 43.96 -25.18 -11.17
N ASP E 503 45.09 -25.69 -10.70
CA ASP E 503 45.77 -25.11 -9.55
C ASP E 503 46.42 -23.76 -9.86
N THR E 504 47.08 -23.67 -11.01
CA THR E 504 47.81 -22.46 -11.37
C THR E 504 47.26 -21.81 -12.64
N THR E 505 47.54 -20.53 -12.81
CA THR E 505 47.06 -19.76 -13.96
C THR E 505 48.10 -19.73 -15.07
N LEU E 506 49.00 -20.70 -15.07
CA LEU E 506 50.04 -20.79 -16.08
C LEU E 506 49.61 -21.67 -17.26
N PRO E 507 49.82 -21.18 -18.49
CA PRO E 507 49.47 -21.93 -19.70
C PRO E 507 50.21 -23.25 -19.79
N LEU E 508 49.55 -24.33 -19.35
CA LEU E 508 50.12 -25.67 -19.42
C LEU E 508 49.25 -26.56 -20.30
N PRO E 509 49.83 -27.62 -20.89
CA PRO E 509 49.05 -28.60 -21.65
C PRO E 509 47.88 -29.15 -20.83
N SER E 510 46.72 -29.33 -21.47
CA SER E 510 45.46 -29.69 -20.82
C SER E 510 45.57 -30.97 -19.95
N LEU E 511 46.47 -31.87 -20.32
CA LEU E 511 46.66 -33.15 -19.64
C LEU E 511 45.41 -34.06 -19.67
N GLU E 517 41.54 -33.42 -29.13
CA GLU E 517 41.09 -34.11 -30.34
C GLU E 517 39.61 -34.49 -30.27
N ASN E 518 38.90 -33.84 -29.35
CA ASN E 518 37.44 -33.77 -29.39
C ASN E 518 37.09 -32.54 -30.22
N LYS E 519 38.13 -31.92 -30.76
CA LYS E 519 38.04 -30.66 -31.47
C LYS E 519 37.90 -30.89 -32.98
N LYS E 520 37.39 -32.07 -33.35
CA LYS E 520 37.17 -32.39 -34.74
C LYS E 520 35.70 -32.30 -35.10
N ASP E 521 34.89 -31.96 -34.10
CA ASP E 521 33.47 -31.69 -34.32
C ASP E 521 33.36 -30.37 -35.09
N PRO E 522 32.95 -30.44 -36.37
CA PRO E 522 32.94 -29.27 -37.26
C PRO E 522 31.89 -28.23 -36.87
N LEU E 523 31.09 -28.51 -35.85
CA LEU E 523 30.07 -27.57 -35.41
C LEU E 523 30.37 -27.05 -34.00
N ARG E 524 31.62 -27.21 -33.58
CA ARG E 524 32.12 -26.67 -32.32
C ARG E 524 33.52 -26.13 -32.53
N ILE E 525 33.62 -24.95 -33.13
CA ILE E 525 34.91 -24.35 -33.47
C ILE E 525 35.24 -23.15 -32.59
N PRO E 526 36.54 -22.81 -32.46
CA PRO E 526 36.95 -21.67 -31.64
C PRO E 526 36.39 -20.35 -32.13
N THR E 527 36.24 -19.39 -31.22
CA THR E 527 35.78 -18.06 -31.59
C THR E 527 36.87 -17.33 -32.38
N VAL E 528 36.77 -17.40 -33.70
CA VAL E 528 37.82 -16.95 -34.60
C VAL E 528 38.19 -15.48 -34.46
N PHE E 529 37.18 -14.61 -34.45
CA PHE E 529 37.45 -13.17 -34.42
C PHE E 529 38.07 -12.73 -33.09
N VAL E 530 37.81 -13.48 -32.03
CA VAL E 530 38.43 -13.19 -30.73
C VAL E 530 39.90 -13.58 -30.74
N TYR E 531 40.18 -14.81 -31.17
CA TYR E 531 41.54 -15.31 -31.26
C TYR E 531 42.39 -14.39 -32.14
N ARG E 532 41.80 -13.94 -33.24
CA ARG E 532 42.47 -13.04 -34.16
C ARG E 532 42.86 -11.73 -33.49
N GLN E 533 41.96 -11.20 -32.67
CA GLN E 533 42.23 -9.96 -31.94
C GLN E 533 43.41 -10.11 -30.99
N GLN E 534 43.38 -11.18 -30.21
CA GLN E 534 44.46 -11.45 -29.26
C GLN E 534 45.78 -11.70 -29.97
N GLN E 535 45.72 -12.45 -31.07
CA GLN E 535 46.91 -12.75 -31.87
C GLN E 535 47.58 -11.48 -32.39
N VAL E 536 46.76 -10.54 -32.85
CA VAL E 536 47.27 -9.29 -33.42
C VAL E 536 47.81 -8.37 -32.34
N LEU E 537 47.05 -8.21 -31.25
CA LEU E 537 47.45 -7.34 -30.16
C LEU E 537 48.77 -7.80 -29.52
N LEU E 538 49.04 -9.10 -29.60
CA LEU E 538 50.28 -9.65 -29.07
C LEU E 538 51.47 -9.28 -29.94
N GLU E 539 51.31 -9.43 -31.26
CA GLU E 539 52.36 -9.09 -32.20
C GLU E 539 52.55 -7.58 -32.30
N TRP E 540 51.46 -6.85 -32.05
CA TRP E 540 51.51 -5.39 -31.98
C TRP E 540 52.48 -4.96 -30.89
N ILE E 541 52.37 -5.64 -29.75
CA ILE E 541 53.23 -5.38 -28.59
C ILE E 541 54.66 -5.85 -28.86
N HIS E 542 54.78 -7.03 -29.45
CA HIS E 542 56.10 -7.62 -29.70
C HIS E 542 56.93 -6.78 -30.68
N GLN E 543 56.27 -6.26 -31.72
CA GLN E 543 56.96 -5.56 -32.78
C GLN E 543 57.18 -4.07 -32.50
N LEU E 544 56.14 -3.42 -31.98
CA LEU E 544 56.17 -1.96 -31.83
C LEU E 544 56.62 -1.51 -30.44
N MET E 545 56.38 -2.33 -29.42
CA MET E 545 56.67 -1.94 -28.05
C MET E 545 57.94 -2.56 -27.49
N ILE E 546 58.31 -3.73 -28.00
CA ILE E 546 59.49 -4.43 -27.50
C ILE E 546 60.66 -4.39 -28.48
N ASN E 547 60.38 -4.67 -29.75
CA ASN E 547 61.42 -4.64 -30.79
C ASN E 547 61.65 -3.23 -31.34
N ASP E 548 60.81 -2.29 -30.91
CA ASP E 548 60.91 -0.88 -31.29
C ASP E 548 60.84 -0.66 -32.81
N SER E 549 60.23 -1.61 -33.52
CA SER E 549 60.04 -1.47 -34.96
C SER E 549 59.03 -0.37 -35.23
N ARG E 550 59.14 0.25 -36.41
CA ARG E 550 58.23 1.33 -36.79
C ARG E 550 57.26 0.89 -37.88
N GLU E 551 57.25 -0.40 -38.17
CA GLU E 551 56.30 -0.96 -39.13
C GLU E 551 55.70 -2.26 -38.60
N PHE E 552 54.37 -2.29 -38.52
CA PHE E 552 53.66 -3.44 -37.98
C PHE E 552 53.47 -4.52 -39.04
N GLU E 553 54.06 -5.69 -38.79
CA GLU E 553 53.86 -6.85 -39.65
C GLU E 553 52.80 -7.77 -39.04
N ILE E 554 51.57 -7.63 -39.51
CA ILE E 554 50.45 -8.42 -39.01
C ILE E 554 50.56 -9.87 -39.51
N PRO E 555 50.57 -10.83 -38.58
CA PRO E 555 50.81 -12.25 -38.91
C PRO E 555 49.63 -12.92 -39.61
N GLU E 556 49.87 -14.12 -40.12
CA GLU E 556 48.84 -14.92 -40.76
C GLU E 556 47.99 -15.64 -39.72
N LEU E 557 46.73 -15.89 -40.07
CA LEU E 557 45.86 -16.74 -39.25
C LEU E 557 46.36 -18.18 -39.36
N PRO E 558 46.45 -18.88 -38.21
CA PRO E 558 46.97 -20.26 -38.19
C PRO E 558 46.16 -21.19 -39.08
N ASP E 559 46.84 -22.10 -39.78
CA ASP E 559 46.17 -23.06 -40.66
C ASP E 559 45.19 -23.93 -39.88
N SER E 560 45.50 -24.14 -38.61
CA SER E 560 44.64 -24.92 -37.72
C SER E 560 43.25 -24.31 -37.62
N LEU E 561 43.20 -22.98 -37.58
CA LEU E 561 41.93 -22.27 -37.44
C LEU E 561 41.29 -21.97 -38.79
N LYS E 562 42.14 -21.77 -39.81
CA LYS E 562 41.67 -21.51 -41.16
C LYS E 562 40.87 -22.69 -41.69
N ASN E 563 41.32 -23.90 -41.37
CA ASN E 563 40.68 -25.12 -41.86
C ASN E 563 39.26 -25.30 -41.37
N LYS E 564 38.97 -24.79 -40.17
CA LYS E 564 37.67 -24.97 -39.53
C LYS E 564 36.60 -24.06 -40.14
N ILE E 565 37.02 -23.11 -40.96
CA ILE E 565 36.09 -22.21 -41.64
C ILE E 565 36.26 -22.28 -43.15
N SER E 566 36.84 -23.38 -43.63
CA SER E 566 37.08 -23.60 -45.05
C SER E 566 36.32 -24.84 -45.53
N PRO E 567 35.97 -24.88 -46.82
CA PRO E 567 35.24 -26.01 -47.41
C PRO E 567 35.93 -27.35 -47.18
N TYR E 568 35.21 -28.30 -46.61
CA TYR E 568 35.73 -29.65 -46.39
C TYR E 568 35.55 -30.48 -47.65
N THR E 569 36.60 -31.20 -48.04
CA THR E 569 36.52 -32.06 -49.21
C THR E 569 36.56 -33.54 -48.81
N HIS E 570 35.43 -34.22 -48.99
CA HIS E 570 35.33 -35.65 -48.73
C HIS E 570 35.75 -36.44 -49.96
N LYS E 571 35.18 -36.06 -51.11
CA LYS E 571 35.58 -36.61 -52.39
C LYS E 571 35.77 -35.48 -53.40
N LYS E 572 36.85 -35.55 -54.16
CA LYS E 572 37.12 -34.55 -55.18
C LYS E 572 36.02 -34.55 -56.23
N PHE E 573 35.51 -33.36 -56.54
CA PHE E 573 34.38 -33.25 -57.47
C PHE E 573 34.42 -31.93 -58.23
N ASP E 574 34.33 -32.01 -59.55
CA ASP E 574 34.28 -30.81 -60.39
C ASP E 574 32.83 -30.40 -60.62
N SER E 575 32.47 -29.21 -60.13
CA SER E 575 31.10 -28.73 -60.24
C SER E 575 30.90 -27.90 -61.51
N THR E 576 31.93 -27.87 -62.35
CA THR E 576 31.91 -27.11 -63.60
C THR E 576 30.72 -27.49 -64.47
N LYS E 577 30.43 -28.78 -64.54
CA LYS E 577 29.28 -29.27 -65.30
C LYS E 577 27.98 -28.87 -64.63
N LEU E 578 27.96 -28.92 -63.30
CA LEU E 578 26.75 -28.58 -62.54
C LEU E 578 26.39 -27.11 -62.69
N VAL E 579 27.38 -26.23 -62.62
CA VAL E 579 27.16 -24.79 -62.75
C VAL E 579 26.62 -24.43 -64.13
N GLU E 580 27.11 -25.12 -65.15
CA GLU E 580 26.70 -24.87 -66.52
C GLU E 580 25.22 -25.19 -66.73
N VAL E 581 24.80 -26.35 -66.23
CA VAL E 581 23.43 -26.82 -66.42
C VAL E 581 22.44 -26.01 -65.59
N LEU E 582 22.88 -25.57 -64.40
CA LEU E 582 22.06 -24.73 -63.55
C LEU E 582 21.83 -23.36 -64.18
N GLY E 583 22.75 -22.94 -65.03
CA GLY E 583 22.64 -21.66 -65.70
C GLY E 583 22.92 -20.48 -64.80
N ILE E 584 23.85 -20.68 -63.86
CA ILE E 584 24.19 -19.64 -62.90
C ILE E 584 24.92 -18.46 -63.56
N LYS E 585 24.31 -17.28 -63.48
CA LYS E 585 24.95 -16.06 -63.97
C LYS E 585 24.61 -14.90 -63.04
N LYS E 586 25.64 -14.15 -62.67
CA LYS E 586 25.44 -12.95 -61.86
C LYS E 586 24.78 -11.87 -62.72
N VAL E 587 23.82 -11.16 -62.14
CA VAL E 587 23.09 -10.12 -62.87
C VAL E 587 23.88 -8.83 -62.97
N LYS E 613 7.07 16.89 -37.14
CA LYS E 613 5.68 17.17 -37.52
C LYS E 613 4.72 16.71 -36.44
N ARG E 614 5.27 16.26 -35.32
CA ARG E 614 4.46 15.71 -34.24
C ARG E 614 4.27 16.65 -33.05
N GLY E 615 3.18 17.40 -33.06
CA GLY E 615 2.83 18.30 -31.97
C GLY E 615 1.33 18.33 -31.76
N GLU E 616 0.60 17.84 -32.75
CA GLU E 616 -0.85 17.74 -32.67
C GLU E 616 -1.31 16.29 -32.82
N GLN E 617 -0.38 15.42 -33.21
CA GLN E 617 -0.65 13.98 -33.25
C GLN E 617 -0.90 13.48 -31.83
N HIS E 618 -0.48 14.26 -30.85
CA HIS E 618 -0.86 14.02 -29.48
C HIS E 618 -2.38 14.01 -29.35
N SER E 619 -2.90 13.27 -28.37
CA SER E 619 -4.36 13.12 -28.25
C SER E 619 -4.84 12.97 -26.79
N ARG E 620 -6.15 13.07 -26.66
CA ARG E 620 -6.85 13.06 -25.41
C ARG E 620 -6.89 14.46 -24.81
N ILE G 1 -40.20 23.65 1.64
CA ILE G 1 -39.00 23.70 0.82
C ILE G 1 -37.83 24.33 1.60
N HIS G 2 -38.14 25.38 2.36
CA HIS G 2 -37.11 26.13 3.05
C HIS G 2 -37.58 26.64 4.42
N GLU G 3 -37.27 25.87 5.46
CA GLU G 3 -37.68 26.24 6.81
C GLU G 3 -36.55 26.92 7.58
N GLY G 4 -36.92 27.90 8.41
CA GLY G 4 -35.97 28.58 9.27
C GLY G 4 -36.38 28.48 10.73
N ILE G 5 -35.39 28.54 11.62
CA ILE G 5 -35.64 28.48 13.06
C ILE G 5 -34.85 29.56 13.78
N LEU G 6 -35.55 30.40 14.54
CA LEU G 6 -34.92 31.46 15.29
C LEU G 6 -34.80 31.11 16.77
N PHE G 7 -33.58 30.87 17.23
CA PHE G 7 -33.34 30.56 18.64
C PHE G 7 -33.34 31.82 19.50
N CYS G 8 -34.21 31.86 20.50
CA CYS G 8 -34.31 32.99 21.41
C CYS G 8 -34.21 32.52 22.86
N ILE G 9 -33.08 32.81 23.49
CA ILE G 9 -32.79 32.29 24.82
C ILE G 9 -32.73 33.39 25.87
N GLU G 10 -33.51 33.23 26.93
CA GLU G 10 -33.57 34.21 28.02
C GLU G 10 -32.57 33.87 29.13
N LEU G 11 -31.78 34.86 29.53
CA LEU G 11 -30.76 34.66 30.55
C LEU G 11 -31.30 34.91 31.97
N SER G 12 -30.87 34.08 32.90
CA SER G 12 -31.22 34.23 34.32
C SER G 12 -30.22 33.46 35.16
N GLU G 13 -30.31 33.62 36.48
CA GLU G 13 -29.38 32.96 37.39
C GLU G 13 -29.41 31.44 37.29
N THR G 14 -30.62 30.88 37.26
CA THR G 14 -30.79 29.43 37.24
C THR G 14 -30.38 28.81 35.90
N MET G 15 -30.28 29.64 34.86
CA MET G 15 -29.82 29.17 33.55
C MET G 15 -28.33 28.91 33.57
N PHE G 16 -27.63 29.54 34.51
CA PHE G 16 -26.18 29.45 34.60
C PHE G 16 -25.69 28.39 35.59
N LYS G 17 -26.56 28.00 36.53
CA LYS G 17 -26.17 27.06 37.58
C LYS G 17 -26.43 25.61 37.20
N GLU G 18 -25.42 24.77 37.42
CA GLU G 18 -25.48 23.36 37.05
C GLU G 18 -26.63 22.64 37.74
N SER G 19 -27.41 21.90 36.97
CA SER G 19 -28.58 21.21 37.48
C SER G 19 -28.38 19.70 37.56
N SER G 20 -28.82 19.12 38.68
CA SER G 20 -28.69 17.68 38.91
C SER G 20 -29.48 16.87 37.89
N ASP G 21 -30.48 17.48 37.28
CA ASP G 21 -31.32 16.81 36.29
C ASP G 21 -30.60 16.70 34.96
N LEU G 22 -29.50 17.43 34.82
CA LEU G 22 -28.74 17.50 33.58
C LEU G 22 -27.36 16.88 33.73
N GLU G 23 -27.25 15.92 34.64
CA GLU G 23 -25.96 15.31 35.00
C GLU G 23 -24.98 16.40 35.43
N TYR G 24 -25.50 17.38 36.17
CA TYR G 24 -24.73 18.53 36.64
C TYR G 24 -24.09 19.29 35.47
N LYS G 25 -24.94 19.73 34.56
CA LYS G 25 -24.55 20.54 33.42
C LYS G 25 -25.53 21.70 33.30
N SER G 26 -25.03 22.89 32.97
CA SER G 26 -25.87 24.09 32.90
C SER G 26 -26.90 24.00 31.78
N PRO G 27 -28.14 24.46 32.07
CA PRO G 27 -29.21 24.51 31.07
C PRO G 27 -28.83 25.34 29.86
N LEU G 28 -28.17 26.47 30.11
CA LEU G 28 -27.66 27.32 29.05
C LEU G 28 -26.63 26.58 28.20
N LEU G 29 -25.77 25.81 28.86
CA LEU G 29 -24.80 24.97 28.16
C LEU G 29 -25.52 23.87 27.39
N GLU G 30 -26.58 23.32 27.98
CA GLU G 30 -27.34 22.24 27.36
C GLU G 30 -28.03 22.71 26.08
N ILE G 31 -28.45 23.97 26.06
CA ILE G 31 -29.07 24.54 24.88
C ILE G 31 -28.03 24.74 23.78
N LEU G 32 -26.85 25.21 24.17
CA LEU G 32 -25.76 25.42 23.23
C LEU G 32 -25.31 24.13 22.59
N GLU G 33 -25.12 23.09 23.40
CA GLU G 33 -24.71 21.78 22.90
C GLU G 33 -25.76 21.18 21.97
N SER G 34 -27.03 21.44 22.30
CA SER G 34 -28.15 20.96 21.49
C SER G 34 -28.16 21.66 20.13
N LEU G 35 -27.76 22.94 20.14
CA LEU G 35 -27.72 23.73 18.92
C LEU G 35 -26.60 23.23 18.01
N ASP G 36 -25.49 22.82 18.62
CA ASP G 36 -24.34 22.26 17.93
C ASP G 36 -24.75 20.96 17.27
N GLU G 37 -25.48 20.11 18.00
CA GLU G 37 -25.97 18.84 17.48
C GLU G 37 -27.04 19.02 16.41
N LEU G 38 -27.86 20.05 16.58
CA LEU G 38 -28.92 20.34 15.62
C LEU G 38 -28.34 20.62 14.24
N MET G 39 -27.30 21.46 14.20
CA MET G 39 -26.68 21.85 12.95
C MET G 39 -25.84 20.72 12.37
N SER G 40 -25.28 19.89 13.25
CA SER G 40 -24.51 18.72 12.84
C SER G 40 -25.38 17.70 12.11
N GLN G 41 -26.64 17.60 12.54
CA GLN G 41 -27.56 16.65 11.96
C GLN G 41 -28.21 17.19 10.70
N LEU G 42 -28.70 18.43 10.77
CA LEU G 42 -29.42 19.04 9.67
C LEU G 42 -28.54 19.23 8.43
N VAL G 43 -27.25 19.43 8.63
CA VAL G 43 -26.34 19.61 7.50
C VAL G 43 -26.22 18.30 6.71
N ILE G 44 -26.61 17.20 7.35
CA ILE G 44 -26.69 15.91 6.69
C ILE G 44 -28.11 15.67 6.17
N THR G 45 -29.07 15.99 7.03
CA THR G 45 -30.48 15.69 6.78
C THR G 45 -31.21 16.74 5.94
N ARG G 46 -31.08 18.01 6.32
CA ARG G 46 -31.77 19.07 5.60
C ARG G 46 -30.95 20.36 5.59
N PRO G 47 -29.86 20.40 4.79
CA PRO G 47 -28.93 21.52 4.77
C PRO G 47 -29.56 22.84 4.33
N GLY G 48 -30.71 22.77 3.68
CA GLY G 48 -31.43 23.97 3.28
C GLY G 48 -32.29 24.51 4.41
N THR G 49 -31.66 24.69 5.56
CA THR G 49 -32.36 25.18 6.74
C THR G 49 -31.65 26.41 7.30
N ALA G 50 -32.42 27.45 7.61
CA ALA G 50 -31.87 28.66 8.20
C ALA G 50 -31.95 28.62 9.72
N ILE G 51 -30.86 28.98 10.38
CA ILE G 51 -30.82 28.98 11.84
C ILE G 51 -30.18 30.26 12.36
N GLY G 52 -30.85 30.90 13.31
CA GLY G 52 -30.31 32.08 13.98
C GLY G 52 -30.37 31.90 15.49
N CYS G 53 -29.47 32.55 16.22
CA CYS G 53 -29.42 32.42 17.67
C CYS G 53 -29.21 33.75 18.37
N TYR G 54 -30.07 34.05 19.34
CA TYR G 54 -30.04 35.32 20.05
C TYR G 54 -30.21 35.18 21.55
N PHE G 55 -29.48 35.99 22.31
CA PHE G 55 -29.54 35.95 23.76
C PHE G 55 -29.98 37.30 24.36
N TYR G 56 -30.58 37.24 25.55
CA TYR G 56 -31.12 38.42 26.21
C TYR G 56 -31.53 38.08 27.65
N TYR G 57 -31.34 39.01 28.59
CA TYR G 57 -30.71 40.30 28.33
C TYR G 57 -29.21 40.14 28.44
N CYS G 58 -28.48 40.65 27.45
CA CYS G 58 -27.04 40.49 27.41
C CYS G 58 -26.31 41.82 27.60
N ASN G 59 -25.38 41.85 28.55
CA ASN G 59 -24.71 43.09 28.94
C ASN G 59 -23.52 43.44 28.03
N ARG G 60 -23.28 42.61 27.02
CA ARG G 60 -22.16 42.82 26.10
C ARG G 60 -22.27 44.13 25.32
N GLU G 61 -21.12 44.71 24.96
CA GLU G 61 -21.07 45.98 24.27
C GLU G 61 -21.60 45.89 22.84
N ASP G 62 -21.55 44.69 22.27
CA ASP G 62 -22.00 44.48 20.89
C ASP G 62 -23.44 43.98 20.83
N ALA G 63 -24.18 44.13 21.92
CA ALA G 63 -25.57 43.71 21.97
C ALA G 63 -26.49 44.90 21.72
N LYS G 64 -27.43 44.73 20.80
CA LYS G 64 -28.37 45.80 20.47
C LYS G 64 -29.66 45.70 21.29
N GLU G 65 -29.87 46.71 22.13
CA GLU G 65 -31.02 46.77 23.03
C GLU G 65 -31.10 45.56 23.95
N GLY G 66 -29.93 45.00 24.29
CA GLY G 66 -29.85 43.90 25.23
C GLY G 66 -29.91 42.53 24.57
N ILE G 67 -30.22 42.52 23.29
CA ILE G 67 -30.31 41.27 22.53
C ILE G 67 -28.99 41.00 21.81
N TYR G 68 -28.26 39.99 22.28
CA TYR G 68 -27.01 39.61 21.66
C TYR G 68 -27.24 38.63 20.51
N GLU G 69 -26.40 38.74 19.48
CA GLU G 69 -26.49 37.86 18.32
C GLU G 69 -25.28 36.93 18.25
N LEU G 70 -25.50 35.63 18.47
CA LEU G 70 -24.45 34.63 18.26
C LEU G 70 -24.18 34.55 16.77
N PHE G 71 -25.23 34.28 16.00
CA PHE G 71 -25.17 34.38 14.54
C PHE G 71 -26.57 34.64 13.99
N PRO G 72 -26.66 35.41 12.88
CA PRO G 72 -27.96 35.77 12.30
C PRO G 72 -28.69 34.60 11.66
N LEU G 73 -29.94 34.82 11.27
CA LEU G 73 -30.75 33.78 10.64
C LEU G 73 -30.30 33.52 9.21
N ARG G 74 -29.38 32.57 9.04
CA ARG G 74 -28.86 32.24 7.72
C ARG G 74 -28.89 30.73 7.50
N ASP G 75 -28.80 30.31 6.24
CA ASP G 75 -28.73 28.89 5.91
C ASP G 75 -27.48 28.27 6.53
N ILE G 76 -27.63 27.07 7.06
CA ILE G 76 -26.58 26.39 7.83
C ILE G 76 -25.24 26.34 7.10
N ASN G 77 -24.20 26.80 7.77
CA ASN G 77 -22.87 26.90 7.17
C ASN G 77 -21.77 26.56 8.17
N ALA G 78 -20.62 26.13 7.66
CA ALA G 78 -19.51 25.71 8.51
C ALA G 78 -18.89 26.85 9.29
N THR G 79 -19.07 28.08 8.81
CA THR G 79 -18.50 29.25 9.48
C THR G 79 -19.20 29.50 10.82
N PHE G 80 -20.53 29.47 10.80
CA PHE G 80 -21.30 29.65 12.02
C PHE G 80 -21.11 28.46 12.95
N MET G 81 -21.06 27.26 12.38
CA MET G 81 -20.84 26.03 13.14
C MET G 81 -19.50 26.09 13.87
N LYS G 82 -18.48 26.62 13.19
CA LYS G 82 -17.16 26.76 13.80
C LYS G 82 -17.19 27.74 14.96
N LYS G 83 -17.96 28.82 14.81
CA LYS G 83 -18.04 29.83 15.85
C LYS G 83 -18.59 29.25 17.15
N LEU G 84 -19.60 28.40 17.03
CA LEU G 84 -20.19 27.75 18.19
C LEU G 84 -19.27 26.64 18.71
N ASN G 85 -18.62 25.93 17.80
CA ASN G 85 -17.63 24.93 18.19
C ASN G 85 -16.50 25.57 18.97
N ASP G 86 -16.03 26.74 18.51
CA ASP G 86 -14.95 27.45 19.17
C ASP G 86 -15.35 27.93 20.56
N LEU G 87 -16.60 28.35 20.70
CA LEU G 87 -17.14 28.81 21.97
C LEU G 87 -17.17 27.68 23.00
N LEU G 88 -17.73 26.54 22.59
CA LEU G 88 -17.81 25.38 23.45
C LEU G 88 -16.43 24.86 23.84
N GLU G 89 -15.45 25.05 22.95
CA GLU G 89 -14.09 24.62 23.22
C GLU G 89 -13.40 25.61 24.17
N ASP G 90 -13.71 26.89 24.03
CA ASP G 90 -13.19 27.92 24.93
C ASP G 90 -13.72 27.70 26.35
N LEU G 91 -14.93 27.16 26.44
CA LEU G 91 -15.52 26.81 27.72
C LEU G 91 -14.86 25.56 28.30
N SER G 92 -14.78 24.51 27.49
CA SER G 92 -14.21 23.24 27.91
C SER G 92 -12.77 23.39 28.39
N SER G 93 -11.99 24.19 27.67
CA SER G 93 -10.58 24.39 28.00
C SER G 93 -10.42 25.22 29.27
N GLY G 94 -11.51 25.84 29.70
CA GLY G 94 -11.48 26.69 30.88
C GLY G 94 -10.88 28.05 30.57
N ARG G 95 -10.74 28.34 29.29
CA ARG G 95 -10.24 29.63 28.86
C ARG G 95 -11.21 30.73 29.29
N ILE G 96 -12.51 30.44 29.17
CA ILE G 96 -13.55 31.32 29.68
C ILE G 96 -14.69 30.50 30.29
N SER G 97 -15.62 31.21 30.92
CA SER G 97 -16.83 30.61 31.45
C SER G 97 -18.03 31.28 30.79
N LEU G 98 -19.22 30.72 30.98
CA LEU G 98 -20.43 31.29 30.39
C LEU G 98 -20.70 32.67 30.95
N TYR G 99 -20.33 32.89 32.21
CA TYR G 99 -20.45 34.20 32.83
C TYR G 99 -19.56 35.21 32.12
N ASP G 100 -18.34 34.80 31.80
CA ASP G 100 -17.37 35.66 31.10
C ASP G 100 -17.87 36.07 29.73
N TYR G 101 -18.41 35.12 28.98
CA TYR G 101 -18.82 35.36 27.61
C TYR G 101 -19.99 36.33 27.52
N PHE G 102 -21.10 36.00 28.17
CA PHE G 102 -22.31 36.82 28.09
C PHE G 102 -22.27 38.00 29.05
N MET G 103 -21.15 38.16 29.75
CA MET G 103 -20.97 39.24 30.71
C MET G 103 -22.05 39.22 31.80
N PHE G 104 -22.28 38.04 32.38
CA PHE G 104 -23.28 37.88 33.42
C PHE G 104 -22.63 37.92 34.81
N GLN G 105 -23.43 38.25 35.82
CA GLN G 105 -22.91 38.33 37.19
C GLN G 105 -23.83 37.63 38.18
N GLN G 106 -23.22 36.99 39.18
CA GLN G 106 -23.95 36.36 40.27
C GLN G 106 -24.25 37.39 41.35
N THR G 107 -25.04 38.40 41.00
CA THR G 107 -25.38 39.47 41.93
C THR G 107 -26.76 39.26 42.54
N GLY G 108 -27.63 38.54 41.82
CA GLY G 108 -28.98 38.29 42.28
C GLY G 108 -29.93 39.38 41.80
N SER G 109 -29.42 40.29 40.98
CA SER G 109 -30.22 41.37 40.43
C SER G 109 -29.61 41.94 39.15
N GLU G 110 -29.67 41.18 38.07
CA GLU G 110 -29.19 41.65 36.77
C GLU G 110 -30.32 42.27 35.98
N LYS G 111 -29.98 42.98 34.92
CA LYS G 111 -30.98 43.60 34.05
C LYS G 111 -31.82 42.56 33.34
N GLN G 112 -33.04 42.93 32.99
CA GLN G 112 -33.92 42.04 32.24
C GLN G 112 -34.51 42.74 31.02
N VAL G 113 -34.81 41.96 29.98
CA VAL G 113 -35.23 42.51 28.71
C VAL G 113 -36.65 43.08 28.74
N ARG G 114 -36.88 44.10 27.93
CA ARG G 114 -38.23 44.59 27.70
C ARG G 114 -38.87 43.76 26.60
N LEU G 115 -39.87 42.96 26.95
CA LEU G 115 -40.48 42.00 26.02
C LEU G 115 -41.03 42.65 24.76
N SER G 116 -41.35 43.94 24.83
CA SER G 116 -41.84 44.68 23.67
C SER G 116 -40.78 44.70 22.57
N VAL G 117 -39.54 44.92 22.99
CA VAL G 117 -38.41 44.96 22.07
C VAL G 117 -38.16 43.57 21.48
N LEU G 118 -38.38 42.55 22.30
CA LEU G 118 -38.11 41.16 21.91
C LEU G 118 -39.02 40.67 20.80
N PHE G 119 -40.33 40.82 21.01
CA PHE G 119 -41.32 40.35 20.04
C PHE G 119 -41.28 41.17 18.74
N THR G 120 -40.87 42.43 18.86
CA THR G 120 -40.69 43.28 17.69
C THR G 120 -39.47 42.83 16.90
N PHE G 121 -38.42 42.45 17.63
CA PHE G 121 -37.19 41.95 17.04
C PHE G 121 -37.43 40.69 16.21
N MET G 122 -38.21 39.76 16.76
CA MET G 122 -38.53 38.51 16.07
C MET G 122 -39.23 38.80 14.74
N LEU G 123 -40.14 39.76 14.75
CA LEU G 123 -40.91 40.11 13.57
C LEU G 123 -40.01 40.73 12.49
N ASP G 124 -39.16 41.66 12.89
CA ASP G 124 -38.25 42.33 11.96
C ASP G 124 -37.27 41.35 11.34
N THR G 125 -36.82 40.38 12.14
CA THR G 125 -35.84 39.40 11.71
C THR G 125 -36.35 38.53 10.56
N PHE G 126 -37.59 38.08 10.67
CA PHE G 126 -38.18 37.22 9.64
C PHE G 126 -38.65 38.01 8.41
N LEU G 127 -38.65 39.33 8.50
CA LEU G 127 -39.08 40.18 7.39
C LEU G 127 -37.90 40.66 6.55
N GLU G 128 -36.69 40.42 7.03
CA GLU G 128 -35.49 40.84 6.30
C GLU G 128 -35.35 40.08 4.98
N GLU G 129 -34.90 40.79 3.96
CA GLU G 129 -34.64 40.17 2.67
C GLU G 129 -33.14 40.08 2.41
N ILE G 130 -32.59 38.90 2.64
CA ILE G 130 -31.15 38.68 2.43
C ILE G 130 -30.93 38.11 1.03
N PRO G 131 -30.08 38.79 0.23
CA PRO G 131 -29.76 38.50 -1.17
C PRO G 131 -29.52 37.04 -1.51
N GLY G 132 -28.48 36.44 -0.94
CA GLY G 132 -28.09 35.08 -1.28
C GLY G 132 -28.97 34.02 -0.65
N GLN G 133 -29.88 34.44 0.22
CA GLN G 133 -30.75 33.51 0.94
C GLN G 133 -32.14 33.47 0.33
N LYS G 134 -32.66 32.25 0.14
CA LYS G 134 -33.99 32.07 -0.42
C LYS G 134 -35.08 32.54 0.53
N GLN G 135 -36.32 32.59 0.03
CA GLN G 135 -37.46 32.95 0.85
C GLN G 135 -37.85 31.78 1.74
N LEU G 136 -38.26 32.08 2.97
CA LEU G 136 -38.62 31.05 3.93
C LEU G 136 -40.08 30.62 3.80
N SER G 137 -40.30 29.31 3.74
CA SER G 137 -41.65 28.77 3.64
C SER G 137 -42.23 28.49 5.01
N ASN G 138 -41.35 28.28 5.98
CA ASN G 138 -41.77 28.01 7.35
C ASN G 138 -40.91 28.76 8.37
N LYS G 139 -41.54 29.65 9.12
CA LYS G 139 -40.83 30.47 10.11
C LYS G 139 -41.21 30.08 11.53
N ARG G 140 -40.21 29.73 12.33
CA ARG G 140 -40.45 29.28 13.70
C ARG G 140 -39.51 29.95 14.69
N VAL G 141 -39.99 30.15 15.91
CA VAL G 141 -39.18 30.71 16.98
C VAL G 141 -39.09 29.74 18.15
N PHE G 142 -37.87 29.29 18.46
CA PHE G 142 -37.65 28.44 19.62
C PHE G 142 -37.40 29.32 20.84
N LEU G 143 -38.40 29.42 21.71
CA LEU G 143 -38.36 30.37 22.82
C LEU G 143 -37.94 29.70 24.13
N PHE G 144 -36.74 30.00 24.58
CA PHE G 144 -36.21 29.46 25.83
C PHE G 144 -36.23 30.53 26.92
N THR G 145 -36.88 30.24 28.04
CA THR G 145 -36.88 31.15 29.18
C THR G 145 -37.04 30.44 30.52
N ASP G 146 -36.51 31.05 31.57
CA ASP G 146 -36.54 30.48 32.90
C ASP G 146 -37.49 31.26 33.81
N ILE G 147 -37.91 32.43 33.33
CA ILE G 147 -38.72 33.34 34.12
C ILE G 147 -40.22 33.11 33.91
N ASP G 148 -40.91 32.65 34.95
CA ASP G 148 -42.36 32.48 34.89
C ASP G 148 -43.02 33.86 34.86
N LYS G 149 -42.62 34.70 35.80
CA LYS G 149 -43.21 36.02 35.97
C LYS G 149 -42.20 37.13 35.73
N PRO G 150 -42.14 37.66 34.49
CA PRO G 150 -41.28 38.80 34.22
C PRO G 150 -41.89 40.10 34.72
N GLN G 151 -41.16 41.19 34.60
CA GLN G 151 -41.60 42.49 35.13
C GLN G 151 -42.86 43.00 34.42
N GLU G 152 -43.09 42.56 33.19
CA GLU G 152 -44.20 43.03 32.41
C GLU G 152 -45.51 42.28 32.72
N ALA G 153 -45.45 41.37 33.68
CA ALA G 153 -46.64 40.64 34.09
C ALA G 153 -47.52 41.51 34.99
N GLN G 154 -46.95 42.59 35.50
CA GLN G 154 -47.68 43.47 36.41
C GLN G 154 -48.42 44.63 35.71
N ASP G 155 -48.22 44.76 34.41
CA ASP G 155 -48.91 45.80 33.65
C ASP G 155 -49.90 45.18 32.69
N ILE G 156 -51.18 45.40 32.99
CA ILE G 156 -52.27 44.80 32.21
C ILE G 156 -52.34 45.41 30.80
N ASP G 157 -52.00 46.69 30.67
CA ASP G 157 -52.01 47.34 29.37
C ASP G 157 -50.81 46.89 28.53
N GLU G 158 -49.70 46.57 29.19
CA GLU G 158 -48.53 46.04 28.51
C GLU G 158 -48.84 44.66 27.93
N ARG G 159 -49.61 43.88 28.69
CA ARG G 159 -50.05 42.57 28.24
C ARG G 159 -50.89 42.69 26.98
N ALA G 160 -51.70 43.74 26.92
CA ALA G 160 -52.57 43.98 25.77
C ALA G 160 -51.76 44.32 24.52
N ARG G 161 -50.74 45.15 24.70
CA ARG G 161 -49.87 45.53 23.59
C ARG G 161 -49.01 44.35 23.16
N LEU G 162 -48.62 43.52 24.12
CA LEU G 162 -47.86 42.31 23.81
C LEU G 162 -48.71 41.32 23.02
N ARG G 163 -50.00 41.27 23.35
CA ARG G 163 -50.92 40.32 22.72
C ARG G 163 -51.16 40.65 21.26
N ARG G 164 -50.98 41.91 20.88
CA ARG G 164 -51.12 42.31 19.49
C ARG G 164 -49.79 42.17 18.75
N LEU G 165 -48.70 42.20 19.52
CA LEU G 165 -47.39 41.91 18.96
C LEU G 165 -47.30 40.42 18.61
N THR G 166 -47.88 39.59 19.47
CA THR G 166 -47.93 38.14 19.24
C THR G 166 -48.80 37.82 18.03
N ILE G 167 -49.96 38.45 17.97
CA ILE G 167 -50.87 38.29 16.84
C ILE G 167 -50.21 38.79 15.56
N ASP G 168 -49.44 39.88 15.67
CA ASP G 168 -48.71 40.42 14.52
C ASP G 168 -47.74 39.37 13.95
N LEU G 169 -47.23 38.52 14.81
CA LEU G 169 -46.33 37.44 14.39
C LEU G 169 -47.11 36.31 13.73
N PHE G 170 -48.27 35.99 14.31
CA PHE G 170 -49.11 34.92 13.80
C PHE G 170 -49.66 35.26 12.41
N ASP G 171 -49.83 36.55 12.15
CA ASP G 171 -50.32 37.02 10.84
C ASP G 171 -49.24 36.89 9.77
N ASN G 172 -47.98 36.99 10.19
CA ASN G 172 -46.84 36.85 9.29
C ASN G 172 -46.33 35.41 9.25
N LYS G 173 -47.18 34.47 9.64
CA LYS G 173 -46.88 33.04 9.58
C LYS G 173 -45.67 32.63 10.42
N VAL G 174 -45.43 33.37 11.50
CA VAL G 174 -44.36 33.02 12.44
C VAL G 174 -44.93 32.28 13.66
N ASN G 175 -44.46 31.05 13.86
CA ASN G 175 -44.99 30.21 14.92
C ASN G 175 -44.01 30.01 16.07
N PHE G 176 -44.55 29.82 17.28
CA PHE G 176 -43.72 29.65 18.45
C PHE G 176 -43.58 28.20 18.87
N ALA G 177 -42.34 27.79 19.17
CA ALA G 177 -42.09 26.53 19.84
C ALA G 177 -41.48 26.85 21.20
N THR G 178 -42.32 26.82 22.24
CA THR G 178 -41.90 27.28 23.56
C THR G 178 -41.06 26.25 24.29
N PHE G 179 -40.09 26.75 25.05
CA PHE G 179 -39.29 25.91 25.92
C PHE G 179 -39.25 26.52 27.32
N PHE G 180 -40.40 26.47 28.01
CA PHE G 180 -40.51 27.05 29.34
C PHE G 180 -39.99 26.06 30.39
N ILE G 181 -38.89 26.44 31.03
CA ILE G 181 -38.15 25.49 31.87
C ILE G 181 -38.55 25.53 33.34
N GLY G 182 -38.85 24.35 33.88
CA GLY G 182 -39.12 24.19 35.30
C GLY G 182 -38.21 23.13 35.87
N TYR G 183 -37.84 23.26 37.14
CA TYR G 183 -36.93 22.32 37.77
C TYR G 183 -37.67 21.46 38.79
N ALA G 184 -36.90 20.69 39.56
CA ALA G 184 -37.45 19.89 40.65
C ALA G 184 -37.94 20.81 41.76
N ASP G 185 -37.12 21.79 42.12
CA ASP G 185 -37.48 22.74 43.17
C ASP G 185 -38.36 23.86 42.65
N LYS G 186 -37.89 24.56 41.62
CA LYS G 186 -38.62 25.68 41.07
C LYS G 186 -39.46 25.27 39.85
N PRO G 187 -40.79 25.35 39.97
CA PRO G 187 -41.71 25.04 38.87
C PRO G 187 -42.02 26.27 38.04
N PHE G 188 -42.48 26.06 36.81
CA PHE G 188 -42.78 27.17 35.91
C PHE G 188 -44.28 27.45 35.85
N ASP G 189 -44.66 28.66 36.24
CA ASP G 189 -46.04 29.11 36.10
C ASP G 189 -46.26 29.74 34.74
N ASN G 190 -46.97 29.02 33.87
CA ASN G 190 -47.21 29.49 32.51
C ASN G 190 -48.38 30.45 32.41
N GLU G 191 -48.80 31.00 33.54
CA GLU G 191 -49.98 31.86 33.59
C GLU G 191 -49.79 33.11 32.72
N PHE G 192 -48.63 33.73 32.80
CA PHE G 192 -48.36 34.95 32.06
C PHE G 192 -48.24 34.71 30.57
N TYR G 193 -47.41 33.75 30.18
CA TYR G 193 -47.14 33.47 28.79
C TYR G 193 -48.34 32.83 28.09
N SER G 194 -49.27 32.28 28.88
CA SER G 194 -50.51 31.78 28.32
C SER G 194 -51.35 32.93 27.81
N ASP G 195 -51.39 34.02 28.58
CA ASP G 195 -52.18 35.18 28.21
C ASP G 195 -51.71 35.81 26.90
N ILE G 196 -50.42 36.09 26.81
CA ILE G 196 -49.90 36.86 25.69
C ILE G 196 -49.68 36.04 24.42
N LEU G 197 -49.68 34.71 24.54
CA LEU G 197 -49.50 33.84 23.38
C LEU G 197 -50.82 33.25 22.92
N GLN G 198 -51.88 33.48 23.70
CA GLN G 198 -53.20 32.95 23.35
C GLN G 198 -53.83 33.73 22.20
N LEU G 199 -54.73 33.07 21.49
CA LEU G 199 -55.54 33.75 20.49
C LEU G 199 -56.99 33.90 20.94
N GLY G 200 -57.74 34.79 20.29
CA GLY G 200 -59.12 35.04 20.65
C GLY G 200 -60.08 34.07 19.97
N ASP G 210 -61.37 30.26 14.05
CA ASP G 210 -60.92 30.71 15.37
C ASP G 210 -60.70 29.54 16.32
N SER G 211 -61.38 28.42 16.04
CA SER G 211 -61.41 27.29 16.97
C SER G 211 -60.09 26.53 17.07
N GLU G 212 -59.69 25.91 15.97
CA GLU G 212 -58.50 25.04 15.95
C GLU G 212 -57.24 25.72 16.45
N PHE G 213 -56.75 26.70 15.69
CA PHE G 213 -55.53 27.41 16.07
C PHE G 213 -55.81 28.44 17.15
N ASP G 214 -55.14 28.29 18.29
CA ASP G 214 -55.26 29.25 19.38
C ASP G 214 -53.92 29.52 20.03
N GLY G 215 -52.86 29.41 19.23
CA GLY G 215 -51.51 29.63 19.72
C GLY G 215 -50.77 28.35 20.03
N PRO G 216 -49.50 28.46 20.43
CA PRO G 216 -48.66 27.32 20.78
C PRO G 216 -48.91 26.82 22.20
N SER G 217 -48.41 25.63 22.51
CA SER G 217 -48.48 25.11 23.87
C SER G 217 -47.50 25.85 24.77
N THR G 218 -47.98 26.28 25.94
CA THR G 218 -47.15 26.98 26.89
C THR G 218 -46.82 26.09 28.09
N LYS G 219 -47.23 24.83 28.01
CA LYS G 219 -46.96 23.86 29.06
C LYS G 219 -45.44 23.70 29.26
N PRO G 220 -44.98 23.95 30.49
CA PRO G 220 -43.55 23.91 30.82
C PRO G 220 -42.96 22.50 30.68
N ILE G 221 -41.64 22.44 30.60
CA ILE G 221 -40.92 21.17 30.53
C ILE G 221 -39.80 21.14 31.56
N ASP G 222 -39.42 19.94 31.99
CA ASP G 222 -38.25 19.79 32.84
C ASP G 222 -37.00 19.91 31.98
N ALA G 223 -35.93 20.45 32.55
CA ALA G 223 -34.68 20.67 31.83
C ALA G 223 -34.12 19.37 31.25
N LYS G 224 -34.50 18.25 31.86
CA LYS G 224 -34.07 16.94 31.44
C LYS G 224 -34.61 16.57 30.05
N TYR G 225 -35.59 17.33 29.58
CA TYR G 225 -36.23 17.05 28.30
C TYR G 225 -35.91 18.08 27.22
N ILE G 226 -35.03 19.03 27.52
CA ILE G 226 -34.70 20.10 26.60
C ILE G 226 -34.08 19.60 25.28
N LYS G 227 -32.95 18.92 25.40
CA LYS G 227 -32.21 18.45 24.24
C LYS G 227 -33.07 17.56 23.34
N SER G 228 -33.85 16.68 23.96
CA SER G 228 -34.70 15.76 23.21
C SER G 228 -35.84 16.50 22.53
N ARG G 229 -36.35 17.55 23.17
CA ARG G 229 -37.45 18.33 22.63
C ARG G 229 -37.00 19.17 21.44
N ILE G 230 -35.79 19.70 21.53
CA ILE G 230 -35.20 20.50 20.47
C ILE G 230 -35.00 19.68 19.21
N LEU G 231 -34.35 18.53 19.38
CA LEU G 231 -34.02 17.65 18.27
C LEU G 231 -35.24 16.94 17.68
N ARG G 232 -36.34 16.94 18.42
CA ARG G 232 -37.58 16.34 17.91
C ARG G 232 -38.36 17.35 17.08
N LYS G 233 -38.44 18.59 17.58
CA LYS G 233 -39.19 19.64 16.90
C LYS G 233 -38.35 20.26 15.79
N LYS G 234 -37.10 19.82 15.70
CA LYS G 234 -36.19 20.25 14.64
C LYS G 234 -36.64 19.71 13.28
N GLU G 235 -37.12 18.47 13.29
CA GLU G 235 -37.56 17.80 12.07
C GLU G 235 -38.82 18.43 11.47
N VAL G 236 -39.04 18.16 10.18
CA VAL G 236 -40.21 18.67 9.47
C VAL G 236 -41.02 17.51 8.87
N LYS G 237 -42.33 17.61 8.93
CA LYS G 237 -43.19 16.62 8.30
C LYS G 237 -43.01 16.64 6.79
N ARG G 238 -42.52 15.54 6.24
CA ARG G 238 -42.31 15.42 4.80
C ARG G 238 -43.43 14.58 4.18
N ILE G 239 -44.44 15.27 3.65
CA ILE G 239 -45.61 14.60 3.11
C ILE G 239 -45.24 13.71 1.93
N MET G 240 -45.40 12.41 2.12
CA MET G 240 -45.00 11.43 1.11
C MET G 240 -46.08 11.29 0.04
N PHE G 241 -47.34 11.26 0.49
CA PHE G 241 -48.47 11.12 -0.42
C PHE G 241 -49.78 11.48 0.27
N GLN G 242 -50.78 11.83 -0.53
CA GLN G 242 -52.14 11.98 -0.04
C GLN G 242 -53.11 11.46 -1.09
N CYS G 243 -54.07 10.66 -0.64
CA CYS G 243 -54.98 9.97 -1.53
C CYS G 243 -56.29 9.64 -0.82
N PRO G 244 -57.37 9.41 -1.58
CA PRO G 244 -58.60 8.95 -0.94
C PRO G 244 -58.47 7.55 -0.37
N LEU G 245 -59.07 7.34 0.79
CA LEU G 245 -59.15 6.02 1.39
C LEU G 245 -60.57 5.47 1.24
N ILE G 246 -60.73 4.48 0.38
CA ILE G 246 -62.03 3.90 0.10
C ILE G 246 -62.38 2.80 1.09
N LEU G 247 -63.42 3.02 1.88
CA LEU G 247 -63.88 2.02 2.85
C LEU G 247 -65.03 1.21 2.29
N ASP G 248 -65.94 1.88 1.57
CA ASP G 248 -67.07 1.22 0.92
C ASP G 248 -67.61 2.11 -0.19
N GLU G 249 -67.25 1.79 -1.43
CA GLU G 249 -67.52 2.66 -2.57
C GLU G 249 -69.01 2.85 -2.87
N LYS G 250 -69.81 1.82 -2.61
CA LYS G 250 -71.24 1.88 -2.91
C LYS G 250 -71.95 3.01 -2.17
N THR G 251 -71.64 3.16 -0.88
CA THR G 251 -72.29 4.17 -0.06
C THR G 251 -71.47 5.45 0.03
N ASN G 252 -70.55 5.62 -0.93
CA ASN G 252 -69.60 6.74 -0.91
C ASN G 252 -68.88 6.86 0.44
N PHE G 253 -68.54 5.71 1.01
CA PHE G 253 -67.74 5.66 2.23
C PHE G 253 -66.28 5.93 1.90
N ILE G 254 -66.02 7.09 1.29
CA ILE G 254 -64.68 7.44 0.85
C ILE G 254 -64.12 8.57 1.71
N VAL G 255 -62.93 8.36 2.24
CA VAL G 255 -62.34 9.29 3.19
C VAL G 255 -60.93 9.71 2.75
N GLY G 256 -60.41 10.78 3.35
CA GLY G 256 -59.10 11.30 2.97
C GLY G 256 -57.98 11.01 3.96
N VAL G 257 -56.81 10.64 3.43
CA VAL G 257 -55.65 10.36 4.29
C VAL G 257 -54.36 10.98 3.76
N LYS G 258 -53.42 11.19 4.67
CA LYS G 258 -52.08 11.67 4.33
C LYS G 258 -51.03 10.70 4.87
N GLY G 259 -49.96 10.50 4.10
CA GLY G 259 -48.91 9.57 4.49
C GLY G 259 -47.57 10.25 4.67
N TYR G 260 -46.82 9.81 5.66
CA TYR G 260 -45.50 10.37 5.95
C TYR G 260 -44.45 9.28 6.11
N THR G 261 -43.31 9.46 5.46
CA THR G 261 -42.20 8.53 5.61
C THR G 261 -41.56 8.71 6.98
N MET G 262 -41.52 7.63 7.75
CA MET G 262 -40.98 7.70 9.10
C MET G 262 -39.47 7.43 9.13
N TYR G 263 -38.99 6.62 8.19
CA TYR G 263 -37.57 6.28 8.15
C TYR G 263 -37.05 6.22 6.72
N THR G 264 -36.22 7.19 6.37
CA THR G 264 -35.58 7.24 5.06
C THR G 264 -34.32 6.38 5.04
N HIS G 265 -33.59 6.43 3.93
CA HIS G 265 -32.33 5.70 3.82
C HIS G 265 -31.28 6.65 3.27
N GLU G 266 -30.66 7.42 4.14
CA GLU G 266 -29.69 8.44 3.74
C GLU G 266 -28.39 7.83 3.22
N LYS G 267 -27.98 8.27 2.03
CA LYS G 267 -26.73 7.83 1.43
C LYS G 267 -25.78 9.01 1.29
N ALA G 268 -24.49 8.74 1.42
CA ALA G 268 -23.47 9.79 1.30
C ALA G 268 -23.06 10.02 -0.15
N GLY G 269 -22.90 11.29 -0.51
CA GLY G 269 -22.44 11.65 -1.85
C GLY G 269 -23.56 11.86 -2.85
N VAL G 270 -24.81 11.94 -2.38
CA VAL G 270 -25.94 12.19 -3.28
C VAL G 270 -26.17 13.68 -3.48
N ARG G 271 -25.60 14.48 -2.58
CA ARG G 271 -25.77 15.93 -2.64
C ARG G 271 -24.57 16.58 -3.30
N TYR G 272 -24.64 16.75 -4.61
CA TYR G 272 -23.52 17.34 -5.34
C TYR G 272 -23.97 18.16 -6.55
N LYS G 273 -23.11 19.08 -6.96
CA LYS G 273 -23.26 19.77 -8.23
C LYS G 273 -22.00 19.55 -9.06
N LEU G 274 -22.08 19.85 -10.35
CA LEU G 274 -20.95 19.63 -11.24
C LEU G 274 -20.36 20.97 -11.67
N VAL G 275 -19.05 21.12 -11.54
CA VAL G 275 -18.39 22.36 -11.95
C VAL G 275 -17.47 22.17 -13.15
N TYR G 276 -17.66 23.01 -14.16
CA TYR G 276 -16.80 23.03 -15.33
C TYR G 276 -15.79 24.16 -15.19
N GLU G 277 -14.50 23.82 -15.22
CA GLU G 277 -13.46 24.84 -15.21
C GLU G 277 -12.51 24.68 -16.38
N HIS G 278 -12.31 25.78 -17.09
CA HIS G 278 -11.40 25.82 -18.23
C HIS G 278 -10.71 27.18 -18.26
N GLU G 279 -9.45 27.19 -17.83
CA GLU G 279 -8.68 28.41 -17.64
C GLU G 279 -9.38 29.36 -16.66
N ASP G 280 -9.87 30.49 -17.14
CA ASP G 280 -10.47 31.50 -16.28
C ASP G 280 -11.99 31.39 -16.25
N ILE G 281 -12.51 30.28 -16.75
CA ILE G 281 -13.95 30.03 -16.70
C ILE G 281 -14.28 29.00 -15.63
N ARG G 282 -15.11 29.39 -14.67
CA ARG G 282 -15.62 28.43 -13.69
C ARG G 282 -17.14 28.50 -13.67
N GLN G 283 -17.78 27.40 -14.07
CA GLN G 283 -19.19 27.41 -14.39
C GLN G 283 -19.84 26.07 -14.05
N GLU G 284 -21.14 26.10 -13.73
CA GLU G 284 -21.85 24.86 -13.38
C GLU G 284 -22.03 23.97 -14.59
N ALA G 285 -21.80 22.68 -14.42
CA ALA G 285 -21.96 21.70 -15.48
C ALA G 285 -23.17 20.80 -15.26
N TYR G 286 -23.62 20.13 -16.31
CA TYR G 286 -24.79 19.26 -16.23
C TYR G 286 -24.58 17.96 -16.97
N SER G 287 -25.20 16.90 -16.47
CA SER G 287 -25.15 15.60 -17.13
C SER G 287 -26.32 15.45 -18.10
N LYS G 288 -26.01 15.12 -19.34
CA LYS G 288 -27.03 14.91 -20.36
C LYS G 288 -26.95 13.48 -20.93
N ARG G 289 -27.99 12.71 -20.67
CA ARG G 289 -28.10 11.34 -21.18
C ARG G 289 -28.54 11.38 -22.63
N LYS G 290 -27.69 10.86 -23.51
CA LYS G 290 -27.93 10.97 -24.96
C LYS G 290 -28.06 9.59 -25.61
N PHE G 291 -29.21 9.34 -26.26
CA PHE G 291 -29.47 8.06 -26.90
C PHE G 291 -29.05 8.06 -28.36
N LEU G 292 -28.45 6.95 -28.80
CA LEU G 292 -27.94 6.85 -30.15
C LEU G 292 -28.57 5.70 -30.93
N ASN G 293 -28.79 5.94 -32.22
CA ASN G 293 -29.21 4.89 -33.13
C ASN G 293 -28.00 4.02 -33.45
N PRO G 294 -28.06 2.73 -33.08
CA PRO G 294 -26.92 1.82 -33.27
C PRO G 294 -26.57 1.61 -34.74
N ILE G 295 -27.54 1.89 -35.61
CA ILE G 295 -27.36 1.71 -37.04
C ILE G 295 -26.70 2.92 -37.70
N THR G 296 -27.10 4.11 -37.26
CA THR G 296 -26.66 5.35 -37.91
C THR G 296 -25.87 6.28 -37.00
N GLY G 297 -25.93 6.04 -35.69
CA GLY G 297 -25.25 6.91 -34.74
C GLY G 297 -25.98 8.21 -34.50
N GLU G 298 -27.15 8.34 -35.13
CA GLU G 298 -27.96 9.54 -35.00
C GLU G 298 -28.43 9.74 -33.57
N ASP G 299 -28.52 11.00 -33.16
CA ASP G 299 -29.09 11.33 -31.87
C ASP G 299 -30.60 11.13 -31.93
N VAL G 300 -31.11 10.12 -31.22
CA VAL G 300 -32.52 9.81 -31.24
C VAL G 300 -33.20 10.11 -29.90
N THR G 301 -32.54 10.95 -29.10
CA THR G 301 -33.06 11.33 -27.79
C THR G 301 -34.40 12.05 -27.92
N GLY G 302 -35.37 11.66 -27.11
CA GLY G 302 -36.70 12.23 -27.18
C GLY G 302 -37.51 11.66 -28.33
N LYS G 303 -36.89 10.78 -29.11
CA LYS G 303 -37.56 10.14 -30.24
C LYS G 303 -37.56 8.63 -30.05
N THR G 304 -37.36 8.22 -28.80
CA THR G 304 -37.35 6.81 -28.45
C THR G 304 -38.70 6.37 -27.88
N VAL G 305 -38.95 5.07 -27.89
CA VAL G 305 -40.17 4.51 -27.33
C VAL G 305 -39.86 3.30 -26.46
N LYS G 306 -40.84 2.89 -25.65
CA LYS G 306 -40.70 1.68 -24.83
C LYS G 306 -41.56 0.56 -25.39
N VAL G 307 -40.98 -0.64 -25.54
CA VAL G 307 -41.71 -1.78 -26.07
C VAL G 307 -41.56 -3.03 -25.21
N TYR G 308 -42.47 -3.97 -25.38
CA TYR G 308 -42.35 -5.27 -24.71
C TYR G 308 -41.65 -6.25 -25.64
N PRO G 309 -40.44 -6.69 -25.27
CA PRO G 309 -39.78 -7.73 -26.05
C PRO G 309 -40.48 -9.09 -25.90
N TYR G 310 -40.79 -9.73 -27.02
CA TYR G 310 -41.45 -11.03 -27.00
C TYR G 310 -40.78 -11.97 -27.99
N GLY G 311 -39.63 -12.51 -27.60
CA GLY G 311 -38.84 -13.34 -28.49
C GLY G 311 -38.18 -12.46 -29.53
N ASP G 312 -38.23 -12.87 -30.79
CA ASP G 312 -37.69 -12.07 -31.87
C ASP G 312 -38.75 -11.09 -32.38
N LEU G 313 -39.64 -10.68 -31.49
CA LEU G 313 -40.71 -9.76 -31.82
C LEU G 313 -40.83 -8.67 -30.75
N ASP G 314 -41.08 -7.44 -31.17
CA ASP G 314 -41.29 -6.33 -30.25
C ASP G 314 -42.73 -5.83 -30.34
N ILE G 315 -43.35 -5.62 -29.18
CA ILE G 315 -44.74 -5.20 -29.15
C ILE G 315 -44.89 -3.84 -28.49
N ASN G 316 -45.42 -2.88 -29.24
CA ASN G 316 -45.68 -1.54 -28.71
C ASN G 316 -47.17 -1.21 -28.72
N LEU G 317 -47.75 -1.04 -27.53
CA LEU G 317 -49.15 -0.72 -27.40
C LEU G 317 -49.36 0.77 -27.41
N SER G 318 -50.53 1.20 -27.87
CA SER G 318 -50.90 2.62 -27.80
C SER G 318 -51.17 2.99 -26.35
N ASP G 319 -51.22 4.29 -26.08
CA ASP G 319 -51.53 4.79 -24.75
C ASP G 319 -52.95 4.43 -24.35
N SER G 320 -53.83 4.40 -25.36
CA SER G 320 -55.21 4.01 -25.15
C SER G 320 -55.30 2.57 -24.67
N GLN G 321 -54.52 1.70 -25.30
CA GLN G 321 -54.49 0.29 -24.91
C GLN G 321 -53.78 0.10 -23.57
N ASP G 322 -52.79 0.94 -23.29
CA ASP G 322 -52.11 0.90 -21.99
C ASP G 322 -53.09 1.24 -20.87
N GLN G 323 -54.03 2.13 -21.19
CA GLN G 323 -55.07 2.53 -20.24
C GLN G 323 -55.99 1.35 -19.92
N ILE G 324 -56.45 0.67 -20.97
CA ILE G 324 -57.36 -0.46 -20.82
C ILE G 324 -56.71 -1.61 -20.06
N VAL G 325 -55.40 -1.80 -20.29
CA VAL G 325 -54.65 -2.85 -19.61
C VAL G 325 -54.65 -2.65 -18.09
N MET G 326 -54.29 -1.45 -17.64
CA MET G 326 -54.20 -1.17 -16.21
C MET G 326 -55.58 -1.03 -15.56
N GLU G 327 -56.57 -0.66 -16.37
CA GLU G 327 -57.92 -0.41 -15.91
C GLU G 327 -58.51 -1.59 -15.13
N ALA G 328 -58.07 -2.79 -15.45
CA ALA G 328 -58.63 -4.00 -14.86
C ALA G 328 -58.26 -4.18 -13.39
N TYR G 329 -57.23 -3.48 -12.92
CA TYR G 329 -56.75 -3.69 -11.56
C TYR G 329 -56.37 -2.42 -10.80
N THR G 330 -56.38 -1.27 -11.47
CA THR G 330 -55.98 -0.02 -10.83
C THR G 330 -56.59 1.23 -11.46
N GLN G 331 -56.55 2.33 -10.71
CA GLN G 331 -56.95 3.63 -11.23
C GLN G 331 -55.73 4.42 -11.71
N LYS G 332 -55.98 5.60 -12.28
CA LYS G 332 -54.90 6.48 -12.72
C LYS G 332 -54.18 7.10 -11.53
N ASP G 333 -54.96 7.74 -10.66
CA ASP G 333 -54.41 8.46 -9.52
C ASP G 333 -54.25 7.56 -8.29
N ALA G 334 -53.49 8.04 -7.32
CA ALA G 334 -53.21 7.28 -6.10
C ALA G 334 -54.46 7.04 -5.28
N PHE G 335 -54.57 5.84 -4.71
CA PHE G 335 -55.74 5.47 -3.92
C PHE G 335 -55.43 4.30 -2.99
N LEU G 336 -56.32 4.08 -2.03
CA LEU G 336 -56.21 2.95 -1.11
C LEU G 336 -57.59 2.38 -0.81
N LYS G 337 -57.83 1.17 -1.29
CA LYS G 337 -59.14 0.54 -1.14
C LYS G 337 -59.11 -0.58 -0.09
N ILE G 338 -60.07 -0.55 0.83
CA ILE G 338 -60.11 -1.55 1.89
C ILE G 338 -60.68 -2.87 1.39
N ILE G 339 -59.86 -3.92 1.45
CA ILE G 339 -60.27 -5.24 1.01
C ILE G 339 -60.98 -5.97 2.13
N GLY G 340 -60.47 -5.81 3.35
CA GLY G 340 -61.08 -6.41 4.51
C GLY G 340 -60.26 -6.16 5.76
N PHE G 341 -60.67 -6.78 6.87
CA PHE G 341 -59.94 -6.67 8.12
C PHE G 341 -59.44 -8.03 8.55
N ARG G 342 -58.48 -8.05 9.45
CA ARG G 342 -57.79 -9.28 9.80
C ARG G 342 -57.03 -9.16 11.12
N SER G 343 -56.88 -10.28 11.82
CA SER G 343 -56.11 -10.31 13.05
C SER G 343 -54.65 -9.96 12.79
N SER G 344 -54.10 -9.09 13.63
CA SER G 344 -52.73 -8.62 13.47
C SER G 344 -51.72 -9.75 13.53
N SER G 345 -52.07 -10.83 14.23
CA SER G 345 -51.16 -11.96 14.42
C SER G 345 -51.09 -12.85 13.18
N LYS G 346 -51.95 -12.57 12.20
CA LYS G 346 -51.92 -13.30 10.94
C LYS G 346 -51.46 -12.41 9.80
N SER G 347 -51.19 -11.14 10.12
CA SER G 347 -50.97 -10.13 9.09
C SER G 347 -49.59 -9.47 9.17
N ILE G 348 -49.06 -9.35 10.39
CA ILE G 348 -47.82 -8.63 10.59
C ILE G 348 -46.70 -9.55 11.06
N HIS G 349 -45.60 -9.57 10.31
CA HIS G 349 -44.47 -10.42 10.64
C HIS G 349 -43.15 -9.66 10.53
N TYR G 350 -42.11 -10.21 11.15
CA TYR G 350 -40.79 -9.60 11.10
C TYR G 350 -39.89 -10.31 10.09
N PHE G 351 -40.48 -11.13 9.23
CA PHE G 351 -39.69 -11.91 8.29
C PHE G 351 -40.09 -11.72 6.83
N ASN G 352 -40.96 -10.75 6.55
CA ASN G 352 -41.39 -10.55 5.17
C ASN G 352 -41.53 -9.09 4.78
N ASN G 353 -40.77 -8.21 5.43
CA ASN G 353 -40.75 -6.81 5.05
C ASN G 353 -40.08 -6.66 3.69
N ILE G 354 -40.57 -5.71 2.88
CA ILE G 354 -40.06 -5.54 1.53
C ILE G 354 -39.84 -4.06 1.21
N ASP G 355 -40.45 -3.21 2.02
CA ASP G 355 -40.34 -1.77 1.80
C ASP G 355 -40.23 -1.01 3.13
N LYS G 356 -40.35 0.31 3.05
CA LYS G 356 -40.32 1.15 4.23
C LYS G 356 -41.74 1.48 4.67
N SER G 357 -41.91 1.79 5.93
CA SER G 357 -43.24 2.05 6.49
C SER G 357 -43.63 3.51 6.44
N SER G 358 -44.90 3.77 6.18
CA SER G 358 -45.44 5.12 6.17
C SER G 358 -46.34 5.34 7.37
N PHE G 359 -46.47 6.61 7.77
CA PHE G 359 -47.34 6.97 8.88
C PHE G 359 -48.58 7.68 8.33
N ILE G 360 -49.75 7.07 8.53
CA ILE G 360 -50.98 7.56 7.92
C ILE G 360 -51.78 8.47 8.86
N VAL G 361 -52.21 9.60 8.32
CA VAL G 361 -52.94 10.61 9.09
C VAL G 361 -54.14 11.13 8.30
N PRO G 362 -55.29 11.36 8.98
CA PRO G 362 -56.51 11.84 8.32
C PRO G 362 -56.30 13.14 7.56
N ASP G 363 -56.96 13.29 6.42
CA ASP G 363 -56.85 14.47 5.59
C ASP G 363 -58.21 15.16 5.42
N GLU G 364 -58.61 15.93 6.42
CA GLU G 364 -59.92 16.56 6.42
C GLU G 364 -59.95 17.85 5.59
N ALA G 365 -58.90 18.08 4.80
CA ALA G 365 -58.87 19.20 3.88
C ALA G 365 -59.41 18.78 2.52
N LYS G 366 -59.43 17.48 2.29
CA LYS G 366 -59.94 16.90 1.04
C LYS G 366 -61.32 16.29 1.26
N TYR G 367 -61.47 15.57 2.36
CA TYR G 367 -62.74 14.98 2.74
C TYR G 367 -63.07 15.28 4.20
N GLU G 368 -64.11 16.06 4.44
CA GLU G 368 -64.51 16.38 5.81
C GLU G 368 -65.15 15.16 6.47
N GLY G 369 -64.81 14.92 7.72
CA GLY G 369 -65.23 13.73 8.44
C GLY G 369 -64.14 12.69 8.48
N SER G 370 -62.98 13.04 7.92
CA SER G 370 -61.83 12.15 7.89
C SER G 370 -61.26 11.90 9.27
N ILE G 371 -61.31 12.91 10.12
CA ILE G 371 -60.78 12.79 11.47
C ILE G 371 -61.68 11.89 12.31
N ARG G 372 -62.98 12.08 12.21
CA ARG G 372 -63.93 11.26 12.96
C ARG G 372 -63.87 9.79 12.56
N THR G 373 -63.68 9.53 11.27
CA THR G 373 -63.62 8.17 10.76
C THR G 373 -62.40 7.42 11.28
N LEU G 374 -61.22 8.01 11.09
CA LEU G 374 -59.98 7.33 11.43
C LEU G 374 -59.79 7.26 12.95
N ALA G 375 -60.34 8.23 13.67
CA ALA G 375 -60.27 8.20 15.13
C ALA G 375 -61.05 7.03 15.70
N SER G 376 -62.23 6.79 15.12
CA SER G 376 -63.04 5.65 15.51
C SER G 376 -62.38 4.36 15.05
N LEU G 377 -61.87 4.35 13.83
CA LEU G 377 -61.22 3.18 13.26
C LEU G 377 -59.98 2.79 14.07
N LEU G 378 -59.25 3.80 14.50
CA LEU G 378 -58.08 3.59 15.37
C LEU G 378 -58.50 2.96 16.68
N LYS G 379 -59.61 3.44 17.24
CA LYS G 379 -60.11 2.94 18.51
C LYS G 379 -60.61 1.50 18.39
N ILE G 380 -61.29 1.20 17.28
CA ILE G 380 -61.85 -0.13 17.09
C ILE G 380 -60.77 -1.17 16.81
N LEU G 381 -59.90 -0.87 15.85
CA LEU G 381 -58.83 -1.78 15.46
C LEU G 381 -57.89 -2.07 16.63
N ARG G 382 -57.73 -1.09 17.51
CA ARG G 382 -56.97 -1.29 18.74
C ARG G 382 -57.72 -2.25 19.66
N LYS G 383 -59.01 -1.99 19.84
CA LYS G 383 -59.85 -2.75 20.75
C LYS G 383 -59.91 -4.23 20.37
N LYS G 384 -59.94 -4.51 19.08
CA LYS G 384 -60.02 -5.89 18.59
C LYS G 384 -58.67 -6.46 18.16
N ASP G 385 -57.64 -5.61 18.19
CA ASP G 385 -56.30 -5.97 17.71
C ASP G 385 -56.35 -6.47 16.27
N LYS G 386 -56.98 -5.69 15.40
CA LYS G 386 -57.11 -6.04 13.99
C LYS G 386 -56.34 -5.06 13.13
N ILE G 387 -56.18 -5.38 11.85
CA ILE G 387 -55.61 -4.44 10.89
C ILE G 387 -56.49 -4.42 9.65
N ALA G 388 -56.21 -3.48 8.75
CA ALA G 388 -56.97 -3.37 7.50
C ALA G 388 -56.11 -3.78 6.32
N ILE G 389 -56.64 -4.67 5.49
CA ILE G 389 -55.97 -5.05 4.25
C ILE G 389 -56.31 -4.03 3.18
N LEU G 390 -55.28 -3.42 2.58
CA LEU G 390 -55.49 -2.37 1.60
C LEU G 390 -54.97 -2.74 0.21
N TRP G 391 -55.75 -2.39 -0.82
CA TRP G 391 -55.30 -2.51 -2.20
C TRP G 391 -55.27 -1.14 -2.84
N GLY G 392 -54.14 -0.80 -3.46
CA GLY G 392 -53.98 0.48 -4.11
C GLY G 392 -52.52 0.87 -4.30
N LYS G 393 -52.29 2.13 -4.67
CA LYS G 393 -50.94 2.63 -4.87
C LYS G 393 -50.79 4.02 -4.26
N LEU G 394 -49.56 4.42 -4.00
CA LEU G 394 -49.30 5.69 -3.33
C LEU G 394 -48.89 6.78 -4.31
N LYS G 395 -48.52 6.38 -5.52
CA LYS G 395 -48.15 7.33 -6.57
C LYS G 395 -48.90 7.01 -7.85
N SER G 396 -49.09 8.02 -8.68
CA SER G 396 -49.78 7.83 -9.96
C SER G 396 -48.93 6.94 -10.87
N ASN G 397 -47.63 7.20 -10.90
CA ASN G 397 -46.71 6.45 -11.73
C ASN G 397 -46.06 5.29 -10.95
N SER G 398 -46.87 4.33 -10.53
CA SER G 398 -46.37 3.17 -9.82
C SER G 398 -47.37 2.03 -9.86
N HIS G 399 -46.88 0.82 -9.62
CA HIS G 399 -47.75 -0.36 -9.59
C HIS G 399 -48.48 -0.46 -8.25
N PRO G 400 -49.73 -0.91 -8.28
CA PRO G 400 -50.49 -1.11 -7.04
C PRO G 400 -49.97 -2.32 -6.25
N SER G 401 -50.40 -2.46 -5.00
CA SER G 401 -49.95 -3.56 -4.17
C SER G 401 -50.87 -3.74 -2.96
N LEU G 402 -50.77 -4.89 -2.31
CA LEU G 402 -51.46 -5.10 -1.04
C LEU G 402 -50.71 -4.40 0.08
N TYR G 403 -51.45 -3.76 0.99
CA TYR G 403 -50.84 -3.05 2.10
C TYR G 403 -51.46 -3.46 3.42
N THR G 404 -50.67 -3.37 4.49
CA THR G 404 -51.17 -3.59 5.84
C THR G 404 -51.29 -2.27 6.59
N LEU G 405 -52.46 -2.01 7.14
CA LEU G 405 -52.68 -0.77 7.89
C LEU G 405 -52.85 -1.10 9.35
N SER G 406 -51.84 -0.80 10.16
CA SER G 406 -51.85 -1.14 11.58
C SER G 406 -51.99 0.10 12.44
N PRO G 407 -52.84 0.01 13.48
CA PRO G 407 -53.06 1.12 14.42
C PRO G 407 -51.81 1.41 15.24
N SER G 408 -51.55 2.69 15.51
CA SER G 408 -50.40 3.08 16.31
C SER G 408 -50.56 2.56 17.73
N SER G 409 -49.46 2.09 18.31
CA SER G 409 -49.49 1.59 19.68
C SER G 409 -49.87 2.69 20.67
N VAL G 410 -50.31 2.28 21.86
CA VAL G 410 -50.66 3.23 22.91
C VAL G 410 -49.40 3.80 23.56
N LYS G 411 -48.30 3.05 23.46
CA LYS G 411 -47.02 3.48 23.99
C LYS G 411 -46.45 4.64 23.17
N ASP G 412 -46.81 4.67 21.89
CA ASP G 412 -46.34 5.71 20.99
C ASP G 412 -47.10 7.02 21.21
N TYR G 413 -46.42 8.14 21.04
CA TYR G 413 -47.05 9.45 21.19
C TYR G 413 -47.95 9.76 20.00
N ASN G 414 -47.40 9.58 18.80
CA ASN G 414 -48.15 9.85 17.58
C ASN G 414 -49.29 8.86 17.39
N GLU G 415 -50.51 9.39 17.25
CA GLU G 415 -51.69 8.56 17.06
C GLU G 415 -52.09 8.49 15.60
N GLY G 416 -52.08 7.28 15.05
CA GLY G 416 -52.43 7.08 13.65
C GLY G 416 -52.24 5.65 13.22
N PHE G 417 -51.80 5.46 11.98
CA PHE G 417 -51.64 4.14 11.41
C PHE G 417 -50.28 3.96 10.73
N TYR G 418 -49.80 2.72 10.67
CA TYR G 418 -48.56 2.40 9.98
C TYR G 418 -48.84 1.56 8.74
N LEU G 419 -48.29 1.96 7.60
CA LEU G 419 -48.55 1.27 6.36
C LEU G 419 -47.36 0.39 5.96
N TYR G 420 -47.62 -0.92 5.83
CA TYR G 420 -46.61 -1.88 5.41
C TYR G 420 -47.00 -2.54 4.09
N ARG G 421 -46.12 -2.49 3.11
CA ARG G 421 -46.42 -3.12 1.83
C ARG G 421 -46.26 -4.64 1.91
N VAL G 422 -47.25 -5.36 1.39
CA VAL G 422 -47.24 -6.80 1.43
C VAL G 422 -46.67 -7.36 0.13
N PRO G 423 -45.68 -8.25 0.23
CA PRO G 423 -45.01 -8.83 -0.96
C PRO G 423 -45.94 -9.68 -1.82
N PHE G 424 -45.86 -9.51 -3.14
CA PHE G 424 -46.58 -10.38 -4.06
C PHE G 424 -45.95 -11.77 -4.03
N LEU G 425 -46.65 -12.75 -4.59
CA LEU G 425 -46.17 -14.14 -4.60
C LEU G 425 -44.86 -14.30 -5.37
N ASP G 426 -44.63 -13.42 -6.34
CA ASP G 426 -43.40 -13.41 -7.13
C ASP G 426 -42.31 -12.61 -6.43
N GLU G 427 -42.71 -11.88 -5.39
CA GLU G 427 -41.75 -11.09 -4.62
C GLU G 427 -41.19 -11.91 -3.48
N ILE G 428 -41.75 -13.10 -3.28
CA ILE G 428 -41.28 -14.02 -2.26
C ILE G 428 -40.34 -15.05 -2.88
N ARG G 429 -39.05 -14.88 -2.66
CA ARG G 429 -38.05 -15.76 -3.25
C ARG G 429 -38.02 -17.15 -2.61
N LYS G 430 -37.39 -18.09 -3.31
CA LYS G 430 -37.28 -19.46 -2.83
C LYS G 430 -36.10 -19.62 -1.88
N PHE G 431 -36.27 -20.47 -0.88
CA PHE G 431 -35.16 -20.83 0.00
C PHE G 431 -34.18 -21.68 -0.78
N PRO G 432 -32.88 -21.41 -0.64
CA PRO G 432 -31.85 -22.16 -1.38
C PRO G 432 -31.69 -23.59 -0.91
N SER G 433 -31.25 -24.47 -1.81
CA SER G 433 -31.01 -25.86 -1.45
C SER G 433 -29.68 -25.99 -0.73
N LEU G 434 -29.63 -26.86 0.27
CA LEU G 434 -28.43 -27.04 1.08
C LEU G 434 -27.68 -28.31 0.67
N LEU G 435 -26.37 -28.31 0.88
CA LEU G 435 -25.56 -29.49 0.61
C LEU G 435 -25.82 -30.56 1.65
N SER G 436 -26.03 -30.14 2.89
CA SER G 436 -26.37 -31.04 3.99
C SER G 436 -27.60 -30.52 4.75
N TYR G 437 -28.37 -31.44 5.32
CA TYR G 437 -29.53 -31.06 6.11
C TYR G 437 -29.46 -31.62 7.51
N ASP G 438 -28.34 -32.26 7.84
CA ASP G 438 -28.12 -32.82 9.18
C ASP G 438 -27.65 -31.74 10.15
N ASP G 439 -28.59 -31.19 10.93
CA ASP G 439 -28.27 -30.15 11.90
C ASP G 439 -28.02 -30.73 13.28
N GLY G 440 -27.89 -32.06 13.35
CA GLY G 440 -27.59 -32.74 14.60
C GLY G 440 -28.77 -32.81 15.55
N SER G 441 -29.98 -32.71 15.00
CA SER G 441 -31.19 -32.80 15.82
C SER G 441 -31.51 -34.25 16.15
N GLU G 442 -30.84 -35.18 15.48
CA GLU G 442 -30.98 -36.60 15.76
C GLU G 442 -30.49 -36.93 17.17
N HIS G 443 -29.27 -36.52 17.47
CA HIS G 443 -28.71 -36.69 18.80
C HIS G 443 -29.36 -35.70 19.76
N LYS G 444 -30.45 -36.11 20.38
CA LYS G 444 -31.26 -35.25 21.24
C LYS G 444 -30.45 -34.55 22.34
N LEU G 445 -29.77 -35.35 23.17
CA LEU G 445 -29.06 -34.83 24.33
C LEU G 445 -28.00 -33.80 23.97
N ASP G 446 -27.15 -34.14 23.00
CA ASP G 446 -26.08 -33.23 22.58
C ASP G 446 -26.64 -31.93 22.01
N TYR G 447 -27.71 -32.06 21.24
CA TYR G 447 -28.34 -30.91 20.60
C TYR G 447 -29.06 -30.04 21.62
N ASP G 448 -29.72 -30.66 22.58
CA ASP G 448 -30.46 -29.95 23.62
C ASP G 448 -29.50 -29.21 24.57
N ASN G 449 -28.31 -29.77 24.75
CA ASN G 449 -27.28 -29.11 25.53
C ASN G 449 -26.79 -27.83 24.84
N MET G 450 -26.67 -27.89 23.52
CA MET G 450 -26.20 -26.75 22.74
C MET G 450 -27.19 -25.59 22.81
N LYS G 451 -28.47 -25.92 22.82
CA LYS G 451 -29.51 -24.90 22.92
C LYS G 451 -29.50 -24.25 24.29
N LYS G 452 -29.24 -25.06 25.32
CA LYS G 452 -29.29 -24.59 26.70
C LYS G 452 -28.16 -23.62 27.00
N VAL G 453 -26.96 -23.92 26.48
CA VAL G 453 -25.82 -23.05 26.71
C VAL G 453 -25.92 -21.81 25.84
N THR G 454 -26.55 -21.95 24.67
CA THR G 454 -26.79 -20.80 23.80
C THR G 454 -27.77 -19.86 24.48
N GLN G 455 -28.76 -20.44 25.15
CA GLN G 455 -29.78 -19.68 25.85
C GLN G 455 -29.17 -18.86 26.98
N SER G 456 -28.18 -19.43 27.67
CA SER G 456 -27.51 -18.75 28.77
C SER G 456 -26.62 -17.63 28.28
N ILE G 457 -25.86 -17.92 27.22
CA ILE G 457 -25.03 -16.92 26.56
C ILE G 457 -25.90 -15.77 26.06
N MET G 458 -27.06 -16.13 25.54
CA MET G 458 -28.00 -15.15 25.00
C MET G 458 -28.55 -14.24 26.10
N GLY G 459 -28.54 -14.72 27.34
CA GLY G 459 -29.08 -13.97 28.45
C GLY G 459 -28.22 -12.78 28.86
N TYR G 460 -26.92 -12.87 28.59
CA TYR G 460 -25.98 -11.84 29.00
C TYR G 460 -25.98 -10.62 28.07
N PHE G 461 -26.73 -10.72 26.98
CA PHE G 461 -26.76 -9.65 25.98
C PHE G 461 -28.18 -9.28 25.56
N ASN G 462 -29.02 -9.00 26.54
CA ASN G 462 -30.35 -8.48 26.25
C ASN G 462 -30.32 -6.96 26.13
N LEU G 463 -31.14 -6.43 25.23
CA LEU G 463 -31.24 -4.98 25.06
C LEU G 463 -32.42 -4.45 25.87
N ARG G 464 -32.12 -4.01 27.08
CA ARG G 464 -33.17 -3.56 28.00
C ARG G 464 -33.85 -2.27 27.54
N ASP G 465 -33.11 -1.43 26.83
CA ASP G 465 -33.68 -0.18 26.30
C ASP G 465 -34.04 -0.34 24.83
N GLY G 466 -34.09 -1.58 24.37
CA GLY G 466 -34.44 -1.89 22.98
C GLY G 466 -33.46 -1.33 21.97
N TYR G 467 -33.94 -1.10 20.76
CA TYR G 467 -33.12 -0.50 19.71
C TYR G 467 -33.53 0.95 19.45
N ASN G 468 -32.61 1.87 19.68
CA ASN G 468 -32.86 3.28 19.37
C ASN G 468 -31.95 3.73 18.24
N PRO G 469 -32.54 4.15 17.12
CA PRO G 469 -31.78 4.68 15.99
C PRO G 469 -30.82 5.80 16.41
N SER G 470 -31.22 6.59 17.41
CA SER G 470 -30.42 7.70 17.90
C SER G 470 -29.04 7.27 18.35
N ASP G 471 -28.91 6.02 18.78
CA ASP G 471 -27.64 5.54 19.32
C ASP G 471 -26.67 5.07 18.24
N PHE G 472 -27.14 5.01 17.00
CA PHE G 472 -26.30 4.53 15.91
C PHE G 472 -26.23 5.50 14.74
N LYS G 473 -25.17 6.31 14.71
CA LYS G 473 -24.93 7.21 13.58
C LYS G 473 -24.30 6.42 12.43
N ASN G 474 -24.76 6.71 11.21
CA ASN G 474 -24.22 6.08 10.01
C ASN G 474 -22.76 6.45 9.79
N PRO G 475 -21.86 5.46 9.92
CA PRO G 475 -20.42 5.71 9.79
C PRO G 475 -20.04 6.22 8.40
N LEU G 476 -20.76 5.80 7.37
CA LEU G 476 -20.51 6.28 6.01
C LEU G 476 -20.81 7.78 5.90
N LEU G 477 -21.96 8.18 6.43
CA LEU G 477 -22.37 9.58 6.43
C LEU G 477 -21.42 10.44 7.24
N GLN G 478 -21.07 9.97 8.44
CA GLN G 478 -20.22 10.72 9.36
C GLN G 478 -18.84 10.94 8.77
N LYS G 479 -18.30 9.91 8.11
CA LYS G 479 -16.97 10.00 7.52
C LYS G 479 -16.96 11.00 6.36
N HIS G 480 -18.01 10.98 5.57
CA HIS G 480 -18.11 11.83 4.39
C HIS G 480 -18.18 13.31 4.76
N TYR G 481 -19.15 13.66 5.59
CA TYR G 481 -19.39 15.05 5.94
C TYR G 481 -18.29 15.64 6.83
N LYS G 482 -17.54 14.77 7.51
CA LYS G 482 -16.44 15.23 8.36
C LYS G 482 -15.24 15.64 7.50
N VAL G 483 -15.02 14.92 6.40
CA VAL G 483 -13.95 15.25 5.46
C VAL G 483 -14.26 16.56 4.75
N LEU G 484 -15.53 16.75 4.37
CA LEU G 484 -15.97 18.01 3.78
C LEU G 484 -15.80 19.14 4.79
N HIS G 485 -16.23 18.88 6.02
CA HIS G 485 -16.17 19.85 7.10
C HIS G 485 -14.75 20.33 7.36
N ASP G 486 -13.82 19.39 7.45
CA ASP G 486 -12.44 19.71 7.81
C ASP G 486 -11.68 20.43 6.69
N TYR G 487 -12.04 20.16 5.45
CA TYR G 487 -11.40 20.81 4.31
C TYR G 487 -11.86 22.25 4.18
N LEU G 488 -13.15 22.48 4.40
CA LEU G 488 -13.70 23.83 4.37
C LEU G 488 -13.08 24.73 5.43
N LEU G 489 -12.77 24.15 6.59
CA LEU G 489 -12.27 24.92 7.71
C LEU G 489 -10.76 24.76 7.91
N GLN G 490 -10.11 24.14 6.91
CA GLN G 490 -8.66 23.94 6.93
C GLN G 490 -8.17 23.25 8.20
N ILE G 491 -8.95 22.27 8.65
CA ILE G 491 -8.58 21.46 9.81
C ILE G 491 -7.79 20.24 9.38
N GLU G 492 -6.49 20.23 9.69
CA GLU G 492 -5.61 19.14 9.28
C GLU G 492 -6.01 17.83 9.95
N THR G 493 -6.00 16.76 9.17
CA THR G 493 -6.45 15.45 9.64
C THR G 493 -5.56 14.90 10.74
N THR G 494 -6.15 14.10 11.62
CA THR G 494 -5.44 13.53 12.75
C THR G 494 -5.01 12.09 12.50
N PHE G 495 -5.41 11.53 11.37
CA PHE G 495 -5.08 10.15 11.05
C PHE G 495 -3.58 9.97 10.85
N ASP G 496 -3.02 8.94 11.49
CA ASP G 496 -1.61 8.62 11.37
C ASP G 496 -1.42 7.21 10.83
N GLU G 497 -0.55 7.08 9.82
CA GLU G 497 -0.29 5.79 9.20
C GLU G 497 0.45 4.86 10.17
N ASN G 498 1.26 5.44 11.04
CA ASN G 498 2.01 4.67 12.04
C ASN G 498 1.14 4.35 13.25
N GLU G 499 -0.05 3.83 12.98
CA GLU G 499 -1.06 3.60 14.01
C GLU G 499 -0.75 2.45 14.95
N THR G 500 -0.73 2.75 16.24
CA THR G 500 -0.72 1.72 17.27
C THR G 500 -2.04 0.96 17.17
N PRO G 501 -2.00 -0.38 17.38
CA PRO G 501 -3.25 -1.15 17.46
C PRO G 501 -4.26 -0.56 18.45
N ASN G 502 -3.76 0.07 19.51
CA ASN G 502 -4.63 0.78 20.45
C ASN G 502 -5.17 2.07 19.86
N THR G 503 -4.32 2.80 19.14
CA THR G 503 -4.74 4.02 18.46
C THR G 503 -5.79 3.71 17.41
N LYS G 504 -5.57 2.62 16.65
CA LYS G 504 -6.49 2.20 15.60
C LYS G 504 -7.82 1.74 16.19
N LYS G 505 -7.75 1.11 17.36
CA LYS G 505 -8.94 0.62 18.04
C LYS G 505 -9.85 1.77 18.42
N ASP G 506 -9.28 2.79 19.07
CA ASP G 506 -10.05 3.95 19.48
C ASP G 506 -10.59 4.72 18.29
N ARG G 507 -9.86 4.76 17.21
CA ARG G 507 -10.25 5.43 16.00
C ARG G 507 -11.47 4.83 15.42
N MET G 508 -11.50 3.52 15.43
CA MET G 508 -12.64 2.76 14.91
C MET G 508 -13.92 3.03 15.68
N MET G 509 -13.83 2.98 17.01
CA MET G 509 -14.99 3.17 17.86
C MET G 509 -15.48 4.61 17.81
N ARG G 510 -14.55 5.53 17.54
CA ARG G 510 -14.90 6.95 17.41
C ARG G 510 -15.60 7.19 16.07
N GLU G 511 -15.29 6.36 15.08
CA GLU G 511 -15.83 6.52 13.74
C GLU G 511 -17.12 5.74 13.51
N ASP G 512 -17.33 4.71 14.33
CA ASP G 512 -18.52 3.87 14.18
C ASP G 512 -19.13 3.50 15.52
N ASP G 513 -20.35 3.98 15.77
CA ASP G 513 -21.02 3.76 17.04
C ASP G 513 -21.26 2.27 17.31
N SER G 514 -21.45 1.50 16.25
CA SER G 514 -21.74 0.08 16.35
C SER G 514 -20.50 -0.74 16.71
N LEU G 515 -19.34 -0.30 16.23
CA LEU G 515 -18.09 -0.97 16.57
C LEU G 515 -17.79 -0.80 18.06
N ARG G 516 -18.17 0.36 18.60
CA ARG G 516 -17.96 0.66 20.01
C ARG G 516 -18.74 -0.30 20.89
N LYS G 517 -19.94 -0.67 20.45
CA LYS G 517 -20.77 -1.62 21.19
C LYS G 517 -20.20 -3.02 21.12
N LEU G 518 -19.72 -3.40 19.94
CA LEU G 518 -19.11 -4.71 19.73
C LEU G 518 -17.89 -4.89 20.63
N TYR G 519 -17.17 -3.80 20.85
CA TYR G 519 -15.99 -3.81 21.72
C TYR G 519 -16.36 -4.13 23.16
N TYR G 520 -17.47 -3.55 23.61
CA TYR G 520 -17.96 -3.79 24.96
C TYR G 520 -18.33 -5.26 25.19
N ILE G 521 -18.97 -5.86 24.19
CA ILE G 521 -19.41 -7.25 24.26
C ILE G 521 -18.26 -8.22 24.49
N ARG G 522 -17.20 -8.06 23.72
CA ARG G 522 -16.03 -8.93 23.86
C ARG G 522 -15.33 -8.68 25.19
N ASN G 523 -15.28 -7.42 25.60
CA ASN G 523 -14.62 -7.06 26.85
C ASN G 523 -15.33 -7.67 28.05
N LYS G 524 -16.65 -7.75 27.98
CA LYS G 524 -17.45 -8.37 29.04
C LYS G 524 -17.13 -9.87 29.12
N ILE G 525 -16.85 -10.47 27.97
CA ILE G 525 -16.47 -11.87 27.89
C ILE G 525 -15.03 -12.07 28.37
N LEU G 526 -14.20 -11.05 28.17
CA LEU G 526 -12.79 -11.12 28.54
C LEU G 526 -12.57 -10.78 30.02
N GLU G 527 -13.44 -9.93 30.57
CA GLU G 527 -13.34 -9.58 31.98
C GLU G 527 -14.09 -10.61 32.81
N SER G 528 -14.66 -11.60 32.12
CA SER G 528 -15.39 -12.68 32.76
C SER G 528 -14.47 -13.85 33.10
N GLU G 529 -13.36 -13.96 32.37
CA GLU G 529 -12.38 -15.02 32.61
C GLU G 529 -11.33 -14.56 33.62
N LYS G 530 -11.01 -13.28 33.61
CA LYS G 530 -10.07 -12.69 34.55
C LYS G 530 -10.64 -12.70 35.96
N SER G 531 -11.92 -12.39 36.08
CA SER G 531 -12.59 -12.31 37.37
C SER G 531 -12.58 -13.67 38.08
N GLU G 532 -12.35 -13.63 39.38
CA GLU G 532 -12.30 -14.85 40.19
C GLU G 532 -13.59 -15.07 40.95
N ASP G 533 -14.52 -14.12 40.80
CA ASP G 533 -15.86 -14.29 41.35
C ASP G 533 -16.63 -15.29 40.50
N PRO G 534 -17.00 -16.44 41.09
CA PRO G 534 -17.63 -17.56 40.37
C PRO G 534 -18.95 -17.19 39.70
N ILE G 535 -19.59 -16.12 40.17
CA ILE G 535 -20.82 -15.63 39.54
C ILE G 535 -20.52 -14.92 38.24
N ILE G 536 -19.57 -13.97 38.28
CA ILE G 536 -19.17 -13.24 37.08
C ILE G 536 -18.43 -14.18 36.12
N GLN G 537 -17.76 -15.17 36.70
CA GLN G 537 -16.97 -16.15 35.93
C GLN G 537 -17.82 -16.96 34.95
N ARG G 538 -19.13 -16.96 35.17
CA ARG G 538 -20.05 -17.81 34.42
C ARG G 538 -20.04 -17.58 32.90
N LEU G 539 -20.14 -16.32 32.48
CA LEU G 539 -20.28 -15.98 31.07
C LEU G 539 -19.21 -16.61 30.17
N ASN G 540 -17.95 -16.40 30.51
CA ASN G 540 -16.85 -16.90 29.69
C ASN G 540 -16.80 -18.43 29.69
N LYS G 541 -17.18 -19.04 30.81
CA LYS G 541 -17.20 -20.49 30.89
C LYS G 541 -18.29 -21.05 30.00
N TYR G 542 -19.40 -20.32 29.89
CA TYR G 542 -20.48 -20.69 28.98
C TYR G 542 -19.97 -20.73 27.54
N VAL G 543 -19.19 -19.71 27.17
CA VAL G 543 -18.66 -19.59 25.82
C VAL G 543 -17.68 -20.71 25.49
N LYS G 544 -16.82 -21.04 26.46
CA LYS G 544 -15.88 -22.13 26.30
C LYS G 544 -16.60 -23.46 26.08
N ILE G 545 -17.67 -23.66 26.84
CA ILE G 545 -18.47 -24.87 26.71
C ILE G 545 -19.14 -24.94 25.35
N TRP G 546 -19.62 -23.80 24.86
CA TRP G 546 -20.25 -23.73 23.55
C TRP G 546 -19.27 -24.11 22.45
N ASN G 547 -18.04 -23.62 22.55
CA ASN G 547 -16.99 -23.96 21.60
C ASN G 547 -16.62 -25.44 21.70
N MET G 548 -16.70 -25.98 22.91
CA MET G 548 -16.44 -27.40 23.15
C MET G 548 -17.39 -28.27 22.32
N PHE G 549 -18.66 -27.87 22.32
CA PHE G 549 -19.68 -28.58 21.55
C PHE G 549 -19.48 -28.40 20.05
N TYR G 550 -19.02 -27.23 19.66
CA TYR G 550 -18.75 -26.93 18.25
C TYR G 550 -17.65 -27.85 17.73
N LYS G 551 -16.56 -27.92 18.46
CA LYS G 551 -15.42 -28.73 18.07
C LYS G 551 -15.71 -30.23 18.20
N LYS G 552 -16.48 -30.60 19.22
CA LYS G 552 -16.82 -32.01 19.43
C LYS G 552 -17.68 -32.54 18.29
N PHE G 553 -18.57 -31.71 17.78
CA PHE G 553 -19.48 -32.13 16.72
C PHE G 553 -18.73 -32.40 15.42
N ASN G 554 -17.72 -31.60 15.14
CA ASN G 554 -16.93 -31.76 13.93
C ASN G 554 -15.98 -32.94 14.03
N ASP G 555 -15.51 -33.21 15.25
CA ASP G 555 -14.62 -34.34 15.48
C ASP G 555 -15.39 -35.66 15.38
N ASP G 556 -16.68 -35.61 15.64
CA ASP G 556 -17.53 -36.78 15.53
C ASP G 556 -18.23 -36.85 14.17
N ASN G 557 -19.06 -35.85 13.89
CA ASN G 557 -19.79 -35.79 12.64
C ASN G 557 -19.35 -34.62 11.77
N SER H 1 -31.04 -29.57 -17.99
CA SER H 1 -30.00 -29.00 -18.85
C SER H 1 -30.48 -28.86 -20.29
N SER H 2 -31.02 -29.95 -20.82
CA SER H 2 -31.49 -29.98 -22.21
C SER H 2 -32.57 -31.04 -22.40
N GLU H 3 -33.59 -30.70 -23.18
CA GLU H 3 -34.70 -31.63 -23.38
C GLU H 3 -35.35 -31.48 -24.75
N SER H 4 -36.04 -32.54 -25.18
CA SER H 4 -36.79 -32.53 -26.44
C SER H 4 -38.25 -32.88 -26.18
N THR H 5 -39.15 -32.20 -26.88
CA THR H 5 -40.59 -32.43 -26.72
C THR H 5 -41.27 -32.66 -28.06
N THR H 6 -41.95 -33.78 -28.19
CA THR H 6 -42.65 -34.12 -29.42
C THR H 6 -44.17 -34.18 -29.21
N PHE H 7 -44.89 -33.34 -29.95
CA PHE H 7 -46.35 -33.27 -29.81
C PHE H 7 -47.07 -34.09 -30.88
N ILE H 8 -48.04 -34.89 -30.44
CA ILE H 8 -48.87 -35.66 -31.36
C ILE H 8 -50.35 -35.37 -31.11
N VAL H 9 -51.06 -34.96 -32.17
CA VAL H 9 -52.47 -34.60 -32.05
C VAL H 9 -53.37 -35.51 -32.89
N ASP H 10 -54.29 -36.19 -32.20
CA ASP H 10 -55.24 -37.08 -32.87
C ASP H 10 -56.27 -36.29 -33.68
N VAL H 11 -56.39 -36.61 -34.97
CA VAL H 11 -57.37 -35.96 -35.82
C VAL H 11 -58.40 -36.98 -36.30
N SER H 12 -59.15 -37.53 -35.35
CA SER H 12 -60.29 -38.39 -35.65
C SER H 12 -61.52 -37.50 -35.78
N PRO H 13 -62.61 -38.02 -36.37
CA PRO H 13 -63.83 -37.21 -36.45
C PRO H 13 -64.34 -36.78 -35.07
N SER H 14 -64.06 -37.57 -34.04
CA SER H 14 -64.49 -37.25 -32.69
C SER H 14 -63.75 -36.03 -32.14
N MET H 15 -62.46 -35.91 -32.47
CA MET H 15 -61.64 -34.81 -31.98
C MET H 15 -62.00 -33.48 -32.63
N MET H 16 -62.50 -33.54 -33.87
CA MET H 16 -62.84 -32.33 -34.61
C MET H 16 -64.16 -31.71 -34.16
N LYS H 17 -65.22 -32.50 -34.19
CA LYS H 17 -66.56 -32.00 -33.89
C LYS H 17 -66.78 -31.70 -32.40
N ASN H 18 -66.06 -32.40 -31.54
CA ASN H 18 -66.13 -32.15 -30.10
C ASN H 18 -65.21 -31.02 -29.68
N ASN H 19 -64.58 -30.38 -30.66
CA ASN H 19 -63.70 -29.23 -30.43
C ASN H 19 -62.54 -29.57 -29.49
N ASN H 20 -61.91 -30.72 -29.72
CA ASN H 20 -60.79 -31.14 -28.89
C ASN H 20 -59.44 -30.79 -29.51
N VAL H 21 -59.45 -30.52 -30.82
CA VAL H 21 -58.24 -30.13 -31.51
C VAL H 21 -57.99 -28.63 -31.32
N SER H 22 -59.06 -27.85 -31.33
CA SER H 22 -58.98 -26.41 -31.07
C SER H 22 -58.54 -26.15 -29.63
N LYS H 23 -58.95 -27.03 -28.72
CA LYS H 23 -58.53 -26.95 -27.33
C LYS H 23 -57.03 -27.22 -27.21
N SER H 24 -56.59 -28.32 -27.80
CA SER H 24 -55.18 -28.71 -27.76
C SER H 24 -54.32 -27.68 -28.48
N MET H 25 -54.92 -26.99 -29.45
CA MET H 25 -54.21 -25.93 -30.17
C MET H 25 -53.96 -24.75 -29.25
N ALA H 26 -54.92 -24.46 -28.38
CA ALA H 26 -54.79 -23.37 -27.42
C ALA H 26 -53.67 -23.64 -26.42
N TYR H 27 -53.52 -24.90 -26.03
CA TYR H 27 -52.43 -25.29 -25.14
C TYR H 27 -51.09 -25.18 -25.88
N LEU H 28 -51.05 -25.69 -27.11
CA LEU H 28 -49.85 -25.61 -27.94
C LEU H 28 -49.45 -24.16 -28.20
N GLU H 29 -50.46 -23.30 -28.37
CA GLU H 29 -50.22 -21.89 -28.62
C GLU H 29 -49.61 -21.22 -27.40
N TYR H 30 -50.21 -21.44 -26.23
CA TYR H 30 -49.71 -20.87 -24.98
C TYR H 30 -48.30 -21.38 -24.68
N THR H 31 -48.12 -22.70 -24.78
CA THR H 31 -46.86 -23.34 -24.45
C THR H 31 -45.71 -22.83 -25.32
N LEU H 32 -45.92 -22.81 -26.64
CA LEU H 32 -44.86 -22.44 -27.57
C LEU H 32 -44.55 -20.94 -27.54
N LEU H 33 -45.57 -20.10 -27.33
CA LEU H 33 -45.36 -18.66 -27.27
C LEU H 33 -44.55 -18.26 -26.05
N ASN H 34 -44.78 -18.95 -24.93
CA ASN H 34 -44.01 -18.69 -23.72
C ASN H 34 -42.59 -19.24 -23.84
N LYS H 35 -42.45 -20.34 -24.58
CA LYS H 35 -41.13 -20.89 -24.88
C LYS H 35 -40.35 -19.95 -25.79
N SER H 36 -41.09 -19.16 -26.56
CA SER H 36 -40.50 -18.24 -27.54
C SER H 36 -39.80 -17.06 -26.88
N LYS H 37 -40.24 -16.71 -25.68
CA LYS H 37 -39.67 -15.57 -24.96
C LYS H 37 -38.26 -15.91 -24.48
N LYS H 38 -38.05 -17.15 -24.06
CA LYS H 38 -36.75 -17.61 -23.60
C LYS H 38 -35.80 -17.83 -24.79
N SER H 39 -36.33 -18.42 -25.84
CA SER H 39 -35.56 -18.78 -27.03
C SER H 39 -34.39 -19.69 -26.65
N ARG H 40 -34.68 -20.71 -25.85
CA ARG H 40 -33.66 -21.65 -25.41
C ARG H 40 -33.03 -22.41 -26.57
N LYS H 41 -31.72 -22.56 -26.51
CA LYS H 41 -30.96 -23.26 -27.55
C LYS H 41 -31.08 -24.76 -27.39
N THR H 42 -31.44 -25.21 -26.18
CA THR H 42 -31.47 -26.63 -25.89
C THR H 42 -32.89 -27.16 -25.67
N ASP H 43 -33.89 -26.32 -25.92
CA ASP H 43 -35.29 -26.72 -25.77
C ASP H 43 -35.92 -27.00 -27.14
N TRP H 44 -36.05 -28.27 -27.47
CA TRP H 44 -36.55 -28.69 -28.77
C TRP H 44 -38.06 -28.88 -28.78
N ILE H 45 -38.67 -28.64 -29.94
CA ILE H 45 -40.07 -28.97 -30.17
C ILE H 45 -40.25 -29.65 -31.52
N SER H 46 -41.28 -30.49 -31.62
CA SER H 46 -41.62 -31.16 -32.87
C SER H 46 -43.06 -31.62 -32.82
N CYS H 47 -43.72 -31.65 -33.97
CA CYS H 47 -45.14 -31.99 -34.01
C CYS H 47 -45.50 -32.93 -35.16
N TYR H 48 -46.33 -33.92 -34.84
CA TYR H 48 -46.84 -34.87 -35.82
C TYR H 48 -48.36 -34.96 -35.72
N LEU H 49 -49.00 -35.55 -36.72
CA LEU H 49 -50.45 -35.75 -36.70
C LEU H 49 -50.82 -37.22 -36.86
N ALA H 50 -51.80 -37.65 -36.06
CA ALA H 50 -52.26 -39.03 -36.09
C ALA H 50 -53.66 -39.12 -36.66
N ASN H 51 -53.97 -40.27 -37.28
CA ASN H 51 -55.24 -40.49 -37.96
C ASN H 51 -55.54 -39.37 -38.95
N CYS H 52 -54.51 -38.96 -39.68
CA CYS H 52 -54.61 -37.84 -40.59
C CYS H 52 -54.55 -38.29 -42.05
N PRO H 53 -55.43 -37.73 -42.90
CA PRO H 53 -55.46 -38.06 -44.33
C PRO H 53 -54.15 -37.74 -45.03
N VAL H 54 -53.40 -36.75 -44.53
CA VAL H 54 -52.12 -36.38 -45.11
C VAL H 54 -51.03 -37.37 -44.69
N SER H 55 -50.23 -37.80 -45.65
CA SER H 55 -49.16 -38.76 -45.37
C SER H 55 -47.80 -38.21 -45.80
N GLU H 56 -47.14 -37.50 -44.89
CA GLU H 56 -45.81 -36.96 -45.15
C GLU H 56 -44.88 -37.14 -43.97
N ASN H 57 -43.97 -38.10 -44.07
CA ASN H 57 -42.95 -38.32 -43.04
C ASN H 57 -41.75 -39.06 -43.61
N SER H 58 -40.72 -39.26 -42.78
CA SER H 58 -39.46 -39.84 -43.23
C SER H 58 -39.61 -41.31 -43.65
N GLN H 59 -40.37 -42.07 -42.88
CA GLN H 59 -40.52 -43.49 -43.16
C GLN H 59 -41.70 -43.80 -44.10
N GLU H 60 -42.38 -42.76 -44.58
CA GLU H 60 -43.52 -42.88 -45.50
C GLU H 60 -44.63 -43.78 -44.96
N ILE H 61 -44.88 -43.70 -43.66
CA ILE H 61 -45.96 -44.47 -43.09
C ILE H 61 -47.26 -43.70 -43.27
N PRO H 62 -48.27 -44.36 -43.85
CA PRO H 62 -49.56 -43.72 -44.12
C PRO H 62 -50.23 -43.19 -42.85
N ASN H 63 -51.10 -42.20 -43.02
CA ASN H 63 -51.86 -41.61 -41.92
C ASN H 63 -50.98 -40.97 -40.84
N VAL H 64 -49.79 -40.54 -41.24
CA VAL H 64 -48.87 -39.84 -40.34
C VAL H 64 -48.34 -38.58 -41.04
N PHE H 65 -48.35 -37.45 -40.34
CA PHE H 65 -47.98 -36.18 -40.93
C PHE H 65 -47.13 -35.30 -40.01
N GLN H 66 -45.84 -35.19 -40.31
CA GLN H 66 -44.95 -34.31 -39.59
C GLN H 66 -45.22 -32.86 -39.97
N ILE H 67 -46.12 -32.22 -39.24
CA ILE H 67 -46.57 -30.87 -39.59
C ILE H 67 -45.53 -29.81 -39.19
N GLN H 68 -44.66 -30.15 -38.24
CA GLN H 68 -43.59 -29.25 -37.81
C GLN H 68 -42.34 -30.03 -37.45
N SER H 69 -41.23 -29.71 -38.10
CA SER H 69 -39.97 -30.40 -37.89
C SER H 69 -39.37 -30.07 -36.52
N PHE H 70 -38.30 -30.79 -36.16
CA PHE H 70 -37.57 -30.51 -34.94
C PHE H 70 -37.01 -29.10 -34.96
N LEU H 71 -37.40 -28.28 -33.98
CA LEU H 71 -37.03 -26.88 -33.98
C LEU H 71 -36.39 -26.42 -32.67
N ALA H 72 -35.21 -25.84 -32.80
CA ALA H 72 -34.50 -25.24 -31.68
C ALA H 72 -33.48 -24.24 -32.23
N PRO H 73 -33.51 -22.99 -31.74
CA PRO H 73 -34.39 -22.49 -30.67
C PRO H 73 -35.82 -22.22 -31.16
N VAL H 74 -36.76 -22.21 -30.22
CA VAL H 74 -38.14 -21.88 -30.55
C VAL H 74 -38.30 -20.36 -30.54
N THR H 75 -38.64 -19.81 -31.69
CA THR H 75 -38.80 -18.37 -31.83
C THR H 75 -40.27 -17.99 -31.98
N THR H 76 -40.58 -16.73 -31.72
CA THR H 76 -41.95 -16.23 -31.81
C THR H 76 -42.49 -16.37 -33.22
N THR H 77 -41.72 -15.90 -34.20
CA THR H 77 -42.12 -15.96 -35.61
C THR H 77 -42.40 -17.39 -36.06
N ALA H 78 -41.55 -18.32 -35.63
CA ALA H 78 -41.74 -19.72 -35.98
C ALA H 78 -43.02 -20.26 -35.36
N THR H 79 -43.31 -19.79 -34.15
CA THR H 79 -44.53 -20.20 -33.45
C THR H 79 -45.77 -19.70 -34.19
N ILE H 80 -45.69 -18.48 -34.71
CA ILE H 80 -46.77 -17.93 -35.52
C ILE H 80 -47.04 -18.81 -36.74
N GLY H 81 -45.96 -19.30 -37.34
CA GLY H 81 -46.07 -20.17 -38.50
C GLY H 81 -46.72 -21.51 -38.20
N PHE H 82 -46.21 -22.21 -37.19
CA PHE H 82 -46.71 -23.52 -36.84
C PHE H 82 -48.20 -23.51 -36.50
N ILE H 83 -48.62 -22.52 -35.72
CA ILE H 83 -50.02 -22.39 -35.32
C ILE H 83 -50.92 -22.12 -36.52
N LYS H 84 -50.40 -21.37 -37.50
CA LYS H 84 -51.18 -21.03 -38.69
C LYS H 84 -51.22 -22.21 -39.68
N ARG H 85 -50.17 -23.01 -39.69
CA ARG H 85 -50.18 -24.26 -40.46
C ARG H 85 -51.29 -25.16 -39.93
N LEU H 86 -51.40 -25.22 -38.60
CA LEU H 86 -52.39 -26.05 -37.94
C LEU H 86 -53.79 -25.46 -38.06
N LYS H 87 -53.87 -24.13 -37.99
CA LYS H 87 -55.14 -23.43 -38.08
C LYS H 87 -55.77 -23.60 -39.46
N GLN H 88 -54.93 -23.66 -40.49
CA GLN H 88 -55.40 -23.89 -41.85
C GLN H 88 -55.85 -25.33 -42.04
N TYR H 89 -55.08 -26.27 -41.49
CA TYR H 89 -55.45 -27.68 -41.53
C TYR H 89 -56.74 -27.92 -40.75
N CYS H 90 -56.91 -27.15 -39.67
CA CYS H 90 -58.06 -27.31 -38.80
C CYS H 90 -59.33 -26.79 -39.46
N ASP H 91 -59.18 -25.81 -40.34
CA ASP H 91 -60.32 -25.16 -40.96
C ASP H 91 -60.76 -25.88 -42.24
N GLN H 92 -59.80 -26.50 -42.92
CA GLN H 92 -60.08 -27.24 -44.15
C GLN H 92 -60.90 -28.49 -43.86
N HIS H 93 -60.50 -29.22 -42.82
CA HIS H 93 -61.13 -30.50 -42.50
C HIS H 93 -62.20 -30.35 -41.42
N SER H 94 -62.80 -29.17 -41.34
CA SER H 94 -63.80 -28.89 -40.32
C SER H 94 -65.09 -29.65 -40.56
N HIS H 95 -65.73 -29.39 -41.70
CA HIS H 95 -67.03 -29.98 -42.01
C HIS H 95 -66.95 -31.07 -43.08
N ASP H 96 -66.34 -30.75 -44.21
CA ASP H 96 -66.38 -31.61 -45.38
C ASP H 96 -65.58 -32.91 -45.21
N SER H 97 -64.65 -32.92 -44.27
CA SER H 97 -63.83 -34.10 -44.03
C SER H 97 -64.64 -35.21 -43.36
N MET H 105 -52.48 -44.98 -35.71
CA MET H 105 -51.85 -44.29 -34.60
C MET H 105 -50.63 -45.03 -34.07
N ILE H 106 -50.69 -46.36 -34.09
CA ILE H 106 -49.64 -47.20 -33.51
C ILE H 106 -48.29 -46.95 -34.17
N GLN H 107 -48.30 -46.80 -35.49
CA GLN H 107 -47.07 -46.60 -36.24
C GLN H 107 -46.57 -45.16 -36.14
N CYS H 108 -47.44 -44.26 -35.73
CA CYS H 108 -47.07 -42.86 -35.56
C CYS H 108 -46.11 -42.70 -34.39
N LEU H 109 -46.34 -43.46 -33.32
CA LEU H 109 -45.45 -43.45 -32.17
C LEU H 109 -44.10 -44.08 -32.52
N LEU H 110 -44.11 -44.93 -33.54
CA LEU H 110 -42.89 -45.61 -33.99
C LEU H 110 -42.03 -44.71 -34.87
N VAL H 111 -42.70 -43.90 -35.69
CA VAL H 111 -42.00 -42.95 -36.56
C VAL H 111 -41.27 -41.91 -35.73
N VAL H 112 -41.94 -41.40 -34.71
CA VAL H 112 -41.37 -40.41 -33.80
C VAL H 112 -40.08 -40.90 -33.16
N SER H 113 -40.10 -42.15 -32.68
CA SER H 113 -38.95 -42.74 -32.00
C SER H 113 -37.74 -42.82 -32.92
N LEU H 114 -37.97 -43.13 -34.19
CA LEU H 114 -36.88 -43.21 -35.17
C LEU H 114 -36.33 -41.84 -35.50
N ASP H 115 -37.19 -40.84 -35.54
CA ASP H 115 -36.79 -39.47 -35.88
C ASP H 115 -36.03 -38.82 -34.73
N ILE H 116 -36.20 -39.36 -33.52
CA ILE H 116 -35.49 -38.84 -32.36
C ILE H 116 -34.07 -39.43 -32.28
N LYS H 117 -33.95 -40.72 -32.60
CA LYS H 117 -32.65 -41.39 -32.60
C LYS H 117 -31.72 -40.83 -33.67
N GLN H 118 -32.29 -40.29 -34.74
CA GLN H 118 -31.49 -39.74 -35.83
C GLN H 118 -31.18 -38.27 -35.58
N GLN H 119 -32.01 -37.62 -34.77
CA GLN H 119 -31.85 -36.20 -34.49
C GLN H 119 -30.85 -35.95 -33.37
N PHE H 120 -30.94 -36.73 -32.31
CA PHE H 120 -30.13 -36.49 -31.11
C PHE H 120 -29.13 -37.61 -30.85
N GLN H 121 -29.31 -38.73 -31.54
CA GLN H 121 -28.43 -39.90 -31.41
C GLN H 121 -28.36 -40.44 -29.99
N ALA H 122 -27.30 -40.12 -29.27
CA ALA H 122 -27.11 -40.64 -27.92
C ALA H 122 -26.75 -39.53 -26.93
N ARG H 123 -27.02 -38.29 -27.29
CA ARG H 123 -26.70 -37.16 -26.43
C ARG H 123 -27.60 -37.08 -25.21
N LYS H 124 -27.08 -36.51 -24.13
CA LYS H 124 -27.81 -36.43 -22.86
C LYS H 124 -28.98 -35.45 -22.97
N ILE H 125 -30.11 -35.95 -23.45
CA ILE H 125 -31.30 -35.12 -23.66
C ILE H 125 -32.58 -35.81 -23.18
N LEU H 126 -33.32 -35.14 -22.31
CA LEU H 126 -34.56 -35.67 -21.78
C LEU H 126 -35.68 -35.66 -22.81
N LYS H 127 -35.84 -36.79 -23.50
CA LYS H 127 -36.85 -36.92 -24.55
C LYS H 127 -38.23 -37.23 -23.97
N GLN H 128 -39.27 -36.65 -24.56
CA GLN H 128 -40.65 -36.90 -24.12
C GLN H 128 -41.64 -36.82 -25.26
N ILE H 129 -42.73 -37.56 -25.16
CA ILE H 129 -43.78 -37.55 -26.17
C ILE H 129 -45.13 -37.17 -25.54
N VAL H 130 -45.76 -36.14 -26.10
CA VAL H 130 -47.04 -35.64 -25.58
C VAL H 130 -48.17 -35.95 -26.56
N VAL H 131 -49.19 -36.64 -26.08
CA VAL H 131 -50.27 -37.11 -26.94
C VAL H 131 -51.64 -36.55 -26.56
N PHE H 132 -52.34 -35.99 -27.54
CA PHE H 132 -53.70 -35.49 -27.36
C PHE H 132 -54.69 -36.39 -28.08
N THR H 133 -55.56 -37.07 -27.33
CA THR H 133 -56.55 -37.96 -27.93
C THR H 133 -57.70 -38.28 -26.97
N ASP H 134 -58.82 -38.71 -27.54
CA ASP H 134 -59.96 -39.15 -26.75
C ASP H 134 -60.21 -40.65 -26.95
N ASN H 135 -61.15 -41.19 -26.18
CA ASN H 135 -61.46 -42.62 -26.19
C ASN H 135 -60.20 -43.46 -25.91
N LEU H 136 -59.80 -43.50 -24.65
CA LEU H 136 -58.63 -44.26 -24.23
C LEU H 136 -58.89 -45.76 -24.34
N ASP H 137 -60.13 -46.16 -24.10
CA ASP H 137 -60.51 -47.55 -24.18
C ASP H 137 -60.54 -48.03 -25.63
N ASP H 138 -61.10 -47.21 -26.51
CA ASP H 138 -61.23 -47.57 -27.92
C ASP H 138 -59.91 -47.42 -28.68
N LEU H 139 -59.03 -48.39 -28.47
CA LEU H 139 -57.77 -48.50 -29.21
C LEU H 139 -57.19 -49.89 -28.96
N ASP H 140 -56.65 -50.51 -30.00
CA ASP H 140 -56.14 -51.86 -29.87
C ASP H 140 -54.64 -51.95 -30.09
N ILE H 141 -53.91 -52.23 -29.01
CA ILE H 141 -52.46 -52.40 -29.06
C ILE H 141 -52.09 -53.73 -28.43
N THR H 142 -51.81 -54.72 -29.27
CA THR H 142 -51.50 -56.07 -28.83
C THR H 142 -50.27 -56.10 -27.93
N ASP H 143 -50.18 -57.11 -27.06
CA ASP H 143 -49.04 -57.29 -26.17
C ASP H 143 -47.74 -57.43 -26.96
N GLU H 144 -47.84 -57.96 -28.17
CA GLU H 144 -46.69 -58.10 -29.05
C GLU H 144 -46.20 -56.72 -29.50
N GLU H 145 -47.11 -55.76 -29.53
CA GLU H 145 -46.76 -54.39 -29.90
C GLU H 145 -46.22 -53.63 -28.69
N ILE H 146 -46.74 -53.97 -27.51
CA ILE H 146 -46.28 -53.35 -26.27
C ILE H 146 -44.91 -53.89 -25.87
N ASP H 147 -44.70 -55.18 -26.12
CA ASP H 147 -43.39 -55.80 -25.93
C ASP H 147 -42.36 -55.16 -26.88
N LEU H 148 -42.84 -54.77 -28.05
CA LEU H 148 -42.01 -54.13 -29.06
C LEU H 148 -41.74 -52.67 -28.72
N LEU H 149 -42.73 -52.01 -28.13
CA LEU H 149 -42.65 -50.58 -27.85
C LEU H 149 -41.73 -50.24 -26.68
N THR H 150 -41.75 -51.07 -25.65
CA THR H 150 -40.96 -50.80 -24.44
C THR H 150 -39.46 -50.94 -24.72
N GLU H 151 -39.10 -51.93 -25.53
CA GLU H 151 -37.69 -52.21 -25.83
C GLU H 151 -37.04 -51.10 -26.66
N GLU H 152 -37.74 -50.64 -27.68
CA GLU H 152 -37.19 -49.66 -28.62
C GLU H 152 -37.18 -48.24 -28.06
N LEU H 153 -38.13 -47.95 -27.17
CA LEU H 153 -38.32 -46.60 -26.66
C LEU H 153 -37.51 -46.28 -25.42
N SER H 154 -36.72 -45.21 -25.50
CA SER H 154 -36.06 -44.65 -24.34
C SER H 154 -36.63 -43.25 -24.08
N THR H 155 -37.94 -43.13 -24.24
CA THR H 155 -38.61 -41.84 -24.20
C THR H 155 -39.91 -41.91 -23.41
N ARG H 156 -40.05 -41.03 -22.42
CA ARG H 156 -41.25 -41.03 -21.58
C ARG H 156 -42.46 -40.52 -22.35
N ILE H 157 -43.65 -40.72 -21.78
CA ILE H 157 -44.89 -40.42 -22.48
C ILE H 157 -45.89 -39.64 -21.62
N ILE H 158 -46.38 -38.54 -22.16
CA ILE H 158 -47.43 -37.76 -21.49
C ILE H 158 -48.73 -37.85 -22.28
N LEU H 159 -49.73 -38.48 -21.69
CA LEU H 159 -51.01 -38.69 -22.35
C LEU H 159 -52.09 -37.74 -21.83
N ILE H 160 -52.91 -37.21 -22.73
CA ILE H 160 -53.98 -36.30 -22.34
C ILE H 160 -55.34 -36.79 -22.82
N ASP H 161 -56.24 -37.00 -21.86
CA ASP H 161 -57.60 -37.44 -22.17
C ASP H 161 -58.49 -36.26 -22.55
N CYS H 162 -59.15 -36.36 -23.70
CA CYS H 162 -60.00 -35.28 -24.20
C CYS H 162 -61.48 -35.62 -24.10
N GLY H 163 -61.77 -36.84 -23.67
CA GLY H 163 -63.16 -37.30 -23.54
C GLY H 163 -63.50 -37.73 -22.13
N SER H 173 -57.57 -48.92 -19.49
CA SER H 173 -56.84 -50.14 -19.22
C SER H 173 -55.92 -50.50 -20.39
N ASN H 174 -56.36 -50.19 -21.60
CA ASN H 174 -55.58 -50.46 -22.80
C ASN H 174 -54.42 -49.49 -22.95
N TRP H 175 -54.71 -48.20 -22.87
CA TRP H 175 -53.69 -47.16 -22.97
C TRP H 175 -52.73 -47.22 -21.78
N LEU H 176 -53.26 -47.64 -20.64
CA LEU H 176 -52.48 -47.71 -19.40
C LEU H 176 -51.24 -48.59 -19.52
N LYS H 177 -51.35 -49.67 -20.30
CA LYS H 177 -50.27 -50.62 -20.46
C LYS H 177 -48.99 -49.96 -21.00
N LEU H 178 -49.14 -48.98 -21.87
CA LEU H 178 -48.01 -48.24 -22.41
C LEU H 178 -47.41 -47.33 -21.34
N VAL H 179 -48.29 -46.61 -20.64
CA VAL H 179 -47.88 -45.65 -19.63
C VAL H 179 -47.18 -46.34 -18.45
N GLU H 180 -47.74 -47.46 -18.00
CA GLU H 180 -47.18 -48.20 -16.87
C GLU H 180 -45.82 -48.81 -17.22
N ALA H 181 -45.63 -49.18 -18.47
CA ALA H 181 -44.39 -49.82 -18.92
C ALA H 181 -43.25 -48.81 -19.04
N ILE H 182 -43.50 -47.73 -19.77
CA ILE H 182 -42.49 -46.70 -19.98
C ILE H 182 -42.23 -45.90 -18.70
N PRO H 183 -40.97 -45.84 -18.28
CA PRO H 183 -40.53 -45.13 -17.06
C PRO H 183 -40.94 -43.66 -17.03
N ASN H 184 -41.45 -43.21 -15.89
CA ASN H 184 -41.85 -41.82 -15.66
C ASN H 184 -42.84 -41.29 -16.70
N SER H 185 -43.90 -42.05 -16.93
CA SER H 185 -44.96 -41.63 -17.84
C SER H 185 -46.22 -41.26 -17.04
N ARG H 186 -46.93 -40.24 -17.48
CA ARG H 186 -48.09 -39.75 -16.75
C ARG H 186 -49.31 -39.53 -17.64
N ILE H 187 -50.47 -39.36 -17.00
CA ILE H 187 -51.73 -39.15 -17.70
C ILE H 187 -52.51 -37.98 -17.11
N TYR H 188 -52.91 -37.03 -17.96
CA TYR H 188 -53.66 -35.86 -17.52
C TYR H 188 -54.96 -35.70 -18.30
N ASN H 189 -55.84 -34.83 -17.79
CA ASN H 189 -57.06 -34.49 -18.51
C ASN H 189 -56.83 -33.29 -19.41
N MET H 190 -57.80 -32.98 -20.27
CA MET H 190 -57.67 -31.86 -21.19
C MET H 190 -57.98 -30.53 -20.50
N ASN H 191 -59.08 -30.50 -19.77
CA ASN H 191 -59.46 -29.31 -19.01
C ASN H 191 -58.52 -29.10 -17.82
N GLU H 192 -57.80 -30.16 -17.47
CA GLU H 192 -56.78 -30.09 -16.44
C GLU H 192 -55.62 -29.22 -16.93
N LEU H 193 -55.35 -29.28 -18.24
CA LEU H 193 -54.35 -28.43 -18.85
C LEU H 193 -54.89 -27.05 -19.16
N LEU H 194 -56.14 -26.99 -19.61
CA LEU H 194 -56.78 -25.74 -19.97
C LEU H 194 -56.95 -24.80 -18.78
N VAL H 195 -56.96 -25.36 -17.57
CA VAL H 195 -57.12 -24.56 -16.37
C VAL H 195 -55.75 -24.16 -15.82
N GLU H 196 -54.74 -24.96 -16.14
CA GLU H 196 -53.38 -24.70 -15.67
C GLU H 196 -52.77 -23.51 -16.42
N ILE H 197 -53.05 -23.43 -17.72
CA ILE H 197 -52.53 -22.36 -18.56
C ILE H 197 -53.40 -21.11 -18.48
N THR H 198 -54.44 -21.17 -17.66
CA THR H 198 -55.30 -20.02 -17.43
C THR H 198 -54.95 -19.37 -16.10
N SER H 199 -54.65 -20.20 -15.11
CA SER H 199 -54.31 -19.73 -13.77
C SER H 199 -52.91 -19.11 -13.72
N PRO H 200 -52.71 -18.13 -12.84
CA PRO H 200 -51.40 -17.49 -12.65
C PRO H 200 -50.36 -18.46 -12.11
N ALA H 201 -49.11 -18.29 -12.55
CA ALA H 201 -48.01 -19.11 -12.07
C ALA H 201 -46.87 -18.23 -11.56
N THR H 202 -46.38 -18.54 -10.36
CA THR H 202 -45.25 -17.84 -9.80
C THR H 202 -43.96 -18.27 -10.50
N SER H 203 -43.17 -17.30 -10.96
CA SER H 203 -41.89 -17.58 -11.60
C SER H 203 -40.92 -18.22 -10.61
N VAL H 204 -40.20 -19.22 -11.08
CA VAL H 204 -39.22 -19.90 -10.24
C VAL H 204 -37.82 -19.33 -10.49
N VAL H 205 -37.35 -18.52 -9.54
CA VAL H 205 -36.02 -17.94 -9.62
C VAL H 205 -35.03 -18.75 -8.78
N LYS H 206 -33.98 -19.24 -9.41
CA LYS H 206 -32.96 -20.00 -8.72
C LYS H 206 -32.18 -19.11 -7.75
N PRO H 207 -32.21 -19.46 -6.46
CA PRO H 207 -31.52 -18.70 -5.41
C PRO H 207 -30.03 -18.53 -5.69
N VAL H 208 -29.53 -17.32 -5.50
CA VAL H 208 -28.12 -17.03 -5.69
C VAL H 208 -27.56 -16.29 -4.49
N ARG H 209 -26.41 -16.73 -4.01
CA ARG H 209 -25.74 -16.15 -2.88
C ARG H 209 -25.39 -14.70 -3.04
N VAL H 210 -25.68 -13.93 -2.03
CA VAL H 210 -25.45 -12.49 -2.12
C VAL H 210 -24.40 -12.06 -1.08
N PHE H 211 -24.06 -12.99 -0.18
CA PHE H 211 -23.04 -12.73 0.84
C PHE H 211 -22.46 -14.04 1.35
N SER H 212 -21.18 -14.00 1.73
CA SER H 212 -20.52 -15.15 2.33
C SER H 212 -19.51 -14.69 3.38
N GLY H 213 -19.68 -15.13 4.62
CA GLY H 213 -18.81 -14.70 5.69
C GLY H 213 -19.10 -15.33 7.03
N GLU H 214 -18.97 -14.54 8.08
CA GLU H 214 -19.07 -15.05 9.44
C GLU H 214 -20.19 -14.40 10.23
N LEU H 215 -20.91 -15.24 10.99
CA LEU H 215 -21.83 -14.76 12.01
C LEU H 215 -21.10 -14.81 13.34
N ARG H 216 -20.83 -13.64 13.93
CA ARG H 216 -19.96 -13.59 15.09
C ARG H 216 -20.62 -13.01 16.35
N LEU H 217 -20.15 -13.47 17.49
CA LEU H 217 -20.50 -12.88 18.79
C LEU H 217 -19.26 -12.79 19.68
N GLY H 218 -18.82 -11.57 19.97
CA GLY H 218 -17.67 -11.37 20.84
C GLY H 218 -16.34 -11.55 20.12
N ALA H 219 -16.29 -11.14 18.87
CA ALA H 219 -15.06 -11.19 18.10
C ALA H 219 -14.24 -9.92 18.35
N ASP H 220 -12.98 -9.97 17.97
CA ASP H 220 -12.09 -8.81 18.13
C ASP H 220 -12.28 -7.84 16.98
N ILE H 221 -12.56 -6.58 17.32
CA ILE H 221 -12.70 -5.51 16.33
C ILE H 221 -11.46 -5.38 15.45
N LEU H 222 -10.28 -5.46 16.07
CA LEU H 222 -9.03 -5.35 15.34
C LEU H 222 -8.79 -6.52 14.40
N SER H 223 -9.40 -7.66 14.71
CA SER H 223 -9.21 -8.88 13.90
C SER H 223 -10.19 -8.96 12.74
N THR H 224 -11.41 -8.49 12.97
CA THR H 224 -12.46 -8.60 11.95
C THR H 224 -12.41 -7.42 10.98
N GLN H 225 -12.16 -6.23 11.50
CA GLN H 225 -12.19 -5.03 10.66
C GLN H 225 -10.86 -4.79 9.94
N THR H 226 -10.33 -5.85 9.35
CA THR H 226 -9.20 -5.77 8.43
C THR H 226 -9.51 -6.65 7.22
N SER H 227 -8.76 -6.48 6.15
CA SER H 227 -8.95 -7.32 4.97
C SER H 227 -8.22 -8.64 5.15
N ASN H 228 -7.48 -8.76 6.26
CA ASN H 228 -6.86 -10.01 6.64
C ASN H 228 -7.92 -11.05 7.01
N PRO H 229 -7.68 -12.32 6.66
CA PRO H 229 -8.59 -13.40 7.06
C PRO H 229 -8.36 -13.84 8.51
N SER H 230 -8.20 -12.88 9.42
CA SER H 230 -7.97 -13.18 10.83
C SER H 230 -9.13 -14.07 11.24
N GLY H 231 -8.80 -15.31 11.56
CA GLY H 231 -9.80 -16.33 11.87
C GLY H 231 -10.30 -16.15 13.29
N SER H 232 -11.52 -15.66 13.42
CA SER H 232 -12.19 -15.60 14.71
C SER H 232 -12.75 -16.98 15.04
N MET H 233 -12.59 -17.90 14.10
CA MET H 233 -12.98 -19.29 14.27
C MET H 233 -12.13 -19.98 15.34
N GLN H 234 -10.88 -19.55 15.45
CA GLN H 234 -9.96 -20.10 16.43
C GLN H 234 -9.96 -19.31 17.73
N ASP H 235 -10.91 -18.38 17.84
CA ASP H 235 -11.04 -17.54 19.02
C ASP H 235 -12.04 -18.15 19.99
N GLU H 236 -11.53 -18.69 21.10
CA GLU H 236 -12.36 -19.41 22.06
C GLU H 236 -13.16 -18.46 22.95
N ASN H 237 -13.03 -17.17 22.70
CA ASN H 237 -13.83 -16.17 23.38
C ASN H 237 -14.91 -15.63 22.46
N CYS H 238 -15.16 -16.36 21.37
CA CYS H 238 -16.05 -15.88 20.32
C CYS H 238 -16.95 -16.98 19.75
N LEU H 239 -18.23 -16.66 19.59
CA LEU H 239 -19.15 -17.52 18.86
C LEU H 239 -19.07 -17.22 17.37
N CYS H 240 -18.46 -18.13 16.61
CA CYS H 240 -18.24 -17.87 15.19
C CYS H 240 -18.84 -18.96 14.31
N ILE H 241 -19.87 -18.61 13.56
CA ILE H 241 -20.50 -19.52 12.63
C ILE H 241 -20.38 -19.02 11.19
N LYS H 242 -19.99 -19.88 10.27
CA LYS H 242 -19.91 -19.52 8.86
C LYS H 242 -21.28 -19.55 8.22
N VAL H 243 -21.69 -18.45 7.61
CA VAL H 243 -23.04 -18.32 7.06
C VAL H 243 -23.05 -17.72 5.66
N GLU H 244 -24.16 -17.96 4.95
CA GLU H 244 -24.38 -17.37 3.64
C GLU H 244 -25.64 -16.52 3.66
N ALA H 245 -25.82 -15.68 2.64
CA ALA H 245 -27.02 -14.86 2.54
C ALA H 245 -27.69 -15.01 1.18
N PHE H 246 -29.00 -15.16 1.21
CA PHE H 246 -29.82 -15.28 0.00
C PHE H 246 -30.91 -14.22 0.11
N PRO H 247 -31.58 -13.91 -1.01
CA PRO H 247 -32.64 -12.90 -0.98
C PRO H 247 -33.91 -13.62 -0.57
N ALA H 248 -34.67 -13.02 0.34
CA ALA H 248 -35.94 -13.58 0.78
C ALA H 248 -37.11 -12.88 0.11
N THR H 249 -37.13 -11.56 0.21
CA THR H 249 -38.12 -10.74 -0.49
C THR H 249 -37.39 -9.77 -1.40
N LYS H 250 -37.86 -9.67 -2.63
CA LYS H 250 -37.32 -8.72 -3.58
C LYS H 250 -38.43 -8.16 -4.45
N ALA H 251 -38.48 -6.84 -4.54
CA ALA H 251 -39.56 -6.17 -5.27
C ALA H 251 -39.45 -6.40 -6.77
N VAL H 252 -40.59 -6.61 -7.40
CA VAL H 252 -40.66 -6.73 -8.86
C VAL H 252 -41.40 -5.54 -9.44
N SER H 253 -41.04 -5.16 -10.67
CA SER H 253 -41.63 -4.00 -11.31
C SER H 253 -42.31 -4.36 -12.63
N GLY H 254 -42.59 -5.66 -12.81
CA GLY H 254 -43.30 -6.11 -14.00
C GLY H 254 -42.37 -6.61 -15.09
N LEU H 255 -42.91 -6.77 -16.30
CA LEU H 255 -42.13 -7.23 -17.43
C LEU H 255 -41.09 -6.20 -17.83
N ASN H 256 -39.87 -6.65 -18.07
CA ASN H 256 -38.81 -5.76 -18.51
C ASN H 256 -39.12 -5.19 -19.88
N ARG H 257 -39.02 -3.87 -20.02
CA ARG H 257 -39.28 -3.11 -21.25
C ARG H 257 -38.03 -2.68 -21.97
N LYS H 258 -38.08 -2.62 -23.29
CA LYS H 258 -36.93 -2.34 -24.12
C LYS H 258 -37.02 -0.96 -24.74
N THR H 259 -35.98 -0.15 -24.54
CA THR H 259 -35.93 1.17 -25.19
C THR H 259 -35.52 0.98 -26.65
N ALA H 260 -36.31 1.56 -27.56
CA ALA H 260 -36.10 1.32 -28.98
C ALA H 260 -36.57 2.48 -29.86
N VAL H 261 -36.16 2.44 -31.12
CA VAL H 261 -36.69 3.33 -32.15
C VAL H 261 -37.24 2.47 -33.27
N GLU H 262 -38.21 3.00 -34.01
CA GLU H 262 -38.84 2.23 -35.08
C GLU H 262 -38.06 2.36 -36.40
N VAL H 263 -38.03 1.29 -37.15
CA VAL H 263 -37.39 1.26 -38.46
C VAL H 263 -38.31 0.67 -39.52
N GLU H 264 -37.95 0.85 -40.79
CA GLU H 264 -38.73 0.29 -41.89
C GLU H 264 -38.08 -0.99 -42.43
N ASP H 265 -38.88 -1.79 -43.12
CA ASP H 265 -38.39 -3.01 -43.76
C ASP H 265 -39.32 -3.45 -44.89
N SER H 266 -38.98 -4.55 -45.54
CA SER H 266 -39.78 -5.07 -46.65
C SER H 266 -41.15 -5.54 -46.17
N GLN H 267 -41.19 -6.13 -44.98
CA GLN H 267 -42.44 -6.58 -44.39
C GLN H 267 -42.74 -5.77 -43.13
N LYS H 268 -43.32 -4.58 -43.31
CA LYS H 268 -43.47 -3.64 -42.21
C LYS H 268 -44.50 -4.06 -41.18
N LYS H 269 -44.13 -5.00 -40.34
CA LYS H 269 -44.76 -5.16 -39.05
C LYS H 269 -44.05 -4.13 -38.18
N GLU H 270 -44.53 -3.90 -36.96
CA GLU H 270 -43.86 -2.93 -36.11
C GLU H 270 -42.44 -3.40 -35.79
N ARG H 271 -41.49 -2.95 -36.62
CA ARG H 271 -40.10 -3.36 -36.49
C ARG H 271 -39.29 -2.31 -35.74
N TYR H 272 -38.64 -2.74 -34.65
CA TYR H 272 -37.85 -1.83 -33.82
C TYR H 272 -36.43 -2.32 -33.67
N VAL H 273 -35.53 -1.39 -33.35
CA VAL H 273 -34.18 -1.73 -32.96
C VAL H 273 -33.88 -1.10 -31.61
N GLY H 274 -33.19 -1.84 -30.76
CA GLY H 274 -32.81 -1.34 -29.45
C GLY H 274 -31.83 -0.19 -29.57
N VAL H 275 -31.83 0.69 -28.57
CA VAL H 275 -30.92 1.83 -28.60
C VAL H 275 -30.01 1.85 -27.38
N LYS H 276 -28.84 2.44 -27.55
CA LYS H 276 -27.89 2.61 -26.45
C LYS H 276 -27.79 4.08 -26.09
N SER H 277 -27.24 4.34 -24.91
CA SER H 277 -27.11 5.72 -24.44
C SER H 277 -25.74 6.02 -23.86
N ILE H 278 -25.26 7.24 -24.09
CA ILE H 278 -24.01 7.70 -23.49
C ILE H 278 -24.29 8.91 -22.61
N ILE H 279 -23.31 9.29 -21.79
CA ILE H 279 -23.44 10.46 -20.94
C ILE H 279 -22.56 11.58 -21.46
N GLU H 280 -23.20 12.71 -21.80
CA GLU H 280 -22.47 13.90 -22.23
C GLU H 280 -22.56 14.98 -21.15
N TYR H 281 -21.65 15.94 -21.20
CA TYR H 281 -21.65 17.02 -20.22
C TYR H 281 -21.69 18.38 -20.93
N GLU H 282 -22.56 19.25 -20.44
CA GLU H 282 -22.76 20.54 -21.09
C GLU H 282 -22.78 21.69 -20.09
N ILE H 283 -22.44 22.88 -20.56
CA ILE H 283 -22.58 24.10 -19.77
C ILE H 283 -23.61 25.01 -20.43
N HIS H 284 -24.23 25.87 -19.64
CA HIS H 284 -25.27 26.75 -20.14
C HIS H 284 -24.81 28.20 -20.21
N ASN H 285 -24.78 28.75 -21.42
CA ASN H 285 -24.49 30.17 -21.61
C ASN H 285 -25.79 30.94 -21.84
N GLU H 286 -26.31 31.56 -20.78
CA GLU H 286 -27.58 32.27 -20.86
C GLU H 286 -27.46 33.53 -21.71
N GLY H 287 -28.52 33.83 -22.45
CA GLY H 287 -28.57 35.00 -23.30
C GLY H 287 -29.76 35.89 -23.01
N TYR H 302 -31.06 29.64 -22.30
CA TYR H 302 -29.62 29.41 -22.32
C TYR H 302 -29.14 28.72 -23.59
N ILE H 303 -27.83 28.83 -23.85
CA ILE H 303 -27.22 28.18 -25.01
C ILE H 303 -26.35 27.02 -24.56
N PRO H 304 -26.86 25.79 -24.71
CA PRO H 304 -26.15 24.58 -24.27
C PRO H 304 -24.93 24.28 -25.16
N VAL H 305 -23.78 24.10 -24.54
CA VAL H 305 -22.57 23.73 -25.26
C VAL H 305 -21.94 22.48 -24.65
N THR H 306 -21.75 21.44 -25.47
CA THR H 306 -21.15 20.21 -25.01
C THR H 306 -19.66 20.40 -24.70
N ILE H 307 -19.27 19.98 -23.50
CA ILE H 307 -17.87 20.07 -23.07
C ILE H 307 -17.36 18.73 -22.55
N SER H 308 -16.05 18.58 -22.49
CA SER H 308 -15.44 17.31 -22.13
C SER H 308 -15.56 16.99 -20.63
N LYS H 309 -15.56 15.71 -20.29
CA LYS H 309 -15.67 15.26 -18.90
C LYS H 309 -14.40 15.59 -18.13
N ASP H 310 -13.29 15.77 -18.86
CA ASP H 310 -12.00 16.09 -18.27
C ASP H 310 -12.02 17.44 -17.55
N SER H 311 -12.92 18.32 -17.96
CA SER H 311 -13.00 19.66 -17.39
C SER H 311 -14.13 19.77 -16.38
N VAL H 312 -14.74 18.64 -16.04
CA VAL H 312 -15.85 18.61 -15.09
C VAL H 312 -15.48 17.88 -13.80
N THR H 313 -15.83 18.47 -12.67
CA THR H 313 -15.54 17.88 -11.39
C THR H 313 -16.76 17.92 -10.48
N LYS H 314 -16.90 16.90 -9.63
CA LYS H 314 -18.00 16.82 -8.67
C LYS H 314 -17.74 17.73 -7.48
N ALA H 315 -18.72 18.57 -7.17
CA ALA H 315 -18.63 19.42 -5.99
C ALA H 315 -19.64 18.97 -4.94
N TYR H 316 -19.14 18.43 -3.84
CA TYR H 316 -20.01 17.94 -2.78
C TYR H 316 -20.56 19.10 -1.95
N ARG H 317 -21.79 18.95 -1.48
CA ARG H 317 -22.46 19.98 -0.72
C ARG H 317 -22.15 19.87 0.77
N TYR H 318 -21.85 21.00 1.39
CA TYR H 318 -21.79 21.07 2.84
C TYR H 318 -22.48 22.34 3.31
N GLY H 319 -23.78 22.24 3.54
CA GLY H 319 -24.57 23.39 3.92
C GLY H 319 -24.73 24.36 2.78
N ALA H 320 -24.28 25.60 2.99
CA ALA H 320 -24.41 26.64 1.97
C ALA H 320 -23.23 26.65 1.00
N ASP H 321 -22.24 25.78 1.24
CA ASP H 321 -21.06 25.74 0.40
C ASP H 321 -20.94 24.42 -0.37
N TYR H 322 -20.34 24.49 -1.55
CA TYR H 322 -20.06 23.31 -2.35
C TYR H 322 -18.56 23.07 -2.41
N VAL H 323 -18.15 21.82 -2.30
CA VAL H 323 -16.75 21.49 -2.11
C VAL H 323 -16.18 20.55 -3.16
N VAL H 324 -15.12 21.00 -3.83
CA VAL H 324 -14.36 20.12 -4.71
C VAL H 324 -13.08 19.67 -3.99
N LEU H 325 -13.06 18.40 -3.60
CA LEU H 325 -11.96 17.85 -2.84
C LEU H 325 -10.80 17.44 -3.74
N PRO H 326 -9.56 17.60 -3.25
CA PRO H 326 -8.39 17.00 -3.90
C PRO H 326 -8.52 15.48 -3.95
N SER H 327 -7.90 14.83 -4.93
CA SER H 327 -8.11 13.40 -5.19
C SER H 327 -7.86 12.52 -3.96
N VAL H 328 -6.84 12.85 -3.18
CA VAL H 328 -6.49 12.04 -2.01
C VAL H 328 -7.55 12.10 -0.91
N LEU H 329 -8.25 13.22 -0.81
CA LEU H 329 -9.29 13.40 0.21
C LEU H 329 -10.61 12.80 -0.25
N VAL H 330 -10.79 12.70 -1.56
CA VAL H 330 -11.97 12.07 -2.13
C VAL H 330 -12.03 10.61 -1.70
N ASP H 331 -10.85 10.01 -1.53
CA ASP H 331 -10.73 8.64 -1.07
C ASP H 331 -11.03 8.53 0.43
N GLN H 332 -10.72 9.59 1.18
CA GLN H 332 -10.92 9.59 2.63
C GLN H 332 -12.40 9.61 2.99
N THR H 333 -13.23 10.13 2.09
CA THR H 333 -14.66 10.21 2.33
C THR H 333 -15.29 8.83 2.44
N VAL H 334 -14.70 7.85 1.76
CA VAL H 334 -15.23 6.49 1.78
C VAL H 334 -14.80 5.73 3.04
N TYR H 335 -15.78 5.35 3.86
CA TYR H 335 -15.53 4.63 5.10
C TYR H 335 -15.16 3.18 4.80
N GLU H 336 -13.99 2.77 5.26
CA GLU H 336 -13.49 1.42 5.00
C GLU H 336 -14.23 0.41 5.85
N SER H 337 -15.16 -0.30 5.23
CA SER H 337 -15.92 -1.35 5.91
C SER H 337 -15.48 -2.74 5.44
N PHE H 338 -15.73 -3.74 6.26
CA PHE H 338 -15.31 -5.10 5.96
C PHE H 338 -16.46 -6.08 6.16
N PRO H 339 -16.57 -7.07 5.26
CA PRO H 339 -17.70 -8.01 5.27
C PRO H 339 -17.81 -8.80 6.57
N GLY H 340 -19.01 -8.91 7.10
CA GLY H 340 -19.26 -9.65 8.32
C GLY H 340 -20.65 -9.43 8.86
N LEU H 341 -21.05 -10.28 9.80
CA LEU H 341 -22.33 -10.15 10.48
C LEU H 341 -22.13 -10.28 11.99
N ASP H 342 -22.10 -9.16 12.69
CA ASP H 342 -21.75 -9.14 14.10
C ASP H 342 -22.96 -8.90 14.98
N LEU H 343 -23.10 -9.72 16.02
CA LEU H 343 -24.25 -9.66 16.92
C LEU H 343 -24.10 -8.60 18.01
N ARG H 344 -25.06 -7.68 18.07
CA ARG H 344 -25.06 -6.60 19.06
C ARG H 344 -25.81 -7.02 20.32
N GLY H 345 -26.85 -7.82 20.15
CA GLY H 345 -27.64 -8.28 21.26
C GLY H 345 -28.97 -8.91 20.88
N PHE H 346 -29.83 -9.09 21.86
CA PHE H 346 -31.12 -9.73 21.65
C PHE H 346 -32.25 -8.98 22.35
N LEU H 347 -33.47 -9.10 21.82
CA LEU H 347 -34.64 -8.59 22.52
C LEU H 347 -35.87 -9.42 22.14
N ASN H 348 -36.98 -9.17 22.84
CA ASN H 348 -38.23 -9.82 22.50
C ASN H 348 -38.84 -9.19 21.24
N ARG H 349 -39.59 -9.98 20.48
CA ARG H 349 -40.23 -9.51 19.26
C ARG H 349 -41.04 -8.23 19.48
N GLU H 350 -41.81 -8.21 20.56
CA GLU H 350 -42.70 -7.09 20.86
C GLU H 350 -41.94 -5.83 21.29
N ALA H 351 -40.65 -5.98 21.60
CA ALA H 351 -39.84 -4.87 22.05
C ALA H 351 -39.25 -4.11 20.87
N LEU H 352 -39.35 -4.71 19.69
CA LEU H 352 -38.89 -4.09 18.47
C LEU H 352 -40.07 -3.62 17.64
N PRO H 353 -40.28 -2.30 17.56
CA PRO H 353 -41.35 -1.72 16.75
C PRO H 353 -41.27 -2.20 15.30
N ARG H 354 -42.39 -2.67 14.76
CA ARG H 354 -42.42 -3.28 13.44
C ARG H 354 -42.01 -2.31 12.33
N TYR H 355 -42.34 -1.03 12.50
CA TYR H 355 -42.03 -0.03 11.49
C TYR H 355 -40.53 0.28 11.38
N PHE H 356 -39.72 -0.32 12.25
CA PHE H 356 -38.27 -0.14 12.21
C PHE H 356 -37.64 -0.83 11.00
N LEU H 357 -38.35 -1.81 10.46
CA LEU H 357 -37.86 -2.57 9.31
C LEU H 357 -38.01 -1.74 8.04
N THR H 358 -36.90 -1.48 7.36
CA THR H 358 -36.88 -0.49 6.27
C THR H 358 -36.58 -1.03 4.89
N SER H 359 -36.10 -2.26 4.81
CA SER H 359 -35.63 -2.79 3.53
C SER H 359 -36.17 -4.16 3.16
N GLU H 360 -35.67 -4.69 2.05
CA GLU H 360 -36.01 -6.03 1.62
C GLU H 360 -35.35 -7.04 2.55
N SER H 361 -35.94 -8.22 2.66
CA SER H 361 -35.45 -9.24 3.60
C SER H 361 -34.58 -10.28 2.90
N SER H 362 -33.63 -10.84 3.65
CA SER H 362 -32.71 -11.84 3.12
C SER H 362 -32.61 -13.04 4.04
N PHE H 363 -32.33 -14.21 3.48
CA PHE H 363 -32.09 -15.40 4.26
C PHE H 363 -30.67 -15.44 4.80
N ILE H 364 -30.50 -15.84 6.06
CA ILE H 364 -29.19 -16.15 6.59
C ILE H 364 -29.16 -17.64 6.88
N THR H 365 -28.35 -18.37 6.13
CA THR H 365 -28.25 -19.81 6.29
C THR H 365 -26.82 -20.22 6.63
N ALA H 366 -26.68 -21.34 7.31
CA ALA H 366 -25.37 -21.86 7.65
C ALA H 366 -24.58 -22.22 6.38
N ASP H 367 -23.26 -22.09 6.45
CA ASP H 367 -22.40 -22.37 5.30
C ASP H 367 -21.75 -23.74 5.47
N THR H 368 -22.42 -24.77 4.97
CA THR H 368 -21.86 -26.12 4.97
C THR H 368 -20.96 -26.32 3.76
N ARG H 369 -21.01 -25.35 2.85
CA ARG H 369 -20.16 -25.37 1.66
C ARG H 369 -18.72 -25.05 2.02
N LEU H 370 -18.51 -23.85 2.54
CA LEU H 370 -17.17 -23.35 2.84
C LEU H 370 -16.77 -23.68 4.27
N GLY H 371 -17.76 -23.89 5.13
CA GLY H 371 -17.51 -24.25 6.52
C GLY H 371 -17.79 -25.72 6.77
N CYS H 372 -17.66 -26.13 8.03
CA CYS H 372 -17.90 -27.53 8.38
C CYS H 372 -19.35 -27.74 8.84
N GLN H 373 -19.66 -28.98 9.21
CA GLN H 373 -21.03 -29.32 9.60
C GLN H 373 -21.39 -28.84 10.99
N SER H 374 -20.41 -28.32 11.72
CA SER H 374 -20.66 -27.76 13.04
C SER H 374 -21.48 -26.48 12.92
N ASP H 375 -21.27 -25.74 11.82
CA ASP H 375 -21.96 -24.49 11.59
C ASP H 375 -23.47 -24.70 11.48
N LEU H 376 -23.86 -25.70 10.69
CA LEU H 376 -25.27 -26.02 10.50
C LEU H 376 -25.94 -26.45 11.79
N MET H 377 -25.17 -27.11 12.65
CA MET H 377 -25.68 -27.56 13.93
C MET H 377 -25.83 -26.38 14.89
N ALA H 378 -24.78 -25.58 15.01
CA ALA H 378 -24.74 -24.44 15.93
C ALA H 378 -25.75 -23.37 15.52
N PHE H 379 -25.86 -23.15 14.22
CA PHE H 379 -26.76 -22.15 13.68
C PHE H 379 -28.21 -22.53 13.94
N SER H 380 -28.51 -23.81 13.83
CA SER H 380 -29.86 -24.33 14.05
C SER H 380 -30.25 -24.26 15.52
N ALA H 381 -29.26 -24.47 16.39
CA ALA H 381 -29.50 -24.36 17.83
C ALA H 381 -29.82 -22.92 18.20
N LEU H 382 -29.11 -21.98 17.56
CA LEU H 382 -29.33 -20.57 17.81
C LEU H 382 -30.74 -20.15 17.40
N VAL H 383 -31.15 -20.55 16.20
CA VAL H 383 -32.49 -20.23 15.69
C VAL H 383 -33.58 -20.84 16.56
N ASP H 384 -33.40 -22.09 16.95
CA ASP H 384 -34.36 -22.78 17.80
C ASP H 384 -34.60 -22.04 19.11
N VAL H 385 -33.51 -21.65 19.77
CA VAL H 385 -33.61 -20.90 21.03
C VAL H 385 -34.35 -19.58 20.80
N MET H 386 -34.03 -18.89 19.70
CA MET H 386 -34.69 -17.64 19.37
C MET H 386 -36.17 -17.84 19.09
N LEU H 387 -36.53 -18.99 18.53
CA LEU H 387 -37.92 -19.31 18.25
C LEU H 387 -38.71 -19.61 19.52
N GLU H 388 -38.09 -20.35 20.43
CA GLU H 388 -38.76 -20.76 21.66
C GLU H 388 -38.95 -19.59 22.61
N ASN H 389 -37.99 -18.66 22.61
CA ASN H 389 -38.06 -17.51 23.50
C ASN H 389 -38.66 -16.30 22.81
N ARG H 390 -38.99 -16.44 21.52
CA ARG H 390 -39.53 -15.36 20.70
C ARG H 390 -38.62 -14.14 20.71
N LYS H 391 -37.36 -14.38 20.35
CA LYS H 391 -36.35 -13.34 20.39
C LYS H 391 -35.97 -12.88 18.99
N ILE H 392 -35.60 -11.61 18.87
CA ILE H 392 -35.05 -11.06 17.64
C ILE H 392 -33.63 -10.54 17.93
N ALA H 393 -32.70 -10.88 17.06
CA ALA H 393 -31.32 -10.42 17.23
C ALA H 393 -31.06 -9.13 16.46
N VAL H 394 -30.41 -8.18 17.11
CA VAL H 394 -29.95 -6.96 16.46
C VAL H 394 -28.48 -7.14 16.09
N ALA H 395 -28.13 -6.82 14.84
CA ALA H 395 -26.78 -7.11 14.37
C ALA H 395 -26.20 -6.03 13.46
N ARG H 396 -24.87 -6.08 13.29
CA ARG H 396 -24.14 -5.21 12.38
C ARG H 396 -23.80 -6.00 11.13
N TYR H 397 -24.22 -5.50 9.98
CA TYR H 397 -24.07 -6.26 8.75
C TYR H 397 -23.38 -5.48 7.63
N VAL H 398 -22.33 -6.08 7.09
CA VAL H 398 -21.62 -5.54 5.94
C VAL H 398 -21.43 -6.65 4.91
N SER H 399 -21.91 -6.43 3.69
CA SER H 399 -21.90 -7.48 2.67
C SER H 399 -20.57 -7.59 1.94
N LYS H 400 -20.03 -6.46 1.52
CA LYS H 400 -18.76 -6.44 0.78
C LYS H 400 -17.78 -5.45 1.40
N LYS H 401 -16.56 -5.42 0.89
CA LYS H 401 -15.60 -4.40 1.29
C LYS H 401 -16.06 -3.04 0.81
N ASP H 402 -15.95 -2.04 1.68
CA ASP H 402 -16.36 -0.67 1.39
C ASP H 402 -17.83 -0.60 0.97
N SER H 403 -18.61 -1.55 1.46
CA SER H 403 -20.06 -1.53 1.27
C SER H 403 -20.73 -0.81 2.45
N GLU H 404 -22.03 -0.55 2.33
CA GLU H 404 -22.79 0.10 3.41
C GLU H 404 -22.77 -0.71 4.69
N VAL H 405 -22.62 -0.02 5.81
CA VAL H 405 -22.78 -0.64 7.11
C VAL H 405 -24.24 -0.56 7.49
N ASN H 406 -24.83 -1.67 7.92
CA ASN H 406 -26.23 -1.69 8.27
C ASN H 406 -26.50 -2.25 9.66
N MET H 407 -27.38 -1.59 10.40
CA MET H 407 -27.97 -2.17 11.58
C MET H 407 -29.16 -2.99 11.12
N CYS H 408 -29.29 -4.22 11.60
CA CYS H 408 -30.33 -5.09 11.07
C CYS H 408 -30.94 -6.01 12.13
N ALA H 409 -32.20 -6.37 11.92
CA ALA H 409 -32.90 -7.30 12.79
C ALA H 409 -32.81 -8.71 12.21
N LEU H 410 -32.49 -9.68 13.05
CA LEU H 410 -32.41 -11.07 12.63
C LEU H 410 -33.57 -11.86 13.21
N CYS H 411 -34.55 -12.15 12.36
CA CYS H 411 -35.75 -12.86 12.81
C CYS H 411 -35.67 -14.35 12.50
N PRO H 412 -35.95 -15.19 13.51
CA PRO H 412 -35.94 -16.64 13.32
C PRO H 412 -37.13 -17.14 12.49
N VAL H 413 -36.89 -18.04 11.56
CA VAL H 413 -37.95 -18.60 10.74
C VAL H 413 -37.82 -20.11 10.52
N LEU H 414 -38.95 -20.75 10.28
CA LEU H 414 -38.98 -22.16 9.91
C LEU H 414 -39.30 -22.30 8.42
N ILE H 415 -38.65 -23.26 7.77
CA ILE H 415 -38.97 -23.58 6.38
C ILE H 415 -39.15 -25.07 6.20
N GLU H 416 -40.39 -25.49 5.95
CA GLU H 416 -40.72 -26.90 5.83
C GLU H 416 -40.25 -27.51 4.52
N HIS H 417 -39.49 -28.59 4.62
CA HIS H 417 -39.02 -29.32 3.46
C HIS H 417 -39.70 -30.68 3.36
N SER H 418 -39.91 -31.14 2.13
CA SER H 418 -40.47 -32.47 1.91
C SER H 418 -39.41 -33.52 2.21
N ASN H 419 -39.69 -34.37 3.18
CA ASN H 419 -38.72 -35.35 3.65
C ASN H 419 -38.99 -36.75 3.12
N ILE H 420 -37.94 -37.57 3.11
CA ILE H 420 -38.05 -38.96 2.71
C ILE H 420 -38.84 -39.74 3.74
N ASN H 421 -38.64 -39.39 5.01
CA ASN H 421 -39.37 -39.99 6.12
C ASN H 421 -40.75 -39.33 6.26
N SER H 422 -41.68 -40.05 6.90
CA SER H 422 -43.04 -39.57 7.08
C SER H 422 -43.11 -38.39 8.06
N GLU H 423 -41.99 -38.06 8.67
CA GLU H 423 -41.93 -36.92 9.59
C GLU H 423 -41.69 -35.61 8.84
N LYS H 424 -42.30 -34.54 9.35
CA LYS H 424 -42.10 -33.20 8.81
C LYS H 424 -40.65 -32.74 9.06
N LYS H 425 -40.14 -31.91 8.16
CA LYS H 425 -38.78 -31.39 8.28
C LYS H 425 -38.76 -29.86 8.29
N PHE H 426 -38.37 -29.27 9.41
CA PHE H 426 -38.27 -27.82 9.53
C PHE H 426 -36.81 -27.38 9.52
N VAL H 427 -36.39 -26.74 8.43
CA VAL H 427 -35.04 -26.19 8.35
C VAL H 427 -34.97 -24.84 9.04
N LYS H 428 -34.08 -24.72 10.02
CA LYS H 428 -33.96 -23.48 10.77
C LYS H 428 -33.21 -22.44 9.94
N SER H 429 -33.62 -21.18 10.05
CA SER H 429 -32.99 -20.10 9.31
C SER H 429 -33.30 -18.73 9.92
N LEU H 430 -32.55 -17.72 9.47
CA LEU H 430 -32.76 -16.36 9.95
C LEU H 430 -33.13 -15.41 8.81
N THR H 431 -33.96 -14.42 9.12
CA THR H 431 -34.30 -13.38 8.17
C THR H 431 -33.57 -12.10 8.55
N LEU H 432 -32.88 -11.50 7.57
CA LEU H 432 -32.15 -10.26 7.80
C LEU H 432 -32.90 -9.08 7.19
N CYS H 433 -33.03 -8.00 7.94
CA CYS H 433 -33.72 -6.81 7.46
C CYS H 433 -33.15 -5.57 8.12
N ARG H 434 -32.91 -4.52 7.32
CA ARG H 434 -32.21 -3.32 7.78
C ARG H 434 -32.99 -2.52 8.80
N LEU H 435 -32.27 -2.03 9.81
CA LEU H 435 -32.82 -1.09 10.79
C LEU H 435 -32.30 0.31 10.48
N PRO H 436 -32.98 1.36 10.97
CA PRO H 436 -32.56 2.72 10.61
C PRO H 436 -31.42 3.25 11.47
N PHE H 437 -30.64 4.17 10.91
CA PHE H 437 -29.64 4.90 11.68
C PHE H 437 -30.27 6.15 12.29
N ALA H 438 -29.48 6.92 13.02
CA ALA H 438 -29.95 8.16 13.62
C ALA H 438 -30.42 9.16 12.57
N GLU H 439 -29.68 9.21 11.47
CA GLU H 439 -29.93 10.18 10.42
C GLU H 439 -31.18 9.82 9.62
N ASP H 440 -31.76 8.65 9.90
CA ASP H 440 -32.85 8.13 9.08
C ASP H 440 -34.24 8.46 9.59
N GLU H 441 -34.38 8.75 10.88
CA GLU H 441 -35.70 8.99 11.45
C GLU H 441 -36.22 10.40 11.19
N ARG H 442 -37.43 10.48 10.65
CA ARG H 442 -38.06 11.74 10.28
C ARG H 442 -39.20 12.08 11.22
N VAL H 443 -39.25 11.40 12.36
CA VAL H 443 -40.39 11.47 13.25
C VAL H 443 -40.57 12.87 13.87
N THR H 444 -41.82 13.31 13.90
CA THR H 444 -42.20 14.56 14.54
C THR H 444 -43.47 14.38 15.35
N ASP H 445 -43.82 15.39 16.14
CA ASP H 445 -45.07 15.37 16.88
C ASP H 445 -46.27 15.57 15.95
N PHE H 446 -47.22 14.64 16.01
CA PHE H 446 -48.45 14.72 15.25
C PHE H 446 -49.62 15.06 16.17
N PRO H 447 -50.64 15.74 15.64
CA PRO H 447 -51.81 16.10 16.46
C PRO H 447 -52.57 14.87 16.96
N LYS H 448 -53.12 14.98 18.16
CA LYS H 448 -53.88 13.89 18.75
C LYS H 448 -55.12 13.54 17.92
N LEU H 449 -55.44 12.26 17.86
CA LEU H 449 -56.56 11.79 17.05
C LEU H 449 -57.73 11.34 17.92
N LEU H 450 -57.43 10.69 19.03
CA LEU H 450 -58.45 10.22 19.95
C LEU H 450 -59.01 11.37 20.79
N ASP H 451 -58.26 11.75 21.83
CA ASP H 451 -58.65 12.88 22.67
C ASP H 451 -58.11 14.19 22.09
N ARG H 452 -58.78 14.67 21.04
CA ARG H 452 -58.31 15.85 20.31
C ARG H 452 -58.30 17.11 21.18
N THR H 453 -57.33 17.97 20.92
CA THR H 453 -57.24 19.25 21.62
C THR H 453 -57.00 20.38 20.62
N THR H 454 -56.94 21.62 21.11
CA THR H 454 -56.53 22.73 20.27
C THR H 454 -55.01 22.74 20.19
N THR H 455 -54.45 23.68 19.43
CA THR H 455 -53.01 23.78 19.28
C THR H 455 -52.33 24.13 20.60
N SER H 456 -53.01 24.93 21.41
CA SER H 456 -52.47 25.29 22.73
C SER H 456 -52.54 24.10 23.68
N GLY H 457 -53.48 23.19 23.41
CA GLY H 457 -53.59 21.96 24.17
C GLY H 457 -54.85 21.81 25.00
N VAL H 458 -55.79 22.74 24.85
CA VAL H 458 -57.03 22.63 25.62
C VAL H 458 -57.92 21.58 24.95
N PRO H 459 -58.50 20.68 25.76
CA PRO H 459 -59.31 19.55 25.28
C PRO H 459 -60.50 19.98 24.43
N LEU H 460 -60.52 19.52 23.17
CA LEU H 460 -61.60 19.82 22.25
C LEU H 460 -62.87 19.10 22.69
N LYS H 461 -64.02 19.74 22.47
CA LYS H 461 -65.31 19.19 22.87
C LYS H 461 -65.57 17.83 22.23
N LYS H 462 -65.91 16.84 23.04
CA LYS H 462 -66.14 15.49 22.57
C LYS H 462 -67.29 15.42 21.57
N GLU H 463 -67.07 14.72 20.46
CA GLU H 463 -68.03 14.64 19.37
C GLU H 463 -69.37 14.06 19.79
N THR H 464 -70.45 14.76 19.43
CA THR H 464 -71.79 14.22 19.62
C THR H 464 -72.00 13.08 18.63
N ASP H 465 -73.00 12.23 18.88
CA ASP H 465 -73.22 11.01 18.11
C ASP H 465 -71.97 10.13 18.14
N GLY H 466 -71.21 10.21 19.23
CA GLY H 466 -69.95 9.50 19.33
C GLY H 466 -70.08 8.01 19.60
N HIS H 467 -71.05 7.64 20.43
CA HIS H 467 -71.28 6.23 20.77
C HIS H 467 -71.85 5.45 19.60
N GLN H 468 -72.70 6.10 18.81
CA GLN H 468 -73.31 5.44 17.65
C GLN H 468 -72.27 5.22 16.56
N ILE H 469 -71.25 6.07 16.53
CA ILE H 469 -70.18 5.96 15.54
C ILE H 469 -69.29 4.76 15.84
N ASP H 470 -68.85 4.64 17.08
CA ASP H 470 -68.00 3.52 17.49
C ASP H 470 -68.75 2.19 17.44
N GLU H 471 -70.07 2.24 17.48
CA GLU H 471 -70.89 1.04 17.44
C GLU H 471 -71.07 0.54 16.00
N LEU H 472 -71.32 1.46 15.08
CA LEU H 472 -71.50 1.11 13.67
C LEU H 472 -70.18 0.80 12.99
N MET H 473 -69.11 1.45 13.45
CA MET H 473 -67.77 1.18 12.94
C MET H 473 -67.35 -0.24 13.28
N GLU H 474 -67.76 -0.70 14.47
CA GLU H 474 -67.42 -2.02 14.95
C GLU H 474 -68.09 -3.12 14.12
N GLN H 475 -69.32 -2.85 13.67
CA GLN H 475 -70.03 -3.76 12.80
C GLN H 475 -69.43 -3.75 11.39
N PHE H 476 -68.92 -2.59 10.99
CA PHE H 476 -68.29 -2.43 9.69
C PHE H 476 -67.01 -3.26 9.61
N VAL H 477 -66.28 -3.31 10.73
CA VAL H 477 -65.05 -4.10 10.81
C VAL H 477 -65.36 -5.59 10.79
N ASP H 478 -66.42 -5.99 11.47
CA ASP H 478 -66.83 -7.40 11.49
C ASP H 478 -67.39 -7.84 10.14
N SER H 479 -67.96 -6.89 9.39
CA SER H 479 -68.60 -7.20 8.11
C SER H 479 -67.59 -7.66 7.06
N MET H 480 -66.34 -7.27 7.26
CA MET H 480 -65.28 -7.63 6.32
C MET H 480 -64.16 -8.40 7.02
N ASP H 481 -64.53 -9.15 8.05
CA ASP H 481 -63.59 -10.03 8.75
C ASP H 481 -63.15 -11.18 7.86
N THR H 482 -61.84 -11.28 7.65
CA THR H 482 -61.31 -12.28 6.74
C THR H 482 -60.62 -13.42 7.49
N ASP H 483 -60.81 -13.47 8.80
CA ASP H 483 -60.17 -14.49 9.63
C ASP H 483 -60.57 -15.91 9.24
N GLU H 484 -61.70 -16.05 8.56
CA GLU H 484 -62.14 -17.33 8.03
C GLU H 484 -61.17 -17.82 6.95
N LEU H 485 -60.53 -16.87 6.27
CA LEU H 485 -59.52 -17.17 5.26
C LEU H 485 -58.20 -17.49 5.93
N PRO H 486 -57.72 -18.73 5.77
CA PRO H 486 -56.58 -19.26 6.52
C PRO H 486 -55.22 -18.65 6.16
N GLU H 487 -54.45 -18.32 7.19
CA GLU H 487 -53.06 -17.91 7.02
C GLU H 487 -52.28 -19.12 6.52
N ILE H 488 -51.22 -18.87 5.74
CA ILE H 488 -50.36 -19.94 5.24
C ILE H 488 -49.79 -20.72 6.44
N PRO H 489 -49.77 -22.07 6.35
CA PRO H 489 -49.31 -22.91 7.45
C PRO H 489 -47.92 -22.54 7.96
N LEU H 490 -47.64 -22.88 9.22
CA LEU H 490 -46.36 -22.56 9.83
C LEU H 490 -45.19 -23.13 9.03
N GLY H 491 -44.24 -22.27 8.69
CA GLY H 491 -43.08 -22.67 7.94
C GLY H 491 -43.33 -22.87 6.46
N ASN H 492 -44.38 -22.23 5.95
CA ASN H 492 -44.74 -22.38 4.54
C ASN H 492 -44.88 -21.07 3.80
N TYR H 493 -44.57 -19.96 4.46
CA TYR H 493 -44.55 -18.68 3.78
C TYR H 493 -43.45 -18.71 2.76
N TYR H 494 -42.27 -19.14 3.18
CA TYR H 494 -41.16 -19.37 2.27
C TYR H 494 -41.13 -20.84 1.87
N GLN H 495 -40.65 -21.11 0.66
CA GLN H 495 -40.71 -22.44 0.08
C GLN H 495 -39.37 -22.88 -0.50
N PRO H 496 -38.97 -24.13 -0.21
CA PRO H 496 -37.72 -24.70 -0.75
C PRO H 496 -37.70 -24.66 -2.27
N ILE H 497 -36.52 -24.45 -2.84
CA ILE H 497 -36.34 -24.41 -4.29
C ILE H 497 -36.53 -25.81 -4.88
N GLY H 498 -36.28 -26.83 -4.07
CA GLY H 498 -36.39 -28.21 -4.53
C GLY H 498 -37.81 -28.68 -4.79
N GLU H 499 -38.76 -28.09 -4.08
CA GLU H 499 -40.15 -28.53 -4.16
C GLU H 499 -40.90 -27.96 -5.37
N VAL H 500 -40.25 -27.05 -6.09
CA VAL H 500 -40.88 -26.45 -7.27
C VAL H 500 -40.13 -26.78 -8.55
N THR H 501 -38.98 -27.45 -8.42
CA THR H 501 -38.22 -27.88 -9.59
C THR H 501 -38.79 -29.18 -10.14
N THR H 502 -38.98 -29.22 -11.45
CA THR H 502 -39.54 -30.40 -12.10
C THR H 502 -38.68 -30.87 -13.26
N ASP H 503 -39.05 -32.01 -13.83
CA ASP H 503 -38.27 -32.65 -14.88
C ASP H 503 -38.35 -31.91 -16.22
N THR H 504 -39.57 -31.50 -16.60
CA THR H 504 -39.78 -30.85 -17.89
C THR H 504 -40.29 -29.43 -17.73
N THR H 505 -40.12 -28.62 -18.76
CA THR H 505 -40.56 -27.23 -18.74
C THR H 505 -41.94 -27.07 -19.38
N LEU H 506 -42.72 -28.14 -19.38
CA LEU H 506 -44.08 -28.10 -19.93
C LEU H 506 -45.10 -27.80 -18.84
N PRO H 507 -46.02 -26.87 -19.13
CA PRO H 507 -47.06 -26.47 -18.17
C PRO H 507 -47.99 -27.62 -17.80
N LEU H 508 -47.67 -28.28 -16.68
CA LEU H 508 -48.48 -29.38 -16.17
C LEU H 508 -49.04 -29.01 -14.80
N PRO H 509 -50.19 -29.59 -14.41
CA PRO H 509 -50.70 -29.42 -13.04
C PRO H 509 -49.64 -29.69 -11.97
N SER H 510 -49.68 -28.93 -10.88
CA SER H 510 -48.66 -28.97 -9.83
C SER H 510 -48.46 -30.36 -9.20
N LEU H 511 -49.53 -31.15 -9.18
CA LEU H 511 -49.55 -32.47 -8.54
C LEU H 511 -49.29 -32.43 -7.03
N ASN H 512 -48.88 -31.28 -6.51
CA ASN H 512 -48.64 -31.10 -5.08
C ASN H 512 -49.95 -30.82 -4.35
N LYS H 513 -50.32 -31.69 -3.41
CA LYS H 513 -51.62 -31.57 -2.74
C LYS H 513 -51.66 -30.42 -1.74
N ASP H 514 -50.50 -30.07 -1.17
CA ASP H 514 -50.43 -29.02 -0.17
C ASP H 514 -50.27 -27.63 -0.80
N GLN H 515 -49.69 -27.58 -1.99
CA GLN H 515 -49.40 -26.31 -2.64
C GLN H 515 -50.68 -25.65 -3.17
N GLU H 516 -51.66 -26.48 -3.53
CA GLU H 516 -52.92 -25.98 -4.08
C GLU H 516 -53.94 -25.68 -2.99
N GLU H 517 -54.73 -24.63 -3.21
CA GLU H 517 -55.71 -24.14 -2.25
C GLU H 517 -55.05 -23.71 -0.93
N ASN H 518 -53.74 -23.49 -0.99
CA ASN H 518 -53.03 -22.71 0.02
C ASN H 518 -53.08 -21.26 -0.43
N LYS H 519 -53.78 -21.06 -1.54
CA LYS H 519 -53.87 -19.77 -2.21
C LYS H 519 -55.10 -19.00 -1.74
N LYS H 520 -55.57 -19.32 -0.55
CA LYS H 520 -56.72 -18.62 0.03
C LYS H 520 -56.24 -17.61 1.06
N ASP H 521 -54.93 -17.61 1.31
CA ASP H 521 -54.33 -16.58 2.15
C ASP H 521 -54.48 -15.24 1.45
N PRO H 522 -55.26 -14.31 2.03
CA PRO H 522 -55.57 -13.04 1.39
C PRO H 522 -54.40 -12.06 1.40
N LEU H 523 -53.28 -12.46 2.00
CA LEU H 523 -52.09 -11.62 2.05
C LEU H 523 -50.95 -12.23 1.24
N ARG H 524 -51.29 -13.20 0.40
CA ARG H 524 -50.33 -13.84 -0.50
C ARG H 524 -51.00 -14.05 -1.85
N ILE H 525 -51.10 -12.97 -2.62
CA ILE H 525 -51.80 -12.99 -3.91
C ILE H 525 -50.84 -12.86 -5.09
N PRO H 526 -51.23 -13.39 -6.26
CA PRO H 526 -50.41 -13.32 -7.47
C PRO H 526 -50.07 -11.89 -7.89
N THR H 527 -48.96 -11.72 -8.59
CA THR H 527 -48.58 -10.40 -9.07
C THR H 527 -49.47 -9.99 -10.22
N VAL H 528 -50.48 -9.19 -9.91
CA VAL H 528 -51.56 -8.88 -10.84
C VAL H 528 -51.11 -8.18 -12.12
N PHE H 529 -50.31 -7.12 -11.97
CA PHE H 529 -49.90 -6.33 -13.12
C PHE H 529 -48.97 -7.10 -14.06
N VAL H 530 -48.26 -8.10 -13.53
CA VAL H 530 -47.43 -8.96 -14.36
C VAL H 530 -48.29 -9.93 -15.16
N TYR H 531 -49.23 -10.60 -14.49
CA TYR H 531 -50.15 -11.52 -15.13
C TYR H 531 -50.95 -10.82 -16.22
N ARG H 532 -51.35 -9.58 -15.93
CA ARG H 532 -52.11 -8.77 -16.86
C ARG H 532 -51.33 -8.49 -18.14
N GLN H 533 -50.04 -8.18 -17.97
CA GLN H 533 -49.16 -7.93 -19.11
C GLN H 533 -49.04 -9.15 -20.00
N GLN H 534 -48.76 -10.30 -19.40
CA GLN H 534 -48.61 -11.55 -20.13
C GLN H 534 -49.93 -11.93 -20.81
N GLN H 535 -51.04 -11.75 -20.11
CA GLN H 535 -52.36 -12.05 -20.65
C GLN H 535 -52.67 -11.25 -21.91
N VAL H 536 -52.32 -9.98 -21.90
CA VAL H 536 -52.61 -9.09 -23.02
C VAL H 536 -51.70 -9.37 -24.21
N LEU H 537 -50.40 -9.53 -23.93
CA LEU H 537 -49.43 -9.81 -24.98
C LEU H 537 -49.75 -11.13 -25.68
N LEU H 538 -50.35 -12.07 -24.96
CA LEU H 538 -50.73 -13.35 -25.53
C LEU H 538 -51.90 -13.21 -26.50
N GLU H 539 -52.88 -12.39 -26.13
CA GLU H 539 -54.04 -12.15 -26.99
C GLU H 539 -53.69 -11.22 -28.14
N TRP H 540 -52.70 -10.34 -27.90
CA TRP H 540 -52.18 -9.46 -28.93
C TRP H 540 -51.61 -10.28 -30.08
N ILE H 541 -50.91 -11.35 -29.72
CA ILE H 541 -50.29 -12.25 -30.68
C ILE H 541 -51.35 -13.12 -31.35
N HIS H 542 -52.30 -13.61 -30.56
CA HIS H 542 -53.34 -14.49 -31.06
C HIS H 542 -54.27 -13.81 -32.06
N GLN H 543 -54.55 -12.53 -31.83
CA GLN H 543 -55.51 -11.80 -32.65
C GLN H 543 -54.88 -11.09 -33.85
N LEU H 544 -53.75 -10.42 -33.62
CA LEU H 544 -53.16 -9.59 -34.66
C LEU H 544 -52.11 -10.32 -35.49
N MET H 545 -51.47 -11.33 -34.92
CA MET H 545 -50.37 -12.01 -35.61
C MET H 545 -50.78 -13.36 -36.18
N ILE H 546 -51.75 -14.02 -35.55
CA ILE H 546 -52.16 -15.35 -35.98
C ILE H 546 -53.51 -15.32 -36.71
N ASN H 547 -54.49 -14.63 -36.14
CA ASN H 547 -55.82 -14.52 -36.75
C ASN H 547 -55.88 -13.40 -37.78
N ASP H 548 -54.79 -12.64 -37.89
CA ASP H 548 -54.67 -11.56 -38.88
C ASP H 548 -55.78 -10.50 -38.74
N SER H 549 -56.35 -10.38 -37.55
CA SER H 549 -57.35 -9.35 -37.31
C SER H 549 -56.70 -7.98 -37.27
N ARG H 550 -57.49 -6.94 -37.51
CA ARG H 550 -56.98 -5.57 -37.50
C ARG H 550 -57.49 -4.78 -36.30
N GLU H 551 -58.21 -5.45 -35.42
CA GLU H 551 -58.72 -4.79 -34.22
C GLU H 551 -58.43 -5.65 -32.99
N PHE H 552 -57.73 -5.07 -32.02
CA PHE H 552 -57.33 -5.78 -30.81
C PHE H 552 -58.45 -5.78 -29.79
N GLU H 553 -58.97 -6.97 -29.48
CA GLU H 553 -59.98 -7.14 -28.44
C GLU H 553 -59.32 -7.56 -27.13
N ILE H 554 -59.03 -6.58 -26.29
CA ILE H 554 -58.38 -6.83 -25.00
C ILE H 554 -59.31 -7.56 -24.04
N PRO H 555 -58.90 -8.75 -23.57
CA PRO H 555 -59.75 -9.60 -22.73
C PRO H 555 -59.96 -9.06 -21.33
N GLU H 556 -60.90 -9.67 -20.61
CA GLU H 556 -61.17 -9.31 -19.23
C GLU H 556 -60.15 -9.96 -18.29
N LEU H 557 -59.91 -9.33 -17.15
CA LEU H 557 -59.12 -9.93 -16.08
C LEU H 557 -59.94 -11.03 -15.42
N PRO H 558 -59.34 -12.22 -15.26
CA PRO H 558 -60.04 -13.39 -14.71
C PRO H 558 -60.68 -13.10 -13.35
N ASP H 559 -61.86 -13.64 -13.11
CA ASP H 559 -62.59 -13.41 -11.86
C ASP H 559 -61.80 -13.94 -10.67
N SER H 560 -61.03 -15.00 -10.90
CA SER H 560 -60.19 -15.59 -9.86
C SER H 560 -59.17 -14.59 -9.31
N LEU H 561 -58.69 -13.71 -10.18
CA LEU H 561 -57.69 -12.73 -9.78
C LEU H 561 -58.34 -11.42 -9.34
N LYS H 562 -59.52 -11.13 -9.89
CA LYS H 562 -60.28 -9.93 -9.50
C LYS H 562 -60.72 -10.01 -8.06
N ASN H 563 -61.10 -11.20 -7.62
CA ASN H 563 -61.59 -11.40 -6.26
C ASN H 563 -60.56 -11.10 -5.20
N LYS H 564 -59.29 -11.35 -5.51
CA LYS H 564 -58.20 -11.19 -4.56
C LYS H 564 -57.86 -9.72 -4.29
N ILE H 565 -58.36 -8.83 -5.14
CA ILE H 565 -58.15 -7.40 -4.95
C ILE H 565 -59.49 -6.65 -4.83
N SER H 566 -60.52 -7.37 -4.40
CA SER H 566 -61.85 -6.79 -4.21
C SER H 566 -62.31 -7.00 -2.76
N PRO H 567 -63.14 -6.08 -2.25
CA PRO H 567 -63.65 -6.10 -0.88
C PRO H 567 -64.30 -7.42 -0.50
N TYR H 568 -63.80 -8.05 0.55
CA TYR H 568 -64.35 -9.31 1.04
C TYR H 568 -65.57 -9.06 1.93
N THR H 569 -66.63 -9.82 1.72
CA THR H 569 -67.84 -9.67 2.53
C THR H 569 -68.03 -10.88 3.44
N HIS H 570 -67.92 -10.66 4.74
CA HIS H 570 -68.16 -11.71 5.73
C HIS H 570 -69.63 -11.70 6.12
N LYS H 571 -70.14 -10.51 6.46
CA LYS H 571 -71.56 -10.31 6.72
C LYS H 571 -72.04 -9.09 5.97
N LYS H 572 -73.22 -9.19 5.38
CA LYS H 572 -73.81 -8.08 4.65
C LYS H 572 -74.10 -6.92 5.60
N PHE H 573 -73.65 -5.73 5.23
CA PHE H 573 -73.80 -4.56 6.08
C PHE H 573 -73.97 -3.27 5.28
N ASP H 574 -74.99 -2.50 5.61
CA ASP H 574 -75.22 -1.21 4.96
C ASP H 574 -74.56 -0.10 5.78
N SER H 575 -73.61 0.59 5.16
CA SER H 575 -72.85 1.63 5.84
C SER H 575 -73.46 3.00 5.62
N THR H 576 -74.64 3.02 4.99
CA THR H 576 -75.34 4.26 4.68
C THR H 576 -75.60 5.10 5.94
N LYS H 577 -75.93 4.42 7.02
CA LYS H 577 -76.17 5.09 8.30
C LYS H 577 -74.86 5.60 8.89
N LEU H 578 -73.80 4.81 8.75
CA LEU H 578 -72.49 5.17 9.28
C LEU H 578 -71.93 6.41 8.60
N VAL H 579 -72.03 6.46 7.27
CA VAL H 579 -71.51 7.58 6.50
C VAL H 579 -72.23 8.87 6.85
N GLU H 580 -73.53 8.77 7.09
CA GLU H 580 -74.34 9.94 7.41
C GLU H 580 -73.95 10.55 8.76
N VAL H 581 -73.73 9.70 9.75
CA VAL H 581 -73.37 10.15 11.09
C VAL H 581 -71.95 10.69 11.11
N LEU H 582 -71.05 10.07 10.34
CA LEU H 582 -69.68 10.51 10.24
C LEU H 582 -69.58 11.90 9.61
N GLY H 583 -70.54 12.21 8.74
CA GLY H 583 -70.57 13.51 8.08
C GLY H 583 -69.58 13.61 6.94
N ILE H 584 -69.40 12.50 6.22
CA ILE H 584 -68.45 12.43 5.12
C ILE H 584 -68.90 13.21 3.90
N LYS H 585 -68.12 14.22 3.53
CA LYS H 585 -68.39 15.01 2.34
C LYS H 585 -67.08 15.41 1.65
N LYS H 586 -67.00 15.17 0.35
CA LYS H 586 -65.84 15.60 -0.43
C LYS H 586 -65.84 17.11 -0.56
N VAL H 587 -64.67 17.72 -0.42
CA VAL H 587 -64.56 19.18 -0.48
C VAL H 587 -64.49 19.68 -1.93
N LYS H 613 -26.71 29.49 -10.91
CA LYS H 613 -26.24 30.58 -10.05
C LYS H 613 -25.07 30.12 -9.19
N ARG H 614 -24.58 28.91 -9.46
CA ARG H 614 -23.50 28.34 -8.67
C ARG H 614 -22.12 28.33 -9.33
N GLY H 615 -21.35 29.38 -9.07
CA GLY H 615 -19.99 29.49 -9.59
C GLY H 615 -19.05 30.10 -8.57
N GLU H 616 -19.63 30.63 -7.50
CA GLU H 616 -18.86 31.22 -6.41
C GLU H 616 -19.23 30.56 -5.09
N GLN H 617 -20.32 29.80 -5.09
CA GLN H 617 -20.74 29.05 -3.91
C GLN H 617 -19.79 27.88 -3.66
N HIS H 618 -19.04 27.53 -4.71
CA HIS H 618 -17.93 26.59 -4.64
C HIS H 618 -16.76 27.27 -3.95
N SER H 619 -16.28 26.71 -2.83
CA SER H 619 -15.36 27.45 -1.97
C SER H 619 -14.23 26.68 -1.30
N ARG H 620 -13.11 27.38 -1.12
CA ARG H 620 -12.06 27.03 -0.15
C ARG H 620 -10.98 28.09 -0.20
#